data_9M3V
#
_entry.id   9M3V
#
_cell.length_a   1.00
_cell.length_b   1.00
_cell.length_c   1.00
_cell.angle_alpha   90.00
_cell.angle_beta   90.00
_cell.angle_gamma   90.00
#
_symmetry.space_group_name_H-M   'P 1'
#
_entity_poly.entity_id   1
_entity_poly.type   'polypeptide(L)'
_entity_poly.pdbx_seq_one_letter_code
;GPLGSMSTPAESSDSKSKKDFSTAILERKKSPNRLVVDEAINDDNSVVSLHPATMEKLQLFRGDTILIKGKKRKDTVCIA
LADETCEEPKIRMNKVVRSNLRVRLGDVISVHQCPDVKYGKRVHILPVDDTVEGVTGNLFDAYLKPYFLEAYRPVRKGDL
FLVRGGMRSVEFKVIETDPAEYCVVAPDTEIFCEGEPVKREDEERLDDVGYDDVGGVRKQMAQIRELVELPLRHPQLFKS
IGVKPPKGILLYGPPGSGKTLIARAVANETGAFFFCINGPEIMSKLAGESESNLRKAFEEAEKNAPSIIFIDEIDSIAPK
REKTNGEVERRIVSQLLTLMDGLKSRAHVIVMGATNRPNSIDPALRRFGRFDREIDIGVPDEIGRLEVLRIHTKNMKLAE
DVDLERISKDTHGYVGADLAALCTEAALQCIREKMDVIDLEDDSIDAEILNSMAVTNEHFHTALGNSNPSALRETVVEVP
NVSWNDIGGLENVKRELQETVQYPVEHPEKFEKFGMSPSKGVLFYGPPGCGKTLLAKAIANECQANFISVKGPELLTMWF
GESEANVREIFDKARQSAPCVLFFDELDSIATQRGGGSGGDGGGAADRVLNQLLTEMDGMNAKKTVFIIGATNRPDIIDS
ALLRPGRLDQLIYIPLPDEDSRLNIFKAALRKSPIAKDVDIGALAKYTQGFSGADITEICQRACKYAIRENIEKDIEKEK
RRSENPEAMEEDGVDEVSEIKAAHFEESMKYARRSVSDADIRKYQAFAQTLQQSRGFGSEFRFENSAGSGATTGVADPFA
TSAAAAGDDDDLYN
;
_entity_poly.pdbx_strand_id   A,B,C,D,E,F
#
# COMPACT_ATOMS: atom_id res chain seq x y z
N PRO A 32 44.24 50.44 -18.30
CA PRO A 32 44.29 51.90 -18.17
C PRO A 32 43.05 52.60 -18.71
N ASN A 33 42.29 51.89 -19.55
CA ASN A 33 41.09 52.44 -20.15
C ASN A 33 39.83 52.12 -19.34
N ARG A 34 39.97 51.48 -18.19
CA ARG A 34 38.85 51.18 -17.30
C ARG A 34 38.82 52.20 -16.19
N LEU A 35 37.65 52.80 -15.97
CA LEU A 35 37.49 53.86 -14.98
C LEU A 35 36.18 53.64 -14.21
N VAL A 36 36.14 54.16 -13.00
CA VAL A 36 34.97 54.04 -12.13
C VAL A 36 34.00 55.16 -12.46
N VAL A 37 32.71 54.84 -12.47
CA VAL A 37 31.69 55.82 -12.79
C VAL A 37 31.50 56.78 -11.63
N ASP A 38 31.35 58.07 -11.96
CA ASP A 38 31.15 59.10 -10.96
C ASP A 38 30.19 60.15 -11.50
N GLU A 39 29.61 60.93 -10.59
CA GLU A 39 28.68 61.98 -10.99
C GLU A 39 29.43 63.08 -11.75
N ALA A 40 28.80 63.58 -12.80
CA ALA A 40 29.39 64.60 -13.65
C ALA A 40 28.83 65.97 -13.31
N ILE A 41 29.70 66.99 -13.40
CA ILE A 41 29.26 68.36 -13.19
C ILE A 41 28.26 68.78 -14.26
N ASN A 42 28.54 68.43 -15.52
CA ASN A 42 27.66 68.80 -16.62
C ASN A 42 26.52 67.80 -16.72
N ASP A 43 25.30 68.32 -16.87
CA ASP A 43 24.10 67.49 -17.00
C ASP A 43 23.79 67.12 -18.44
N ASP A 44 24.61 67.57 -19.40
CA ASP A 44 24.36 67.27 -20.80
C ASP A 44 24.34 65.75 -21.01
N ASN A 45 23.40 65.30 -21.84
CA ASN A 45 23.21 63.87 -22.03
C ASN A 45 24.30 63.26 -22.89
N SER A 46 24.85 64.02 -23.85
CA SER A 46 25.81 63.50 -24.82
C SER A 46 27.24 63.89 -24.49
N VAL A 47 27.50 64.39 -23.28
CA VAL A 47 28.83 64.82 -22.88
C VAL A 47 29.24 64.05 -21.64
N VAL A 48 30.48 63.53 -21.65
CA VAL A 48 31.06 62.85 -20.51
C VAL A 48 32.41 63.49 -20.21
N SER A 49 32.85 63.35 -18.97
CA SER A 49 34.06 63.98 -18.48
C SER A 49 35.09 62.94 -18.09
N LEU A 50 36.34 63.18 -18.44
CA LEU A 50 37.44 62.28 -18.12
C LEU A 50 38.62 63.11 -17.60
N HIS A 51 39.46 62.46 -16.81
CA HIS A 51 40.61 63.13 -16.24
C HIS A 51 41.61 63.42 -17.35
N PRO A 52 42.17 64.64 -17.45
CA PRO A 52 42.97 65.00 -18.63
C PRO A 52 44.14 64.05 -18.90
N ALA A 53 44.94 63.74 -17.89
CA ALA A 53 46.05 62.81 -18.09
C ALA A 53 45.54 61.44 -18.55
N THR A 54 44.40 61.00 -18.02
CA THR A 54 43.82 59.74 -18.46
C THR A 54 43.46 59.81 -19.95
N MET A 55 42.88 60.93 -20.38
CA MET A 55 42.58 61.09 -21.80
C MET A 55 43.86 61.07 -22.63
N GLU A 56 44.92 61.72 -22.16
CA GLU A 56 46.18 61.72 -22.88
C GLU A 56 46.74 60.32 -23.01
N LYS A 57 46.63 59.52 -21.95
CA LYS A 57 47.07 58.13 -22.02
C LYS A 57 46.30 57.37 -23.09
N LEU A 58 45.02 57.66 -23.24
CA LEU A 58 44.19 57.07 -24.28
C LEU A 58 44.21 57.87 -25.57
N GLN A 59 44.99 58.95 -25.64
CA GLN A 59 45.11 59.77 -26.84
C GLN A 59 43.77 60.38 -27.23
N LEU A 60 42.97 60.74 -26.23
CA LEU A 60 41.66 61.33 -26.45
C LEU A 60 41.75 62.84 -26.23
N PHE A 61 41.14 63.59 -27.14
CA PHE A 61 41.11 65.04 -27.08
C PHE A 61 39.72 65.53 -26.74
N ARG A 62 39.66 66.74 -26.19
CA ARG A 62 38.38 67.33 -25.81
C ARG A 62 37.48 67.49 -27.03
N GLY A 63 36.21 67.10 -26.88
CA GLY A 63 35.24 67.22 -27.95
C GLY A 63 35.17 66.03 -28.88
N ASP A 64 36.07 65.07 -28.76
CA ASP A 64 36.06 63.90 -29.62
C ASP A 64 34.95 62.94 -29.21
N THR A 65 34.55 62.09 -30.15
CA THR A 65 33.56 61.06 -29.90
C THR A 65 34.24 59.79 -29.43
N ILE A 66 33.79 59.26 -28.30
CA ILE A 66 34.38 58.09 -27.68
C ILE A 66 33.30 57.04 -27.47
N LEU A 67 33.66 55.77 -27.66
CA LEU A 67 32.76 54.65 -27.44
C LEU A 67 32.99 54.11 -26.03
N ILE A 68 31.93 54.08 -25.22
CA ILE A 68 31.99 53.63 -23.84
C ILE A 68 31.22 52.32 -23.74
N LYS A 69 31.86 51.30 -23.16
CA LYS A 69 31.24 50.00 -22.96
C LYS A 69 30.94 49.81 -21.48
N GLY A 70 29.70 49.44 -21.18
CA GLY A 70 29.28 49.27 -19.80
C GLY A 70 28.93 47.84 -19.46
N LYS A 71 27.78 47.64 -18.83
CA LYS A 71 27.33 46.32 -18.42
C LYS A 71 26.39 45.73 -19.46
N LYS A 72 26.24 44.40 -19.40
CA LYS A 72 25.36 43.67 -20.31
C LYS A 72 25.78 43.85 -21.76
N ARG A 73 27.07 44.10 -21.98
CA ARG A 73 27.61 44.33 -23.31
C ARG A 73 26.89 45.47 -24.03
N LYS A 74 26.41 46.45 -23.26
CA LYS A 74 25.75 47.63 -23.80
C LYS A 74 26.74 48.78 -23.78
N ASP A 75 26.94 49.40 -24.95
CA ASP A 75 27.87 50.51 -25.09
C ASP A 75 27.12 51.73 -25.61
N THR A 76 27.76 52.89 -25.51
CA THR A 76 27.20 54.15 -25.96
C THR A 76 28.33 55.05 -26.45
N VAL A 77 27.95 56.13 -27.13
CA VAL A 77 28.89 57.10 -27.68
C VAL A 77 28.63 58.44 -27.01
N CYS A 78 29.69 59.08 -26.52
CA CYS A 78 29.59 60.34 -25.81
C CYS A 78 30.75 61.24 -26.21
N ILE A 79 30.57 62.54 -26.00
CA ILE A 79 31.60 63.52 -26.28
C ILE A 79 32.51 63.61 -25.05
N ALA A 80 33.80 63.39 -25.27
CA ALA A 80 34.76 63.36 -24.18
C ALA A 80 35.33 64.75 -23.93
N LEU A 81 35.23 65.21 -22.68
CA LEU A 81 35.77 66.49 -22.27
C LEU A 81 36.73 66.30 -21.11
N ALA A 82 37.76 67.13 -21.06
CA ALA A 82 38.76 67.06 -20.00
C ALA A 82 38.23 67.74 -18.74
N ASP A 83 38.33 67.04 -17.61
CA ASP A 83 37.87 67.55 -16.32
C ASP A 83 38.96 67.27 -15.29
N GLU A 84 39.70 68.31 -14.91
CA GLU A 84 40.79 68.14 -13.95
C GLU A 84 40.29 67.73 -12.57
N THR A 85 39.06 68.11 -12.20
CA THR A 85 38.51 67.74 -10.91
C THR A 85 38.14 66.27 -10.81
N CYS A 86 38.12 65.55 -11.92
CA CYS A 86 37.77 64.14 -11.92
C CYS A 86 39.02 63.31 -11.63
N GLU A 87 38.87 62.32 -10.75
CA GLU A 87 40.01 61.50 -10.35
C GLU A 87 40.53 60.69 -11.54
N GLU A 88 41.83 60.41 -11.51
CA GLU A 88 42.47 59.67 -12.61
C GLU A 88 41.79 58.33 -12.88
N PRO A 89 41.53 57.47 -11.90
CA PRO A 89 40.85 56.20 -12.17
C PRO A 89 39.33 56.30 -12.22
N LYS A 90 38.76 57.51 -12.31
CA LYS A 90 37.33 57.70 -12.33
C LYS A 90 36.91 58.37 -13.64
N ILE A 91 35.68 58.08 -14.05
CA ILE A 91 35.05 58.70 -15.21
C ILE A 91 33.74 59.32 -14.76
N ARG A 92 33.52 60.57 -15.13
CA ARG A 92 32.35 61.32 -14.70
C ARG A 92 31.33 61.40 -15.83
N MET A 93 30.08 61.06 -15.52
CA MET A 93 29.01 61.09 -16.50
C MET A 93 27.68 61.13 -15.77
N ASN A 94 26.67 61.67 -16.46
CA ASN A 94 25.39 61.98 -15.84
C ASN A 94 24.48 60.76 -15.80
N LYS A 95 23.26 60.97 -15.31
CA LYS A 95 22.30 59.87 -15.16
C LYS A 95 21.92 59.29 -16.51
N VAL A 96 21.78 60.13 -17.53
CA VAL A 96 21.34 59.64 -18.84
C VAL A 96 22.34 58.65 -19.39
N VAL A 97 23.63 59.00 -19.35
CA VAL A 97 24.65 58.10 -19.88
C VAL A 97 24.78 56.86 -18.99
N ARG A 98 24.58 57.03 -17.68
CA ARG A 98 24.55 55.87 -16.79
C ARG A 98 23.47 54.88 -17.23
N SER A 99 22.28 55.38 -17.52
CA SER A 99 21.21 54.51 -18.01
C SER A 99 21.59 53.89 -19.36
N ASN A 100 22.21 54.68 -20.24
CA ASN A 100 22.61 54.15 -21.53
C ASN A 100 23.64 53.03 -21.37
N LEU A 101 24.60 53.20 -20.45
CA LEU A 101 25.60 52.18 -20.20
C LEU A 101 25.12 51.10 -19.24
N ARG A 102 23.94 51.25 -18.65
CA ARG A 102 23.40 50.27 -17.71
C ARG A 102 24.33 50.08 -16.52
N VAL A 103 24.91 51.17 -16.05
CA VAL A 103 25.84 51.16 -14.92
C VAL A 103 25.42 52.23 -13.93
N ARG A 104 25.90 52.07 -12.69
CA ARG A 104 25.61 53.00 -11.60
C ARG A 104 26.92 53.45 -10.97
N LEU A 105 26.81 54.29 -9.94
CA LEU A 105 27.99 54.80 -9.27
C LEU A 105 28.82 53.66 -8.68
N GLY A 106 30.14 53.74 -8.86
CA GLY A 106 31.04 52.72 -8.39
C GLY A 106 31.35 51.63 -9.40
N ASP A 107 30.57 51.52 -10.47
CA ASP A 107 30.83 50.52 -11.49
C ASP A 107 32.02 50.92 -12.34
N VAL A 108 32.67 49.91 -12.93
CA VAL A 108 33.84 50.12 -13.78
C VAL A 108 33.40 49.96 -15.23
N ILE A 109 33.74 50.95 -16.05
CA ILE A 109 33.41 50.95 -17.47
C ILE A 109 34.67 51.23 -18.28
N SER A 110 34.63 50.83 -19.55
CA SER A 110 35.76 50.96 -20.44
C SER A 110 35.48 52.02 -21.50
N VAL A 111 36.51 52.80 -21.83
CA VAL A 111 36.43 53.86 -22.82
C VAL A 111 37.42 53.55 -23.93
N HIS A 112 36.94 53.61 -25.17
CA HIS A 112 37.76 53.33 -26.34
C HIS A 112 37.59 54.44 -27.37
N GLN A 113 38.65 54.70 -28.12
CA GLN A 113 38.59 55.71 -29.17
C GLN A 113 37.57 55.33 -30.23
N CYS A 114 36.76 56.31 -30.62
CA CYS A 114 35.73 56.11 -31.65
C CYS A 114 35.84 57.23 -32.67
N PRO A 115 36.91 57.24 -33.47
CA PRO A 115 37.03 58.23 -34.55
C PRO A 115 36.22 57.88 -35.79
N ASP A 116 35.47 56.78 -35.77
CA ASP A 116 34.71 56.33 -36.93
C ASP A 116 33.24 56.73 -36.86
N VAL A 117 32.87 57.58 -35.89
CA VAL A 117 31.48 58.03 -35.77
C VAL A 117 31.21 59.01 -36.92
N LYS A 118 30.33 58.62 -37.83
CA LYS A 118 30.02 59.43 -38.99
C LYS A 118 28.79 60.30 -38.72
N TYR A 119 28.77 61.48 -39.33
CA TYR A 119 27.62 62.37 -39.19
C TYR A 119 26.36 61.70 -39.71
N GLY A 120 25.35 61.60 -38.87
CA GLY A 120 24.14 60.88 -39.21
C GLY A 120 23.40 61.45 -40.41
N LYS A 121 23.16 60.60 -41.41
CA LYS A 121 22.32 61.02 -42.52
C LYS A 121 20.84 61.03 -42.12
N ARG A 122 20.42 60.02 -41.36
CA ARG A 122 19.06 59.97 -40.85
C ARG A 122 19.07 59.23 -39.51
N VAL A 123 18.30 59.74 -38.56
CA VAL A 123 18.19 59.14 -37.23
C VAL A 123 16.71 59.01 -36.89
N HIS A 124 16.32 57.84 -36.40
CA HIS A 124 14.94 57.58 -36.00
C HIS A 124 14.89 57.52 -34.47
N ILE A 125 14.20 58.49 -33.87
CA ILE A 125 14.06 58.59 -32.43
C ILE A 125 12.58 58.76 -32.10
N LEU A 126 12.11 58.07 -31.07
CA LEU A 126 10.71 58.13 -30.68
C LEU A 126 10.58 58.51 -29.21
N PRO A 127 9.47 59.12 -28.83
CA PRO A 127 9.31 59.59 -27.44
C PRO A 127 8.74 58.52 -26.53
N VAL A 128 8.49 58.89 -25.27
CA VAL A 128 7.86 58.01 -24.29
C VAL A 128 6.38 58.35 -24.22
N ASP A 129 5.56 57.32 -23.97
CA ASP A 129 4.12 57.49 -24.03
C ASP A 129 3.63 58.50 -23.00
N ASP A 130 4.13 58.39 -21.76
CA ASP A 130 3.64 59.26 -20.69
C ASP A 130 4.21 60.67 -20.78
N THR A 131 5.43 60.82 -21.32
CA THR A 131 6.06 62.13 -21.38
C THR A 131 5.48 63.03 -22.45
N VAL A 132 4.64 62.51 -23.36
CA VAL A 132 4.13 63.29 -24.47
C VAL A 132 2.71 63.79 -24.23
N GLU A 133 2.01 63.28 -23.23
CA GLU A 133 0.66 63.75 -22.95
C GLU A 133 0.68 65.23 -22.59
N GLY A 134 -0.23 65.99 -23.20
CA GLY A 134 -0.31 67.42 -22.99
C GLY A 134 0.54 68.26 -23.92
N VAL A 135 1.37 67.63 -24.76
CA VAL A 135 2.21 68.34 -25.72
C VAL A 135 1.55 68.25 -27.08
N THR A 136 1.36 69.39 -27.73
CA THR A 136 0.71 69.47 -29.03
C THR A 136 1.73 69.85 -30.10
N GLY A 137 1.58 69.25 -31.27
CA GLY A 137 2.47 69.49 -32.39
C GLY A 137 3.45 68.36 -32.60
N ASN A 138 4.53 68.68 -33.31
CA ASN A 138 5.59 67.71 -33.60
C ASN A 138 6.58 67.73 -32.45
N LEU A 139 6.68 66.60 -31.73
CA LEU A 139 7.62 66.53 -30.61
C LEU A 139 9.05 66.68 -31.08
N PHE A 140 9.34 66.31 -32.34
CA PHE A 140 10.69 66.50 -32.88
C PHE A 140 11.05 67.98 -32.92
N ASP A 141 10.17 68.80 -33.49
CA ASP A 141 10.45 70.23 -33.60
C ASP A 141 10.56 70.88 -32.23
N ALA A 142 9.68 70.50 -31.30
CA ALA A 142 9.66 71.13 -29.99
C ALA A 142 10.93 70.82 -29.21
N TYR A 143 11.36 69.56 -29.21
CA TYR A 143 12.45 69.12 -28.34
C TYR A 143 13.67 68.65 -29.13
N LEU A 144 13.51 67.68 -30.03
CA LEU A 144 14.68 67.05 -30.64
C LEU A 144 15.34 67.95 -31.67
N LYS A 145 14.56 68.72 -32.42
CA LYS A 145 15.15 69.57 -33.45
C LYS A 145 16.14 70.58 -32.88
N PRO A 146 15.79 71.38 -31.86
CA PRO A 146 16.80 72.25 -31.25
C PRO A 146 17.81 71.50 -30.40
N TYR A 147 17.44 70.32 -29.87
CA TYR A 147 18.36 69.56 -29.04
C TYR A 147 19.53 69.01 -29.85
N PHE A 148 19.28 68.66 -31.12
CA PHE A 148 20.31 68.10 -31.97
C PHE A 148 20.91 69.09 -32.96
N LEU A 149 20.19 70.17 -33.26
CA LEU A 149 20.67 71.13 -34.25
C LEU A 149 21.92 71.83 -33.75
N GLU A 150 23.02 71.67 -34.47
CA GLU A 150 24.32 72.29 -34.20
C GLU A 150 24.96 71.76 -32.92
N ALA A 151 24.33 70.82 -32.22
CA ALA A 151 24.92 70.25 -31.01
C ALA A 151 25.86 69.10 -31.31
N TYR A 152 25.71 68.43 -32.46
CA TYR A 152 26.58 67.33 -32.85
C TYR A 152 26.66 66.27 -31.76
N ARG A 153 25.51 65.93 -31.20
CA ARG A 153 25.45 64.96 -30.12
C ARG A 153 25.48 63.54 -30.70
N PRO A 154 26.47 62.72 -30.35
CA PRO A 154 26.46 61.33 -30.83
C PRO A 154 25.26 60.58 -30.28
N VAL A 155 24.73 59.67 -31.10
CA VAL A 155 23.56 58.87 -30.73
C VAL A 155 23.81 57.44 -31.18
N ARG A 156 23.40 56.49 -30.35
CA ARG A 156 23.53 55.07 -30.62
C ARG A 156 22.16 54.41 -30.55
N LYS A 157 22.00 53.33 -31.31
CA LYS A 157 20.74 52.60 -31.32
C LYS A 157 20.35 52.19 -29.90
N GLY A 158 19.10 52.49 -29.53
CA GLY A 158 18.59 52.15 -28.23
C GLY A 158 18.94 53.13 -27.13
N ASP A 159 19.71 54.18 -27.42
CA ASP A 159 20.05 55.16 -26.40
C ASP A 159 18.82 55.97 -26.00
N LEU A 160 18.82 56.43 -24.76
CA LEU A 160 17.75 57.23 -24.21
C LEU A 160 18.32 58.52 -23.62
N PHE A 161 17.50 59.57 -23.63
CA PHE A 161 17.93 60.86 -23.11
C PHE A 161 16.69 61.69 -22.78
N LEU A 162 16.90 62.72 -21.97
CA LEU A 162 15.85 63.64 -21.56
C LEU A 162 16.13 65.02 -22.14
N VAL A 163 15.13 65.59 -22.80
CA VAL A 163 15.26 66.89 -23.46
C VAL A 163 14.31 67.86 -22.77
N ARG A 164 14.81 69.05 -22.46
CA ARG A 164 14.04 70.08 -21.77
C ARG A 164 13.52 71.09 -22.79
N GLY A 165 12.24 71.42 -22.69
CA GLY A 165 11.63 72.38 -23.58
C GLY A 165 10.17 72.63 -23.26
N GLY A 166 9.73 73.86 -23.45
CA GLY A 166 8.33 74.19 -23.18
C GLY A 166 7.91 73.90 -21.75
N MET A 167 8.77 74.21 -20.79
CA MET A 167 8.55 74.02 -19.36
C MET A 167 8.53 72.56 -18.96
N ARG A 168 8.61 71.62 -19.91
CA ARG A 168 8.47 70.20 -19.63
C ARG A 168 9.69 69.45 -20.16
N SER A 169 10.01 68.35 -19.49
CA SER A 169 11.09 67.46 -19.91
C SER A 169 10.48 66.19 -20.49
N VAL A 170 10.89 65.83 -21.70
CA VAL A 170 10.31 64.71 -22.43
C VAL A 170 11.42 63.71 -22.74
N GLU A 171 11.16 62.44 -22.43
CA GLU A 171 12.13 61.38 -22.69
C GLU A 171 12.03 60.92 -24.14
N PHE A 172 13.18 60.60 -24.72
CA PHE A 172 13.25 60.13 -26.11
C PHE A 172 14.20 58.95 -26.18
N LYS A 173 13.84 57.98 -27.02
CA LYS A 173 14.64 56.78 -27.24
C LYS A 173 15.05 56.70 -28.70
N VAL A 174 16.33 56.44 -28.95
CA VAL A 174 16.84 56.34 -30.31
C VAL A 174 16.46 54.96 -30.86
N ILE A 175 15.81 54.96 -32.01
CA ILE A 175 15.37 53.70 -32.62
C ILE A 175 16.41 53.15 -33.58
N GLU A 176 16.93 53.99 -34.47
CA GLU A 176 17.92 53.54 -35.45
C GLU A 176 18.76 54.72 -35.89
N THR A 177 19.94 54.41 -36.43
CA THR A 177 20.85 55.41 -36.96
C THR A 177 21.31 54.97 -38.35
N ASP A 178 21.65 55.95 -39.18
CA ASP A 178 22.01 55.68 -40.57
C ASP A 178 23.18 54.70 -40.65
N PRO A 179 24.26 54.90 -39.89
CA PRO A 179 25.34 53.89 -39.88
C PRO A 179 24.91 52.55 -39.33
N ALA A 180 23.78 52.49 -38.61
CA ALA A 180 23.23 51.29 -37.98
C ALA A 180 23.95 50.96 -36.69
N GLU A 181 24.98 51.71 -36.30
CA GLU A 181 25.65 51.51 -35.03
C GLU A 181 25.54 52.76 -34.18
N TYR A 182 25.98 53.90 -34.72
CA TYR A 182 25.91 55.18 -34.01
C TYR A 182 26.35 56.27 -34.97
N CYS A 183 25.92 57.50 -34.69
CA CYS A 183 26.21 58.63 -35.55
C CYS A 183 26.14 59.91 -34.73
N VAL A 184 26.75 60.97 -35.28
CA VAL A 184 26.66 62.30 -34.70
C VAL A 184 25.56 63.05 -35.43
N VAL A 185 24.53 63.47 -34.71
CA VAL A 185 23.39 64.14 -35.32
C VAL A 185 23.79 65.57 -35.62
N ALA A 186 23.92 65.90 -36.90
CA ALA A 186 24.33 67.20 -37.37
C ALA A 186 23.13 68.02 -37.81
N PRO A 187 23.31 69.33 -38.02
CA PRO A 187 22.17 70.14 -38.49
C PRO A 187 21.56 69.62 -39.77
N ASP A 188 22.37 69.06 -40.67
CA ASP A 188 21.84 68.48 -41.91
C ASP A 188 21.22 67.11 -41.70
N THR A 189 21.37 66.52 -40.52
CA THR A 189 20.80 65.20 -40.26
C THR A 189 19.28 65.28 -40.25
N GLU A 190 18.64 64.31 -40.90
CA GLU A 190 17.18 64.24 -40.95
C GLU A 190 16.70 63.33 -39.81
N ILE A 191 16.18 63.93 -38.76
CA ILE A 191 15.69 63.21 -37.59
C ILE A 191 14.20 62.97 -37.76
N PHE A 192 13.79 61.70 -37.67
CA PHE A 192 12.41 61.30 -37.85
C PHE A 192 11.84 60.78 -36.54
N CYS A 193 10.64 61.25 -36.19
CA CYS A 193 9.97 60.83 -34.97
C CYS A 193 8.57 60.31 -35.27
N GLU A 194 8.40 59.63 -36.40
CA GLU A 194 7.12 59.06 -36.79
C GLU A 194 7.07 57.60 -36.34
N GLY A 195 6.36 57.34 -35.26
CA GLY A 195 6.25 55.98 -34.75
C GLY A 195 5.46 55.96 -33.46
N GLU A 196 5.30 54.75 -32.93
CA GLU A 196 4.55 54.57 -31.70
C GLU A 196 5.37 55.07 -30.50
N PRO A 197 4.71 55.63 -29.49
CA PRO A 197 5.44 56.03 -28.28
C PRO A 197 6.02 54.82 -27.54
N VAL A 198 7.10 55.05 -26.83
CA VAL A 198 7.78 54.02 -26.07
C VAL A 198 7.15 53.94 -24.68
N LYS A 199 6.88 52.72 -24.22
CA LYS A 199 6.24 52.53 -22.92
C LYS A 199 7.27 52.62 -21.80
N ARG A 200 6.95 53.41 -20.77
CA ARG A 200 7.89 53.60 -19.66
C ARG A 200 8.07 52.32 -18.87
N GLU A 201 6.99 51.58 -18.61
CA GLU A 201 7.11 50.36 -17.82
C GLU A 201 7.99 49.33 -18.52
N ASP A 202 7.80 49.16 -19.82
CA ASP A 202 8.66 48.26 -20.58
C ASP A 202 10.09 48.78 -20.64
N GLU A 203 10.26 50.10 -20.73
CA GLU A 203 11.59 50.68 -20.75
C GLU A 203 12.33 50.42 -19.44
N GLU A 204 11.59 50.37 -18.32
CA GLU A 204 12.23 50.14 -17.03
C GLU A 204 12.93 48.78 -16.97
N ARG A 205 12.56 47.84 -17.86
CA ARG A 205 13.24 46.56 -17.90
C ARG A 205 14.70 46.70 -18.33
N LEU A 206 15.08 47.85 -18.90
CA LEU A 206 16.45 48.04 -19.34
C LEU A 206 17.43 47.95 -18.19
N ASP A 207 16.98 48.16 -16.96
CA ASP A 207 17.83 47.97 -15.78
C ASP A 207 17.94 46.46 -15.48
N ASP A 208 18.43 45.75 -16.48
CA ASP A 208 18.50 44.29 -16.41
C ASP A 208 19.50 43.86 -15.34
N VAL A 209 19.24 42.68 -14.77
CA VAL A 209 20.02 42.20 -13.64
C VAL A 209 21.44 41.88 -14.08
N GLY A 210 22.41 42.21 -13.22
CA GLY A 210 23.80 41.87 -13.44
C GLY A 210 24.39 41.11 -12.27
N TYR A 211 25.71 40.90 -12.28
CA TYR A 211 26.34 40.22 -11.16
C TYR A 211 26.18 40.98 -9.86
N ASP A 212 26.07 42.31 -9.93
CA ASP A 212 26.02 43.13 -8.72
C ASP A 212 24.69 43.03 -8.01
N ASP A 213 23.64 42.53 -8.66
CA ASP A 213 22.32 42.46 -8.07
C ASP A 213 22.08 41.17 -7.31
N VAL A 214 23.11 40.35 -7.13
CA VAL A 214 23.02 39.13 -6.35
C VAL A 214 24.11 39.15 -5.29
N GLY A 215 23.91 38.39 -4.22
CA GLY A 215 24.88 38.32 -3.15
C GLY A 215 24.77 37.03 -2.38
N GLY A 216 25.80 36.78 -1.57
CA GLY A 216 25.87 35.59 -0.75
C GLY A 216 26.28 34.33 -1.49
N VAL A 217 26.63 34.43 -2.77
CA VAL A 217 26.94 33.26 -3.58
C VAL A 217 28.26 33.48 -4.31
N ARG A 218 29.18 34.25 -3.71
CA ARG A 218 30.39 34.66 -4.40
C ARG A 218 31.13 33.46 -5.00
N LYS A 219 31.34 32.41 -4.19
CA LYS A 219 32.08 31.25 -4.69
C LYS A 219 31.26 30.50 -5.74
N GLN A 220 30.00 30.21 -5.44
CA GLN A 220 29.14 29.57 -6.43
C GLN A 220 28.97 30.46 -7.65
N MET A 221 28.95 31.78 -7.42
CA MET A 221 28.89 32.72 -8.54
C MET A 221 30.10 32.57 -9.45
N ALA A 222 31.29 32.45 -8.87
CA ALA A 222 32.49 32.25 -9.67
C ALA A 222 32.40 30.94 -10.45
N GLN A 223 31.98 29.87 -9.78
CA GLN A 223 31.89 28.57 -10.44
C GLN A 223 30.94 28.64 -11.63
N ILE A 224 29.78 29.28 -11.44
CA ILE A 224 28.81 29.33 -12.52
C ILE A 224 29.28 30.25 -13.63
N ARG A 225 29.83 31.42 -13.27
CA ARG A 225 30.34 32.33 -14.29
C ARG A 225 31.40 31.63 -15.14
N GLU A 226 32.37 30.99 -14.49
CA GLU A 226 33.35 30.23 -15.25
C GLU A 226 32.65 29.21 -16.15
N LEU A 227 31.99 28.21 -15.54
CA LEU A 227 31.48 27.08 -16.31
C LEU A 227 30.57 27.50 -17.45
N VAL A 228 29.95 28.67 -17.37
CA VAL A 228 28.97 29.05 -18.38
C VAL A 228 29.58 30.06 -19.33
N GLU A 229 29.93 31.23 -18.81
CA GLU A 229 30.40 32.32 -19.65
C GLU A 229 31.63 31.94 -20.45
N LEU A 230 32.52 31.08 -19.91
CA LEU A 230 33.77 30.81 -20.63
C LEU A 230 33.50 30.17 -21.98
N PRO A 231 32.89 28.99 -22.07
CA PRO A 231 32.65 28.38 -23.39
C PRO A 231 31.84 29.27 -24.33
N LEU A 232 30.82 29.96 -23.81
CA LEU A 232 29.96 30.74 -24.68
C LEU A 232 30.69 31.94 -25.26
N ARG A 233 31.47 32.65 -24.45
CA ARG A 233 32.18 33.82 -24.92
C ARG A 233 33.50 33.47 -25.60
N HIS A 234 34.23 32.50 -25.06
CA HIS A 234 35.54 32.10 -25.58
C HIS A 234 35.59 30.60 -25.75
N PRO A 235 34.79 30.05 -26.67
CA PRO A 235 34.90 28.61 -26.95
C PRO A 235 36.22 28.21 -27.56
N GLN A 236 36.93 29.16 -28.18
CA GLN A 236 38.19 28.83 -28.83
C GLN A 236 39.18 28.23 -27.85
N LEU A 237 39.15 28.65 -26.59
CA LEU A 237 40.05 28.09 -25.59
C LEU A 237 39.82 26.59 -25.44
N PHE A 238 38.56 26.20 -25.24
CA PHE A 238 38.24 24.78 -25.10
C PHE A 238 38.54 24.02 -26.38
N LYS A 239 38.26 24.61 -27.54
CA LYS A 239 38.56 23.93 -28.80
C LYS A 239 40.05 23.69 -28.94
N SER A 240 40.89 24.68 -28.62
CA SER A 240 42.32 24.51 -28.70
C SER A 240 42.80 23.45 -27.73
N ILE A 241 42.29 23.49 -26.49
CA ILE A 241 42.65 22.46 -25.53
C ILE A 241 41.93 21.16 -25.85
N GLY A 242 40.97 21.19 -26.77
CA GLY A 242 40.29 19.99 -27.22
C GLY A 242 39.46 19.32 -26.14
N VAL A 243 38.71 20.11 -25.38
CA VAL A 243 37.88 19.61 -24.31
C VAL A 243 36.43 19.93 -24.63
N LYS A 244 35.53 19.19 -23.98
CA LYS A 244 34.09 19.36 -24.19
C LYS A 244 33.51 20.16 -23.04
N PRO A 245 33.09 21.41 -23.26
CA PRO A 245 32.53 22.18 -22.15
C PRO A 245 31.21 21.57 -21.68
N PRO A 246 30.95 21.58 -20.37
CA PRO A 246 29.75 20.92 -19.85
C PRO A 246 28.47 21.58 -20.36
N LYS A 247 27.45 20.76 -20.58
CA LYS A 247 26.13 21.23 -20.95
C LYS A 247 25.20 21.34 -19.74
N GLY A 248 25.28 20.38 -18.82
CA GLY A 248 24.36 20.29 -17.71
C GLY A 248 24.90 20.84 -16.42
N ILE A 249 24.19 21.81 -15.85
CA ILE A 249 24.51 22.39 -14.56
C ILE A 249 23.27 22.30 -13.67
N LEU A 250 23.46 21.86 -12.44
CA LEU A 250 22.38 21.63 -11.50
C LEU A 250 22.61 22.49 -10.26
N LEU A 251 21.72 23.44 -10.03
CA LEU A 251 21.80 24.34 -8.89
C LEU A 251 20.76 23.93 -7.87
N TYR A 252 21.19 23.20 -6.84
CA TYR A 252 20.33 22.83 -5.73
C TYR A 252 20.64 23.68 -4.51
N GLY A 253 19.66 23.80 -3.64
CA GLY A 253 19.78 24.64 -2.46
C GLY A 253 18.45 24.84 -1.77
N PRO A 254 18.35 25.87 -0.93
CA PRO A 254 17.11 26.13 -0.23
C PRO A 254 16.19 26.99 -1.07
N PRO A 255 14.88 26.86 -0.91
CA PRO A 255 13.96 27.67 -1.71
C PRO A 255 14.18 29.17 -1.50
N GLY A 256 14.06 29.92 -2.58
CA GLY A 256 14.15 31.36 -2.52
C GLY A 256 15.53 31.91 -2.29
N SER A 257 16.56 31.09 -2.40
CA SER A 257 17.93 31.56 -2.16
C SER A 257 18.42 32.52 -3.24
N GLY A 258 17.67 32.68 -4.32
CA GLY A 258 18.07 33.53 -5.42
C GLY A 258 18.53 32.79 -6.67
N LYS A 259 18.14 31.53 -6.84
CA LYS A 259 18.64 30.74 -7.95
C LYS A 259 18.29 31.36 -9.28
N THR A 260 17.03 31.76 -9.45
CA THR A 260 16.57 32.28 -10.73
C THR A 260 17.30 33.55 -11.13
N LEU A 261 17.78 34.33 -10.16
CA LEU A 261 18.45 35.58 -10.48
C LEU A 261 19.86 35.36 -11.01
N ILE A 262 20.56 34.34 -10.51
CA ILE A 262 21.94 34.11 -10.91
C ILE A 262 22.00 33.80 -12.40
N ALA A 263 21.11 32.93 -12.87
CA ALA A 263 21.13 32.54 -14.27
C ALA A 263 20.87 33.73 -15.18
N ARG A 264 19.88 34.55 -14.84
CA ARG A 264 19.61 35.73 -15.65
C ARG A 264 20.79 36.69 -15.63
N ALA A 265 21.41 36.86 -14.47
CA ALA A 265 22.57 37.74 -14.39
C ALA A 265 23.68 37.25 -15.31
N VAL A 266 23.96 35.95 -15.26
CA VAL A 266 25.02 35.39 -16.09
C VAL A 266 24.70 35.57 -17.56
N ALA A 267 23.47 35.21 -17.96
CA ALA A 267 23.10 35.29 -19.36
C ALA A 267 23.15 36.73 -19.86
N ASN A 268 22.69 37.68 -19.05
CA ASN A 268 22.69 39.07 -19.46
C ASN A 268 24.10 39.65 -19.51
N GLU A 269 24.99 39.16 -18.65
CA GLU A 269 26.37 39.65 -18.69
C GLU A 269 27.13 39.08 -19.88
N THR A 270 26.87 37.82 -20.25
CA THR A 270 27.51 37.27 -21.44
C THR A 270 26.84 37.70 -22.72
N GLY A 271 25.72 38.41 -22.65
CA GLY A 271 25.00 38.82 -23.84
C GLY A 271 24.26 37.70 -24.54
N ALA A 272 24.09 36.57 -23.87
CA ALA A 272 23.45 35.42 -24.48
C ALA A 272 21.92 35.51 -24.37
N PHE A 273 21.25 34.76 -25.22
CA PHE A 273 19.79 34.71 -25.24
C PHE A 273 19.32 33.76 -24.16
N PHE A 274 18.56 34.27 -23.21
CA PHE A 274 18.07 33.51 -22.07
C PHE A 274 16.60 33.18 -22.28
N PHE A 275 16.26 31.90 -22.19
CA PHE A 275 14.88 31.44 -22.24
C PHE A 275 14.59 30.66 -20.97
N CYS A 276 13.60 31.10 -20.21
CA CYS A 276 13.28 30.48 -18.94
C CYS A 276 12.10 29.53 -19.09
N ILE A 277 12.22 28.36 -18.47
CA ILE A 277 11.15 27.37 -18.41
C ILE A 277 10.88 27.08 -16.95
N ASN A 278 9.62 27.19 -16.54
CA ASN A 278 9.21 26.87 -15.19
C ASN A 278 8.51 25.52 -15.20
N GLY A 279 8.89 24.65 -14.26
CA GLY A 279 8.34 23.33 -14.19
C GLY A 279 6.84 23.33 -14.05
N PRO A 280 6.32 24.16 -13.14
CA PRO A 280 4.86 24.28 -13.02
C PRO A 280 4.20 24.71 -14.31
N GLU A 281 4.78 25.67 -15.04
CA GLU A 281 4.19 26.12 -16.28
C GLU A 281 4.10 24.98 -17.28
N ILE A 282 5.17 24.21 -17.40
CA ILE A 282 5.18 23.09 -18.35
C ILE A 282 4.16 22.03 -17.94
N MET A 283 4.16 21.67 -16.66
CA MET A 283 3.25 20.62 -16.20
C MET A 283 1.80 21.06 -16.23
N SER A 284 1.52 22.37 -16.25
CA SER A 284 0.16 22.86 -16.30
C SER A 284 -0.44 22.79 -17.70
N LYS A 285 0.38 22.59 -18.72
CA LYS A 285 -0.12 22.54 -20.08
C LYS A 285 -0.80 21.20 -20.35
N LEU A 286 -1.61 21.18 -21.40
CA LEU A 286 -2.32 19.96 -21.75
C LEU A 286 -1.35 18.92 -22.32
N ALA A 287 -1.76 17.66 -22.23
CA ALA A 287 -0.91 16.58 -22.71
C ALA A 287 -0.55 16.81 -24.18
N GLY A 288 0.74 16.66 -24.48
CA GLY A 288 1.22 16.88 -25.83
C GLY A 288 1.69 18.30 -26.06
N GLU A 289 1.04 19.25 -25.39
CA GLU A 289 1.45 20.65 -25.50
C GLU A 289 2.74 20.93 -24.73
N SER A 290 2.92 20.26 -23.58
CA SER A 290 4.14 20.46 -22.81
C SER A 290 5.37 20.04 -23.62
N GLU A 291 5.29 18.89 -24.29
CA GLU A 291 6.40 18.44 -25.11
C GLU A 291 6.66 19.41 -26.25
N SER A 292 5.60 19.93 -26.86
CA SER A 292 5.77 20.90 -27.93
C SER A 292 6.47 22.15 -27.43
N ASN A 293 6.06 22.66 -26.26
CA ASN A 293 6.70 23.83 -25.70
C ASN A 293 8.16 23.57 -25.39
N LEU A 294 8.46 22.40 -24.81
CA LEU A 294 9.85 22.07 -24.46
C LEU A 294 10.72 21.98 -25.71
N ARG A 295 10.23 21.29 -26.75
CA ARG A 295 11.00 21.17 -27.98
C ARG A 295 11.18 22.52 -28.65
N LYS A 296 10.13 23.36 -28.64
CA LYS A 296 10.26 24.69 -29.19
C LYS A 296 11.29 25.50 -28.42
N ALA A 297 11.31 25.35 -27.10
CA ALA A 297 12.29 26.04 -26.29
C ALA A 297 13.70 25.64 -26.68
N PHE A 298 13.97 24.34 -26.73
CA PHE A 298 15.30 23.87 -27.10
C PHE A 298 15.68 24.34 -28.51
N GLU A 299 14.73 24.28 -29.43
CA GLU A 299 15.00 24.62 -30.82
C GLU A 299 15.35 26.10 -30.96
N GLU A 300 14.53 26.96 -30.36
CA GLU A 300 14.80 28.40 -30.39
C GLU A 300 16.11 28.72 -29.68
N ALA A 301 16.37 28.06 -28.54
CA ALA A 301 17.61 28.32 -27.82
C ALA A 301 18.81 27.98 -28.68
N GLU A 302 18.76 26.85 -29.38
CA GLU A 302 19.86 26.49 -30.27
C GLU A 302 19.97 27.48 -31.41
N LYS A 303 18.85 28.05 -31.86
CA LYS A 303 18.92 29.05 -32.93
C LYS A 303 19.69 30.28 -32.49
N ASN A 304 19.49 30.73 -31.24
CA ASN A 304 20.06 31.97 -30.76
C ASN A 304 21.35 31.76 -29.98
N ALA A 305 22.16 30.78 -30.38
CA ALA A 305 23.41 30.51 -29.68
C ALA A 305 24.30 31.75 -29.74
N PRO A 306 25.01 32.08 -28.66
CA PRO A 306 25.06 31.38 -27.37
C PRO A 306 23.77 31.54 -26.61
N SER A 307 23.31 30.48 -25.94
CA SER A 307 22.01 30.48 -25.29
C SER A 307 22.11 29.79 -23.95
N ILE A 308 21.12 30.06 -23.10
CA ILE A 308 21.06 29.51 -21.76
C ILE A 308 19.62 29.13 -21.47
N ILE A 309 19.43 27.96 -20.89
CA ILE A 309 18.11 27.43 -20.57
C ILE A 309 18.05 27.15 -19.09
N PHE A 310 17.05 27.69 -18.41
CA PHE A 310 16.87 27.49 -16.98
C PHE A 310 15.59 26.70 -16.77
N ILE A 311 15.73 25.45 -16.33
CA ILE A 311 14.57 24.60 -16.03
C ILE A 311 14.26 24.85 -14.56
N ASP A 312 13.58 25.95 -14.29
CA ASP A 312 13.21 26.28 -12.92
C ASP A 312 12.33 25.18 -12.33
N GLU A 313 12.64 24.79 -11.10
CA GLU A 313 11.88 23.78 -10.38
C GLU A 313 11.74 22.50 -11.22
N ILE A 314 12.89 21.94 -11.58
CA ILE A 314 12.92 20.69 -12.31
C ILE A 314 12.30 19.53 -11.54
N ASP A 315 12.05 19.71 -10.24
CA ASP A 315 11.46 18.64 -9.45
C ASP A 315 10.07 18.28 -9.97
N SER A 316 9.27 19.29 -10.32
CA SER A 316 7.95 19.00 -10.86
C SER A 316 8.06 18.24 -12.18
N ILE A 317 8.98 18.66 -13.05
CA ILE A 317 9.14 18.00 -14.33
C ILE A 317 9.65 16.58 -14.15
N ALA A 318 10.71 16.41 -13.37
CA ALA A 318 11.39 15.13 -13.18
C ALA A 318 11.60 14.87 -11.70
N PRO A 319 10.51 14.64 -10.96
CA PRO A 319 10.67 14.31 -9.54
C PRO A 319 11.24 12.91 -9.35
N LYS A 320 11.75 12.66 -8.15
CA LYS A 320 12.33 11.36 -7.85
C LYS A 320 11.31 10.26 -8.08
N ARG A 321 11.76 9.16 -8.68
CA ARG A 321 10.87 8.03 -8.92
C ARG A 321 10.63 7.28 -7.63
N GLU A 322 9.71 7.81 -6.81
CA GLU A 322 9.19 7.06 -5.67
C GLU A 322 7.99 6.22 -6.08
N LYS A 323 7.14 6.77 -6.95
CA LYS A 323 6.06 6.02 -7.58
C LYS A 323 5.83 6.62 -8.95
N THR A 324 5.80 5.78 -9.98
CA THR A 324 5.58 6.22 -11.36
C THR A 324 4.11 5.97 -11.68
N ASN A 325 3.28 6.98 -11.41
CA ASN A 325 1.85 6.90 -11.64
C ASN A 325 1.48 7.64 -12.91
N GLY A 326 0.74 6.98 -13.78
CA GLY A 326 0.34 7.59 -15.03
C GLY A 326 1.35 7.38 -16.14
N GLU A 327 0.98 7.88 -17.32
CA GLU A 327 1.81 7.79 -18.51
C GLU A 327 2.39 9.12 -18.94
N VAL A 328 1.70 10.22 -18.66
CA VAL A 328 2.19 11.53 -19.09
C VAL A 328 3.49 11.89 -18.38
N GLU A 329 3.58 11.60 -17.09
CA GLU A 329 4.78 11.95 -16.34
C GLU A 329 6.00 11.23 -16.91
N ARG A 330 5.85 9.93 -17.18
CA ARG A 330 6.95 9.18 -17.78
C ARG A 330 7.29 9.73 -19.16
N ARG A 331 6.27 10.10 -19.93
CA ARG A 331 6.50 10.64 -21.26
C ARG A 331 7.35 11.90 -21.18
N ILE A 332 6.99 12.81 -20.27
CA ILE A 332 7.72 14.08 -20.19
C ILE A 332 9.12 13.87 -19.66
N VAL A 333 9.29 13.01 -18.64
CA VAL A 333 10.64 12.80 -18.11
C VAL A 333 11.53 12.18 -19.17
N SER A 334 11.02 11.19 -19.91
CA SER A 334 11.83 10.56 -20.94
C SER A 334 12.10 11.52 -22.09
N GLN A 335 11.13 12.38 -22.42
CA GLN A 335 11.35 13.40 -23.44
C GLN A 335 12.48 14.33 -23.03
N LEU A 336 12.49 14.75 -21.77
CA LEU A 336 13.57 15.60 -21.29
C LEU A 336 14.90 14.87 -21.36
N LEU A 337 14.91 13.59 -20.97
CA LEU A 337 16.14 12.81 -21.04
C LEU A 337 16.69 12.76 -22.47
N THR A 338 15.83 12.41 -23.42
CA THR A 338 16.30 12.26 -24.80
C THR A 338 16.71 13.61 -25.38
N LEU A 339 16.00 14.68 -25.01
CA LEU A 339 16.39 16.00 -25.48
C LEU A 339 17.75 16.40 -24.95
N MET A 340 18.01 16.13 -23.67
CA MET A 340 19.31 16.46 -23.10
C MET A 340 20.40 15.65 -23.77
N ASP A 341 20.16 14.34 -23.99
CA ASP A 341 21.16 13.50 -24.63
C ASP A 341 21.44 13.96 -26.05
N GLY A 342 20.39 14.32 -26.79
CA GLY A 342 20.55 14.68 -28.19
C GLY A 342 21.26 16.00 -28.42
N LEU A 343 21.33 16.86 -27.41
CA LEU A 343 22.03 18.12 -27.55
C LEU A 343 23.53 17.87 -27.66
N LYS A 344 24.22 18.79 -28.33
CA LYS A 344 25.62 18.63 -28.67
C LYS A 344 26.43 19.81 -28.17
N SER A 345 27.73 19.55 -27.95
CA SER A 345 28.61 20.60 -27.45
C SER A 345 28.71 21.76 -28.45
N ARG A 346 28.74 21.45 -29.74
CA ARG A 346 28.84 22.50 -30.75
C ARG A 346 27.61 23.38 -30.78
N ALA A 347 26.50 22.94 -30.19
CA ALA A 347 25.27 23.72 -30.22
C ALA A 347 25.35 24.98 -29.37
N HIS A 348 26.33 25.06 -28.47
CA HIS A 348 26.48 26.20 -27.57
C HIS A 348 25.21 26.42 -26.77
N VAL A 349 24.88 25.41 -25.96
CA VAL A 349 23.68 25.42 -25.13
C VAL A 349 24.04 24.90 -23.75
N ILE A 350 23.54 25.57 -22.72
CA ILE A 350 23.79 25.20 -21.33
C ILE A 350 22.46 25.19 -20.61
N VAL A 351 22.24 24.15 -19.80
CA VAL A 351 20.95 23.91 -19.16
C VAL A 351 21.18 23.97 -17.65
N MET A 352 20.84 25.10 -17.05
CA MET A 352 20.89 25.25 -15.59
C MET A 352 19.56 24.75 -15.01
N GLY A 353 19.59 23.56 -14.44
CA GLY A 353 18.45 23.07 -13.70
C GLY A 353 18.27 23.85 -12.41
N ALA A 354 17.42 23.30 -11.55
CA ALA A 354 17.19 23.88 -10.24
C ALA A 354 16.29 22.96 -9.44
N THR A 355 16.53 22.88 -8.14
CA THR A 355 15.76 22.02 -7.26
C THR A 355 16.07 22.41 -5.83
N ASN A 356 15.58 21.61 -4.88
CA ASN A 356 15.82 21.83 -3.47
C ASN A 356 16.90 20.91 -2.91
N ARG A 357 16.89 19.64 -3.29
CA ARG A 357 17.86 18.68 -2.85
C ARG A 357 18.17 17.73 -4.01
N PRO A 358 19.44 17.42 -4.25
CA PRO A 358 19.77 16.58 -5.42
C PRO A 358 19.09 15.24 -5.42
N ASN A 359 18.88 14.63 -4.24
CA ASN A 359 18.24 13.32 -4.18
C ASN A 359 16.79 13.37 -4.67
N SER A 360 16.13 14.52 -4.58
CA SER A 360 14.74 14.62 -5.03
C SER A 360 14.62 14.47 -6.54
N ILE A 361 15.72 14.52 -7.27
CA ILE A 361 15.71 14.38 -8.72
C ILE A 361 15.89 12.91 -9.08
N ASP A 362 15.34 12.53 -10.23
CA ASP A 362 15.49 11.17 -10.69
C ASP A 362 16.95 10.90 -11.01
N PRO A 363 17.53 9.79 -10.52
CA PRO A 363 18.96 9.55 -10.77
C PRO A 363 19.31 9.51 -12.25
N ALA A 364 18.39 9.08 -13.11
CA ALA A 364 18.70 8.95 -14.53
C ALA A 364 19.15 10.26 -15.12
N LEU A 365 18.69 11.39 -14.58
CA LEU A 365 19.10 12.69 -15.08
C LEU A 365 20.54 13.02 -14.73
N ARG A 366 21.07 12.44 -13.65
CA ARG A 366 22.41 12.76 -13.18
C ARG A 366 23.49 11.91 -13.82
N ARG A 367 23.14 11.04 -14.76
CA ARG A 367 24.14 10.28 -15.48
C ARG A 367 24.99 11.20 -16.35
N PHE A 368 26.13 10.69 -16.77
CA PHE A 368 27.05 11.49 -17.57
C PHE A 368 26.41 11.84 -18.91
N GLY A 369 26.60 13.10 -19.32
CA GLY A 369 26.06 13.62 -20.56
C GLY A 369 24.89 14.55 -20.38
N ARG A 370 24.03 14.29 -19.40
CA ARG A 370 22.84 15.10 -19.19
C ARG A 370 23.07 16.19 -18.14
N PHE A 371 23.35 15.79 -16.90
CA PHE A 371 23.54 16.71 -15.78
C PHE A 371 24.73 16.17 -14.99
N ASP A 372 25.92 16.68 -15.31
CA ASP A 372 27.15 16.21 -14.70
C ASP A 372 27.62 17.10 -13.56
N ARG A 373 27.74 18.40 -13.79
CA ARG A 373 28.16 19.32 -12.73
C ARG A 373 26.99 19.61 -11.80
N GLU A 374 27.31 19.76 -10.52
CA GLU A 374 26.33 20.11 -9.50
C GLU A 374 26.92 21.18 -8.62
N ILE A 375 26.11 22.19 -8.30
CA ILE A 375 26.54 23.32 -7.50
C ILE A 375 25.57 23.50 -6.34
N ASP A 376 26.10 23.86 -5.18
CA ASP A 376 25.31 23.99 -3.96
C ASP A 376 25.16 25.48 -3.65
N ILE A 377 23.98 26.02 -3.94
CA ILE A 377 23.66 27.40 -3.55
C ILE A 377 23.09 27.31 -2.15
N GLY A 378 23.99 27.24 -1.17
CA GLY A 378 23.58 27.07 0.21
C GLY A 378 23.17 28.36 0.86
N VAL A 379 22.85 28.25 2.15
CA VAL A 379 22.42 29.43 2.89
C VAL A 379 23.55 30.43 2.93
N PRO A 380 23.31 31.72 2.67
CA PRO A 380 24.39 32.70 2.74
C PRO A 380 24.94 32.84 4.14
N ASP A 381 26.21 33.22 4.22
CA ASP A 381 26.87 33.42 5.50
C ASP A 381 26.60 34.84 6.00
N GLU A 382 27.20 35.18 7.14
CA GLU A 382 27.02 36.51 7.72
C GLU A 382 27.29 37.59 6.69
N ILE A 383 28.43 37.49 5.99
CA ILE A 383 28.73 38.46 4.95
C ILE A 383 27.70 38.39 3.84
N GLY A 384 27.29 37.16 3.47
CA GLY A 384 26.28 37.02 2.45
C GLY A 384 24.97 37.68 2.83
N ARG A 385 24.55 37.48 4.08
CA ARG A 385 23.35 38.15 4.57
C ARG A 385 23.51 39.66 4.51
N LEU A 386 24.71 40.15 4.84
CA LEU A 386 24.95 41.59 4.78
C LEU A 386 24.78 42.12 3.36
N GLU A 387 25.37 41.44 2.37
CA GLU A 387 25.23 41.93 1.01
C GLU A 387 23.78 41.84 0.53
N VAL A 388 23.08 40.77 0.91
CA VAL A 388 21.69 40.64 0.49
C VAL A 388 20.86 41.78 1.06
N LEU A 389 21.07 42.10 2.34
CA LEU A 389 20.33 43.19 2.96
C LEU A 389 20.66 44.52 2.28
N ARG A 390 21.95 44.76 2.01
CA ARG A 390 22.32 45.99 1.34
C ARG A 390 21.72 46.08 -0.05
N ILE A 391 21.56 44.93 -0.72
CA ILE A 391 21.00 44.92 -2.06
C ILE A 391 19.51 45.23 -2.01
N HIS A 392 18.79 44.62 -1.06
CA HIS A 392 17.34 44.80 -1.01
C HIS A 392 16.96 46.16 -0.46
N THR A 393 17.79 46.75 0.40
CA THR A 393 17.47 48.00 1.07
C THR A 393 18.07 49.22 0.39
N LYS A 394 18.73 49.04 -0.76
CA LYS A 394 19.36 50.18 -1.42
C LYS A 394 18.32 51.17 -1.93
N ASN A 395 17.19 50.68 -2.42
CA ASN A 395 16.16 51.55 -3.00
C ASN A 395 15.23 52.16 -1.97
N MET A 396 15.31 51.74 -0.71
CA MET A 396 14.43 52.26 0.32
C MET A 396 15.08 53.43 1.04
N LYS A 397 14.25 54.20 1.75
CA LYS A 397 14.71 55.38 2.48
C LYS A 397 15.11 54.97 3.89
N LEU A 398 16.31 54.41 4.00
CA LEU A 398 16.84 54.00 5.30
C LEU A 398 17.31 55.22 6.09
N ALA A 399 17.26 55.08 7.41
CA ALA A 399 17.73 56.13 8.29
C ALA A 399 19.25 56.10 8.41
N GLU A 400 19.82 57.19 8.93
CA GLU A 400 21.26 57.27 9.11
C GLU A 400 21.75 56.42 10.27
N ASP A 401 20.86 56.04 11.18
CA ASP A 401 21.22 55.22 12.33
C ASP A 401 21.03 53.73 12.08
N VAL A 402 20.67 53.34 10.86
CA VAL A 402 20.45 51.94 10.55
C VAL A 402 21.76 51.18 10.69
N ASP A 403 21.73 50.07 11.41
CA ASP A 403 22.89 49.22 11.65
C ASP A 403 22.61 47.84 11.05
N LEU A 404 22.88 47.70 9.76
CA LEU A 404 22.59 46.45 9.07
C LEU A 404 23.52 45.33 9.53
N GLU A 405 24.70 45.68 10.02
CA GLU A 405 25.61 44.65 10.52
C GLU A 405 24.99 43.91 11.70
N ARG A 406 24.33 44.65 12.60
CA ARG A 406 23.66 44.00 13.73
C ARG A 406 22.60 43.03 13.25
N ILE A 407 21.82 43.44 12.24
CA ILE A 407 20.76 42.58 11.72
C ILE A 407 21.37 41.32 11.12
N SER A 408 22.46 41.49 10.36
CA SER A 408 23.12 40.34 9.76
C SER A 408 23.62 39.38 10.83
N LYS A 409 24.21 39.93 11.89
CA LYS A 409 24.73 39.08 12.96
C LYS A 409 23.60 38.33 13.65
N ASP A 410 22.47 39.00 13.88
CA ASP A 410 21.34 38.37 14.56
C ASP A 410 20.50 37.49 13.65
N THR A 411 20.73 37.54 12.34
CA THR A 411 19.98 36.72 11.37
C THR A 411 20.80 35.46 11.09
N HIS A 412 20.34 34.33 11.62
CA HIS A 412 20.95 33.03 11.39
C HIS A 412 19.89 32.09 10.85
N GLY A 413 20.23 31.37 9.77
CA GLY A 413 19.27 30.52 9.11
C GLY A 413 18.32 31.26 8.19
N TYR A 414 18.54 32.55 7.96
CA TYR A 414 17.67 33.37 7.12
C TYR A 414 18.20 33.34 5.68
N VAL A 415 17.35 32.92 4.75
CA VAL A 415 17.66 32.96 3.33
C VAL A 415 17.42 34.37 2.81
N GLY A 416 17.86 34.64 1.58
CA GLY A 416 17.71 35.98 1.03
C GLY A 416 16.27 36.45 0.99
N ALA A 417 15.37 35.57 0.56
CA ALA A 417 13.96 35.94 0.49
C ALA A 417 13.43 36.32 1.87
N ASP A 418 13.83 35.57 2.89
CA ASP A 418 13.43 35.93 4.26
C ASP A 418 13.97 37.30 4.65
N LEU A 419 15.16 37.65 4.18
CA LEU A 419 15.70 38.96 4.48
C LEU A 419 14.90 40.06 3.80
N ALA A 420 14.49 39.84 2.55
CA ALA A 420 13.64 40.81 1.88
C ALA A 420 12.31 40.95 2.60
N ALA A 421 11.75 39.82 3.06
CA ALA A 421 10.51 39.88 3.83
C ALA A 421 10.70 40.64 5.13
N LEU A 422 11.86 40.46 5.77
CA LEU A 422 12.17 41.21 6.98
C LEU A 422 12.20 42.71 6.70
N CYS A 423 12.84 43.11 5.59
CA CYS A 423 12.88 44.52 5.23
C CYS A 423 11.47 45.06 4.99
N THR A 424 10.65 44.30 4.29
CA THR A 424 9.28 44.72 4.04
C THR A 424 8.51 44.87 5.34
N GLU A 425 8.70 43.92 6.26
CA GLU A 425 8.04 43.99 7.55
C GLU A 425 8.49 45.22 8.33
N ALA A 426 9.77 45.56 8.26
CA ALA A 426 10.25 46.76 8.93
C ALA A 426 9.61 48.01 8.37
N ALA A 427 9.51 48.10 7.04
CA ALA A 427 8.84 49.24 6.44
C ALA A 427 7.38 49.30 6.86
N LEU A 428 6.73 48.14 6.91
CA LEU A 428 5.33 48.08 7.35
C LEU A 428 5.19 48.58 8.78
N GLN A 429 6.15 48.22 9.65
CA GLN A 429 6.10 48.70 11.02
C GLN A 429 6.30 50.21 11.11
N CYS A 430 7.20 50.74 10.29
CA CYS A 430 7.33 52.19 10.21
C CYS A 430 6.01 52.83 9.82
N ILE A 431 5.32 52.23 8.85
CA ILE A 431 3.99 52.73 8.48
C ILE A 431 3.08 52.67 9.69
N ARG A 432 3.14 51.57 10.43
CA ARG A 432 2.40 51.43 11.68
C ARG A 432 2.56 52.70 12.51
N GLU A 433 3.81 53.04 12.82
CA GLU A 433 4.08 54.24 13.60
C GLU A 433 3.59 55.49 12.91
N LYS A 434 3.45 55.46 11.58
CA LYS A 434 3.06 56.65 10.83
C LYS A 434 1.58 56.67 10.46
N MET A 435 0.77 55.74 10.98
CA MET A 435 -0.65 55.73 10.65
C MET A 435 -1.43 56.80 11.39
N ASP A 436 -1.08 57.05 12.66
CA ASP A 436 -1.92 57.90 13.51
C ASP A 436 -2.16 59.26 12.88
N VAL A 437 -1.17 59.82 12.20
CA VAL A 437 -1.30 61.15 11.61
C VAL A 437 -2.06 61.09 10.29
N ILE A 438 -1.87 60.02 9.52
CA ILE A 438 -2.45 59.93 8.17
C ILE A 438 -3.86 59.38 8.30
N ASP A 439 -4.86 60.20 7.94
CA ASP A 439 -6.24 59.75 7.95
C ASP A 439 -6.49 58.78 6.81
N LEU A 440 -7.16 57.66 7.11
CA LEU A 440 -7.39 56.64 6.10
C LEU A 440 -8.51 57.03 5.15
N GLU A 441 -9.54 57.71 5.64
CA GLU A 441 -10.68 58.06 4.81
C GLU A 441 -10.35 59.12 3.77
N ASP A 442 -9.23 59.82 3.90
CA ASP A 442 -8.86 60.85 2.94
C ASP A 442 -8.17 60.20 1.75
N ASP A 443 -8.73 60.43 0.56
CA ASP A 443 -8.14 59.87 -0.66
C ASP A 443 -6.77 60.44 -0.97
N SER A 444 -6.47 61.64 -0.44
CA SER A 444 -5.18 62.29 -0.64
C SER A 444 -4.45 62.38 0.68
N ILE A 445 -3.12 62.24 0.61
CA ILE A 445 -2.27 62.27 1.79
C ILE A 445 -1.16 63.29 1.56
N ASP A 446 -0.82 64.02 2.61
CA ASP A 446 0.16 65.09 2.50
C ASP A 446 1.50 64.54 2.01
N ALA A 447 2.14 65.28 1.10
CA ALA A 447 3.42 64.86 0.56
C ALA A 447 4.54 65.00 1.58
N GLU A 448 4.43 65.95 2.50
CA GLU A 448 5.48 66.14 3.50
C GLU A 448 5.63 64.90 4.38
N ILE A 449 4.50 64.33 4.82
CA ILE A 449 4.56 63.13 5.64
C ILE A 449 5.17 61.99 4.85
N LEU A 450 4.82 61.90 3.56
CA LEU A 450 5.37 60.84 2.72
C LEU A 450 6.89 60.97 2.60
N ASN A 451 7.39 62.19 2.41
CA ASN A 451 8.83 62.41 2.33
C ASN A 451 9.50 62.24 3.69
N SER A 452 8.75 62.35 4.78
CA SER A 452 9.32 62.21 6.11
C SER A 452 9.45 60.76 6.56
N MET A 453 8.83 59.82 5.85
CA MET A 453 8.90 58.43 6.25
C MET A 453 10.29 57.86 5.99
N ALA A 454 10.75 57.01 6.92
CA ALA A 454 12.03 56.34 6.76
C ALA A 454 12.16 55.31 7.87
N VAL A 455 12.63 54.11 7.50
CA VAL A 455 12.76 53.03 8.47
C VAL A 455 13.86 53.35 9.48
N THR A 456 13.72 52.77 10.67
CA THR A 456 14.69 52.96 11.75
C THR A 456 15.12 51.60 12.28
N ASN A 457 16.31 51.57 12.88
CA ASN A 457 16.88 50.31 13.35
C ASN A 457 15.91 49.55 14.24
N GLU A 458 15.19 50.27 15.09
CA GLU A 458 14.21 49.62 15.97
C GLU A 458 13.11 48.96 15.16
N HIS A 459 12.74 49.54 14.02
CA HIS A 459 11.76 48.90 13.16
C HIS A 459 12.30 47.57 12.64
N PHE A 460 13.58 47.53 12.28
CA PHE A 460 14.19 46.28 11.85
C PHE A 460 14.20 45.27 12.98
N HIS A 461 14.48 45.72 14.21
CA HIS A 461 14.45 44.81 15.35
C HIS A 461 13.06 44.23 15.54
N THR A 462 12.03 45.06 15.44
CA THR A 462 10.65 44.58 15.57
C THR A 462 10.32 43.59 14.47
N ALA A 463 10.70 43.89 13.23
CA ALA A 463 10.40 42.99 12.12
C ALA A 463 11.11 41.65 12.32
N LEU A 464 12.36 41.68 12.76
CA LEU A 464 13.06 40.44 13.06
C LEU A 464 12.35 39.66 14.15
N GLY A 465 11.88 40.35 15.18
CA GLY A 465 11.13 39.68 16.23
C GLY A 465 9.86 39.03 15.71
N ASN A 466 9.21 39.66 14.74
CA ASN A 466 7.98 39.12 14.19
C ASN A 466 8.22 38.10 13.09
N SER A 467 9.35 38.17 12.39
CA SER A 467 9.60 37.29 11.26
C SER A 467 9.98 35.89 11.76
N ASN A 468 10.07 34.96 10.81
CA ASN A 468 10.39 33.57 11.10
C ASN A 468 11.40 33.05 10.09
N PRO A 469 12.48 32.40 10.53
CA PRO A 469 13.40 31.79 9.58
C PRO A 469 12.76 30.62 8.85
N SER A 470 13.23 30.39 7.63
CA SER A 470 12.78 29.26 6.83
C SER A 470 13.77 28.11 6.83
N ALA A 471 15.02 28.36 7.20
CA ALA A 471 16.07 27.34 7.19
C ALA A 471 16.68 27.27 8.59
N LEU A 472 16.35 26.21 9.31
CA LEU A 472 16.91 25.98 10.64
C LEU A 472 17.48 24.57 10.82
N ARG A 473 16.96 23.59 10.10
CA ARG A 473 17.42 22.20 10.22
C ARG A 473 18.44 21.84 9.15
N GLU A 474 18.81 22.79 8.29
CA GLU A 474 19.79 22.51 7.24
C GLU A 474 21.19 22.64 7.80
N THR A 475 22.03 21.65 7.49
CA THR A 475 23.40 21.62 8.00
C THR A 475 24.17 22.86 7.56
N VAL A 476 24.58 23.68 8.52
CA VAL A 476 25.32 24.90 8.22
C VAL A 476 26.80 24.57 8.14
N VAL A 477 27.44 24.98 7.06
CA VAL A 477 28.85 24.70 6.81
C VAL A 477 29.58 26.03 6.84
N GLU A 478 30.34 26.26 7.90
CA GLU A 478 31.08 27.51 8.04
C GLU A 478 32.27 27.28 8.96
N VAL A 479 33.10 28.31 9.08
CA VAL A 479 34.30 28.27 9.91
C VAL A 479 34.00 28.94 11.25
N PRO A 480 33.69 28.17 12.30
CA PRO A 480 33.44 28.80 13.60
C PRO A 480 34.63 29.61 14.08
N ASN A 481 34.34 30.67 14.82
CA ASN A 481 35.35 31.62 15.28
C ASN A 481 36.03 31.18 16.57
N VAL A 482 35.63 30.05 17.15
CA VAL A 482 36.22 29.63 18.42
C VAL A 482 37.70 29.37 18.23
N SER A 483 38.50 29.87 19.15
CA SER A 483 39.96 29.75 19.09
C SER A 483 40.47 29.00 20.31
N TRP A 484 41.75 28.63 20.26
CA TRP A 484 42.36 27.92 21.37
C TRP A 484 42.32 28.75 22.65
N ASN A 485 42.34 30.08 22.53
CA ASN A 485 42.25 30.92 23.71
C ASN A 485 40.95 30.67 24.46
N ASP A 486 39.85 30.53 23.73
CA ASP A 486 38.59 30.15 24.36
C ASP A 486 38.66 28.77 24.97
N ILE A 487 39.56 27.92 24.50
CA ILE A 487 39.77 26.58 25.05
C ILE A 487 40.69 26.72 26.25
N GLY A 488 40.25 26.22 27.40
CA GLY A 488 41.00 26.39 28.62
C GLY A 488 42.01 25.29 28.87
N GLY A 489 43.29 25.61 28.76
CA GLY A 489 44.31 24.63 29.07
C GLY A 489 44.18 23.40 28.19
N LEU A 490 44.13 22.23 28.83
CA LEU A 490 44.07 20.96 28.10
C LEU A 490 45.21 20.85 27.11
N GLU A 491 46.43 21.10 27.61
CA GLU A 491 47.60 21.08 26.74
C GLU A 491 47.81 19.71 26.13
N ASN A 492 47.62 18.65 26.91
CA ASN A 492 47.79 17.30 26.37
C ASN A 492 46.80 17.02 25.25
N VAL A 493 45.52 17.29 25.49
CA VAL A 493 44.50 17.06 24.47
C VAL A 493 44.69 18.02 23.29
N LYS A 494 45.05 19.27 23.59
CA LYS A 494 45.37 20.22 22.53
C LYS A 494 46.43 19.63 21.60
N ARG A 495 47.53 19.17 22.17
CA ARG A 495 48.61 18.60 21.38
C ARG A 495 48.12 17.39 20.60
N GLU A 496 47.39 16.49 21.25
CA GLU A 496 46.98 15.26 20.59
C GLU A 496 46.09 15.56 19.38
N LEU A 497 45.13 16.46 19.55
CA LEU A 497 44.19 16.72 18.47
C LEU A 497 44.84 17.54 17.37
N GLN A 498 45.72 18.48 17.72
CA GLN A 498 46.47 19.19 16.71
C GLN A 498 47.31 18.23 15.89
N GLU A 499 47.97 17.29 16.56
CA GLU A 499 48.69 16.22 15.88
C GLU A 499 47.80 15.46 14.92
N THR A 500 46.65 14.99 15.39
CA THR A 500 45.83 14.11 14.58
C THR A 500 45.10 14.82 13.45
N VAL A 501 44.90 16.13 13.54
CA VAL A 501 44.06 16.82 12.57
C VAL A 501 44.80 17.96 11.88
N GLN A 502 45.42 18.84 12.67
CA GLN A 502 45.98 20.06 12.09
C GLN A 502 47.02 19.76 11.01
N TYR A 503 47.89 18.79 11.27
CA TYR A 503 48.98 18.48 10.34
C TYR A 503 48.48 17.91 9.02
N PRO A 504 47.65 16.86 9.03
CA PRO A 504 47.21 16.27 7.75
C PRO A 504 46.44 17.23 6.86
N VAL A 505 46.03 18.39 7.37
CA VAL A 505 45.38 19.41 6.55
C VAL A 505 46.27 20.62 6.31
N GLU A 506 47.28 20.85 7.15
CA GLU A 506 48.19 21.97 6.95
C GLU A 506 49.44 21.55 6.18
N HIS A 507 49.94 20.34 6.44
CA HIS A 507 51.14 19.83 5.76
C HIS A 507 50.87 18.41 5.26
N PRO A 508 49.94 18.24 4.33
CA PRO A 508 49.69 16.90 3.79
C PRO A 508 50.72 16.46 2.76
N GLU A 509 51.35 17.40 2.05
CA GLU A 509 52.33 17.03 1.04
C GLU A 509 53.48 16.23 1.65
N LYS A 510 53.92 16.59 2.84
CA LYS A 510 55.01 15.84 3.47
C LYS A 510 54.52 14.54 4.09
N PHE A 511 53.27 14.50 4.55
CA PHE A 511 52.66 13.22 4.89
C PHE A 511 52.74 12.27 3.72
N GLU A 512 52.46 12.76 2.51
CA GLU A 512 52.65 11.97 1.31
C GLU A 512 54.12 11.65 1.09
N LYS A 513 55.00 12.62 1.36
CA LYS A 513 56.43 12.40 1.20
C LYS A 513 56.85 11.13 1.93
N PHE A 514 56.46 11.02 3.21
CA PHE A 514 56.69 9.75 3.91
C PHE A 514 55.61 8.73 3.56
N GLY A 515 54.38 9.19 3.36
CA GLY A 515 53.35 8.41 2.70
C GLY A 515 52.44 7.61 3.59
N MET A 516 52.73 7.50 4.88
CA MET A 516 51.91 6.64 5.74
C MET A 516 50.50 7.22 5.87
N SER A 517 49.54 6.32 6.03
CA SER A 517 48.14 6.72 6.11
C SER A 517 47.91 7.54 7.37
N PRO A 518 47.24 8.68 7.28
CA PRO A 518 46.90 9.43 8.49
C PRO A 518 45.63 8.90 9.14
N SER A 519 45.45 9.25 10.41
CA SER A 519 44.25 8.87 11.12
C SER A 519 43.05 9.60 10.54
N LYS A 520 41.99 8.85 10.25
CA LYS A 520 40.78 9.39 9.63
C LYS A 520 39.65 9.57 10.64
N GLY A 521 39.95 9.52 11.93
CA GLY A 521 38.89 9.63 12.92
C GLY A 521 39.47 9.82 14.30
N VAL A 522 38.55 10.10 15.23
CA VAL A 522 38.90 10.25 16.64
C VAL A 522 37.59 10.28 17.42
N LEU A 523 37.65 9.85 18.68
CA LEU A 523 36.47 9.77 19.53
C LEU A 523 36.73 10.51 20.83
N PHE A 524 35.79 11.37 21.21
CA PHE A 524 35.87 12.13 22.45
C PHE A 524 34.96 11.49 23.48
N TYR A 525 35.55 10.98 24.56
CA TYR A 525 34.80 10.51 25.70
C TYR A 525 35.17 11.34 26.92
N GLY A 526 34.16 11.81 27.63
CA GLY A 526 34.37 12.66 28.78
C GLY A 526 33.06 13.06 29.44
N PRO A 527 33.14 13.81 30.52
CA PRO A 527 31.91 14.18 31.24
C PRO A 527 31.08 15.13 30.40
N PRO A 528 29.76 15.12 30.58
CA PRO A 528 28.92 16.08 29.85
C PRO A 528 29.21 17.51 30.25
N GLY A 529 29.05 18.41 29.29
CA GLY A 529 29.26 19.82 29.55
C GLY A 529 30.69 20.17 29.87
N CYS A 530 31.63 19.62 29.12
CA CYS A 530 33.05 19.95 29.28
C CYS A 530 33.64 20.62 28.05
N GLY A 531 32.82 20.99 27.07
CA GLY A 531 33.30 21.74 25.93
C GLY A 531 33.93 20.89 24.83
N LYS A 532 33.30 19.79 24.46
CA LYS A 532 33.82 18.98 23.37
C LYS A 532 33.58 19.64 22.02
N THR A 533 32.36 20.14 21.80
CA THR A 533 32.06 20.84 20.55
C THR A 533 32.94 22.08 20.41
N LEU A 534 33.20 22.77 21.51
CA LEU A 534 34.11 23.92 21.46
C LEU A 534 35.49 23.49 20.99
N LEU A 535 35.98 22.35 21.50
CA LEU A 535 37.29 21.86 21.08
C LEU A 535 37.29 21.55 19.59
N ALA A 536 36.24 20.87 19.12
CA ALA A 536 36.17 20.53 17.70
C ALA A 536 36.15 21.78 16.83
N LYS A 537 35.34 22.77 17.22
CA LYS A 537 35.27 23.99 16.44
C LYS A 537 36.59 24.75 16.47
N ALA A 538 37.26 24.76 17.61
CA ALA A 538 38.55 25.44 17.70
C ALA A 538 39.58 24.79 16.79
N ILE A 539 39.64 23.46 16.79
CA ILE A 539 40.60 22.79 15.93
C ILE A 539 40.24 23.02 14.47
N ALA A 540 38.95 23.09 14.16
CA ALA A 540 38.54 23.41 12.79
C ALA A 540 39.00 24.80 12.40
N ASN A 541 38.82 25.78 13.28
CA ASN A 541 39.20 27.14 12.98
C ASN A 541 40.72 27.26 12.80
N GLU A 542 41.49 26.58 13.64
CA GLU A 542 42.93 26.66 13.52
C GLU A 542 43.41 26.20 12.15
N CYS A 543 42.69 25.27 11.53
CA CYS A 543 43.04 24.76 10.20
C CYS A 543 42.25 25.45 9.09
N GLN A 544 41.41 26.42 9.41
CA GLN A 544 40.57 27.09 8.42
C GLN A 544 39.71 26.08 7.68
N ALA A 545 39.32 25.01 8.37
CA ALA A 545 38.55 23.93 7.79
C ALA A 545 37.10 24.03 8.21
N ASN A 546 36.21 23.65 7.29
CA ASN A 546 34.78 23.74 7.56
C ASN A 546 34.38 22.76 8.65
N PHE A 547 33.45 23.19 9.48
CA PHE A 547 32.91 22.38 10.57
C PHE A 547 31.45 22.09 10.33
N ILE A 548 31.06 20.82 10.45
CA ILE A 548 29.68 20.40 10.26
C ILE A 548 29.21 19.74 11.56
N SER A 549 28.15 20.28 12.13
CA SER A 549 27.60 19.77 13.38
C SER A 549 26.38 18.91 13.07
N VAL A 550 26.47 17.63 13.40
CA VAL A 550 25.36 16.69 13.23
C VAL A 550 25.12 16.03 14.58
N LYS A 551 23.90 16.16 15.09
CA LYS A 551 23.52 15.59 16.37
C LYS A 551 22.77 14.29 16.14
N GLY A 552 23.01 13.32 17.03
CA GLY A 552 22.36 12.03 16.91
C GLY A 552 20.86 12.08 16.81
N PRO A 553 20.19 12.99 17.53
CA PRO A 553 18.73 13.09 17.39
C PRO A 553 18.27 13.36 15.97
N GLU A 554 19.01 14.15 15.19
CA GLU A 554 18.58 14.45 13.82
C GLU A 554 18.62 13.21 12.94
N LEU A 555 19.74 12.48 12.98
CA LEU A 555 19.84 11.24 12.23
C LEU A 555 18.79 10.24 12.69
N LEU A 556 18.56 10.20 14.01
CA LEU A 556 17.55 9.30 14.56
C LEU A 556 16.17 9.64 14.02
N THR A 557 15.83 10.93 13.97
CA THR A 557 14.53 11.34 13.45
C THR A 557 14.42 10.99 11.97
N MET A 558 15.48 11.24 11.20
CA MET A 558 15.42 10.97 9.77
C MET A 558 15.25 9.47 9.50
N TRP A 559 15.96 8.63 10.24
CA TRP A 559 15.73 7.19 10.13
C TRP A 559 14.30 6.84 10.50
N PHE A 560 13.83 7.35 11.65
CA PHE A 560 12.43 7.16 11.99
C PHE A 560 11.51 7.74 10.92
N GLY A 561 11.98 8.74 10.18
CA GLY A 561 11.26 9.24 9.03
C GLY A 561 11.51 8.49 7.75
N GLU A 562 12.26 7.40 7.81
CA GLU A 562 12.58 6.59 6.63
C GLU A 562 13.26 7.43 5.56
N SER A 563 14.14 8.33 5.98
CA SER A 563 14.95 9.13 5.07
C SER A 563 16.42 8.93 5.37
N GLU A 564 16.83 7.67 5.54
CA GLU A 564 18.19 7.37 5.95
C GLU A 564 19.23 7.85 4.94
N ALA A 565 18.80 8.15 3.71
CA ALA A 565 19.73 8.72 2.73
C ALA A 565 20.30 10.05 3.21
N ASN A 566 19.68 10.67 4.21
CA ASN A 566 20.24 11.88 4.78
C ASN A 566 21.65 11.65 5.29
N VAL A 567 21.96 10.46 5.80
CA VAL A 567 23.30 10.18 6.30
C VAL A 567 24.32 10.25 5.17
N ARG A 568 24.02 9.56 4.07
CA ARG A 568 24.88 9.65 2.90
C ARG A 568 24.96 11.09 2.40
N GLU A 569 23.88 11.85 2.55
CA GLU A 569 23.93 13.26 2.16
C GLU A 569 24.90 14.04 3.03
N ILE A 570 24.89 13.79 4.34
CA ILE A 570 25.84 14.46 5.22
C ILE A 570 27.26 14.12 4.83
N PHE A 571 27.53 12.84 4.58
CA PHE A 571 28.87 12.44 4.19
C PHE A 571 29.26 13.10 2.87
N ASP A 572 28.34 13.13 1.91
CA ASP A 572 28.62 13.76 0.63
C ASP A 572 28.98 15.22 0.81
N LYS A 573 28.14 15.97 1.51
CA LYS A 573 28.40 17.39 1.74
C LYS A 573 29.76 17.57 2.41
N ALA A 574 30.02 16.83 3.48
CA ALA A 574 31.32 16.92 4.13
C ALA A 574 32.44 16.67 3.13
N ARG A 575 32.20 15.81 2.15
CA ARG A 575 33.23 15.51 1.17
C ARG A 575 33.44 16.67 0.21
N GLN A 576 32.35 17.27 -0.29
CA GLN A 576 32.49 18.34 -1.29
C GLN A 576 33.20 19.55 -0.71
N SER A 577 32.90 19.89 0.55
CA SER A 577 33.44 21.08 1.17
C SER A 577 34.78 20.82 1.86
N ALA A 578 35.50 19.80 1.43
CA ALA A 578 36.79 19.49 2.03
C ALA A 578 37.73 20.68 1.88
N PRO A 579 38.58 20.96 2.87
CA PRO A 579 38.78 20.24 4.13
C PRO A 579 37.61 20.44 5.08
N CYS A 580 37.30 19.45 5.92
CA CYS A 580 36.10 19.52 6.74
C CYS A 580 36.31 18.72 8.01
N VAL A 581 35.50 19.01 9.01
CA VAL A 581 35.51 18.31 10.29
C VAL A 581 34.07 17.93 10.62
N LEU A 582 33.70 16.71 10.28
CA LEU A 582 32.36 16.20 10.53
C LEU A 582 32.28 15.77 11.99
N PHE A 583 31.50 16.48 12.78
CA PHE A 583 31.38 16.24 14.22
C PHE A 583 30.06 15.53 14.49
N PHE A 584 30.14 14.26 14.87
CA PHE A 584 28.96 13.47 15.17
C PHE A 584 28.66 13.63 16.66
N ASP A 585 27.75 14.55 16.97
CA ASP A 585 27.41 14.84 18.36
C ASP A 585 26.49 13.76 18.92
N GLU A 586 26.75 13.38 20.17
CA GLU A 586 26.04 12.29 20.83
C GLU A 586 26.00 11.05 19.95
N LEU A 587 27.18 10.54 19.63
CA LEU A 587 27.27 9.28 18.91
C LEU A 587 26.61 8.15 19.70
N ASP A 588 26.63 8.26 21.03
CA ASP A 588 26.03 7.23 21.88
C ASP A 588 24.52 7.33 21.96
N SER A 589 23.92 8.39 21.41
CA SER A 589 22.47 8.51 21.43
C SER A 589 21.82 7.38 20.65
N ILE A 590 22.35 7.07 19.46
CA ILE A 590 21.80 6.00 18.65
C ILE A 590 21.97 4.66 19.35
N ALA A 591 23.16 4.42 19.91
CA ALA A 591 23.41 3.16 20.60
C ALA A 591 22.48 3.00 21.80
N THR A 592 22.24 4.09 22.53
CA THR A 592 21.30 4.04 23.65
C THR A 592 19.88 3.77 23.15
N GLN A 593 19.48 4.41 22.04
CA GLN A 593 18.18 4.11 21.46
C GLN A 593 18.05 2.62 21.18
N ARG A 594 19.10 2.00 20.66
CA ARG A 594 19.14 0.55 20.58
C ARG A 594 19.55 -0.10 21.90
N GLY A 595 20.31 0.62 22.72
CA GLY A 595 20.70 0.12 24.03
C GLY A 595 22.15 0.30 24.39
N GLY A 596 23.04 0.20 23.42
CA GLY A 596 24.46 0.32 23.70
C GLY A 596 24.96 -0.80 24.59
N GLY A 597 25.26 -0.47 25.85
CA GLY A 597 25.76 -1.44 26.80
C GLY A 597 24.85 -1.64 27.99
N SER A 598 23.96 -0.67 28.23
CA SER A 598 23.02 -0.77 29.33
C SER A 598 21.94 -1.82 29.10
N GLY A 599 21.74 -2.26 27.85
CA GLY A 599 20.78 -3.29 27.55
C GLY A 599 19.43 -2.74 27.13
N GLY A 600 19.43 -1.73 26.26
CA GLY A 600 18.19 -1.21 25.71
C GLY A 600 17.34 -2.31 25.12
N ASP A 601 17.80 -2.92 24.04
CA ASP A 601 17.25 -4.18 23.60
C ASP A 601 18.04 -5.31 24.25
N GLY A 602 17.70 -6.54 23.93
CA GLY A 602 18.41 -7.66 24.50
C GLY A 602 19.89 -7.67 24.14
N GLY A 603 20.25 -7.03 23.03
CA GLY A 603 21.60 -7.13 22.51
C GLY A 603 22.32 -5.81 22.33
N GLY A 604 23.00 -5.67 21.19
CA GLY A 604 23.88 -4.55 20.94
C GLY A 604 23.14 -3.30 20.49
N ALA A 605 23.89 -2.40 19.87
CA ALA A 605 23.40 -1.08 19.51
C ALA A 605 23.24 -0.85 18.01
N ALA A 606 23.82 -1.71 17.17
CA ALA A 606 23.81 -1.47 15.73
C ALA A 606 22.39 -1.44 15.19
N ASP A 607 22.15 -0.57 14.22
CA ASP A 607 20.85 -0.43 13.58
C ASP A 607 21.04 0.18 12.19
N ARG A 608 19.93 0.64 11.60
CA ARG A 608 19.98 1.29 10.30
C ARG A 608 21.06 2.37 10.26
N VAL A 609 20.91 3.39 11.09
CA VAL A 609 21.78 4.56 11.01
C VAL A 609 23.22 4.19 11.32
N LEU A 610 23.42 3.39 12.37
CA LEU A 610 24.78 3.01 12.73
C LEU A 610 25.43 2.21 11.62
N ASN A 611 24.74 1.20 11.09
CA ASN A 611 25.33 0.38 10.04
C ASN A 611 25.65 1.21 8.81
N GLN A 612 24.76 2.13 8.45
CA GLN A 612 25.04 3.00 7.32
C GLN A 612 26.26 3.87 7.60
N LEU A 613 26.40 4.33 8.84
CA LEU A 613 27.56 5.14 9.19
C LEU A 613 28.85 4.35 9.04
N LEU A 614 28.86 3.10 9.51
CA LEU A 614 30.04 2.26 9.31
C LEU A 614 30.32 2.07 7.83
N THR A 615 29.29 1.79 7.04
CA THR A 615 29.50 1.53 5.62
C THR A 615 30.11 2.75 4.94
N GLU A 616 29.59 3.94 5.24
CA GLU A 616 30.17 5.16 4.67
C GLU A 616 31.58 5.40 5.19
N MET A 617 31.84 5.04 6.46
CA MET A 617 33.16 5.24 7.02
C MET A 617 34.20 4.41 6.29
N ASP A 618 33.94 3.11 6.12
CA ASP A 618 34.88 2.25 5.43
C ASP A 618 35.04 2.64 3.97
N GLY A 619 34.07 3.34 3.40
CA GLY A 619 34.12 3.75 2.01
C GLY A 619 34.72 5.11 1.75
N MET A 620 35.24 5.77 2.78
CA MET A 620 35.82 7.10 2.58
C MET A 620 37.15 7.02 1.85
N ASN A 621 37.46 8.10 1.13
CA ASN A 621 38.70 8.17 0.37
C ASN A 621 39.86 8.54 1.27
N ALA A 622 40.96 7.79 1.17
CA ALA A 622 42.12 8.07 1.99
C ALA A 622 42.72 9.43 1.65
N LYS A 623 42.75 9.78 0.37
CA LYS A 623 43.35 11.05 -0.05
C LYS A 623 42.49 12.25 0.32
N LYS A 624 41.21 12.05 0.64
CA LYS A 624 40.34 13.16 0.95
C LYS A 624 40.55 13.63 2.38
N THR A 625 40.53 14.94 2.57
CA THR A 625 40.79 15.55 3.87
C THR A 625 39.48 15.73 4.64
N VAL A 626 38.77 14.62 4.81
CA VAL A 626 37.52 14.62 5.58
C VAL A 626 37.76 13.92 6.90
N PHE A 627 38.13 14.69 7.92
CA PHE A 627 38.34 14.14 9.24
C PHE A 627 37.02 14.15 10.00
N ILE A 628 36.78 13.10 10.78
CA ILE A 628 35.52 12.90 11.47
C ILE A 628 35.79 12.75 12.96
N ILE A 629 34.98 13.45 13.76
CA ILE A 629 35.14 13.45 15.21
C ILE A 629 33.82 13.01 15.82
N GLY A 630 33.90 12.06 16.77
CA GLY A 630 32.74 11.56 17.47
C GLY A 630 32.83 11.92 18.94
N ALA A 631 31.71 12.42 19.47
CA ALA A 631 31.61 12.83 20.86
C ALA A 631 30.59 11.96 21.56
N THR A 632 30.97 11.41 22.71
CA THR A 632 30.10 10.55 23.49
C THR A 632 30.30 10.84 24.97
N ASN A 633 29.20 10.93 25.70
CA ASN A 633 29.23 11.08 27.15
C ASN A 633 29.24 9.73 27.87
N ARG A 634 29.18 8.64 27.12
CA ARG A 634 29.12 7.30 27.72
C ARG A 634 29.95 6.37 26.84
N PRO A 635 31.20 6.08 27.21
CA PRO A 635 32.05 5.24 26.35
C PRO A 635 31.83 3.76 26.53
N ASP A 636 31.29 3.31 27.66
CA ASP A 636 31.10 1.90 27.91
C ASP A 636 29.93 1.30 27.15
N ILE A 637 29.11 2.13 26.51
CA ILE A 637 27.94 1.64 25.77
C ILE A 637 28.14 1.69 24.27
N ILE A 638 29.24 2.27 23.78
CA ILE A 638 29.43 2.40 22.35
C ILE A 638 29.73 1.04 21.74
N ASP A 639 29.10 0.75 20.61
CA ASP A 639 29.32 -0.52 19.93
C ASP A 639 30.79 -0.65 19.55
N SER A 640 31.37 -1.82 19.80
CA SER A 640 32.78 -2.04 19.52
C SER A 640 33.08 -1.97 18.02
N ALA A 641 32.10 -2.35 17.18
CA ALA A 641 32.34 -2.32 15.74
C ALA A 641 32.67 -0.92 15.27
N LEU A 642 32.14 0.10 15.92
CA LEU A 642 32.44 1.47 15.54
C LEU A 642 33.86 1.87 15.92
N LEU A 643 34.41 1.26 16.97
CA LEU A 643 35.75 1.58 17.44
C LEU A 643 36.84 0.83 16.69
N ARG A 644 36.48 -0.01 15.73
CA ARG A 644 37.49 -0.78 15.01
C ARG A 644 38.39 0.16 14.21
N PRO A 645 39.66 -0.18 14.06
CA PRO A 645 40.56 0.68 13.28
C PRO A 645 40.04 0.86 11.86
N GLY A 646 40.29 2.06 11.32
CA GLY A 646 39.85 2.41 9.99
C GLY A 646 38.61 3.29 9.95
N ARG A 647 37.83 3.33 11.02
CA ARG A 647 36.64 4.17 11.08
C ARG A 647 36.77 5.27 12.12
N LEU A 648 36.95 4.91 13.38
CA LEU A 648 37.14 5.87 14.47
C LEU A 648 37.89 5.13 15.56
N ASP A 649 39.22 5.33 15.61
CA ASP A 649 40.01 4.53 16.53
C ASP A 649 40.69 5.37 17.60
N GLN A 650 41.28 6.50 17.24
CA GLN A 650 41.89 7.36 18.24
C GLN A 650 40.86 7.75 19.30
N LEU A 651 41.17 7.42 20.55
CA LEU A 651 40.34 7.77 21.69
C LEU A 651 41.11 8.75 22.57
N ILE A 652 40.49 9.88 22.88
CA ILE A 652 41.11 10.93 23.67
C ILE A 652 40.17 11.27 24.82
N TYR A 653 40.73 11.36 26.03
CA TYR A 653 39.97 11.67 27.22
C TYR A 653 39.97 13.17 27.48
N ILE A 654 38.78 13.70 27.75
CA ILE A 654 38.63 15.13 28.06
C ILE A 654 38.34 15.27 29.53
N PRO A 655 39.31 15.66 30.35
CA PRO A 655 39.08 15.75 31.79
C PRO A 655 38.25 16.99 32.16
N LEU A 656 37.75 16.97 33.38
CA LEU A 656 37.09 18.16 33.91
C LEU A 656 38.09 19.30 33.99
N PRO A 657 37.64 20.54 33.80
CA PRO A 657 38.58 21.66 33.78
C PRO A 657 39.35 21.76 35.09
N ASP A 658 40.65 22.04 34.97
CA ASP A 658 41.51 22.21 36.12
C ASP A 658 41.54 23.69 36.51
N GLU A 659 42.47 24.06 37.39
CA GLU A 659 42.50 25.41 37.92
C GLU A 659 42.58 26.44 36.80
N ASP A 660 43.56 26.30 35.90
CA ASP A 660 43.71 27.27 34.82
C ASP A 660 42.57 27.14 33.80
N SER A 661 42.15 25.91 33.52
CA SER A 661 41.03 25.72 32.61
C SER A 661 39.76 26.36 33.16
N ARG A 662 39.51 26.16 34.45
CA ARG A 662 38.33 26.77 35.08
C ARG A 662 38.43 28.29 35.08
N LEU A 663 39.64 28.81 35.31
CA LEU A 663 39.84 30.26 35.21
C LEU A 663 39.49 30.75 33.81
N ASN A 664 39.94 30.03 32.79
CA ASN A 664 39.66 30.43 31.42
C ASN A 664 38.16 30.41 31.13
N ILE A 665 37.47 29.37 31.56
CA ILE A 665 36.03 29.29 31.34
C ILE A 665 35.32 30.43 32.06
N PHE A 666 35.72 30.68 33.30
CA PHE A 666 35.12 31.78 34.07
C PHE A 666 35.27 33.11 33.33
N LYS A 667 36.50 33.44 32.93
CA LYS A 667 36.71 34.72 32.27
C LYS A 667 35.97 34.80 30.94
N ALA A 668 35.90 33.68 30.22
CA ALA A 668 35.16 33.67 28.97
C ALA A 668 33.69 33.96 29.20
N ALA A 669 33.10 33.36 30.24
CA ALA A 669 31.69 33.58 30.52
C ALA A 669 31.45 35.01 30.99
N LEU A 670 32.36 35.56 31.79
CA LEU A 670 32.25 36.95 32.26
C LEU A 670 33.00 37.91 31.35
N ARG A 671 33.59 37.42 30.26
CA ARG A 671 34.36 38.29 29.38
C ARG A 671 33.49 39.42 28.84
N LYS A 672 32.25 39.09 28.47
CA LYS A 672 31.35 40.09 27.91
C LYS A 672 30.78 41.01 28.98
N SER A 673 30.67 40.55 30.23
CA SER A 673 29.98 41.31 31.25
C SER A 673 30.97 42.08 32.13
N PRO A 674 30.58 43.22 32.66
CA PRO A 674 31.42 43.91 33.64
C PRO A 674 31.25 43.32 35.03
N ILE A 675 32.35 43.29 35.78
CA ILE A 675 32.36 42.74 37.13
C ILE A 675 32.86 43.81 38.09
N ALA A 676 32.38 43.74 39.33
CA ALA A 676 32.82 44.67 40.34
C ALA A 676 34.31 44.51 40.60
N LYS A 677 34.99 45.63 40.85
CA LYS A 677 36.43 45.59 41.05
C LYS A 677 36.81 44.70 42.22
N ASP A 678 35.92 44.56 43.20
CA ASP A 678 36.21 43.71 44.35
C ASP A 678 36.34 42.24 43.95
N VAL A 679 35.75 41.86 42.81
CA VAL A 679 35.67 40.47 42.40
C VAL A 679 36.70 40.21 41.31
N ASP A 680 37.65 39.33 41.60
CA ASP A 680 38.53 38.73 40.60
C ASP A 680 38.17 37.26 40.50
N ILE A 681 37.84 36.81 39.29
CA ILE A 681 37.23 35.49 39.15
C ILE A 681 38.27 34.37 39.22
N GLY A 682 39.54 34.67 39.00
CA GLY A 682 40.56 33.64 39.10
C GLY A 682 40.65 33.05 40.51
N ALA A 683 40.46 33.89 41.53
CA ALA A 683 40.50 33.41 42.90
C ALA A 683 39.41 32.36 43.13
N LEU A 684 38.20 32.63 42.64
CA LEU A 684 37.13 31.64 42.76
C LEU A 684 37.43 30.41 41.93
N ALA A 685 37.95 30.61 40.72
CA ALA A 685 38.28 29.48 39.85
C ALA A 685 39.31 28.56 40.50
N LYS A 686 40.18 29.12 41.34
CA LYS A 686 41.28 28.33 41.88
C LYS A 686 40.77 27.16 42.72
N TYR A 687 39.77 27.40 43.57
CA TYR A 687 39.34 26.41 44.55
C TYR A 687 38.16 25.58 44.09
N THR A 688 37.58 25.86 42.93
CA THR A 688 36.33 25.21 42.51
C THR A 688 36.65 24.00 41.61
N GLN A 689 37.39 23.06 42.20
CA GLN A 689 37.75 21.83 41.50
C GLN A 689 36.56 20.88 41.45
N GLY A 690 36.53 20.06 40.40
CA GLY A 690 35.48 19.08 40.22
C GLY A 690 34.19 19.63 39.66
N PHE A 691 34.19 20.86 39.16
CA PHE A 691 32.99 21.51 38.64
C PHE A 691 33.15 21.74 37.15
N SER A 692 32.15 21.32 36.37
CA SER A 692 32.24 21.37 34.92
C SER A 692 31.99 22.78 34.41
N GLY A 693 32.31 22.98 33.13
CA GLY A 693 32.10 24.29 32.52
C GLY A 693 30.65 24.73 32.55
N ALA A 694 29.73 23.78 32.41
CA ALA A 694 28.31 24.11 32.52
C ALA A 694 28.00 24.70 33.89
N ASP A 695 28.54 24.10 34.94
CA ASP A 695 28.34 24.66 36.27
C ASP A 695 28.91 26.07 36.36
N ILE A 696 30.06 26.30 35.72
CA ILE A 696 30.61 27.66 35.70
C ILE A 696 29.62 28.62 35.05
N THR A 697 29.11 28.24 33.89
CA THR A 697 28.18 29.10 33.18
C THR A 697 26.97 29.41 34.06
N GLU A 698 26.49 28.41 34.81
CA GLU A 698 25.31 28.63 35.64
C GLU A 698 25.63 29.48 36.86
N ILE A 699 26.83 29.32 37.43
CA ILE A 699 27.22 30.19 38.54
C ILE A 699 27.22 31.64 38.08
N CYS A 700 27.79 31.90 36.90
CA CYS A 700 27.75 33.25 36.37
C CYS A 700 26.33 33.72 36.09
N GLN A 701 25.50 32.84 35.52
CA GLN A 701 24.12 33.21 35.24
C GLN A 701 23.41 33.62 36.52
N ARG A 702 23.57 32.84 37.58
CA ARG A 702 22.88 33.13 38.83
C ARG A 702 23.46 34.36 39.52
N ALA A 703 24.77 34.58 39.39
CA ALA A 703 25.36 35.77 39.99
C ALA A 703 24.86 37.03 39.30
N CYS A 704 24.89 37.04 37.98
CA CYS A 704 24.27 38.12 37.22
C CYS A 704 22.80 38.28 37.59
N LYS A 705 22.10 37.16 37.76
CA LYS A 705 20.68 37.18 38.07
C LYS A 705 20.40 37.85 39.42
N TYR A 706 21.24 37.56 40.42
CA TYR A 706 21.05 38.18 41.73
C TYR A 706 21.42 39.66 41.70
N ALA A 707 22.54 40.01 41.06
CA ALA A 707 22.85 41.42 40.85
C ALA A 707 21.71 42.11 40.10
N ILE A 708 21.03 41.36 39.25
CA ILE A 708 19.93 41.88 38.45
C ILE A 708 18.72 42.17 39.32
N ARG A 709 18.39 41.25 40.22
CA ARG A 709 17.36 41.53 41.21
C ARG A 709 17.71 42.76 42.03
N GLU A 710 18.99 42.90 42.40
CA GLU A 710 19.41 44.08 43.15
C GLU A 710 19.14 45.35 42.34
N ASN A 711 19.49 45.33 41.05
CA ASN A 711 19.27 46.49 40.20
C ASN A 711 17.80 46.85 40.12
N ILE A 712 16.94 45.84 39.89
CA ILE A 712 15.53 46.15 39.76
C ILE A 712 14.95 46.61 41.09
N GLU A 713 15.43 46.08 42.21
CA GLU A 713 14.95 46.55 43.50
C GLU A 713 15.32 48.01 43.72
N LYS A 714 16.54 48.38 43.34
CA LYS A 714 16.93 49.79 43.41
C LYS A 714 16.04 50.65 42.52
N ASP A 715 15.74 50.16 41.32
CA ASP A 715 14.86 50.91 40.42
C ASP A 715 13.47 51.07 41.02
N ILE A 716 12.95 50.01 41.64
CA ILE A 716 11.61 50.07 42.23
C ILE A 716 11.59 51.04 43.40
N GLU A 717 12.66 51.05 44.21
CA GLU A 717 12.74 52.01 45.30
C GLU A 717 12.80 53.44 44.76
N LYS A 718 13.54 53.64 43.66
CA LYS A 718 13.59 54.95 43.03
C LYS A 718 12.20 55.38 42.55
N GLU A 719 11.45 54.46 41.93
CA GLU A 719 10.10 54.77 41.49
C GLU A 719 9.21 55.10 42.67
N LYS A 720 9.34 54.37 43.77
CA LYS A 720 8.57 54.65 44.97
C LYS A 720 8.89 56.05 45.49
N ARG A 721 10.17 56.40 45.53
CA ARG A 721 10.55 57.74 45.99
C ARG A 721 9.98 58.81 45.08
N ARG A 722 10.02 58.59 43.76
CA ARG A 722 9.46 59.56 42.83
C ARG A 722 7.95 59.69 43.01
N SER A 723 7.27 58.58 43.28
CA SER A 723 5.85 58.64 43.60
C SER A 723 5.62 59.45 44.87
N GLU A 724 6.52 59.32 45.85
CA GLU A 724 6.41 60.12 47.07
C GLU A 724 6.59 61.61 46.76
N ASN A 725 7.54 61.95 45.90
CA ASN A 725 7.85 63.33 45.55
C ASN A 725 7.91 63.45 44.03
N PRO A 726 6.75 63.37 43.35
CA PRO A 726 6.76 63.47 41.89
C PRO A 726 7.30 64.79 41.37
N GLU A 727 7.04 65.89 42.08
CA GLU A 727 7.47 67.21 41.64
C GLU A 727 8.93 67.50 41.97
N ALA A 728 9.55 66.70 42.83
CA ALA A 728 10.95 66.91 43.17
C ALA A 728 11.83 66.73 41.94
N MET A 729 12.42 67.81 41.47
CA MET A 729 13.28 67.73 40.28
C MET A 729 14.44 66.78 40.54
N GLU A 730 14.67 65.88 39.59
CA GLU A 730 15.70 64.85 39.74
C GLU A 730 17.07 65.51 39.64
N GLU A 731 17.72 65.67 40.79
CA GLU A 731 19.07 66.22 40.82
C GLU A 731 20.02 65.36 39.98
N ASP A 732 21.19 65.92 39.68
CA ASP A 732 22.20 65.20 38.92
C ASP A 732 23.00 64.28 39.84
N GLY A 733 22.30 63.45 40.60
CA GLY A 733 22.96 62.50 41.46
C GLY A 733 23.55 61.36 40.64
N VAL A 734 24.86 61.13 40.77
CA VAL A 734 25.52 60.08 39.99
C VAL A 734 24.86 58.75 40.31
N ASP A 735 24.24 58.14 39.32
CA ASP A 735 23.61 56.84 39.52
C ASP A 735 24.65 55.81 39.92
N GLU A 736 24.36 55.05 40.97
CA GLU A 736 25.28 54.01 41.40
C GLU A 736 25.52 53.03 40.27
N VAL A 737 26.78 52.67 40.06
CA VAL A 737 27.16 51.83 38.93
C VAL A 737 26.57 50.44 39.16
N SER A 738 25.66 50.03 38.27
CA SER A 738 25.00 48.73 38.38
C SER A 738 25.98 47.66 37.92
N GLU A 739 26.73 47.12 38.86
CA GLU A 739 27.73 46.09 38.59
C GLU A 739 27.32 44.77 39.24
N ILE A 740 28.11 43.75 38.94
CA ILE A 740 27.94 42.41 39.51
C ILE A 740 28.97 42.26 40.62
N LYS A 741 28.50 42.30 41.87
CA LYS A 741 29.39 42.33 43.02
C LYS A 741 29.55 40.92 43.60
N ALA A 742 30.45 40.83 44.59
CA ALA A 742 30.80 39.53 45.15
C ALA A 742 29.67 38.93 45.99
N ALA A 743 28.82 39.78 46.59
CA ALA A 743 27.72 39.25 47.39
C ALA A 743 26.79 38.41 46.55
N HIS A 744 26.51 38.86 45.33
CA HIS A 744 25.62 38.09 44.45
C HIS A 744 26.31 36.86 43.89
N PHE A 745 27.64 36.89 43.78
CA PHE A 745 28.35 35.65 43.48
C PHE A 745 28.20 34.65 44.61
N GLU A 746 28.26 35.12 45.85
CA GLU A 746 27.99 34.26 47.00
C GLU A 746 26.59 33.67 46.91
N GLU A 747 25.60 34.53 46.64
CA GLU A 747 24.22 34.07 46.55
C GLU A 747 24.03 33.06 45.43
N SER A 748 24.75 33.25 44.32
CA SER A 748 24.66 32.31 43.21
C SER A 748 25.28 30.96 43.56
N MET A 749 26.48 30.99 44.13
CA MET A 749 27.14 29.73 44.49
C MET A 749 26.37 28.98 45.57
N LYS A 750 25.59 29.71 46.37
CA LYS A 750 24.71 29.04 47.32
C LYS A 750 23.77 28.08 46.59
N TYR A 751 23.55 28.31 45.30
CA TYR A 751 22.81 27.40 44.42
C TYR A 751 23.72 26.81 43.36
N ALA A 752 25.00 26.62 43.67
CA ALA A 752 25.94 25.99 42.75
C ALA A 752 25.69 24.49 42.71
N ARG A 753 25.92 23.89 41.56
CA ARG A 753 25.72 22.46 41.33
C ARG A 753 27.00 21.82 40.81
N ARG A 754 27.11 20.51 41.03
CA ARG A 754 28.14 19.69 40.37
C ARG A 754 27.43 18.46 39.81
N SER A 755 27.15 18.49 38.50
CA SER A 755 26.38 17.43 37.88
C SER A 755 27.12 16.10 37.89
N VAL A 756 28.45 16.13 37.82
CA VAL A 756 29.26 14.92 37.72
C VAL A 756 29.79 14.58 39.10
N SER A 757 29.65 13.32 39.49
CA SER A 757 30.18 12.81 40.74
C SER A 757 31.53 12.13 40.51
N ASP A 758 32.24 11.88 41.60
CA ASP A 758 33.53 11.20 41.50
C ASP A 758 33.38 9.77 40.98
N ALA A 759 32.18 9.18 41.07
CA ALA A 759 31.97 7.84 40.54
C ALA A 759 31.98 7.85 39.02
N ASP A 760 31.38 8.87 38.40
CA ASP A 760 31.41 8.96 36.95
C ASP A 760 32.85 9.16 36.46
N ILE A 761 33.62 10.01 37.13
CA ILE A 761 35.00 10.19 36.75
C ILE A 761 35.79 8.92 37.01
N ARG A 762 35.41 8.16 38.04
CA ARG A 762 36.05 6.88 38.28
C ARG A 762 35.79 5.91 37.12
N LYS A 763 34.57 5.91 36.60
CA LYS A 763 34.27 5.10 35.42
C LYS A 763 35.08 5.57 34.22
N TYR A 764 35.19 6.88 34.05
CA TYR A 764 35.93 7.42 32.91
C TYR A 764 37.40 7.03 32.99
N GLN A 765 38.00 7.12 34.19
CA GLN A 765 39.40 6.75 34.33
C GLN A 765 39.59 5.24 34.28
N ALA A 766 38.56 4.47 34.63
CA ALA A 766 38.62 3.02 34.40
C ALA A 766 38.69 2.72 32.91
N PHE A 767 37.87 3.42 32.11
CA PHE A 767 37.97 3.28 30.66
C PHE A 767 39.34 3.73 30.17
N ALA A 768 39.84 4.84 30.71
CA ALA A 768 41.16 5.34 30.31
C ALA A 768 42.26 4.35 30.67
N GLN A 769 42.11 3.62 31.78
CA GLN A 769 43.09 2.61 32.14
C GLN A 769 42.99 1.40 31.24
N THR A 770 41.77 0.95 30.96
CA THR A 770 41.59 -0.15 30.02
C THR A 770 42.16 0.21 28.66
N LEU A 771 42.24 1.50 28.35
CA LEU A 771 42.85 1.93 27.09
C LEU A 771 44.37 2.02 27.21
N GLN A 772 44.87 2.55 28.32
CA GLN A 772 46.29 2.87 28.47
C GLN A 772 47.16 1.63 28.39
N GLN A 773 47.07 0.76 29.39
CA GLN A 773 47.80 -0.50 29.41
C GLN A 773 49.23 -0.35 28.91
N SER A 774 49.92 0.71 29.31
CA SER A 774 51.27 1.01 28.85
C SER A 774 52.24 0.88 30.01
N ARG A 775 53.21 -0.01 29.87
CA ARG A 775 54.21 -0.25 30.91
C ARG A 775 55.27 -1.19 30.35
N GLY A 776 56.33 -1.39 31.12
CA GLY A 776 57.35 -2.37 30.79
C GLY A 776 58.54 -1.81 30.03
N PHE A 777 58.32 -1.30 28.82
CA PHE A 777 59.40 -0.89 27.93
C PHE A 777 59.55 0.63 27.86
N GLY A 778 59.14 1.34 28.90
CA GLY A 778 59.31 2.79 28.90
C GLY A 778 60.77 3.20 28.81
N SER A 779 61.64 2.49 29.55
CA SER A 779 63.06 2.80 29.55
C SER A 779 63.95 1.57 29.50
N GLU A 780 63.39 0.36 29.43
CA GLU A 780 64.19 -0.85 29.46
C GLU A 780 64.76 -1.22 28.09
N PHE A 781 64.43 -0.48 27.04
CA PHE A 781 64.83 -0.80 25.68
C PHE A 781 65.96 0.14 25.25
N ARG A 782 67.06 -0.43 24.79
CA ARG A 782 68.13 0.34 24.16
C ARG A 782 68.96 -0.59 23.29
N PHE A 783 69.38 -0.08 22.14
CA PHE A 783 70.16 -0.86 21.19
C PHE A 783 71.61 -0.95 21.62
N GLU A 784 72.27 -2.01 21.16
CA GLU A 784 73.67 -2.24 21.48
C GLU A 784 74.56 -1.21 20.77
N PRO B 32 -13.74 67.03 12.91
CA PRO B 32 -14.91 67.81 13.34
C PRO B 32 -16.14 67.58 12.46
N ASN B 33 -15.91 67.05 11.26
CA ASN B 33 -16.98 66.79 10.31
C ASN B 33 -17.53 65.37 10.41
N ARG B 34 -17.03 64.57 11.37
CA ARG B 34 -17.52 63.22 11.61
C ARG B 34 -18.50 63.24 12.77
N LEU B 35 -19.68 62.65 12.57
CA LEU B 35 -20.72 62.66 13.58
C LEU B 35 -21.37 61.28 13.63
N VAL B 36 -21.95 60.97 14.79
CA VAL B 36 -22.61 59.69 15.02
C VAL B 36 -24.04 59.78 14.53
N VAL B 37 -24.52 58.70 13.91
CA VAL B 37 -25.87 58.69 13.36
C VAL B 37 -26.88 58.55 14.50
N ASP B 38 -27.98 59.29 14.40
CA ASP B 38 -29.04 59.27 15.39
C ASP B 38 -30.38 59.44 14.70
N GLU B 39 -31.44 59.03 15.39
CA GLU B 39 -32.78 59.14 14.85
C GLU B 39 -33.18 60.61 14.73
N ALA B 40 -33.84 60.95 13.62
CA ALA B 40 -34.24 62.31 13.33
C ALA B 40 -35.72 62.52 13.65
N ILE B 41 -36.03 63.72 14.15
CA ILE B 41 -37.42 64.07 14.42
C ILE B 41 -38.22 64.11 13.12
N ASN B 42 -37.65 64.69 12.07
CA ASN B 42 -38.33 64.79 10.79
C ASN B 42 -38.17 63.50 10.00
N ASP B 43 -39.28 62.99 9.45
CA ASP B 43 -39.28 61.78 8.65
C ASP B 43 -39.01 62.03 7.18
N ASP B 44 -38.81 63.28 6.78
CA ASP B 44 -38.55 63.59 5.38
C ASP B 44 -37.31 62.85 4.89
N ASN B 45 -37.40 62.34 3.66
CA ASN B 45 -36.33 61.51 3.13
C ASN B 45 -35.12 62.34 2.73
N SER B 46 -35.33 63.56 2.27
CA SER B 46 -34.26 64.40 1.74
C SER B 46 -33.78 65.46 2.72
N VAL B 47 -34.16 65.35 4.00
CA VAL B 47 -33.80 66.33 5.02
C VAL B 47 -33.05 65.62 6.13
N VAL B 48 -31.93 66.19 6.55
CA VAL B 48 -31.15 65.69 7.68
C VAL B 48 -30.94 66.85 8.64
N SER B 49 -30.70 66.50 9.91
CA SER B 49 -30.57 67.47 10.99
C SER B 49 -29.16 67.41 11.58
N LEU B 50 -28.61 68.59 11.86
CA LEU B 50 -27.28 68.72 12.44
C LEU B 50 -27.33 69.75 13.56
N HIS B 51 -26.41 69.60 14.50
CA HIS B 51 -26.34 70.51 15.64
C HIS B 51 -25.90 71.88 15.14
N PRO B 52 -26.57 72.98 15.54
CA PRO B 52 -26.27 74.28 14.91
C PRO B 52 -24.81 74.70 15.00
N ALA B 53 -24.19 74.62 16.18
CA ALA B 53 -22.77 74.97 16.30
C ALA B 53 -21.91 74.09 15.41
N THR B 54 -22.27 72.80 15.29
CA THR B 54 -21.52 71.91 14.41
C THR B 54 -21.63 72.38 12.96
N MET B 55 -22.83 72.81 12.54
CA MET B 55 -22.99 73.35 11.20
C MET B 55 -22.15 74.60 11.01
N GLU B 56 -22.13 75.48 12.02
CA GLU B 56 -21.33 76.69 11.93
C GLU B 56 -19.85 76.37 11.79
N LYS B 57 -19.37 75.36 12.51
CA LYS B 57 -17.99 74.94 12.37
C LYS B 57 -17.70 74.49 10.94
N LEU B 58 -18.66 73.81 10.32
CA LEU B 58 -18.54 73.40 8.93
C LEU B 58 -19.06 74.46 7.96
N GLN B 59 -19.48 75.62 8.45
CA GLN B 59 -19.94 76.72 7.60
C GLN B 59 -21.17 76.30 6.79
N LEU B 60 -22.02 75.48 7.40
CA LEU B 60 -23.24 74.99 6.76
C LEU B 60 -24.43 75.78 7.28
N PHE B 61 -25.30 76.19 6.36
CA PHE B 61 -26.51 76.94 6.68
C PHE B 61 -27.74 76.08 6.48
N ARG B 62 -28.81 76.44 7.16
CA ARG B 62 -30.06 75.70 7.06
C ARG B 62 -30.58 75.73 5.63
N GLY B 63 -31.01 74.57 5.14
CA GLY B 63 -31.55 74.45 3.80
C GLY B 63 -30.53 74.19 2.72
N ASP B 64 -29.25 74.23 3.03
CA ASP B 64 -28.21 73.98 2.03
C ASP B 64 -28.11 72.49 1.73
N THR B 65 -27.55 72.19 0.56
CA THR B 65 -27.31 70.81 0.14
C THR B 65 -25.93 70.37 0.61
N ILE B 66 -25.88 69.24 1.31
CA ILE B 66 -24.64 68.72 1.88
C ILE B 66 -24.43 67.29 1.39
N LEU B 67 -23.18 66.95 1.13
CA LEU B 67 -22.81 65.60 0.72
C LEU B 67 -22.38 64.81 1.95
N ILE B 68 -23.04 63.69 2.19
CA ILE B 68 -22.78 62.84 3.36
C ILE B 68 -22.17 61.54 2.85
N LYS B 69 -21.04 61.14 3.44
CA LYS B 69 -20.36 59.91 3.09
C LYS B 69 -20.53 58.91 4.23
N GLY B 70 -20.96 57.71 3.88
CA GLY B 70 -21.21 56.68 4.88
C GLY B 70 -20.28 55.49 4.76
N LYS B 71 -20.84 54.29 4.76
CA LYS B 71 -20.07 53.06 4.68
C LYS B 71 -20.01 52.57 3.24
N LYS B 72 -19.04 51.71 2.96
CA LYS B 72 -18.85 51.12 1.65
C LYS B 72 -18.61 52.18 0.58
N ARG B 73 -18.05 53.33 1.00
CA ARG B 73 -17.78 54.44 0.10
C ARG B 73 -19.05 54.89 -0.62
N LYS B 74 -20.21 54.74 0.05
CA LYS B 74 -21.49 55.18 -0.49
C LYS B 74 -21.86 56.49 0.18
N ASP B 75 -22.12 57.52 -0.64
CA ASP B 75 -22.49 58.83 -0.14
C ASP B 75 -23.85 59.23 -0.70
N THR B 76 -24.43 60.26 -0.09
CA THR B 76 -25.73 60.77 -0.50
C THR B 76 -25.77 62.28 -0.26
N VAL B 77 -26.80 62.91 -0.80
CA VAL B 77 -26.99 64.36 -0.68
C VAL B 77 -28.30 64.60 0.04
N CYS B 78 -28.25 65.46 1.06
CA CYS B 78 -29.42 65.76 1.88
C CYS B 78 -29.44 67.25 2.21
N ILE B 79 -30.62 67.73 2.58
CA ILE B 79 -30.81 69.12 2.97
C ILE B 79 -30.49 69.24 4.46
N ALA B 80 -29.54 70.11 4.78
CA ALA B 80 -29.07 70.26 6.16
C ALA B 80 -29.91 71.30 6.89
N LEU B 81 -30.46 70.90 8.04
CA LEU B 81 -31.24 71.79 8.88
C LEU B 81 -30.64 71.80 10.28
N ALA B 82 -30.74 72.96 10.93
CA ALA B 82 -30.22 73.11 12.29
C ALA B 82 -31.21 72.54 13.29
N ASP B 83 -30.70 71.70 14.19
CA ASP B 83 -31.51 71.06 15.24
C ASP B 83 -30.76 71.19 16.56
N GLU B 84 -31.22 72.10 17.42
CA GLU B 84 -30.55 72.32 18.70
C GLU B 84 -30.65 71.10 19.61
N THR B 85 -31.69 70.28 19.48
CA THR B 85 -31.85 69.11 20.32
C THR B 85 -30.88 67.99 19.94
N CYS B 86 -30.18 68.10 18.82
CA CYS B 86 -29.23 67.08 18.39
C CYS B 86 -27.87 67.36 19.03
N GLU B 87 -27.24 66.31 19.55
CA GLU B 87 -25.96 66.46 20.23
C GLU B 87 -24.89 66.93 19.26
N GLU B 88 -23.91 67.66 19.79
CA GLU B 88 -22.84 68.21 18.96
C GLU B 88 -22.10 67.13 18.16
N PRO B 89 -21.66 66.03 18.74
CA PRO B 89 -20.99 64.98 17.96
C PRO B 89 -21.93 64.00 17.27
N LYS B 90 -23.22 64.31 17.19
CA LYS B 90 -24.22 63.43 16.58
C LYS B 90 -24.87 64.11 15.39
N ILE B 91 -25.30 63.29 14.43
CA ILE B 91 -26.04 63.75 13.26
C ILE B 91 -27.34 62.95 13.20
N ARG B 92 -28.44 63.66 13.03
CA ARG B 92 -29.77 63.06 13.05
C ARG B 92 -30.29 62.91 11.63
N MET B 93 -30.77 61.72 11.30
CA MET B 93 -31.31 61.45 9.97
C MET B 93 -32.18 60.20 10.04
N ASN B 94 -33.13 60.11 9.11
CA ASN B 94 -34.18 59.12 9.16
C ASN B 94 -33.71 57.79 8.56
N LYS B 95 -34.64 56.83 8.50
CA LYS B 95 -34.30 55.49 8.01
C LYS B 95 -33.91 55.53 6.53
N VAL B 96 -34.57 56.37 5.74
CA VAL B 96 -34.29 56.40 4.30
C VAL B 96 -32.84 56.82 4.06
N VAL B 97 -32.40 57.88 4.73
CA VAL B 97 -31.03 58.34 4.53
C VAL B 97 -30.05 57.34 5.12
N ARG B 98 -30.43 56.68 6.22
CA ARG B 98 -29.60 55.61 6.76
C ARG B 98 -29.36 54.53 5.72
N SER B 99 -30.43 54.11 5.04
CA SER B 99 -30.27 53.12 3.97
C SER B 99 -29.42 53.66 2.84
N ASN B 100 -29.62 54.93 2.48
CA ASN B 100 -28.81 55.53 1.41
C ASN B 100 -27.34 55.55 1.79
N LEU B 101 -27.03 55.88 3.05
CA LEU B 101 -25.65 55.90 3.51
C LEU B 101 -25.13 54.54 3.93
N ARG B 102 -26.00 53.52 3.97
CA ARG B 102 -25.61 52.17 4.36
C ARG B 102 -25.03 52.16 5.78
N VAL B 103 -25.65 52.95 6.66
CA VAL B 103 -25.22 53.05 8.05
C VAL B 103 -26.43 52.89 8.95
N ARG B 104 -26.16 52.57 10.22
CA ARG B 104 -27.18 52.36 11.23
C ARG B 104 -26.87 53.23 12.44
N LEU B 105 -27.70 53.13 13.47
CA LEU B 105 -27.51 53.93 14.67
C LEU B 105 -26.17 53.60 15.31
N GLY B 106 -25.47 54.64 15.74
CA GLY B 106 -24.16 54.49 16.35
C GLY B 106 -23.00 54.57 15.38
N ASP B 107 -23.25 54.48 14.09
CA ASP B 107 -22.19 54.58 13.10
C ASP B 107 -21.75 56.03 12.95
N VAL B 108 -20.50 56.20 12.52
CA VAL B 108 -19.91 57.51 12.32
C VAL B 108 -19.88 57.81 10.83
N ILE B 109 -20.40 58.96 10.44
CA ILE B 109 -20.45 59.39 9.05
C ILE B 109 -19.87 60.79 8.94
N SER B 110 -19.45 61.14 7.73
CA SER B 110 -18.80 62.42 7.45
C SER B 110 -19.71 63.29 6.61
N VAL B 111 -19.71 64.59 6.92
CA VAL B 111 -20.54 65.57 6.22
C VAL B 111 -19.61 66.60 5.61
N HIS B 112 -19.79 66.88 4.32
CA HIS B 112 -18.97 67.85 3.60
C HIS B 112 -19.87 68.81 2.83
N GLN B 113 -19.40 70.04 2.69
CA GLN B 113 -20.15 71.04 1.94
C GLN B 113 -20.32 70.61 0.49
N CYS B 114 -21.54 70.76 -0.03
CA CYS B 114 -21.86 70.42 -1.41
C CYS B 114 -22.60 71.58 -2.05
N PRO B 115 -21.92 72.70 -2.28
CA PRO B 115 -22.54 73.83 -2.99
C PRO B 115 -22.60 73.65 -4.50
N ASP B 116 -22.13 72.53 -5.03
CA ASP B 116 -22.09 72.28 -6.46
C ASP B 116 -23.27 71.45 -6.95
N VAL B 117 -24.26 71.20 -6.10
CA VAL B 117 -25.43 70.44 -6.51
C VAL B 117 -26.27 71.32 -7.43
N LYS B 118 -26.36 70.91 -8.70
CA LYS B 118 -27.09 71.68 -9.70
C LYS B 118 -28.52 71.17 -9.82
N TYR B 119 -29.43 72.09 -10.14
CA TYR B 119 -30.83 71.71 -10.33
C TYR B 119 -30.94 70.72 -11.48
N GLY B 120 -31.54 69.56 -11.19
CA GLY B 120 -31.61 68.49 -12.16
C GLY B 120 -32.37 68.85 -13.41
N LYS B 121 -31.72 68.68 -14.57
CA LYS B 121 -32.43 68.83 -15.84
C LYS B 121 -33.32 67.63 -16.11
N ARG B 122 -32.83 66.43 -15.83
CA ARG B 122 -33.61 65.21 -15.98
C ARG B 122 -33.14 64.21 -14.94
N VAL B 123 -34.09 63.50 -14.34
CA VAL B 123 -33.80 62.48 -13.34
C VAL B 123 -34.58 61.22 -13.70
N HIS B 124 -33.91 60.08 -13.67
CA HIS B 124 -34.53 58.79 -13.97
C HIS B 124 -34.67 58.02 -12.65
N ILE B 125 -35.91 57.78 -12.24
CA ILE B 125 -36.23 57.07 -11.01
C ILE B 125 -37.24 55.99 -11.33
N LEU B 126 -37.05 54.81 -10.75
CA LEU B 126 -37.94 53.68 -11.02
C LEU B 126 -38.47 53.12 -9.70
N PRO B 127 -39.66 52.50 -9.73
CA PRO B 127 -40.26 52.00 -8.49
C PRO B 127 -39.81 50.59 -8.14
N VAL B 128 -40.38 50.05 -7.07
CA VAL B 128 -40.13 48.68 -6.64
C VAL B 128 -41.26 47.80 -7.17
N ASP B 129 -40.92 46.54 -7.50
CA ASP B 129 -41.88 45.66 -8.16
C ASP B 129 -43.08 45.39 -7.26
N ASP B 130 -42.84 45.11 -5.97
CA ASP B 130 -43.93 44.75 -5.08
C ASP B 130 -44.75 45.96 -4.63
N THR B 131 -44.13 47.13 -4.55
CA THR B 131 -44.81 48.32 -4.07
C THR B 131 -45.77 48.92 -5.09
N VAL B 132 -45.73 48.47 -6.35
CA VAL B 132 -46.55 49.05 -7.40
C VAL B 132 -47.80 48.23 -7.71
N GLU B 133 -47.88 46.99 -7.23
CA GLU B 133 -49.07 46.19 -7.47
C GLU B 133 -50.29 46.86 -6.87
N GLY B 134 -51.37 46.91 -7.64
CA GLY B 134 -52.60 47.54 -7.21
C GLY B 134 -52.70 49.02 -7.50
N VAL B 135 -51.64 49.65 -8.01
CA VAL B 135 -51.63 51.06 -8.35
C VAL B 135 -51.78 51.20 -9.85
N THR B 136 -52.76 51.99 -10.28
CA THR B 136 -53.07 52.18 -11.69
C THR B 136 -52.69 53.60 -12.11
N GLY B 137 -52.16 53.72 -13.32
CA GLY B 137 -51.73 54.99 -13.87
C GLY B 137 -50.22 55.15 -13.85
N ASN B 138 -49.79 56.39 -13.96
CA ASN B 138 -48.37 56.74 -13.93
C ASN B 138 -47.93 56.90 -12.49
N LEU B 139 -47.04 56.02 -12.04
CA LEU B 139 -46.56 56.11 -10.66
C LEU B 139 -45.80 57.41 -10.42
N PHE B 140 -45.21 57.99 -11.46
CA PHE B 140 -44.54 59.28 -11.33
C PHE B 140 -45.53 60.37 -10.92
N ASP B 141 -46.64 60.46 -11.64
CA ASP B 141 -47.63 61.49 -11.34
C ASP B 141 -48.23 61.29 -9.95
N ALA B 142 -48.52 60.03 -9.60
CA ALA B 142 -49.18 59.76 -8.33
C ALA B 142 -48.28 60.12 -7.15
N TYR B 143 -47.01 59.72 -7.20
CA TYR B 143 -46.11 59.83 -6.06
C TYR B 143 -44.95 60.78 -6.31
N LEU B 144 -44.16 60.57 -7.37
CA LEU B 144 -42.93 61.32 -7.52
C LEU B 144 -43.17 62.75 -7.97
N LYS B 145 -44.18 62.98 -8.80
CA LYS B 145 -44.42 64.33 -9.31
C LYS B 145 -44.74 65.31 -8.17
N PRO B 146 -45.67 65.03 -7.27
CA PRO B 146 -45.87 65.93 -6.13
C PRO B 146 -44.77 65.82 -5.08
N TYR B 147 -44.09 64.68 -5.01
CA TYR B 147 -43.03 64.51 -4.03
C TYR B 147 -41.81 65.40 -4.34
N PHE B 148 -41.55 65.63 -5.63
CA PHE B 148 -40.40 66.43 -6.04
C PHE B 148 -40.78 67.85 -6.46
N LEU B 149 -42.03 68.08 -6.83
CA LEU B 149 -42.43 69.40 -7.31
C LEU B 149 -42.34 70.42 -6.18
N GLU B 150 -41.51 71.43 -6.36
CA GLU B 150 -41.29 72.54 -5.45
C GLU B 150 -40.63 72.11 -4.15
N ALA B 151 -40.29 70.83 -3.98
CA ALA B 151 -39.62 70.37 -2.78
C ALA B 151 -38.11 70.52 -2.85
N TYR B 152 -37.54 70.58 -4.07
CA TYR B 152 -36.11 70.77 -4.24
C TYR B 152 -35.30 69.74 -3.46
N ARG B 153 -35.76 68.49 -3.54
CA ARG B 153 -35.11 67.42 -2.80
C ARG B 153 -33.87 66.94 -3.57
N PRO B 154 -32.68 67.00 -2.99
CA PRO B 154 -31.50 66.45 -3.69
C PRO B 154 -31.63 64.96 -3.87
N VAL B 155 -31.13 64.47 -5.01
CA VAL B 155 -31.18 63.05 -5.34
C VAL B 155 -29.83 62.65 -5.92
N ARG B 156 -29.37 61.45 -5.53
CA ARG B 156 -28.11 60.89 -6.01
C ARG B 156 -28.37 59.54 -6.66
N LYS B 157 -27.50 59.18 -7.61
CA LYS B 157 -27.64 57.91 -8.30
C LYS B 157 -27.67 56.76 -7.31
N GLY B 158 -28.67 55.89 -7.46
CA GLY B 158 -28.82 54.74 -6.60
C GLY B 158 -29.54 55.01 -5.30
N ASP B 159 -29.91 56.25 -5.02
CA ASP B 159 -30.61 56.56 -3.78
C ASP B 159 -32.01 55.97 -3.81
N LEU B 160 -32.51 55.63 -2.62
CA LEU B 160 -33.85 55.08 -2.45
C LEU B 160 -34.62 55.91 -1.43
N PHE B 161 -35.94 55.93 -1.59
CA PHE B 161 -36.80 56.67 -0.68
C PHE B 161 -38.21 56.12 -0.77
N LEU B 162 -39.02 56.46 0.23
CA LEU B 162 -40.41 56.03 0.32
C LEU B 162 -41.30 57.26 0.19
N VAL B 163 -42.28 57.19 -0.70
CA VAL B 163 -43.19 58.30 -0.98
C VAL B 163 -44.60 57.85 -0.61
N ARG B 164 -45.32 58.71 0.13
CA ARG B 164 -46.66 58.42 0.60
C ARG B 164 -47.68 59.08 -0.32
N GLY B 165 -48.69 58.32 -0.73
CA GLY B 165 -49.72 58.85 -1.59
C GLY B 165 -50.80 57.82 -1.89
N GLY B 166 -52.04 58.27 -2.02
CA GLY B 166 -53.14 57.36 -2.31
C GLY B 166 -53.28 56.25 -1.30
N MET B 167 -53.13 56.56 -0.01
CA MET B 167 -53.27 55.64 1.11
C MET B 167 -52.12 54.63 1.17
N ARG B 168 -51.22 54.62 0.18
CA ARG B 168 -50.17 53.62 0.09
C ARG B 168 -48.81 54.30 0.00
N SER B 169 -47.80 53.62 0.52
CA SER B 169 -46.42 54.07 0.45
C SER B 169 -45.67 53.21 -0.58
N VAL B 170 -45.02 53.86 -1.53
CA VAL B 170 -44.36 53.19 -2.65
C VAL B 170 -42.89 53.55 -2.63
N GLU B 171 -42.04 52.53 -2.72
CA GLU B 171 -40.59 52.74 -2.74
C GLU B 171 -40.12 53.10 -4.15
N PHE B 172 -39.14 53.98 -4.22
CA PHE B 172 -38.58 54.43 -5.50
C PHE B 172 -37.07 54.47 -5.39
N LYS B 173 -36.39 54.08 -6.46
CA LYS B 173 -34.94 54.08 -6.54
C LYS B 173 -34.50 55.00 -7.67
N VAL B 174 -33.52 55.85 -7.38
CA VAL B 174 -33.01 56.79 -8.39
C VAL B 174 -32.05 56.03 -9.29
N ILE B 175 -32.30 56.10 -10.60
CA ILE B 175 -31.47 55.39 -11.57
C ILE B 175 -30.33 56.26 -12.07
N GLU B 176 -30.62 57.50 -12.45
CA GLU B 176 -29.59 58.39 -12.98
C GLU B 176 -30.03 59.83 -12.77
N THR B 177 -29.05 60.73 -12.80
CA THR B 177 -29.28 62.16 -12.68
C THR B 177 -28.52 62.88 -13.78
N ASP B 178 -29.03 64.05 -14.17
CA ASP B 178 -28.46 64.79 -15.30
C ASP B 178 -26.98 65.10 -15.04
N PRO B 179 -26.61 65.61 -13.87
CA PRO B 179 -25.18 65.80 -13.59
C PRO B 179 -24.38 64.50 -13.56
N ALA B 180 -25.06 63.36 -13.43
CA ALA B 180 -24.47 62.03 -13.34
C ALA B 180 -23.90 61.74 -11.95
N GLU B 181 -23.97 62.70 -11.03
CA GLU B 181 -23.55 62.46 -9.66
C GLU B 181 -24.72 62.68 -8.70
N TYR B 182 -25.34 63.85 -8.77
CA TYR B 182 -26.49 64.18 -7.93
C TYR B 182 -27.03 65.53 -8.37
N CYS B 183 -28.30 65.77 -8.07
CA CYS B 183 -28.96 67.00 -8.47
C CYS B 183 -30.14 67.28 -7.54
N VAL B 184 -30.59 68.52 -7.55
CA VAL B 184 -31.79 68.93 -6.82
C VAL B 184 -32.95 68.92 -7.80
N VAL B 185 -33.95 68.09 -7.52
CA VAL B 185 -35.09 67.95 -8.42
C VAL B 185 -36.00 69.16 -8.23
N ALA B 186 -36.05 70.01 -9.25
CA ALA B 186 -36.82 71.25 -9.23
C ALA B 186 -38.14 71.06 -9.97
N PRO B 187 -39.08 72.00 -9.82
CA PRO B 187 -40.34 71.87 -10.57
C PRO B 187 -40.14 71.76 -12.08
N ASP B 188 -39.12 72.42 -12.63
CA ASP B 188 -38.82 72.32 -14.04
C ASP B 188 -38.09 71.03 -14.40
N THR B 189 -37.64 70.26 -13.41
CA THR B 189 -36.93 69.02 -13.68
C THR B 189 -37.87 68.01 -14.32
N GLU B 190 -37.38 67.33 -15.36
CA GLU B 190 -38.14 66.30 -16.05
C GLU B 190 -37.80 64.95 -15.43
N ILE B 191 -38.71 64.41 -14.62
CA ILE B 191 -38.51 63.14 -13.95
C ILE B 191 -39.15 62.05 -14.79
N PHE B 192 -38.37 61.03 -15.13
CA PHE B 192 -38.82 59.93 -15.97
C PHE B 192 -38.85 58.65 -15.17
N CYS B 193 -39.96 57.91 -15.28
CA CYS B 193 -40.12 56.63 -14.58
C CYS B 193 -40.47 55.52 -15.56
N GLU B 194 -39.91 55.56 -16.75
CA GLU B 194 -40.13 54.52 -17.76
C GLU B 194 -39.02 53.50 -17.67
N GLY B 195 -39.32 52.35 -17.09
CA GLY B 195 -38.33 51.30 -16.95
C GLY B 195 -38.90 50.13 -16.16
N GLU B 196 -38.06 49.11 -16.00
CA GLU B 196 -38.48 47.92 -15.28
C GLU B 196 -38.54 48.21 -13.77
N PRO B 197 -39.47 47.58 -13.05
CA PRO B 197 -39.50 47.75 -11.60
C PRO B 197 -38.27 47.15 -10.94
N VAL B 198 -37.90 47.70 -9.80
CA VAL B 198 -36.75 47.24 -9.03
C VAL B 198 -37.19 46.13 -8.10
N LYS B 199 -36.41 45.06 -8.04
CA LYS B 199 -36.75 43.90 -7.22
C LYS B 199 -36.35 44.15 -5.77
N ARG B 200 -37.28 43.87 -4.84
CA ARG B 200 -37.02 44.11 -3.44
C ARG B 200 -35.94 43.17 -2.90
N GLU B 201 -35.98 41.89 -3.28
CA GLU B 201 -35.00 40.94 -2.77
C GLU B 201 -33.60 41.32 -3.22
N ASP B 202 -33.43 41.69 -4.49
CA ASP B 202 -32.13 42.15 -4.95
C ASP B 202 -31.73 43.46 -4.27
N GLU B 203 -32.69 44.34 -4.03
CA GLU B 203 -32.40 45.60 -3.34
C GLU B 203 -31.90 45.36 -1.92
N GLU B 204 -32.39 44.31 -1.27
CA GLU B 204 -31.96 44.02 0.09
C GLU B 204 -30.47 43.73 0.18
N ARG B 205 -29.84 43.37 -0.93
CA ARG B 205 -28.40 43.16 -0.93
C ARG B 205 -27.63 44.46 -0.65
N LEU B 206 -28.29 45.61 -0.76
CA LEU B 206 -27.60 46.88 -0.52
C LEU B 206 -27.09 46.97 0.90
N ASP B 207 -27.65 46.20 1.83
CA ASP B 207 -27.12 46.13 3.20
C ASP B 207 -25.88 45.25 3.21
N ASP B 208 -24.89 45.66 2.41
CA ASP B 208 -23.69 44.87 2.22
C ASP B 208 -22.87 44.84 3.51
N VAL B 209 -22.12 43.75 3.67
CA VAL B 209 -21.40 43.50 4.91
C VAL B 209 -20.28 44.52 5.07
N GLY B 210 -20.08 44.98 6.31
CA GLY B 210 -18.99 45.86 6.65
C GLY B 210 -18.14 45.30 7.79
N TYR B 211 -17.23 46.11 8.32
CA TYR B 211 -16.42 45.66 9.43
C TYR B 211 -17.27 45.35 10.66
N ASP B 212 -18.40 46.05 10.81
CA ASP B 212 -19.22 45.90 12.01
C ASP B 212 -19.98 44.58 12.04
N ASP B 213 -20.10 43.89 10.92
CA ASP B 213 -20.86 42.65 10.84
C ASP B 213 -20.03 41.42 11.17
N VAL B 214 -18.79 41.61 11.62
CA VAL B 214 -17.93 40.51 12.03
C VAL B 214 -17.42 40.80 13.44
N GLY B 215 -17.03 39.74 14.13
CA GLY B 215 -16.53 39.89 15.49
C GLY B 215 -15.63 38.74 15.87
N GLY B 216 -14.92 38.95 16.97
CA GLY B 216 -13.99 37.95 17.49
C GLY B 216 -12.65 37.90 16.77
N VAL B 217 -12.41 38.79 15.82
CA VAL B 217 -11.20 38.75 15.02
C VAL B 217 -10.54 40.12 14.98
N ARG B 218 -10.71 40.89 16.07
CA ARG B 218 -10.26 42.28 16.06
C ARG B 218 -8.81 42.41 15.61
N LYS B 219 -7.92 41.62 16.22
CA LYS B 219 -6.51 41.73 15.87
C LYS B 219 -6.25 41.23 14.45
N GLN B 220 -6.77 40.06 14.10
CA GLN B 220 -6.65 39.56 12.74
C GLN B 220 -7.35 40.51 11.77
N MET B 221 -8.44 41.11 12.21
CA MET B 221 -9.13 42.10 11.39
C MET B 221 -8.22 43.27 11.09
N ALA B 222 -7.50 43.78 12.09
CA ALA B 222 -6.56 44.87 11.86
C ALA B 222 -5.47 44.45 10.89
N GLN B 223 -4.91 43.25 11.09
CA GLN B 223 -3.84 42.80 10.20
C GLN B 223 -4.32 42.71 8.76
N ILE B 224 -5.52 42.18 8.55
CA ILE B 224 -6.02 42.03 7.19
C ILE B 224 -6.37 43.38 6.60
N ARG B 225 -7.05 44.23 7.37
CA ARG B 225 -7.39 45.56 6.89
C ARG B 225 -6.14 46.31 6.46
N GLU B 226 -5.12 46.33 7.32
CA GLU B 226 -3.86 46.95 6.93
C GLU B 226 -3.34 46.32 5.63
N LEU B 227 -2.96 45.04 5.69
CA LEU B 227 -2.26 44.41 4.57
C LEU B 227 -3.01 44.54 3.26
N VAL B 228 -4.33 44.71 3.29
CA VAL B 228 -5.10 44.71 2.05
C VAL B 228 -5.47 46.13 1.67
N GLU B 229 -6.27 46.77 2.51
CA GLU B 229 -6.80 48.08 2.19
C GLU B 229 -5.70 49.10 1.94
N LEU B 230 -4.55 49.00 2.65
CA LEU B 230 -3.54 50.05 2.49
C LEU B 230 -3.03 50.15 1.06
N PRO B 231 -2.42 49.11 0.49
CA PRO B 231 -1.93 49.23 -0.89
C PRO B 231 -3.01 49.58 -1.89
N LEU B 232 -4.21 49.02 -1.74
CA LEU B 232 -5.27 49.25 -2.73
C LEU B 232 -5.75 50.68 -2.69
N ARG B 233 -5.96 51.24 -1.50
CA ARG B 233 -6.46 52.60 -1.39
C ARG B 233 -5.35 53.64 -1.47
N HIS B 234 -4.20 53.37 -0.87
CA HIS B 234 -3.08 54.30 -0.84
C HIS B 234 -1.80 53.58 -1.25
N PRO B 235 -1.71 53.15 -2.52
CA PRO B 235 -0.45 52.57 -3.00
C PRO B 235 0.68 53.56 -3.04
N GLN B 236 0.39 54.86 -3.09
CA GLN B 236 1.44 55.86 -3.19
C GLN B 236 2.40 55.76 -2.01
N LEU B 237 1.91 55.39 -0.84
CA LEU B 237 2.78 55.24 0.32
C LEU B 237 3.85 54.18 0.06
N PHE B 238 3.42 53.00 -0.38
CA PHE B 238 4.38 51.94 -0.67
C PHE B 238 5.31 52.33 -1.81
N LYS B 239 4.77 52.99 -2.84
CA LYS B 239 5.63 53.41 -3.95
C LYS B 239 6.70 54.38 -3.48
N SER B 240 6.33 55.35 -2.65
CA SER B 240 7.31 56.31 -2.13
C SER B 240 8.35 55.59 -1.27
N ILE B 241 7.89 54.69 -0.40
CA ILE B 241 8.83 53.93 0.41
C ILE B 241 9.51 52.86 -0.44
N GLY B 242 9.03 52.63 -1.65
CA GLY B 242 9.66 51.72 -2.58
C GLY B 242 9.62 50.27 -2.12
N VAL B 243 8.47 49.84 -1.62
CA VAL B 243 8.29 48.48 -1.15
C VAL B 243 7.23 47.79 -1.99
N LYS B 244 7.25 46.46 -1.95
CA LYS B 244 6.32 45.65 -2.72
C LYS B 244 5.22 45.15 -1.81
N PRO B 245 3.97 45.64 -1.95
CA PRO B 245 2.91 45.16 -1.06
C PRO B 245 2.61 43.69 -1.34
N PRO B 246 2.32 42.92 -0.30
CA PRO B 246 2.11 41.48 -0.50
C PRO B 246 0.89 41.19 -1.36
N LYS B 247 1.01 40.13 -2.16
CA LYS B 247 -0.10 39.63 -2.96
C LYS B 247 -0.84 38.49 -2.28
N GLY B 248 -0.11 37.59 -1.62
CA GLY B 248 -0.69 36.39 -1.06
C GLY B 248 -0.96 36.47 0.41
N ILE B 249 -2.21 36.24 0.79
CA ILE B 249 -2.63 36.18 2.18
C ILE B 249 -3.35 34.85 2.40
N LEU B 250 -3.01 34.18 3.48
CA LEU B 250 -3.55 32.86 3.80
C LEU B 250 -4.23 32.92 5.15
N LEU B 251 -5.54 32.71 5.16
CA LEU B 251 -6.35 32.74 6.37
C LEU B 251 -6.71 31.31 6.74
N TYR B 252 -5.99 30.74 7.69
CA TYR B 252 -6.29 29.42 8.21
C TYR B 252 -6.92 29.53 9.59
N GLY B 253 -7.68 28.51 9.96
CA GLY B 253 -8.40 28.51 11.20
C GLY B 253 -9.41 27.38 11.27
N PRO B 254 -10.37 27.48 12.18
CA PRO B 254 -11.37 26.43 12.31
C PRO B 254 -12.52 26.66 11.34
N PRO B 255 -13.18 25.60 10.88
CA PRO B 255 -14.28 25.78 9.94
C PRO B 255 -15.39 26.65 10.51
N GLY B 256 -15.96 27.49 9.65
CA GLY B 256 -17.09 28.30 10.03
C GLY B 256 -16.77 29.47 10.94
N SER B 257 -15.50 29.80 11.12
CA SER B 257 -15.13 30.88 12.02
C SER B 257 -15.51 32.25 11.47
N GLY B 258 -15.96 32.32 10.23
CA GLY B 258 -16.31 33.57 9.60
C GLY B 258 -15.32 34.06 8.57
N LYS B 259 -14.49 33.17 7.99
CA LYS B 259 -13.45 33.61 7.08
C LYS B 259 -14.03 34.33 5.87
N THR B 260 -15.06 33.75 5.27
CA THR B 260 -15.60 34.32 4.04
C THR B 260 -16.19 35.70 4.25
N LEU B 261 -16.64 36.01 5.47
CA LEU B 261 -17.24 37.31 5.71
C LEU B 261 -16.20 38.41 5.82
N ILE B 262 -15.02 38.11 6.36
CA ILE B 262 -14.00 39.13 6.56
C ILE B 262 -13.55 39.69 5.21
N ALA B 263 -13.32 38.81 4.25
CA ALA B 263 -12.84 39.26 2.95
C ALA B 263 -13.87 40.15 2.27
N ARG B 264 -15.14 39.76 2.30
CA ARG B 264 -16.18 40.59 1.69
C ARG B 264 -16.27 41.93 2.41
N ALA B 265 -16.18 41.93 3.74
CA ALA B 265 -16.24 43.17 4.48
C ALA B 265 -15.11 44.11 4.05
N VAL B 266 -13.90 43.57 3.96
CA VAL B 266 -12.75 44.37 3.59
C VAL B 266 -12.93 44.94 2.20
N ALA B 267 -13.30 44.08 1.24
CA ALA B 267 -13.44 44.51 -0.14
C ALA B 267 -14.52 45.57 -0.28
N ASN B 268 -15.63 45.40 0.43
CA ASN B 268 -16.73 46.35 0.32
C ASN B 268 -16.39 47.67 1.01
N GLU B 269 -15.57 47.62 2.06
CA GLU B 269 -15.17 48.86 2.72
C GLU B 269 -14.15 49.63 1.89
N THR B 270 -13.24 48.93 1.20
CA THR B 270 -12.29 49.62 0.34
C THR B 270 -12.90 49.99 -1.01
N GLY B 271 -14.14 49.57 -1.28
CA GLY B 271 -14.75 49.85 -2.57
C GLY B 271 -14.19 49.05 -3.72
N ALA B 272 -13.44 47.99 -3.43
CA ALA B 272 -12.81 47.19 -4.47
C ALA B 272 -13.77 46.14 -5.01
N PHE B 273 -13.46 45.65 -6.21
CA PHE B 273 -14.26 44.63 -6.85
C PHE B 273 -13.86 43.27 -6.29
N PHE B 274 -14.82 42.58 -5.69
CA PHE B 274 -14.59 41.29 -5.05
C PHE B 274 -15.14 40.19 -5.94
N PHE B 275 -14.30 39.20 -6.25
CA PHE B 275 -14.72 38.02 -6.99
C PHE B 275 -14.38 36.80 -6.15
N CYS B 276 -15.38 35.99 -5.83
CA CYS B 276 -15.19 34.84 -4.96
C CYS B 276 -15.08 33.57 -5.79
N ILE B 277 -14.12 32.73 -5.43
CA ILE B 277 -13.93 31.41 -6.03
C ILE B 277 -14.01 30.39 -4.91
N ASN B 278 -14.87 29.39 -5.08
CA ASN B 278 -14.98 28.29 -4.13
C ASN B 278 -14.28 27.07 -4.71
N GLY B 279 -13.45 26.42 -3.89
CA GLY B 279 -12.69 25.28 -4.32
C GLY B 279 -13.58 24.17 -4.85
N PRO B 280 -14.64 23.85 -4.11
CA PRO B 280 -15.59 22.85 -4.62
C PRO B 280 -16.18 23.22 -5.96
N GLU B 281 -16.55 24.49 -6.15
CA GLU B 281 -17.14 24.90 -7.42
C GLU B 281 -16.16 24.67 -8.56
N ILE B 282 -14.90 25.05 -8.36
CA ILE B 282 -13.89 24.89 -9.40
C ILE B 282 -13.65 23.41 -9.68
N MET B 283 -13.49 22.61 -8.64
CA MET B 283 -13.21 21.19 -8.82
C MET B 283 -14.40 20.44 -9.40
N SER B 284 -15.61 20.98 -9.28
CA SER B 284 -16.79 20.32 -9.83
C SER B 284 -16.93 20.51 -11.33
N LYS B 285 -16.20 21.45 -11.91
CA LYS B 285 -16.30 21.71 -13.33
C LYS B 285 -15.58 20.62 -14.12
N LEU B 286 -15.91 20.53 -15.40
CA LEU B 286 -15.30 19.54 -16.26
C LEU B 286 -13.84 19.91 -16.54
N ALA B 287 -13.05 18.89 -16.89
CA ALA B 287 -11.64 19.10 -17.15
C ALA B 287 -11.47 20.16 -18.24
N GLY B 288 -10.58 21.12 -17.98
CA GLY B 288 -10.34 22.20 -18.91
C GLY B 288 -11.20 23.41 -18.63
N GLU B 289 -12.43 23.17 -18.14
CA GLU B 289 -13.31 24.28 -17.79
C GLU B 289 -12.88 24.96 -16.49
N SER B 290 -12.34 24.19 -15.54
CA SER B 290 -11.88 24.80 -14.29
C SER B 290 -10.77 25.79 -14.55
N GLU B 291 -9.81 25.41 -15.39
CA GLU B 291 -8.71 26.32 -15.73
C GLU B 291 -9.24 27.57 -16.43
N SER B 292 -10.21 27.40 -17.32
CA SER B 292 -10.80 28.55 -18.00
C SER B 292 -11.46 29.49 -17.01
N ASN B 293 -12.22 28.93 -16.06
CA ASN B 293 -12.87 29.76 -15.06
C ASN B 293 -11.84 30.50 -14.21
N LEU B 294 -10.78 29.80 -13.80
CA LEU B 294 -9.76 30.42 -12.96
C LEU B 294 -9.06 31.55 -13.69
N ARG B 295 -8.68 31.31 -14.95
CA ARG B 295 -8.01 32.36 -15.72
C ARG B 295 -8.93 33.53 -15.97
N LYS B 296 -10.21 33.26 -16.25
CA LYS B 296 -11.18 34.34 -16.43
C LYS B 296 -11.31 35.13 -15.15
N ALA B 297 -11.30 34.45 -14.00
CA ALA B 297 -11.39 35.14 -12.72
C ALA B 297 -10.22 36.09 -12.53
N PHE B 298 -9.01 35.57 -12.73
CA PHE B 298 -7.82 36.42 -12.56
C PHE B 298 -7.85 37.59 -13.54
N GLU B 299 -8.25 37.32 -14.78
CA GLU B 299 -8.22 38.35 -15.82
C GLU B 299 -9.21 39.47 -15.49
N GLU B 300 -10.45 39.09 -15.16
CA GLU B 300 -11.45 40.09 -14.79
C GLU B 300 -11.04 40.83 -13.53
N ALA B 301 -10.48 40.13 -12.55
CA ALA B 301 -10.05 40.79 -11.32
C ALA B 301 -8.99 41.85 -11.62
N GLU B 302 -8.03 41.51 -12.48
CA GLU B 302 -7.02 42.49 -12.86
C GLU B 302 -7.64 43.65 -13.62
N LYS B 303 -8.70 43.38 -14.39
CA LYS B 303 -9.36 44.47 -15.10
C LYS B 303 -9.97 45.49 -14.14
N ASN B 304 -10.57 45.02 -13.05
CA ASN B 304 -11.31 45.86 -12.13
C ASN B 304 -10.47 46.29 -10.92
N ALA B 305 -9.17 46.49 -11.12
CA ALA B 305 -8.32 46.90 -10.02
C ALA B 305 -8.81 48.22 -9.44
N PRO B 306 -8.77 48.40 -8.12
CA PRO B 306 -8.30 47.45 -7.10
C PRO B 306 -9.25 46.28 -6.96
N SER B 307 -8.73 45.08 -6.77
CA SER B 307 -9.53 43.87 -6.77
C SER B 307 -9.05 42.93 -5.68
N ILE B 308 -9.93 42.00 -5.30
CA ILE B 308 -9.66 41.03 -4.25
C ILE B 308 -10.20 39.69 -4.71
N ILE B 309 -9.43 38.63 -4.50
CA ILE B 309 -9.79 37.29 -4.91
C ILE B 309 -9.73 36.41 -3.68
N PHE B 310 -10.81 35.69 -3.41
CA PHE B 310 -10.90 34.79 -2.27
C PHE B 310 -11.02 33.36 -2.80
N ILE B 311 -9.97 32.58 -2.59
CA ILE B 311 -9.98 31.17 -2.99
C ILE B 311 -10.49 30.40 -1.78
N ASP B 312 -11.82 30.42 -1.62
CA ASP B 312 -12.43 29.70 -0.52
C ASP B 312 -12.10 28.21 -0.60
N GLU B 313 -11.74 27.64 0.54
CA GLU B 313 -11.42 26.23 0.65
C GLU B 313 -10.38 25.81 -0.40
N ILE B 314 -9.22 26.46 -0.32
CA ILE B 314 -8.12 26.15 -1.21
C ILE B 314 -7.62 24.72 -1.02
N ASP B 315 -8.04 24.05 0.05
CA ASP B 315 -7.58 22.69 0.29
C ASP B 315 -8.04 21.76 -0.84
N SER B 316 -9.27 21.91 -1.30
CA SER B 316 -9.74 21.09 -2.41
C SER B 316 -8.93 21.36 -3.68
N ILE B 317 -8.65 22.64 -3.95
CA ILE B 317 -7.88 22.98 -5.15
C ILE B 317 -6.46 22.47 -5.03
N ALA B 318 -5.80 22.75 -3.92
CA ALA B 318 -4.39 22.44 -3.72
C ALA B 318 -4.21 21.74 -2.37
N PRO B 319 -4.71 20.53 -2.23
CA PRO B 319 -4.51 19.79 -0.98
C PRO B 319 -3.06 19.34 -0.85
N LYS B 320 -2.68 19.00 0.38
CA LYS B 320 -1.32 18.55 0.65
C LYS B 320 -0.99 17.34 -0.22
N ARG B 321 0.23 17.33 -0.75
CA ARG B 321 0.65 16.21 -1.58
C ARG B 321 0.99 15.02 -0.68
N GLU B 322 -0.05 14.29 -0.26
CA GLU B 322 0.14 13.00 0.36
C GLU B 322 0.18 11.89 -0.68
N LYS B 323 -0.66 12.00 -1.70
CA LYS B 323 -0.61 11.14 -2.87
C LYS B 323 -1.09 11.94 -4.07
N THR B 324 -0.31 11.94 -5.15
CA THR B 324 -0.66 12.65 -6.37
C THR B 324 -1.27 11.65 -7.34
N ASN B 325 -2.58 11.51 -7.27
CA ASN B 325 -3.31 10.57 -8.10
C ASN B 325 -4.01 11.31 -9.23
N GLY B 326 -3.81 10.84 -10.46
CA GLY B 326 -4.41 11.47 -11.61
C GLY B 326 -3.55 12.58 -12.19
N GLU B 327 -4.04 13.14 -13.29
CA GLU B 327 -3.36 14.22 -13.99
C GLU B 327 -4.07 15.56 -13.86
N VAL B 328 -5.39 15.55 -13.69
CA VAL B 328 -6.13 16.81 -13.61
C VAL B 328 -5.74 17.58 -12.36
N GLU B 329 -5.60 16.88 -11.22
CA GLU B 329 -5.26 17.56 -9.98
C GLU B 329 -3.92 18.28 -10.10
N ARG B 330 -2.92 17.59 -10.64
CA ARG B 330 -1.62 18.22 -10.85
C ARG B 330 -1.74 19.39 -11.81
N ARG B 331 -2.55 19.24 -12.86
CA ARG B 331 -2.71 20.33 -13.82
C ARG B 331 -3.27 21.57 -13.14
N ILE B 332 -4.29 21.40 -12.31
CA ILE B 332 -4.92 22.56 -11.67
C ILE B 332 -3.99 23.18 -10.64
N VAL B 333 -3.31 22.35 -9.85
CA VAL B 333 -2.42 22.93 -8.83
C VAL B 333 -1.29 23.70 -9.50
N SER B 334 -0.71 23.15 -10.56
CA SER B 334 0.37 23.83 -11.25
C SER B 334 -0.14 25.08 -11.96
N GLN B 335 -1.36 25.04 -12.49
CA GLN B 335 -1.94 26.23 -13.09
C GLN B 335 -2.10 27.33 -12.07
N LEU B 336 -2.57 26.99 -10.87
CA LEU B 336 -2.69 27.97 -9.81
C LEU B 336 -1.32 28.54 -9.44
N LEU B 337 -0.31 27.66 -9.34
CA LEU B 337 1.02 28.12 -9.01
C LEU B 337 1.52 29.14 -10.04
N THR B 338 1.43 28.79 -11.32
CA THR B 338 1.95 29.68 -12.36
C THR B 338 1.15 30.97 -12.44
N LEU B 339 -0.16 30.89 -12.21
CA LEU B 339 -0.97 32.10 -12.20
C LEU B 339 -0.56 33.02 -11.05
N MET B 340 -0.33 32.46 -9.87
CA MET B 340 0.09 33.27 -8.74
C MET B 340 1.45 33.91 -9.03
N ASP B 341 2.38 33.12 -9.57
CA ASP B 341 3.71 33.66 -9.87
C ASP B 341 3.64 34.76 -10.90
N GLY B 342 2.82 34.57 -11.95
CA GLY B 342 2.76 35.52 -13.03
C GLY B 342 2.13 36.85 -12.67
N LEU B 343 1.36 36.90 -11.58
CA LEU B 343 0.75 38.14 -11.15
C LEU B 343 1.82 39.11 -10.65
N LYS B 344 1.54 40.40 -10.77
CA LYS B 344 2.52 41.44 -10.49
C LYS B 344 1.96 42.42 -9.46
N SER B 345 2.88 43.08 -8.76
CA SER B 345 2.50 44.04 -7.73
C SER B 345 1.72 45.20 -8.34
N ARG B 346 2.12 45.66 -9.53
CA ARG B 346 1.42 46.78 -10.16
C ARG B 346 0.00 46.42 -10.56
N ALA B 347 -0.33 45.13 -10.60
CA ALA B 347 -1.67 44.71 -11.01
C ALA B 347 -2.73 45.06 -9.98
N HIS B 348 -2.33 45.37 -8.75
CA HIS B 348 -3.27 45.69 -7.66
C HIS B 348 -4.26 44.54 -7.47
N VAL B 349 -3.71 43.39 -7.10
CA VAL B 349 -4.49 42.18 -6.89
C VAL B 349 -3.99 41.50 -5.61
N ILE B 350 -4.93 41.05 -4.79
CA ILE B 350 -4.64 40.37 -3.54
C ILE B 350 -5.46 39.10 -3.48
N VAL B 351 -4.83 38.01 -3.08
CA VAL B 351 -5.43 36.68 -3.11
C VAL B 351 -5.50 36.17 -1.68
N MET B 352 -6.68 36.27 -1.07
CA MET B 352 -6.92 35.71 0.26
C MET B 352 -7.33 34.26 0.09
N GLY B 353 -6.42 33.34 0.38
CA GLY B 353 -6.75 31.95 0.44
C GLY B 353 -7.61 31.65 1.65
N ALA B 354 -7.73 30.36 1.94
CA ALA B 354 -8.48 29.90 3.10
C ALA B 354 -8.32 28.40 3.23
N THR B 355 -8.26 27.93 4.46
CA THR B 355 -8.09 26.51 4.74
C THR B 355 -8.37 26.28 6.21
N ASN B 356 -8.10 25.06 6.66
CA ASN B 356 -8.29 24.68 8.06
C ASN B 356 -6.98 24.67 8.84
N ARG B 357 -5.91 24.14 8.25
CA ARG B 357 -4.61 24.08 8.87
C ARG B 357 -3.55 24.31 7.80
N PRO B 358 -2.54 25.13 8.08
CA PRO B 358 -1.56 25.46 7.04
C PRO B 358 -0.85 24.23 6.47
N ASN B 359 -0.60 23.22 7.30
CA ASN B 359 0.08 22.03 6.82
C ASN B 359 -0.73 21.28 5.77
N SER B 360 -2.05 21.41 5.79
CA SER B 360 -2.89 20.71 4.81
C SER B 360 -2.67 21.23 3.40
N ILE B 361 -2.02 22.37 3.25
CA ILE B 361 -1.76 22.96 1.94
C ILE B 361 -0.43 22.44 1.41
N ASP B 362 -0.32 22.38 0.09
CA ASP B 362 0.92 21.95 -0.52
C ASP B 362 2.03 22.97 -0.21
N PRO B 363 3.20 22.54 0.25
CA PRO B 363 4.24 23.52 0.60
C PRO B 363 4.63 24.43 -0.56
N ALA B 364 4.54 23.94 -1.79
CA ALA B 364 4.97 24.75 -2.93
C ALA B 364 4.22 26.07 -3.01
N LEU B 365 2.99 26.11 -2.50
CA LEU B 365 2.22 27.34 -2.53
C LEU B 365 2.73 28.36 -1.52
N ARG B 366 3.40 27.91 -0.46
CA ARG B 366 3.86 28.80 0.60
C ARG B 366 5.23 29.38 0.34
N ARG B 367 5.83 29.09 -0.80
CA ARG B 367 7.10 29.71 -1.16
C ARG B 367 6.92 31.21 -1.37
N PHE B 368 8.04 31.92 -1.34
CA PHE B 368 8.00 33.37 -1.50
C PHE B 368 7.47 33.74 -2.88
N GLY B 369 6.61 34.75 -2.92
CA GLY B 369 6.02 35.24 -4.13
C GLY B 369 4.56 34.85 -4.30
N ARG B 370 4.17 33.65 -3.86
CA ARG B 370 2.81 33.17 -4.04
C ARG B 370 1.95 33.44 -2.81
N PHE B 371 2.31 32.84 -1.68
CA PHE B 371 1.56 32.96 -0.42
C PHE B 371 2.60 33.12 0.68
N ASP B 372 2.90 34.38 1.02
CA ASP B 372 3.93 34.69 2.00
C ASP B 372 3.35 34.98 3.38
N ARG B 373 2.39 35.88 3.48
CA ARG B 373 1.78 36.18 4.76
C ARG B 373 0.78 35.10 5.14
N GLU B 374 0.70 34.80 6.43
CA GLU B 374 -0.25 33.84 6.97
C GLU B 374 -0.88 34.44 8.21
N ILE B 375 -2.19 34.28 8.34
CA ILE B 375 -2.94 34.83 9.45
C ILE B 375 -3.76 33.71 10.08
N ASP B 376 -3.87 33.73 11.40
CA ASP B 376 -4.57 32.70 12.16
C ASP B 376 -5.88 33.26 12.66
N ILE B 377 -6.97 32.87 11.99
CA ILE B 377 -8.32 33.23 12.47
C ILE B 377 -8.71 32.13 13.44
N GLY B 378 -8.25 32.26 14.67
CA GLY B 378 -8.47 31.25 15.68
C GLY B 378 -9.82 31.36 16.32
N VAL B 379 -10.05 30.48 17.30
CA VAL B 379 -11.33 30.49 18.00
C VAL B 379 -11.51 31.81 18.72
N PRO B 380 -12.67 32.46 18.64
CA PRO B 380 -12.85 33.72 19.35
C PRO B 380 -12.79 33.53 20.86
N ASP B 381 -12.39 34.58 21.55
CA ASP B 381 -12.30 34.57 23.00
C ASP B 381 -13.65 34.92 23.60
N GLU B 382 -13.70 34.99 24.93
CA GLU B 382 -14.95 35.33 25.62
C GLU B 382 -15.56 36.59 25.04
N ILE B 383 -14.76 37.64 24.90
CA ILE B 383 -15.27 38.88 24.31
C ILE B 383 -15.68 38.63 22.87
N GLY B 384 -14.89 37.84 22.14
CA GLY B 384 -15.25 37.54 20.76
C GLY B 384 -16.57 36.81 20.66
N ARG B 385 -16.78 35.83 21.54
CA ARG B 385 -18.07 35.14 21.58
C ARG B 385 -19.19 36.11 21.89
N LEU B 386 -18.94 37.05 22.80
CA LEU B 386 -19.96 38.04 23.13
C LEU B 386 -20.35 38.88 21.91
N GLU B 387 -19.35 39.36 21.16
CA GLU B 387 -19.69 40.17 19.99
C GLU B 387 -20.40 39.33 18.93
N VAL B 388 -19.96 38.09 18.75
CA VAL B 388 -20.62 37.24 17.75
C VAL B 388 -22.08 37.03 18.12
N LEU B 389 -22.35 36.76 19.40
CA LEU B 389 -23.72 36.56 19.84
C LEU B 389 -24.54 37.83 19.64
N ARG B 390 -23.98 38.97 20.01
CA ARG B 390 -24.70 40.23 19.82
C ARG B 390 -24.97 40.51 18.35
N ILE B 391 -24.06 40.08 17.48
CA ILE B 391 -24.23 40.29 16.04
C ILE B 391 -25.35 39.40 15.51
N HIS B 392 -25.35 38.13 15.91
CA HIS B 392 -26.34 37.20 15.37
C HIS B 392 -27.72 37.43 15.95
N THR B 393 -27.81 37.92 17.18
CA THR B 393 -29.08 38.07 17.87
C THR B 393 -29.66 39.48 17.76
N LYS B 394 -29.02 40.38 17.01
CA LYS B 394 -29.52 41.75 16.93
C LYS B 394 -30.87 41.81 16.22
N ASN B 395 -31.07 40.98 15.20
CA ASN B 395 -32.30 41.01 14.42
C ASN B 395 -33.44 40.23 15.04
N MET B 396 -33.18 39.46 16.09
CA MET B 396 -34.22 38.65 16.73
C MET B 396 -34.87 39.42 17.87
N LYS B 397 -36.03 38.93 18.29
CA LYS B 397 -36.80 39.56 19.36
C LYS B 397 -36.39 38.95 20.69
N LEU B 398 -35.26 39.44 21.20
CA LEU B 398 -34.76 38.97 22.49
C LEU B 398 -35.56 39.59 23.63
N ALA B 399 -35.61 38.88 24.74
CA ALA B 399 -36.29 39.38 25.92
C ALA B 399 -35.40 40.36 26.68
N GLU B 400 -36.02 41.10 27.60
CA GLU B 400 -35.27 42.07 28.40
C GLU B 400 -34.42 41.40 29.46
N ASP B 401 -34.72 40.15 29.81
CA ASP B 401 -33.95 39.42 30.81
C ASP B 401 -32.83 38.59 30.22
N VAL B 402 -32.60 38.70 28.91
CA VAL B 402 -31.55 37.91 28.28
C VAL B 402 -30.19 38.34 28.82
N ASP B 403 -29.38 37.36 29.21
CA ASP B 403 -28.05 37.60 29.77
C ASP B 403 -27.04 36.93 28.85
N LEU B 404 -26.63 37.64 27.79
CA LEU B 404 -25.70 37.07 26.83
C LEU B 404 -24.31 36.89 27.41
N GLU B 405 -23.96 37.68 28.42
CA GLU B 405 -22.66 37.51 29.06
C GLU B 405 -22.53 36.14 29.69
N ARG B 406 -23.60 35.66 30.34
CA ARG B 406 -23.58 34.32 30.91
C ARG B 406 -23.35 33.27 29.84
N ILE B 407 -24.03 33.42 28.69
CA ILE B 407 -23.88 32.44 27.62
C ILE B 407 -22.45 32.47 27.10
N SER B 408 -21.88 33.66 26.94
CA SER B 408 -20.51 33.77 26.47
C SER B 408 -19.55 33.09 27.44
N LYS B 409 -19.76 33.32 28.74
CA LYS B 409 -18.89 32.71 29.74
C LYS B 409 -19.00 31.19 29.71
N ASP B 410 -20.21 30.66 29.54
CA ASP B 410 -20.42 29.23 29.54
C ASP B 410 -20.09 28.58 28.21
N THR B 411 -19.86 29.37 27.15
CA THR B 411 -19.52 28.85 25.83
C THR B 411 -18.00 28.86 25.68
N HIS B 412 -17.41 27.67 25.73
CA HIS B 412 -15.98 27.49 25.54
C HIS B 412 -15.76 26.49 24.41
N GLY B 413 -14.87 26.83 23.48
CA GLY B 413 -14.67 26.00 22.32
C GLY B 413 -15.72 26.17 21.24
N TYR B 414 -16.62 27.15 21.38
CA TYR B 414 -17.68 27.39 20.43
C TYR B 414 -17.21 28.39 19.38
N VAL B 415 -17.27 28.01 18.11
CA VAL B 415 -16.97 28.91 17.01
C VAL B 415 -18.21 29.76 16.72
N GLY B 416 -18.05 30.79 15.88
CA GLY B 416 -19.16 31.67 15.61
C GLY B 416 -20.37 30.95 15.03
N ALA B 417 -20.13 30.04 14.09
CA ALA B 417 -21.23 29.29 13.49
C ALA B 417 -21.98 28.49 14.55
N ASP B 418 -21.25 27.88 15.48
CA ASP B 418 -21.90 27.16 16.56
C ASP B 418 -22.75 28.11 17.41
N LEU B 419 -22.31 29.36 17.58
CA LEU B 419 -23.11 30.31 18.34
C LEU B 419 -24.38 30.67 17.61
N ALA B 420 -24.31 30.85 16.29
CA ALA B 420 -25.51 31.09 15.52
C ALA B 420 -26.47 29.91 15.60
N ALA B 421 -25.92 28.69 15.55
CA ALA B 421 -26.75 27.51 15.69
C ALA B 421 -27.40 27.46 17.07
N LEU B 422 -26.65 27.86 18.11
CA LEU B 422 -27.21 27.93 19.45
C LEU B 422 -28.38 28.91 19.51
N CYS B 423 -28.23 30.07 18.89
CA CYS B 423 -29.31 31.05 18.87
C CYS B 423 -30.53 30.48 18.15
N THR B 424 -30.31 29.82 17.02
CA THR B 424 -31.42 29.21 16.28
C THR B 424 -32.11 28.15 17.13
N GLU B 425 -31.32 27.33 17.84
CA GLU B 425 -31.89 26.31 18.70
C GLU B 425 -32.72 26.93 19.82
N ALA B 426 -32.25 28.05 20.38
CA ALA B 426 -33.01 28.73 21.42
C ALA B 426 -34.35 29.23 20.88
N ALA B 427 -34.34 29.82 19.69
CA ALA B 427 -35.59 30.27 19.10
C ALA B 427 -36.51 29.08 18.84
N LEU B 428 -35.95 27.98 18.37
CA LEU B 428 -36.74 26.77 18.15
C LEU B 428 -37.37 26.28 19.44
N GLN B 429 -36.64 26.35 20.55
CA GLN B 429 -37.18 25.93 21.83
C GLN B 429 -38.30 26.87 22.28
N CYS B 430 -38.14 28.17 22.06
CA CYS B 430 -39.23 29.09 22.34
C CYS B 430 -40.48 28.70 21.54
N ILE B 431 -40.28 28.34 20.27
CA ILE B 431 -41.40 27.86 19.46
C ILE B 431 -42.01 26.63 20.12
N ARG B 432 -41.15 25.72 20.59
CA ARG B 432 -41.60 24.56 21.34
C ARG B 432 -42.62 24.98 22.37
N GLU B 433 -42.21 25.89 23.26
CA GLU B 433 -43.11 26.37 24.31
C GLU B 433 -44.35 27.04 23.72
N LYS B 434 -44.26 27.55 22.49
CA LYS B 434 -45.37 28.27 21.89
C LYS B 434 -46.21 27.43 20.93
N MET B 435 -45.97 26.11 20.86
CA MET B 435 -46.73 25.27 19.95
C MET B 435 -48.13 24.97 20.47
N ASP B 436 -48.26 24.76 21.79
CA ASP B 436 -49.51 24.26 22.34
C ASP B 436 -50.70 25.13 21.95
N VAL B 437 -50.51 26.43 21.89
CA VAL B 437 -51.61 27.34 21.56
C VAL B 437 -51.86 27.41 20.07
N ILE B 438 -50.81 27.31 19.25
CA ILE B 438 -50.92 27.48 17.81
C ILE B 438 -51.30 26.13 17.20
N ASP B 439 -52.49 26.06 16.61
CA ASP B 439 -52.93 24.85 15.94
C ASP B 439 -52.17 24.67 14.63
N LEU B 440 -51.67 23.45 14.39
CA LEU B 440 -50.87 23.19 13.20
C LEU B 440 -51.74 23.09 11.95
N GLU B 441 -52.93 22.51 12.07
CA GLU B 441 -53.79 22.30 10.92
C GLU B 441 -54.35 23.59 10.34
N ASP B 442 -54.29 24.68 11.09
CA ASP B 442 -54.81 25.96 10.60
C ASP B 442 -53.77 26.63 9.72
N ASP B 443 -54.15 26.93 8.48
CA ASP B 443 -53.23 27.58 7.56
C ASP B 443 -52.88 29.00 8.00
N SER B 444 -53.73 29.62 8.82
CA SER B 444 -53.50 30.97 9.32
C SER B 444 -53.30 30.92 10.83
N ILE B 445 -52.42 31.78 11.32
CA ILE B 445 -52.07 31.85 12.72
C ILE B 445 -52.24 33.28 13.21
N ASP B 446 -52.75 33.44 14.42
CA ASP B 446 -53.04 34.77 14.95
C ASP B 446 -51.78 35.62 14.99
N ALA B 447 -51.92 36.88 14.63
CA ALA B 447 -50.79 37.79 14.62
C ALA B 447 -50.36 38.17 16.03
N GLU B 448 -51.30 38.20 16.98
CA GLU B 448 -50.95 38.56 18.35
C GLU B 448 -49.95 37.57 18.94
N ILE B 449 -50.18 36.28 18.74
CA ILE B 449 -49.25 35.28 19.24
C ILE B 449 -47.89 35.45 18.58
N LEU B 450 -47.88 35.75 17.29
CA LEU B 450 -46.62 35.95 16.58
C LEU B 450 -45.85 37.14 17.16
N ASN B 451 -46.55 38.23 17.44
CA ASN B 451 -45.88 39.38 18.04
C ASN B 451 -45.49 39.14 19.49
N SER B 452 -46.12 38.17 20.15
CA SER B 452 -45.82 37.87 21.54
C SER B 452 -44.62 36.95 21.71
N MET B 453 -44.13 36.34 20.64
CA MET B 453 -43.00 35.44 20.74
C MET B 453 -41.72 36.21 21.01
N ALA B 454 -40.85 35.64 21.85
CA ALA B 454 -39.57 36.23 22.15
C ALA B 454 -38.76 35.24 22.98
N VAL B 455 -37.49 35.08 22.62
CA VAL B 455 -36.62 34.13 23.32
C VAL B 455 -36.36 34.60 24.75
N THR B 456 -36.09 33.64 25.63
CA THR B 456 -35.80 33.91 27.02
C THR B 456 -34.50 33.21 27.41
N ASN B 457 -33.85 33.75 28.45
CA ASN B 457 -32.55 33.24 28.87
C ASN B 457 -32.58 31.72 29.09
N GLU B 458 -33.68 31.23 29.66
CA GLU B 458 -33.79 29.79 29.88
C GLU B 458 -33.80 29.03 28.56
N HIS B 459 -34.38 29.62 27.52
CA HIS B 459 -34.32 28.98 26.20
C HIS B 459 -32.89 28.87 25.72
N PHE B 460 -32.08 29.91 25.95
CA PHE B 460 -30.67 29.85 25.60
C PHE B 460 -29.96 28.78 26.41
N HIS B 461 -30.28 28.65 27.68
CA HIS B 461 -29.68 27.60 28.50
C HIS B 461 -30.03 26.22 27.95
N THR B 462 -31.28 26.02 27.58
CA THR B 462 -31.69 24.74 27.00
C THR B 462 -30.97 24.46 25.69
N ALA B 463 -30.87 25.48 24.83
CA ALA B 463 -30.19 25.29 23.56
C ALA B 463 -28.72 24.94 23.76
N LEU B 464 -28.07 25.63 24.71
CA LEU B 464 -26.69 25.30 25.02
C LEU B 464 -26.57 23.87 25.53
N GLY B 465 -27.51 23.44 26.37
CA GLY B 465 -27.50 22.07 26.84
C GLY B 465 -27.65 21.07 25.70
N ASN B 466 -28.44 21.41 24.69
CA ASN B 466 -28.64 20.51 23.56
C ASN B 466 -27.57 20.64 22.50
N SER B 467 -26.91 21.78 22.39
CA SER B 467 -25.93 21.99 21.34
C SER B 467 -24.62 21.27 21.66
N ASN B 468 -23.72 21.26 20.69
CA ASN B 468 -22.44 20.58 20.80
C ASN B 468 -21.33 21.47 20.26
N PRO B 469 -20.23 21.66 20.99
CA PRO B 469 -19.10 22.41 20.44
C PRO B 469 -18.44 21.65 19.29
N SER B 470 -17.87 22.42 18.36
CA SER B 470 -17.12 21.86 17.24
C SER B 470 -15.62 21.92 17.45
N ALA B 471 -15.14 22.76 18.36
CA ALA B 471 -13.72 22.93 18.62
C ALA B 471 -13.45 22.67 20.10
N LEU B 472 -12.85 21.53 20.39
CA LEU B 472 -12.47 21.16 21.75
C LEU B 472 -11.03 20.71 21.88
N ARG B 473 -10.44 20.14 20.83
CA ARG B 473 -9.08 19.65 20.87
C ARG B 473 -8.09 20.65 20.29
N GLU B 474 -8.55 21.83 19.88
CA GLU B 474 -7.67 22.84 19.33
C GLU B 474 -7.01 23.63 20.47
N THR B 475 -5.70 23.81 20.36
CA THR B 475 -4.94 24.51 21.40
C THR B 475 -5.47 25.93 21.58
N VAL B 476 -5.99 26.22 22.76
CA VAL B 476 -6.53 27.54 23.05
C VAL B 476 -5.40 28.43 23.57
N VAL B 477 -5.26 29.60 22.97
CA VAL B 477 -4.20 30.55 23.30
C VAL B 477 -4.88 31.76 23.91
N GLU B 478 -4.74 31.93 25.22
CA GLU B 478 -5.34 33.06 25.91
C GLU B 478 -4.56 33.34 27.18
N VAL B 479 -4.93 34.42 27.86
CA VAL B 479 -4.29 34.85 29.09
C VAL B 479 -5.14 34.39 30.27
N PRO B 480 -4.82 33.27 30.91
CA PRO B 480 -5.60 32.83 32.08
C PRO B 480 -5.61 33.89 33.17
N ASN B 481 -6.73 33.92 33.90
CA ASN B 481 -6.97 34.93 34.93
C ASN B 481 -6.36 34.56 36.28
N VAL B 482 -5.72 33.39 36.40
CA VAL B 482 -5.18 32.98 37.68
C VAL B 482 -4.09 33.95 38.10
N SER B 483 -4.14 34.36 39.36
CA SER B 483 -3.20 35.33 39.92
C SER B 483 -2.42 34.71 41.07
N TRP B 484 -1.38 35.42 41.50
CA TRP B 484 -0.57 34.94 42.61
C TRP B 484 -1.39 34.77 43.88
N ASN B 485 -2.45 35.57 44.04
CA ASN B 485 -3.31 35.43 45.21
C ASN B 485 -3.92 34.03 45.26
N ASP B 486 -4.37 33.52 44.11
CA ASP B 486 -4.85 32.15 44.05
C ASP B 486 -3.75 31.16 44.34
N ILE B 487 -2.49 31.55 44.14
CA ILE B 487 -1.34 30.70 44.45
C ILE B 487 -1.05 30.86 45.94
N GLY B 488 -1.00 29.74 46.66
CA GLY B 488 -0.85 29.80 48.09
C GLY B 488 0.60 29.77 48.54
N GLY B 489 1.09 30.89 49.06
CA GLY B 489 2.44 30.92 49.58
C GLY B 489 3.45 30.56 48.51
N LEU B 490 4.30 29.59 48.82
CA LEU B 490 5.38 29.18 47.92
C LEU B 490 6.23 30.38 47.52
N GLU B 491 6.68 31.12 48.53
CA GLU B 491 7.44 32.34 48.27
C GLU B 491 8.75 32.01 47.55
N ASN B 492 9.42 30.94 47.95
CA ASN B 492 10.67 30.56 47.29
C ASN B 492 10.44 30.25 45.82
N VAL B 493 9.47 29.39 45.53
CA VAL B 493 9.18 29.04 44.13
C VAL B 493 8.63 30.23 43.38
N LYS B 494 7.79 31.03 44.03
CA LYS B 494 7.31 32.26 43.43
C LYS B 494 8.48 33.12 42.95
N ARG B 495 9.43 33.36 43.86
CA ARG B 495 10.59 34.17 43.51
C ARG B 495 11.37 33.53 42.37
N GLU B 496 11.63 32.23 42.45
CA GLU B 496 12.46 31.56 41.45
C GLU B 496 11.83 31.67 40.07
N LEU B 497 10.53 31.42 39.97
CA LEU B 497 9.89 31.42 38.66
C LEU B 497 9.71 32.83 38.13
N GLN B 498 9.41 33.79 39.01
CA GLN B 498 9.36 35.18 38.59
C GLN B 498 10.71 35.61 38.03
N GLU B 499 11.78 35.24 38.73
CA GLU B 499 13.14 35.48 38.24
C GLU B 499 13.35 34.90 36.86
N THR B 500 13.02 33.61 36.68
CA THR B 500 13.35 32.92 35.44
C THR B 500 12.47 33.34 34.27
N VAL B 501 11.28 33.88 34.52
CA VAL B 501 10.33 34.12 33.44
C VAL B 501 9.91 35.58 33.37
N GLN B 502 9.46 36.13 34.50
CA GLN B 502 8.85 37.45 34.48
C GLN B 502 9.79 38.51 33.92
N TYR B 503 11.05 38.47 34.33
CA TYR B 503 12.03 39.47 33.94
C TYR B 503 12.34 39.43 32.45
N PRO B 504 12.71 38.28 31.88
CA PRO B 504 13.08 38.25 30.45
C PRO B 504 11.94 38.65 29.52
N VAL B 505 10.71 38.76 30.02
CA VAL B 505 9.61 39.25 29.22
C VAL B 505 9.15 40.65 29.63
N GLU B 506 9.45 41.09 30.85
CA GLU B 506 9.09 42.43 31.28
C GLU B 506 10.23 43.42 31.07
N HIS B 507 11.47 43.00 31.28
CA HIS B 507 12.64 43.85 31.10
C HIS B 507 13.69 43.12 30.27
N PRO B 508 13.39 42.81 29.01
CA PRO B 508 14.39 42.15 28.16
C PRO B 508 15.45 43.10 27.62
N GLU B 509 15.11 44.39 27.46
CA GLU B 509 16.08 45.33 26.92
C GLU B 509 17.33 45.42 27.79
N LYS B 510 17.17 45.37 29.11
CA LYS B 510 18.33 45.42 29.99
C LYS B 510 19.05 44.08 30.07
N PHE B 511 18.31 42.98 29.92
CA PHE B 511 18.98 41.69 29.71
C PHE B 511 19.92 41.77 28.53
N GLU B 512 19.47 42.40 27.44
CA GLU B 512 20.35 42.65 26.31
C GLU B 512 21.48 43.61 26.69
N LYS B 513 21.17 44.62 27.49
CA LYS B 513 22.18 45.57 27.94
C LYS B 513 23.38 44.82 28.52
N PHE B 514 23.13 43.91 29.45
CA PHE B 514 24.20 43.04 29.92
C PHE B 514 24.45 41.89 28.95
N GLY B 515 23.39 41.39 28.33
CA GLY B 515 23.51 40.56 27.14
C GLY B 515 23.54 39.06 27.37
N MET B 516 23.67 38.60 28.61
CA MET B 516 23.79 37.17 28.84
C MET B 516 22.52 36.43 28.46
N SER B 517 22.69 35.20 28.01
CA SER B 517 21.54 34.42 27.55
C SER B 517 20.61 34.12 28.72
N PRO B 518 19.31 34.32 28.58
CA PRO B 518 18.38 33.93 29.64
C PRO B 518 18.02 32.46 29.55
N SER B 519 17.51 31.94 30.67
CA SER B 519 17.05 30.57 30.69
C SER B 519 15.83 30.40 29.80
N LYS B 520 15.86 29.39 28.93
CA LYS B 520 14.79 29.13 27.98
C LYS B 520 13.90 27.97 28.42
N GLY B 521 13.98 27.56 29.67
CA GLY B 521 13.19 26.42 30.10
C GLY B 521 13.21 26.28 31.60
N VAL B 522 12.37 25.36 32.08
CA VAL B 522 12.30 25.03 33.49
C VAL B 522 11.44 23.78 33.63
N LEU B 523 11.69 23.00 34.67
CA LEU B 523 11.00 21.74 34.90
C LEU B 523 10.41 21.73 36.30
N PHE B 524 9.14 21.38 36.39
CA PHE B 524 8.44 21.27 37.67
C PHE B 524 8.34 19.79 38.04
N TYR B 525 8.97 19.43 39.15
CA TYR B 525 8.81 18.12 39.74
C TYR B 525 8.23 18.27 41.14
N GLY B 526 7.18 17.50 41.42
CA GLY B 526 6.50 17.56 42.69
C GLY B 526 5.36 16.58 42.77
N PRO B 527 4.68 16.53 43.91
CA PRO B 527 3.61 15.56 44.07
C PRO B 527 2.44 15.88 43.17
N PRO B 528 1.67 14.88 42.75
CA PRO B 528 0.49 15.16 41.93
C PRO B 528 -0.55 15.96 42.68
N GLY B 529 -1.28 16.79 41.95
CA GLY B 529 -2.33 17.59 42.53
C GLY B 529 -1.83 18.62 43.52
N CYS B 530 -0.76 19.34 43.15
CA CYS B 530 -0.23 20.42 43.97
C CYS B 530 -0.32 21.77 43.28
N GLY B 531 -0.99 21.85 42.13
CA GLY B 531 -1.19 23.12 41.48
C GLY B 531 -0.05 23.61 40.63
N LYS B 532 0.53 22.74 39.80
CA LYS B 532 1.60 23.16 38.91
C LYS B 532 1.07 23.99 37.75
N THR B 533 -0.02 23.52 37.13
CA THR B 533 -0.63 24.28 36.04
C THR B 533 -1.12 25.64 36.53
N LEU B 534 -1.65 25.69 37.75
CA LEU B 534 -2.05 26.96 38.33
C LEU B 534 -0.86 27.91 38.43
N LEU B 535 0.29 27.39 38.88
CA LEU B 535 1.48 28.23 38.96
C LEU B 535 1.89 28.75 37.60
N ALA B 536 1.89 27.87 36.59
CA ALA B 536 2.28 28.29 35.25
C ALA B 536 1.33 29.36 34.72
N LYS B 537 0.03 29.16 34.91
CA LYS B 537 -0.93 30.15 34.42
C LYS B 537 -0.79 31.46 35.17
N ALA B 538 -0.53 31.41 36.48
CA ALA B 538 -0.36 32.63 37.25
C ALA B 538 0.85 33.41 36.76
N ILE B 539 1.97 32.73 36.53
CA ILE B 539 3.15 33.42 36.06
C ILE B 539 2.91 33.99 34.66
N ALA B 540 2.15 33.27 33.83
CA ALA B 540 1.80 33.79 32.52
C ALA B 540 0.96 35.06 32.64
N ASN B 541 -0.02 35.06 33.54
CA ASN B 541 -0.89 36.22 33.70
C ASN B 541 -0.10 37.42 34.22
N GLU B 542 0.81 37.18 35.16
CA GLU B 542 1.59 38.29 35.70
C GLU B 542 2.37 39.01 34.61
N CYS B 543 2.79 38.29 33.58
CA CYS B 543 3.53 38.87 32.46
C CYS B 543 2.64 39.21 31.27
N GLN B 544 1.33 39.01 31.39
CA GLN B 544 0.41 39.25 30.27
C GLN B 544 0.82 38.45 29.05
N ALA B 545 1.38 37.27 29.29
CA ALA B 545 1.89 36.41 28.23
C ALA B 545 0.92 35.26 27.99
N ASN B 546 0.81 34.86 26.72
CA ASN B 546 -0.09 33.79 26.35
C ASN B 546 0.35 32.48 26.95
N PHE B 547 -0.60 31.66 27.36
CA PHE B 547 -0.36 30.34 27.93
C PHE B 547 -0.96 29.29 27.02
N ILE B 548 -0.16 28.26 26.72
CA ILE B 548 -0.58 27.16 25.86
C ILE B 548 -0.45 25.88 26.68
N SER B 549 -1.56 25.16 26.83
CA SER B 549 -1.59 23.92 27.59
C SER B 549 -1.55 22.74 26.62
N VAL B 550 -0.50 21.95 26.70
CA VAL B 550 -0.35 20.74 25.89
C VAL B 550 -0.09 19.59 26.84
N LYS B 551 -0.95 18.58 26.78
CA LYS B 551 -0.83 17.40 27.63
C LYS B 551 -0.18 16.27 26.85
N GLY B 552 0.66 15.50 27.55
CA GLY B 552 1.34 14.38 26.91
C GLY B 552 0.44 13.42 26.18
N PRO B 553 -0.75 13.12 26.70
CA PRO B 553 -1.64 12.22 25.96
C PRO B 553 -1.98 12.71 24.56
N GLU B 554 -2.13 14.02 24.36
CA GLU B 554 -2.47 14.52 23.03
C GLU B 554 -1.35 14.28 22.03
N LEU B 555 -0.13 14.64 22.41
CA LEU B 555 1.02 14.38 21.54
C LEU B 555 1.18 12.88 21.30
N LEU B 556 0.94 12.09 22.35
CA LEU B 556 1.05 10.65 22.22
C LEU B 556 0.04 10.12 21.22
N THR B 557 -1.20 10.60 21.28
CA THR B 557 -2.23 10.17 20.33
C THR B 557 -1.85 10.59 18.92
N MET B 558 -1.37 11.83 18.75
CA MET B 558 -1.04 12.29 17.42
C MET B 558 0.10 11.49 16.82
N TRP B 559 1.13 11.16 17.61
CA TRP B 559 2.17 10.28 17.12
C TRP B 559 1.59 8.92 16.76
N PHE B 560 0.80 8.34 17.67
CA PHE B 560 0.11 7.09 17.32
C PHE B 560 -0.77 7.27 16.09
N GLY B 561 -1.23 8.50 15.84
CA GLY B 561 -1.95 8.80 14.62
C GLY B 561 -1.07 9.16 13.45
N GLU B 562 0.25 9.05 13.62
CA GLU B 562 1.21 9.37 12.57
C GLU B 562 1.04 10.81 12.07
N SER B 563 0.76 11.72 13.01
CA SER B 563 0.66 13.14 12.70
C SER B 563 1.64 13.92 13.58
N GLU B 564 2.88 13.43 13.66
CA GLU B 564 3.87 14.03 14.55
C GLU B 564 4.17 15.48 14.20
N ALA B 565 3.81 15.92 12.99
CA ALA B 565 3.97 17.33 12.65
C ALA B 565 3.18 18.23 13.58
N ASN B 566 2.21 17.67 14.31
CA ASN B 566 1.49 18.47 15.29
C ASN B 566 2.44 19.09 16.31
N VAL B 567 3.53 18.40 16.64
CA VAL B 567 4.48 18.95 17.62
C VAL B 567 5.11 20.22 17.09
N ARG B 568 5.62 20.16 15.85
CA ARG B 568 6.15 21.35 15.21
C ARG B 568 5.09 22.42 15.09
N GLU B 569 3.83 22.02 14.91
CA GLU B 569 2.75 23.00 14.85
C GLU B 569 2.58 23.71 16.19
N ILE B 570 2.66 22.96 17.29
CA ILE B 570 2.56 23.57 18.61
C ILE B 570 3.69 24.56 18.81
N PHE B 571 4.91 24.14 18.47
CA PHE B 571 6.04 25.05 18.62
C PHE B 571 5.87 26.29 17.76
N ASP B 572 5.41 26.12 16.52
CA ASP B 572 5.20 27.25 15.63
C ASP B 572 4.19 28.22 16.24
N LYS B 573 3.02 27.72 16.64
CA LYS B 573 2.01 28.57 17.23
C LYS B 573 2.56 29.31 18.44
N ALA B 574 3.21 28.58 19.35
CA ALA B 574 3.81 29.23 20.51
C ALA B 574 4.75 30.34 20.07
N ARG B 575 5.42 30.16 18.93
CA ARG B 575 6.35 31.17 18.45
C ARG B 575 5.62 32.40 17.93
N GLN B 576 4.57 32.21 17.13
CA GLN B 576 3.89 33.35 16.53
C GLN B 576 3.25 34.23 17.57
N SER B 577 2.68 33.63 18.61
CA SER B 577 1.95 34.37 19.64
C SER B 577 2.86 34.83 20.77
N ALA B 578 4.16 34.97 20.51
CA ALA B 578 5.07 35.43 21.54
C ALA B 578 4.65 36.81 22.04
N PRO B 579 4.82 37.09 23.33
CA PRO B 579 5.39 36.25 24.39
C PRO B 579 4.46 35.09 24.76
N CYS B 580 5.00 33.95 25.16
CA CYS B 580 4.18 32.77 25.38
C CYS B 580 4.82 31.89 26.44
N VAL B 581 4.00 31.02 27.02
CA VAL B 581 4.44 30.05 28.02
C VAL B 581 3.90 28.69 27.61
N LEU B 582 4.72 27.92 26.91
CA LEU B 582 4.33 26.59 26.45
C LEU B 582 4.50 25.62 27.61
N PHE B 583 3.38 25.09 28.11
CA PHE B 583 3.36 24.22 29.27
C PHE B 583 3.16 22.79 28.80
N PHE B 584 4.20 21.97 28.92
CA PHE B 584 4.13 20.56 28.52
C PHE B 584 3.68 19.76 29.73
N ASP B 585 2.38 19.49 29.79
CA ASP B 585 1.81 18.77 30.92
C ASP B 585 2.10 17.29 30.80
N GLU B 586 2.42 16.67 31.95
CA GLU B 586 2.83 15.27 32.01
C GLU B 586 3.91 14.97 30.96
N LEU B 587 5.04 15.67 31.10
CA LEU B 587 6.19 15.36 30.26
C LEU B 587 6.64 13.93 30.46
N ASP B 588 6.44 13.38 31.65
CA ASP B 588 6.84 12.00 31.94
C ASP B 588 5.89 10.97 31.37
N SER B 589 4.73 11.39 30.84
CA SER B 589 3.81 10.44 30.24
C SER B 589 4.43 9.73 29.05
N ILE B 590 5.12 10.48 28.19
CA ILE B 590 5.75 9.88 27.02
C ILE B 590 6.86 8.94 27.45
N ALA B 591 7.69 9.37 28.40
CA ALA B 591 8.78 8.54 28.88
C ALA B 591 8.25 7.25 29.49
N THR B 592 7.16 7.33 30.26
CA THR B 592 6.54 6.14 30.81
C THR B 592 6.00 5.24 29.71
N GLN B 593 5.37 5.82 28.68
CA GLN B 593 4.92 5.03 27.55
C GLN B 593 6.08 4.24 26.96
N ARG B 594 7.25 4.87 26.83
CA ARG B 594 8.45 4.13 26.50
C ARG B 594 9.08 3.46 27.71
N GLY B 595 8.86 4.01 28.91
CA GLY B 595 9.35 3.39 30.13
C GLY B 595 9.99 4.33 31.12
N GLY B 596 10.69 5.34 30.62
CA GLY B 596 11.38 6.27 31.51
C GLY B 596 12.48 5.60 32.29
N GLY B 597 12.25 5.40 33.59
CA GLY B 597 13.24 4.78 34.46
C GLY B 597 12.75 3.48 35.06
N SER B 598 11.43 3.28 35.08
CA SER B 598 10.85 2.06 35.63
C SER B 598 11.11 0.84 34.74
N GLY B 599 11.49 1.04 33.49
CA GLY B 599 11.79 -0.06 32.59
C GLY B 599 10.62 -0.50 31.74
N GLY B 600 9.89 0.45 31.18
CA GLY B 600 8.81 0.14 30.27
C GLY B 600 9.28 -0.79 29.17
N ASP B 601 10.15 -0.29 28.29
CA ASP B 601 10.91 -1.16 27.42
C ASP B 601 12.21 -1.54 28.12
N GLY B 602 13.06 -2.30 27.43
CA GLY B 602 14.32 -2.68 28.03
C GLY B 602 15.21 -1.50 28.35
N GLY B 603 15.00 -0.38 27.66
CA GLY B 603 15.91 0.75 27.78
C GLY B 603 15.27 2.06 28.18
N GLY B 604 15.66 3.13 27.50
CA GLY B 604 15.27 4.48 27.89
C GLY B 604 13.89 4.86 27.41
N ALA B 605 13.65 6.17 27.37
CA ALA B 605 12.33 6.72 27.09
C ALA B 605 12.22 7.42 25.75
N ALA B 606 13.33 7.75 25.09
CA ALA B 606 13.27 8.54 23.88
C ALA B 606 12.49 7.82 22.78
N ASP B 607 11.74 8.59 22.00
CA ASP B 607 10.94 8.05 20.90
C ASP B 607 10.71 9.16 19.88
N ARG B 608 9.77 8.92 18.97
CA ARG B 608 9.38 9.91 17.97
C ARG B 608 9.14 11.27 18.61
N VAL B 609 8.13 11.35 19.48
CA VAL B 609 7.69 12.63 20.01
C VAL B 609 8.79 13.28 20.83
N LEU B 610 9.44 12.49 21.69
CA LEU B 610 10.49 13.05 22.52
C LEU B 610 11.63 13.60 21.67
N ASN B 611 12.10 12.81 20.71
CA ASN B 611 13.22 13.25 19.89
C ASN B 611 12.86 14.50 19.11
N GLN B 612 11.64 14.55 18.57
CA GLN B 612 11.20 15.76 17.87
C GLN B 612 11.16 16.95 18.82
N LEU B 613 10.75 16.72 20.06
CA LEU B 613 10.71 17.82 21.03
C LEU B 613 12.12 18.34 21.30
N LEU B 614 13.09 17.44 21.48
CA LEU B 614 14.47 17.89 21.65
C LEU B 614 14.94 18.68 20.43
N THR B 615 14.65 18.17 19.24
CA THR B 615 15.12 18.84 18.02
C THR B 615 14.56 20.25 17.93
N GLU B 616 13.26 20.40 18.20
CA GLU B 616 12.67 21.73 18.19
C GLU B 616 13.21 22.60 19.31
N MET B 617 13.53 22.00 20.46
CA MET B 617 14.07 22.76 21.58
C MET B 617 15.42 23.37 21.22
N ASP B 618 16.33 22.56 20.70
CA ASP B 618 17.65 23.06 20.33
C ASP B 618 17.57 24.07 19.20
N GLY B 619 16.50 24.04 18.40
CA GLY B 619 16.34 24.94 17.28
C GLY B 619 15.61 26.23 17.59
N MET B 620 15.26 26.48 18.84
CA MET B 620 14.52 27.69 19.18
C MET B 620 15.43 28.92 19.09
N ASN B 621 14.81 30.06 18.80
CA ASN B 621 15.54 31.31 18.68
C ASN B 621 15.81 31.90 20.06
N ALA B 622 17.06 32.29 20.29
CA ALA B 622 17.42 32.89 21.59
C ALA B 622 16.69 34.20 21.80
N LYS B 623 16.54 35.02 20.76
CA LYS B 623 15.90 36.32 20.89
C LYS B 623 14.40 36.21 21.08
N LYS B 624 13.80 35.06 20.78
CA LYS B 624 12.36 34.92 20.89
C LYS B 624 11.96 34.67 22.33
N THR B 625 10.85 35.28 22.74
CA THR B 625 10.38 35.19 24.12
C THR B 625 9.40 34.02 24.27
N VAL B 626 9.88 32.84 23.89
CA VAL B 626 9.10 31.62 24.02
C VAL B 626 9.66 30.78 25.15
N PHE B 627 9.16 30.98 26.36
CA PHE B 627 9.58 30.21 27.51
C PHE B 627 8.72 28.95 27.61
N ILE B 628 9.36 27.85 27.97
CA ILE B 628 8.74 26.54 28.00
C ILE B 628 8.86 25.96 29.40
N ILE B 629 7.76 25.40 29.90
CA ILE B 629 7.68 24.85 31.23
C ILE B 629 7.23 23.40 31.12
N GLY B 630 7.95 22.51 31.79
CA GLY B 630 7.63 21.09 31.81
C GLY B 630 7.22 20.66 33.21
N ALA B 631 6.12 19.92 33.29
CA ALA B 631 5.60 19.43 34.56
C ALA B 631 5.64 17.91 34.56
N THR B 632 6.18 17.35 35.63
CA THR B 632 6.30 15.91 35.77
C THR B 632 6.04 15.52 37.21
N ASN B 633 5.26 14.45 37.39
CA ASN B 633 5.01 13.89 38.71
C ASN B 633 6.03 12.82 39.09
N ARG B 634 6.97 12.52 38.19
CA ARG B 634 7.96 11.48 38.43
C ARG B 634 9.27 11.95 37.82
N PRO B 635 10.19 12.48 38.64
CA PRO B 635 11.45 13.01 38.08
C PRO B 635 12.52 11.97 37.86
N ASP B 636 12.44 10.82 38.54
CA ASP B 636 13.47 9.80 38.40
C ASP B 636 13.36 9.01 37.10
N ILE B 637 12.28 9.18 36.35
CA ILE B 637 12.08 8.46 35.10
C ILE B 637 12.31 9.32 33.87
N ILE B 638 12.52 10.62 34.03
CA ILE B 638 12.67 11.49 32.87
C ILE B 638 14.01 11.24 32.21
N ASP B 639 14.00 11.16 30.88
CA ASP B 639 15.23 10.95 30.14
C ASP B 639 16.21 12.07 30.40
N SER B 640 17.48 11.71 30.65
CA SER B 640 18.49 12.71 30.97
C SER B 640 18.75 13.64 29.80
N ALA B 641 18.59 13.15 28.57
CA ALA B 641 18.84 14.00 27.41
C ALA B 641 17.95 15.22 27.41
N LEU B 642 16.75 15.10 27.96
CA LEU B 642 15.84 16.24 28.02
C LEU B 642 16.29 17.27 29.04
N LEU B 643 17.01 16.83 30.08
CA LEU B 643 17.45 17.72 31.14
C LEU B 643 18.76 18.41 30.81
N ARG B 644 19.35 18.15 29.64
CA ARG B 644 20.62 18.76 29.30
C ARG B 644 20.45 20.27 29.17
N PRO B 645 21.47 21.05 29.53
CA PRO B 645 21.37 22.50 29.39
C PRO B 645 21.08 22.91 27.95
N GLY B 646 20.30 23.97 27.82
CA GLY B 646 19.89 24.48 26.53
C GLY B 646 18.48 24.14 26.13
N ARG B 647 17.89 23.11 26.74
CA ARG B 647 16.52 22.71 26.44
C ARG B 647 15.59 22.93 27.62
N LEU B 648 15.86 22.26 28.74
CA LEU B 648 15.07 22.41 29.97
C LEU B 648 16.00 22.03 31.11
N ASP B 649 16.57 23.03 31.77
CA ASP B 649 17.60 22.72 32.77
C ASP B 649 17.20 23.16 34.18
N GLN B 650 16.64 24.36 34.32
CA GLN B 650 16.19 24.80 35.64
C GLN B 650 15.19 23.80 36.20
N LEU B 651 15.50 23.26 37.37
CA LEU B 651 14.61 22.33 38.08
C LEU B 651 14.18 23.00 39.38
N ILE B 652 12.87 23.05 39.60
CA ILE B 652 12.29 23.68 40.78
C ILE B 652 11.36 22.68 41.45
N TYR B 653 11.49 22.56 42.76
CA TYR B 653 10.68 21.64 43.54
C TYR B 653 9.43 22.34 44.06
N ILE B 654 8.28 21.70 43.89
CA ILE B 654 7.02 22.22 44.37
C ILE B 654 6.57 21.41 45.58
N PRO B 655 6.73 21.93 46.80
CA PRO B 655 6.37 21.14 47.98
C PRO B 655 4.87 21.08 48.18
N LEU B 656 4.46 20.15 49.04
CA LEU B 656 3.07 20.10 49.45
C LEU B 656 2.70 21.38 50.17
N PRO B 657 1.45 21.84 50.05
CA PRO B 657 1.08 23.12 50.66
C PRO B 657 1.32 23.09 52.17
N ASP B 658 1.84 24.21 52.68
CA ASP B 658 2.08 24.36 54.10
C ASP B 658 0.86 25.01 54.75
N GLU B 659 1.01 25.46 55.99
CA GLU B 659 -0.14 25.98 56.74
C GLU B 659 -0.82 27.12 55.98
N ASP B 660 -0.05 28.14 55.59
CA ASP B 660 -0.66 29.27 54.90
C ASP B 660 -1.08 28.89 53.49
N SER B 661 -0.29 28.05 52.81
CA SER B 661 -0.69 27.59 51.48
C SER B 661 -2.00 26.80 51.55
N ARG B 662 -2.12 25.92 52.54
CA ARG B 662 -3.34 25.14 52.70
C ARG B 662 -4.51 26.04 53.04
N LEU B 663 -4.28 27.06 53.86
CA LEU B 663 -5.33 28.04 54.15
C LEU B 663 -5.79 28.71 52.85
N ASN B 664 -4.83 29.11 52.02
CA ASN B 664 -5.18 29.77 50.76
C ASN B 664 -6.00 28.86 49.86
N ILE B 665 -5.58 27.60 49.73
CA ILE B 665 -6.34 26.67 48.89
C ILE B 665 -7.73 26.46 49.45
N PHE B 666 -7.85 26.29 50.76
CA PHE B 666 -9.16 26.13 51.38
C PHE B 666 -10.07 27.30 51.07
N LYS B 667 -9.59 28.52 51.30
CA LYS B 667 -10.45 29.68 51.07
C LYS B 667 -10.80 29.82 49.60
N ALA B 668 -9.86 29.50 48.72
CA ALA B 668 -10.14 29.56 47.29
C ALA B 668 -11.25 28.58 46.92
N ALA B 669 -11.19 27.37 47.46
CA ALA B 669 -12.22 26.39 47.14
C ALA B 669 -13.58 26.77 47.73
N LEU B 670 -13.58 27.34 48.93
CA LEU B 670 -14.81 27.81 49.56
C LEU B 670 -15.08 29.28 49.27
N ARG B 671 -14.22 29.93 48.48
CA ARG B 671 -14.41 31.35 48.22
C ARG B 671 -15.76 31.62 47.57
N LYS B 672 -16.17 30.75 46.64
CA LYS B 672 -17.44 30.93 45.96
C LYS B 672 -18.63 30.53 46.83
N SER B 673 -18.44 29.62 47.79
CA SER B 673 -19.57 29.10 48.54
C SER B 673 -19.70 29.80 49.89
N PRO B 674 -20.92 29.90 50.42
CA PRO B 674 -21.09 30.41 51.79
C PRO B 674 -20.85 29.31 52.81
N ILE B 675 -20.27 29.72 53.94
CA ILE B 675 -19.96 28.79 55.03
C ILE B 675 -20.64 29.29 56.30
N ALA B 676 -20.98 28.34 57.16
CA ALA B 676 -21.60 28.69 58.43
C ALA B 676 -20.63 29.51 59.27
N LYS B 677 -21.19 30.49 60.00
CA LYS B 677 -20.34 31.37 60.80
C LYS B 677 -19.52 30.60 61.81
N ASP B 678 -20.02 29.45 62.26
CA ASP B 678 -19.28 28.66 63.24
C ASP B 678 -17.98 28.13 62.65
N VAL B 679 -17.88 28.04 61.33
CA VAL B 679 -16.75 27.41 60.67
C VAL B 679 -15.84 28.49 60.10
N ASP B 680 -14.60 28.53 60.58
CA ASP B 680 -13.52 29.28 59.97
C ASP B 680 -12.52 28.27 59.44
N ILE B 681 -12.22 28.35 58.15
CA ILE B 681 -11.47 27.27 57.50
C ILE B 681 -9.98 27.34 57.79
N GLY B 682 -9.47 28.50 58.21
CA GLY B 682 -8.06 28.59 58.55
C GLY B 682 -7.67 27.68 59.70
N ALA B 683 -8.57 27.54 60.68
CA ALA B 683 -8.29 26.66 61.80
C ALA B 683 -8.10 25.22 61.33
N LEU B 684 -8.96 24.75 60.43
CA LEU B 684 -8.79 23.41 59.88
C LEU B 684 -7.52 23.33 59.04
N ALA B 685 -7.26 24.37 58.24
CA ALA B 685 -6.07 24.38 57.39
C ALA B 685 -4.80 24.29 58.23
N LYS B 686 -4.83 24.81 59.45
CA LYS B 686 -3.62 24.88 60.27
C LYS B 686 -3.05 23.50 60.55
N TYR B 687 -3.90 22.54 60.91
CA TYR B 687 -3.44 21.25 61.40
C TYR B 687 -3.40 20.18 60.31
N THR B 688 -3.83 20.48 59.09
CA THR B 688 -3.97 19.45 58.06
C THR B 688 -2.72 19.41 57.18
N GLN B 689 -1.60 19.15 57.83
CA GLN B 689 -0.32 19.04 57.13
C GLN B 689 -0.22 17.72 56.38
N GLY B 690 0.54 17.74 55.29
CA GLY B 690 0.74 16.55 54.48
C GLY B 690 -0.38 16.22 53.53
N PHE B 691 -1.33 17.13 53.34
CA PHE B 691 -2.49 16.89 52.48
C PHE B 691 -2.44 17.82 51.29
N SER B 692 -2.58 17.26 50.10
CA SER B 692 -2.43 18.01 48.86
C SER B 692 -3.67 18.86 48.58
N GLY B 693 -3.52 19.77 47.63
CA GLY B 693 -4.64 20.64 47.26
C GLY B 693 -5.83 19.86 46.74
N ALA B 694 -5.57 18.75 46.03
CA ALA B 694 -6.67 17.90 45.58
C ALA B 694 -7.47 17.38 46.76
N ASP B 695 -6.77 16.94 47.81
CA ASP B 695 -7.48 16.49 49.00
C ASP B 695 -8.30 17.61 49.60
N ILE B 696 -7.77 18.84 49.58
CA ILE B 696 -8.55 19.97 50.07
C ILE B 696 -9.83 20.12 49.26
N THR B 697 -9.70 20.09 47.93
CA THR B 697 -10.87 20.24 47.08
C THR B 697 -11.90 19.16 47.38
N GLU B 698 -11.43 17.94 47.64
CA GLU B 698 -12.38 16.85 47.90
C GLU B 698 -13.00 16.97 49.28
N ILE B 699 -12.25 17.46 50.27
CA ILE B 699 -12.84 17.68 51.58
C ILE B 699 -13.98 18.69 51.46
N CYS B 700 -13.74 19.78 50.72
CA CYS B 700 -14.80 20.75 50.50
C CYS B 700 -15.97 20.13 49.73
N GLN B 701 -15.68 19.35 48.70
CA GLN B 701 -16.75 18.73 47.94
C GLN B 701 -17.62 17.85 48.83
N ARG B 702 -16.99 17.05 49.68
CA ARG B 702 -17.75 16.15 50.54
C ARG B 702 -18.49 16.90 51.63
N ALA B 703 -17.91 18.00 52.13
CA ALA B 703 -18.59 18.79 53.15
C ALA B 703 -19.84 19.44 52.57
N CYS B 704 -19.69 20.09 51.41
CA CYS B 704 -20.85 20.60 50.69
C CYS B 704 -21.86 19.49 50.41
N LYS B 705 -21.37 18.32 50.04
CA LYS B 705 -22.24 17.19 49.71
C LYS B 705 -23.07 16.74 50.90
N TYR B 706 -22.46 16.70 52.09
CA TYR B 706 -23.22 16.30 53.27
C TYR B 706 -24.20 17.39 53.71
N ALA B 707 -23.77 18.66 53.70
CA ALA B 707 -24.72 19.74 53.92
C ALA B 707 -25.85 19.67 52.90
N ILE B 708 -25.55 19.17 51.70
CA ILE B 708 -26.52 19.07 50.62
C ILE B 708 -27.55 17.99 50.93
N ARG B 709 -27.07 16.84 51.40
CA ARG B 709 -27.99 15.81 51.88
C ARG B 709 -28.87 16.36 52.99
N GLU B 710 -28.29 17.15 53.89
CA GLU B 710 -29.09 17.74 54.96
C GLU B 710 -30.19 18.62 54.38
N ASN B 711 -29.84 19.45 53.40
CA ASN B 711 -30.82 20.33 52.79
C ASN B 711 -31.95 19.54 52.15
N ILE B 712 -31.60 18.50 51.38
CA ILE B 712 -32.65 17.75 50.71
C ILE B 712 -33.50 16.98 51.71
N GLU B 713 -32.90 16.50 52.80
CA GLU B 713 -33.69 15.83 53.83
C GLU B 713 -34.69 16.79 54.46
N LYS B 714 -34.26 18.02 54.73
CA LYS B 714 -35.18 19.02 55.24
C LYS B 714 -36.30 19.29 54.24
N ASP B 715 -35.96 19.37 52.95
CA ASP B 715 -36.97 19.59 51.92
C ASP B 715 -37.96 18.43 51.87
N ILE B 716 -37.46 17.20 52.00
CA ILE B 716 -38.33 16.03 51.95
C ILE B 716 -39.26 16.01 53.16
N GLU B 717 -38.73 16.37 54.32
CA GLU B 717 -39.58 16.45 55.51
C GLU B 717 -40.65 17.53 55.34
N LYS B 718 -40.28 18.66 54.73
CA LYS B 718 -41.25 19.71 54.45
C LYS B 718 -42.34 19.19 53.52
N GLU B 719 -41.95 18.46 52.47
CA GLU B 719 -42.94 17.90 51.55
C GLU B 719 -43.85 16.91 52.27
N LYS B 720 -43.28 16.09 53.16
CA LYS B 720 -44.09 15.16 53.93
C LYS B 720 -45.10 15.89 54.80
N ARG B 721 -44.65 16.97 55.47
CA ARG B 721 -45.56 17.75 56.28
C ARG B 721 -46.67 18.37 55.45
N ARG B 722 -46.33 18.88 54.27
CA ARG B 722 -47.35 19.45 53.39
C ARG B 722 -48.33 18.39 52.92
N SER B 723 -47.85 17.19 52.64
CA SER B 723 -48.76 16.09 52.32
C SER B 723 -49.67 15.78 53.50
N GLU B 724 -49.15 15.89 54.72
CA GLU B 724 -49.99 15.68 55.91
C GLU B 724 -51.06 16.77 56.01
N ASN B 725 -50.70 18.01 55.72
CA ASN B 725 -51.62 19.15 55.82
C ASN B 725 -51.52 19.96 54.53
N PRO B 726 -52.06 19.43 53.42
CA PRO B 726 -51.97 20.17 52.15
C PRO B 726 -52.69 21.51 52.19
N GLU B 727 -53.80 21.59 52.91
CA GLU B 727 -54.58 22.83 52.97
C GLU B 727 -54.01 23.84 53.95
N ALA B 728 -53.10 23.44 54.83
CA ALA B 728 -52.50 24.37 55.77
C ALA B 728 -51.72 25.45 55.04
N MET B 729 -52.21 26.69 55.08
CA MET B 729 -51.54 27.78 54.40
C MET B 729 -50.13 27.94 54.94
N GLU B 730 -49.16 28.05 54.03
CA GLU B 730 -47.75 28.14 54.40
C GLU B 730 -47.49 29.49 55.05
N GLU B 731 -47.35 29.51 56.37
CA GLU B 731 -47.04 30.74 57.08
C GLU B 731 -45.71 31.31 56.59
N ASP B 732 -45.47 32.57 56.95
CA ASP B 732 -44.23 33.23 56.58
C ASP B 732 -43.12 32.85 57.54
N GLY B 733 -42.91 31.56 57.76
CA GLY B 733 -41.84 31.10 58.61
C GLY B 733 -40.50 31.27 57.92
N VAL B 734 -39.58 31.99 58.55
CA VAL B 734 -38.28 32.24 57.96
C VAL B 734 -37.60 30.90 57.70
N ASP B 735 -37.35 30.59 56.43
CA ASP B 735 -36.68 29.35 56.08
C ASP B 735 -35.29 29.32 56.69
N GLU B 736 -34.95 28.22 57.34
CA GLU B 736 -33.62 28.07 57.92
C GLU B 736 -32.57 28.23 56.83
N VAL B 737 -31.52 29.01 57.12
CA VAL B 737 -30.52 29.33 56.13
C VAL B 737 -29.75 28.05 55.80
N SER B 738 -29.84 27.62 54.55
CA SER B 738 -29.17 26.38 54.10
C SER B 738 -27.70 26.70 53.91
N GLU B 739 -26.92 26.48 54.96
CA GLU B 739 -25.49 26.74 54.96
C GLU B 739 -24.71 25.44 55.08
N ILE B 740 -23.40 25.56 54.97
CA ILE B 740 -22.48 24.44 55.14
C ILE B 740 -21.88 24.55 56.53
N LYS B 741 -22.30 23.68 57.43
CA LYS B 741 -21.94 23.77 58.83
C LYS B 741 -20.76 22.85 59.15
N ALA B 742 -20.27 22.96 60.39
CA ALA B 742 -19.06 22.22 60.78
C ALA B 742 -19.31 20.73 60.91
N ALA B 743 -20.54 20.33 61.23
CA ALA B 743 -20.84 18.90 61.36
C ALA B 743 -20.60 18.17 60.04
N HIS B 744 -20.99 18.80 58.94
CA HIS B 744 -20.80 18.17 57.64
C HIS B 744 -19.34 18.23 57.21
N PHE B 745 -18.59 19.22 57.69
CA PHE B 745 -17.14 19.19 57.49
C PHE B 745 -16.53 17.99 58.22
N GLU B 746 -17.01 17.73 59.44
CA GLU B 746 -16.58 16.52 60.16
C GLU B 746 -16.89 15.27 59.35
N GLU B 747 -18.13 15.18 58.85
CA GLU B 747 -18.54 14.01 58.09
C GLU B 747 -17.71 13.84 56.82
N SER B 748 -17.35 14.96 56.19
CA SER B 748 -16.52 14.90 55.00
C SER B 748 -15.11 14.43 55.31
N MET B 749 -14.49 15.01 56.34
CA MET B 749 -13.13 14.61 56.69
C MET B 749 -13.07 13.17 57.16
N LYS B 750 -14.19 12.65 57.68
CA LYS B 750 -14.25 11.23 58.00
C LYS B 750 -13.93 10.40 56.77
N TYR B 751 -14.12 10.97 55.57
CA TYR B 751 -13.71 10.36 54.32
C TYR B 751 -12.59 11.16 53.64
N ALA B 752 -11.75 11.80 54.44
CA ALA B 752 -10.60 12.53 53.92
C ALA B 752 -9.51 11.55 53.49
N ARG B 753 -8.78 11.93 52.45
CA ARG B 753 -7.71 11.11 51.88
C ARG B 753 -6.40 11.89 51.85
N ARG B 754 -5.29 11.15 51.84
CA ARG B 754 -3.98 11.71 51.55
C ARG B 754 -3.32 10.81 50.51
N SER B 755 -3.37 11.24 49.25
CA SER B 755 -2.88 10.41 48.15
C SER B 755 -1.38 10.19 48.22
N VAL B 756 -0.64 11.16 48.74
CA VAL B 756 0.82 11.11 48.78
C VAL B 756 1.26 10.65 50.16
N SER B 757 2.17 9.68 50.18
CA SER B 757 2.76 9.18 51.42
C SER B 757 4.10 9.86 51.65
N ASP B 758 4.61 9.71 52.88
CA ASP B 758 5.90 10.28 53.21
C ASP B 758 7.03 9.64 52.42
N ALA B 759 6.81 8.44 51.87
CA ALA B 759 7.84 7.81 51.06
C ALA B 759 7.99 8.51 49.72
N ASP B 760 6.89 8.94 49.11
CA ASP B 760 6.97 9.70 47.87
C ASP B 760 7.69 11.02 48.09
N ILE B 761 7.36 11.72 49.18
CA ILE B 761 8.05 12.96 49.49
C ILE B 761 9.51 12.69 49.81
N ARG B 762 9.81 11.53 50.40
CA ARG B 762 11.20 11.17 50.64
C ARG B 762 11.95 10.99 49.32
N LYS B 763 11.30 10.38 48.33
CA LYS B 763 11.91 10.27 47.01
C LYS B 763 12.12 11.65 46.39
N TYR B 764 11.13 12.53 46.54
CA TYR B 764 11.24 13.86 45.96
C TYR B 764 12.39 14.63 46.60
N GLN B 765 12.53 14.54 47.93
CA GLN B 765 13.62 15.25 48.59
C GLN B 765 14.96 14.57 48.33
N ALA B 766 14.96 13.27 48.04
CA ALA B 766 16.19 12.64 47.59
C ALA B 766 16.64 13.21 46.25
N PHE B 767 15.68 13.39 45.33
CA PHE B 767 16.00 14.06 44.08
C PHE B 767 16.47 15.49 44.33
N ALA B 768 15.80 16.20 45.23
CA ALA B 768 16.18 17.56 45.55
C ALA B 768 17.59 17.62 46.14
N GLN B 769 17.97 16.61 46.91
CA GLN B 769 19.32 16.56 47.47
C GLN B 769 20.35 16.25 46.38
N THR B 770 20.04 15.27 45.53
CA THR B 770 20.92 14.98 44.40
C THR B 770 21.10 16.21 43.52
N LEU B 771 20.12 17.12 43.54
CA LEU B 771 20.26 18.37 42.78
C LEU B 771 21.05 19.42 43.56
N GLN B 772 20.78 19.54 44.86
CA GLN B 772 21.32 20.63 45.67
C GLN B 772 22.84 20.60 45.74
N GLN B 773 23.39 19.59 46.41
CA GLN B 773 24.84 19.40 46.50
C GLN B 773 25.59 20.71 46.70
N SER B 774 25.08 21.59 47.56
CA SER B 774 25.65 22.90 47.80
C SER B 774 26.19 22.96 49.21
N ARG B 775 27.49 23.21 49.34
CA ARG B 775 28.15 23.31 50.64
C ARG B 775 29.58 23.78 50.42
N GLY B 776 30.28 24.04 51.53
CA GLY B 776 31.68 24.37 51.49
C GLY B 776 31.99 25.86 51.45
N PHE B 777 31.58 26.54 50.38
CA PHE B 777 31.96 27.93 50.15
C PHE B 777 30.81 28.91 50.45
N GLY B 778 29.89 28.53 51.32
CA GLY B 778 28.81 29.44 51.68
C GLY B 778 29.33 30.72 52.32
N SER B 779 30.32 30.60 53.19
CA SER B 779 30.89 31.76 53.88
C SER B 779 32.40 31.73 53.98
N GLU B 780 33.07 30.70 53.45
CA GLU B 780 34.52 30.58 53.58
C GLU B 780 35.27 31.41 52.55
N PHE B 781 34.59 32.07 51.62
CA PHE B 781 35.23 32.81 50.54
C PHE B 781 35.15 34.30 50.84
N ARG B 782 36.30 34.97 50.79
CA ARG B 782 36.35 36.43 50.86
C ARG B 782 37.66 36.90 50.27
N PHE B 783 37.60 38.00 49.55
CA PHE B 783 38.78 38.56 48.89
C PHE B 783 39.65 39.32 49.88
N GLU B 784 40.94 39.42 49.56
CA GLU B 784 41.89 40.12 50.40
C GLU B 784 41.64 41.62 50.37
N PRO C 32 -63.44 21.06 18.84
CA PRO C 32 -64.78 20.48 18.87
C PRO C 32 -65.23 19.93 17.51
N ASN C 33 -64.57 20.39 16.45
CA ASN C 33 -64.89 19.97 15.09
C ASN C 33 -64.06 18.77 14.63
N ARG C 34 -63.22 18.23 15.50
CA ARG C 34 -62.43 17.05 15.19
C ARG C 34 -63.11 15.82 15.78
N LEU C 35 -63.30 14.79 14.96
CA LEU C 35 -63.99 13.58 15.36
C LEU C 35 -63.26 12.36 14.83
N VAL C 36 -63.44 11.24 15.51
CA VAL C 36 -62.80 9.98 15.14
C VAL C 36 -63.67 9.28 14.09
N VAL C 37 -63.01 8.68 13.10
CA VAL C 37 -63.74 8.01 12.03
C VAL C 37 -64.31 6.70 12.54
N ASP C 38 -65.54 6.40 12.12
CA ASP C 38 -66.21 5.16 12.52
C ASP C 38 -67.06 4.67 11.36
N GLU C 39 -67.41 3.38 11.41
CA GLU C 39 -68.23 2.80 10.36
C GLU C 39 -69.64 3.38 10.40
N ALA C 40 -70.19 3.65 9.22
CA ALA C 40 -71.51 4.25 9.09
C ALA C 40 -72.56 3.19 8.77
N ILE C 41 -73.76 3.39 9.32
CA ILE C 41 -74.87 2.50 9.02
C ILE C 41 -75.24 2.60 7.54
N ASN C 42 -75.29 3.82 7.01
CA ASN C 42 -75.66 4.02 5.62
C ASN C 42 -74.44 3.82 4.72
N ASP C 43 -74.63 3.06 3.64
CA ASP C 43 -73.56 2.78 2.69
C ASP C 43 -73.49 3.82 1.57
N ASP C 44 -74.36 4.83 1.60
CA ASP C 44 -74.34 5.85 0.55
C ASP C 44 -72.97 6.54 0.52
N ASN C 45 -72.49 6.79 -0.70
CA ASN C 45 -71.15 7.34 -0.87
C ASN C 45 -71.09 8.82 -0.51
N SER C 46 -72.18 9.57 -0.72
CA SER C 46 -72.18 11.01 -0.53
C SER C 46 -72.85 11.42 0.77
N VAL C 47 -73.10 10.50 1.69
CA VAL C 47 -73.77 10.77 2.94
C VAL C 47 -72.86 10.36 4.09
N VAL C 48 -72.72 11.23 5.08
CA VAL C 48 -71.97 10.95 6.30
C VAL C 48 -72.86 11.25 7.48
N SER C 49 -72.55 10.62 8.61
CA SER C 49 -73.36 10.71 9.81
C SER C 49 -72.56 11.36 10.93
N LEU C 50 -73.22 12.23 11.68
CA LEU C 50 -72.60 12.92 12.81
C LEU C 50 -73.56 12.91 13.99
N HIS C 51 -72.99 13.00 15.19
CA HIS C 51 -73.80 12.99 16.40
C HIS C 51 -74.60 14.28 16.47
N PRO C 52 -75.91 14.22 16.76
CA PRO C 52 -76.74 15.43 16.64
C PRO C 52 -76.25 16.62 17.45
N ALA C 53 -75.93 16.43 18.73
CA ALA C 53 -75.40 17.52 19.54
C ALA C 53 -74.11 18.07 18.95
N THR C 54 -73.27 17.19 18.41
CA THR C 54 -72.04 17.65 17.77
C THR C 54 -72.35 18.53 16.56
N MET C 55 -73.35 18.15 15.77
CA MET C 55 -73.76 18.98 14.65
C MET C 55 -74.28 20.33 15.13
N GLU C 56 -75.06 20.32 16.21
CA GLU C 56 -75.58 21.57 16.76
C GLU C 56 -74.45 22.49 17.22
N LYS C 57 -73.42 21.91 17.84
CA LYS C 57 -72.26 22.70 18.24
C LYS C 57 -71.61 23.35 17.03
N LEU C 58 -71.57 22.63 15.91
CA LEU C 58 -71.04 23.16 14.66
C LEU C 58 -72.10 23.85 13.82
N GLN C 59 -73.33 23.96 14.32
CA GLN C 59 -74.41 24.64 13.61
C GLN C 59 -74.71 23.97 12.27
N LEU C 60 -74.60 22.64 12.25
CA LEU C 60 -74.84 21.86 11.04
C LEU C 60 -76.22 21.22 11.14
N PHE C 61 -76.98 21.29 10.05
CA PHE C 61 -78.31 20.72 9.97
C PHE C 61 -78.30 19.49 9.05
N ARG C 62 -79.29 18.62 9.25
CA ARG C 62 -79.39 17.41 8.45
C ARG C 62 -79.60 17.78 6.98
N GLY C 63 -78.85 17.09 6.10
CA GLY C 63 -78.95 17.30 4.67
C GLY C 63 -78.05 18.38 4.12
N ASP C 64 -77.37 19.14 4.97
CA ASP C 64 -76.48 20.20 4.51
C ASP C 64 -75.18 19.61 3.96
N THR C 65 -74.51 20.40 3.13
CA THR C 65 -73.22 20.02 2.57
C THR C 65 -72.11 20.50 3.49
N ILE C 66 -71.22 19.58 3.87
CA ILE C 66 -70.13 19.87 4.80
C ILE C 66 -68.82 19.48 4.15
N LEU C 67 -67.78 20.27 4.41
CA LEU C 67 -66.44 20.00 3.91
C LEU C 67 -65.66 19.27 5.00
N ILE C 68 -65.16 18.09 4.67
CA ILE C 68 -64.42 17.25 5.60
C ILE C 68 -62.96 17.20 5.16
N LYS C 69 -62.06 17.48 6.08
CA LYS C 69 -60.62 17.44 5.81
C LYS C 69 -60.01 16.24 6.50
N GLY C 70 -59.25 15.45 5.74
CA GLY C 70 -58.66 14.24 6.26
C GLY C 70 -57.14 14.29 6.31
N LYS C 71 -56.49 13.25 5.82
CA LYS C 71 -55.05 13.16 5.80
C LYS C 71 -54.48 13.64 4.46
N LYS C 72 -53.20 13.96 4.48
CA LYS C 72 -52.49 14.41 3.27
C LYS C 72 -53.12 15.67 2.70
N ARG C 73 -53.76 16.47 3.55
CA ARG C 73 -54.43 17.70 3.14
C ARG C 73 -55.48 17.42 2.06
N LYS C 74 -56.07 16.23 2.09
CA LYS C 74 -57.12 15.85 1.15
C LYS C 74 -58.47 15.97 1.85
N ASP C 75 -59.37 16.75 1.26
CA ASP C 75 -60.69 16.97 1.82
C ASP C 75 -61.76 16.52 0.82
N THR C 76 -62.98 16.39 1.32
CA THR C 76 -64.11 15.97 0.50
C THR C 76 -65.38 16.64 1.02
N VAL C 77 -66.44 16.56 0.23
CA VAL C 77 -67.73 17.15 0.57
C VAL C 77 -68.75 16.03 0.68
N CYS C 78 -69.52 16.03 1.77
CA CYS C 78 -70.50 15.00 2.03
C CYS C 78 -71.75 15.62 2.64
N ILE C 79 -72.85 14.89 2.54
CA ILE C 79 -74.12 15.33 3.11
C ILE C 79 -74.16 14.89 4.57
N ALA C 80 -74.35 15.86 5.47
CA ALA C 80 -74.33 15.58 6.90
C ALA C 80 -75.72 15.22 7.39
N LEU C 81 -75.82 14.06 8.06
CA LEU C 81 -77.07 13.61 8.64
C LEU C 81 -76.86 13.35 10.12
N ALA C 82 -77.91 13.58 10.91
CA ALA C 82 -77.85 13.38 12.35
C ALA C 82 -78.04 11.89 12.66
N ASP C 83 -77.15 11.34 13.48
CA ASP C 83 -77.19 9.94 13.88
C ASP C 83 -76.98 9.88 15.40
N GLU C 84 -78.06 9.64 16.15
CA GLU C 84 -77.96 9.59 17.59
C GLU C 84 -77.12 8.42 18.09
N THR C 85 -77.04 7.33 17.32
CA THR C 85 -76.25 6.18 17.73
C THR C 85 -74.75 6.42 17.58
N CYS C 86 -74.34 7.50 16.93
CA CYS C 86 -72.92 7.81 16.76
C CYS C 86 -72.42 8.58 17.97
N GLU C 87 -71.25 8.19 18.47
CA GLU C 87 -70.70 8.82 19.66
C GLU C 87 -70.37 10.28 19.40
N GLU C 88 -70.44 11.09 20.46
CA GLU C 88 -70.18 12.52 20.33
C GLU C 88 -68.84 12.83 19.72
N PRO C 89 -67.72 12.26 20.18
CA PRO C 89 -66.42 12.53 19.56
C PRO C 89 -66.11 11.68 18.34
N LYS C 90 -67.10 11.01 17.76
CA LYS C 90 -66.91 10.14 16.60
C LYS C 90 -67.72 10.66 15.43
N ILE C 91 -67.23 10.38 14.22
CA ILE C 91 -67.91 10.69 12.98
C ILE C 91 -68.02 9.39 12.18
N ARG C 92 -69.22 9.09 11.69
CA ARG C 92 -69.50 7.86 10.99
C ARG C 92 -69.56 8.10 9.49
N MET C 93 -68.84 7.29 8.73
CA MET C 93 -68.82 7.42 7.28
C MET C 93 -68.31 6.12 6.68
N ASN C 94 -68.70 5.89 5.43
CA ASN C 94 -68.51 4.59 4.78
C ASN C 94 -67.10 4.48 4.19
N LYS C 95 -66.86 3.35 3.51
CA LYS C 95 -65.54 3.10 2.94
C LYS C 95 -65.21 4.10 1.84
N VAL C 96 -66.20 4.50 1.04
CA VAL C 96 -65.94 5.40 -0.07
C VAL C 96 -65.42 6.73 0.44
N VAL C 97 -66.09 7.29 1.45
CA VAL C 97 -65.66 8.58 1.99
C VAL C 97 -64.32 8.42 2.71
N ARG C 98 -64.11 7.27 3.36
CA ARG C 98 -62.81 6.99 3.97
C ARG C 98 -61.70 7.08 2.92
N SER C 99 -61.91 6.45 1.76
CA SER C 99 -60.92 6.53 0.69
C SER C 99 -60.77 7.97 0.20
N ASN C 100 -61.89 8.70 0.08
CA ASN C 100 -61.81 10.09 -0.36
C ASN C 100 -61.00 10.93 0.62
N LEU C 101 -61.21 10.72 1.92
CA LEU C 101 -60.47 11.45 2.94
C LEU C 101 -59.10 10.85 3.23
N ARG C 102 -58.78 9.69 2.67
CA ARG C 102 -57.49 9.04 2.88
C ARG C 102 -57.28 8.73 4.37
N VAL C 103 -58.35 8.31 5.04
CA VAL C 103 -58.31 7.99 6.45
C VAL C 103 -58.95 6.62 6.67
N ARG C 104 -58.65 6.03 7.82
CA ARG C 104 -59.17 4.72 8.19
C ARG C 104 -59.80 4.82 9.59
N LEU C 105 -60.30 3.69 10.07
CA LEU C 105 -60.93 3.66 11.39
C LEU C 105 -59.96 4.09 12.47
N GLY C 106 -60.43 4.93 13.39
CA GLY C 106 -59.61 5.45 14.46
C GLY C 106 -58.92 6.76 14.15
N ASP C 107 -58.87 7.16 12.89
CA ASP C 107 -58.25 8.43 12.52
C ASP C 107 -59.15 9.60 12.91
N VAL C 108 -58.53 10.75 13.13
CA VAL C 108 -59.24 11.97 13.50
C VAL C 108 -59.33 12.87 12.28
N ILE C 109 -60.53 13.33 11.97
CA ILE C 109 -60.78 14.21 10.82
C ILE C 109 -61.57 15.42 11.31
N SER C 110 -61.50 16.49 10.51
CA SER C 110 -62.14 17.75 10.84
C SER C 110 -63.31 18.01 9.90
N VAL C 111 -64.38 18.55 10.45
CA VAL C 111 -65.59 18.87 9.69
C VAL C 111 -65.84 20.36 9.81
N HIS C 112 -66.06 21.01 8.66
CA HIS C 112 -66.30 22.45 8.61
C HIS C 112 -67.53 22.72 7.76
N GLN C 113 -68.25 23.79 8.11
CA GLN C 113 -69.43 24.18 7.35
C GLN C 113 -69.05 24.53 5.92
N CYS C 114 -69.83 24.04 4.97
CA CYS C 114 -69.62 24.30 3.55
C CYS C 114 -70.93 24.73 2.91
N PRO C 115 -71.42 25.91 3.26
CA PRO C 115 -72.63 26.44 2.62
C PRO C 115 -72.39 27.05 1.25
N ASP C 116 -71.15 27.01 0.75
CA ASP C 116 -70.80 27.61 -0.54
C ASP C 116 -70.77 26.58 -1.66
N VAL C 117 -71.22 25.36 -1.42
CA VAL C 117 -71.24 24.34 -2.47
C VAL C 117 -72.36 24.70 -3.45
N LYS C 118 -71.98 25.03 -4.68
CA LYS C 118 -72.92 25.43 -5.70
C LYS C 118 -73.33 24.23 -6.54
N TYR C 119 -74.57 24.26 -7.03
CA TYR C 119 -75.06 23.20 -7.90
C TYR C 119 -74.21 23.12 -9.16
N GLY C 120 -73.65 21.96 -9.43
CA GLY C 120 -72.74 21.79 -10.54
C GLY C 120 -73.35 22.07 -11.89
N LYS C 121 -72.73 22.99 -12.64
CA LYS C 121 -73.16 23.22 -14.02
C LYS C 121 -72.68 22.08 -14.92
N ARG C 122 -71.44 21.63 -14.73
CA ARG C 122 -70.90 20.50 -15.47
C ARG C 122 -69.90 19.77 -14.58
N VAL C 123 -69.93 18.45 -14.63
CA VAL C 123 -69.02 17.61 -13.86
C VAL C 123 -68.43 16.57 -14.79
N HIS C 124 -67.11 16.39 -14.72
CA HIS C 124 -66.40 15.41 -15.54
C HIS C 124 -65.96 14.26 -14.63
N ILE C 125 -66.53 13.08 -14.87
CA ILE C 125 -66.24 11.88 -14.09
C ILE C 125 -65.92 10.76 -15.07
N LEU C 126 -64.91 9.96 -14.74
CA LEU C 126 -64.49 8.87 -15.60
C LEU C 126 -64.45 7.57 -14.83
N PRO C 127 -64.63 6.44 -15.52
CA PRO C 127 -64.69 5.15 -14.81
C PRO C 127 -63.32 4.52 -14.62
N VAL C 128 -63.30 3.30 -14.06
CA VAL C 128 -62.09 2.54 -13.89
C VAL C 128 -61.97 1.54 -15.03
N ASP C 129 -60.74 1.26 -15.45
CA ASP C 129 -60.52 0.44 -16.63
C ASP C 129 -61.08 -0.97 -16.45
N ASP C 130 -60.82 -1.58 -15.28
CA ASP C 130 -61.24 -2.96 -15.07
C ASP C 130 -62.73 -3.08 -14.77
N THR C 131 -63.33 -2.05 -14.16
CA THR C 131 -64.74 -2.12 -13.79
C THR C 131 -65.68 -1.95 -14.98
N VAL C 132 -65.17 -1.55 -16.14
CA VAL C 132 -66.03 -1.29 -17.29
C VAL C 132 -66.07 -2.44 -18.30
N GLU C 133 -65.15 -3.40 -18.18
CA GLU C 133 -65.15 -4.53 -19.10
C GLU C 133 -66.46 -5.31 -18.97
N GLY C 134 -67.06 -5.63 -20.11
CA GLY C 134 -68.33 -6.35 -20.14
C GLY C 134 -69.55 -5.47 -20.12
N VAL C 135 -69.40 -4.15 -19.94
CA VAL C 135 -70.51 -3.22 -19.92
C VAL C 135 -70.57 -2.52 -21.27
N THR C 136 -71.74 -2.56 -21.90
CA THR C 136 -71.96 -1.97 -23.22
C THR C 136 -72.85 -0.74 -23.11
N GLY C 137 -72.53 0.27 -23.89
CA GLY C 137 -73.26 1.52 -23.91
C GLY C 137 -72.52 2.63 -23.19
N ASN C 138 -73.29 3.66 -22.81
CA ASN C 138 -72.73 4.81 -22.09
C ASN C 138 -72.75 4.49 -20.60
N LEU C 139 -71.56 4.40 -20.00
CA LEU C 139 -71.47 4.12 -18.58
C LEU C 139 -72.11 5.21 -17.75
N PHE C 140 -72.14 6.45 -18.27
CA PHE C 140 -72.81 7.53 -17.57
C PHE C 140 -74.30 7.24 -17.41
N ASP C 141 -74.96 6.89 -18.51
CA ASP C 141 -76.40 6.63 -18.45
C ASP C 141 -76.70 5.43 -17.57
N ALA C 142 -75.88 4.38 -17.66
CA ALA C 142 -76.16 3.16 -16.91
C ALA C 142 -76.03 3.39 -15.40
N TYR C 143 -74.97 4.08 -14.98
CA TYR C 143 -74.65 4.20 -13.56
C TYR C 143 -74.73 5.63 -13.06
N LEU C 144 -73.99 6.57 -13.67
CA LEU C 144 -73.86 7.90 -13.09
C LEU C 144 -75.14 8.72 -13.27
N LYS C 145 -75.83 8.56 -14.40
CA LYS C 145 -77.02 9.38 -14.64
C LYS C 145 -78.09 9.13 -13.58
N PRO C 146 -78.50 7.90 -13.27
CA PRO C 146 -79.44 7.70 -12.16
C PRO C 146 -78.81 7.89 -10.80
N TYR C 147 -77.49 7.70 -10.68
CA TYR C 147 -76.83 7.87 -9.39
C TYR C 147 -76.82 9.32 -8.95
N PHE C 148 -76.74 10.26 -9.89
CA PHE C 148 -76.69 11.68 -9.57
C PHE C 148 -78.02 12.39 -9.78
N LEU C 149 -78.91 11.84 -10.60
CA LEU C 149 -80.16 12.51 -10.91
C LEU C 149 -81.04 12.58 -9.66
N GLU C 150 -81.35 13.80 -9.24
CA GLU C 150 -82.21 14.10 -8.09
C GLU C 150 -81.59 13.68 -6.76
N ALA C 151 -80.38 13.13 -6.75
CA ALA C 151 -79.71 12.76 -5.53
C ALA C 151 -78.97 13.92 -4.88
N TYR C 152 -78.58 14.93 -5.66
CA TYR C 152 -77.89 16.11 -5.14
C TYR C 152 -76.66 15.71 -4.34
N ARG C 153 -75.90 14.76 -4.87
CA ARG C 153 -74.71 14.26 -4.19
C ARG C 153 -73.55 15.23 -4.42
N PRO C 154 -72.96 15.80 -3.37
CA PRO C 154 -71.77 16.65 -3.57
C PRO C 154 -70.61 15.83 -4.13
N VAL C 155 -69.83 16.48 -4.98
CA VAL C 155 -68.68 15.84 -5.62
C VAL C 155 -67.52 16.81 -5.62
N ARG C 156 -66.32 16.29 -5.35
CA ARG C 156 -65.10 17.09 -5.32
C ARG C 156 -64.09 16.49 -6.30
N LYS C 157 -63.22 17.36 -6.81
CA LYS C 157 -62.20 16.92 -7.77
C LYS C 157 -61.38 15.78 -7.17
N GLY C 158 -61.23 14.71 -7.94
CA GLY C 158 -60.46 13.56 -7.51
C GLY C 158 -61.21 12.58 -6.63
N ASP C 159 -62.46 12.87 -6.28
CA ASP C 159 -63.23 11.94 -5.45
C ASP C 159 -63.56 10.67 -6.22
N LEU C 160 -63.68 9.57 -5.48
CA LEU C 160 -64.01 8.27 -6.05
C LEU C 160 -65.23 7.70 -5.32
N PHE C 161 -65.99 6.89 -6.04
CA PHE C 161 -67.17 6.26 -5.46
C PHE C 161 -67.53 5.03 -6.28
N LEU C 162 -68.36 4.17 -5.70
CA LEU C 162 -68.83 2.95 -6.34
C LEU C 162 -70.33 3.06 -6.57
N VAL C 163 -70.76 2.79 -7.79
CA VAL C 163 -72.16 2.89 -8.20
C VAL C 163 -72.64 1.51 -8.58
N ARG C 164 -73.81 1.13 -8.08
CA ARG C 164 -74.40 -0.18 -8.33
C ARG C 164 -75.44 -0.07 -9.43
N GLY C 165 -75.38 -0.98 -10.40
CA GLY C 165 -76.33 -0.98 -11.50
C GLY C 165 -76.08 -2.13 -12.46
N GLY C 166 -77.17 -2.68 -13.01
CA GLY C 166 -77.03 -3.78 -13.95
C GLY C 166 -76.30 -4.97 -13.39
N MET C 167 -76.58 -5.33 -12.13
CA MET C 167 -76.01 -6.46 -11.42
C MET C 167 -74.53 -6.25 -11.08
N ARG C 168 -73.92 -5.16 -11.54
CA ARG C 168 -72.50 -4.94 -11.38
C ARG C 168 -72.25 -3.60 -10.71
N SER C 169 -71.15 -3.52 -9.95
CA SER C 169 -70.71 -2.30 -9.32
C SER C 169 -69.50 -1.76 -10.06
N VAL C 170 -69.57 -0.49 -10.46
CA VAL C 170 -68.55 0.14 -11.29
C VAL C 170 -67.99 1.34 -10.54
N GLU C 171 -66.65 1.42 -10.46
CA GLU C 171 -65.99 2.52 -9.79
C GLU C 171 -65.88 3.72 -10.73
N PHE C 172 -66.03 4.92 -10.17
CA PHE C 172 -65.95 6.15 -10.93
C PHE C 172 -65.12 7.17 -10.16
N LYS C 173 -64.32 7.94 -10.89
CA LYS C 173 -63.47 8.97 -10.30
C LYS C 173 -63.86 10.32 -10.89
N VAL C 174 -64.02 11.31 -10.03
CA VAL C 174 -64.38 12.66 -10.45
C VAL C 174 -63.14 13.34 -10.99
N ILE C 175 -63.23 13.85 -12.22
CA ILE C 175 -62.09 14.51 -12.86
C ILE C 175 -62.09 16.00 -12.59
N GLU C 176 -63.22 16.66 -12.79
CA GLU C 176 -63.31 18.11 -12.59
C GLU C 176 -64.75 18.49 -12.28
N THR C 177 -64.91 19.65 -11.67
CA THR C 177 -66.20 20.22 -11.35
C THR C 177 -66.25 21.66 -11.82
N ASP C 178 -67.46 22.14 -12.13
CA ASP C 178 -67.63 23.48 -12.68
C ASP C 178 -67.05 24.53 -11.75
N PRO C 179 -67.36 24.50 -10.45
CA PRO C 179 -66.71 25.45 -9.53
C PRO C 179 -65.20 25.27 -9.44
N ALA C 180 -64.67 24.12 -9.87
CA ALA C 180 -63.25 23.76 -9.84
C ALA C 180 -62.82 23.33 -8.43
N GLU C 181 -63.72 23.35 -7.45
CA GLU C 181 -63.41 22.83 -6.13
C GLU C 181 -64.35 21.69 -5.78
N TYR C 182 -65.65 21.94 -5.84
CA TYR C 182 -66.65 20.92 -5.54
C TYR C 182 -68.02 21.49 -5.87
N CYS C 183 -68.98 20.61 -6.12
CA CYS C 183 -70.32 21.01 -6.50
C CYS C 183 -71.31 19.91 -6.14
N VAL C 184 -72.58 20.27 -6.07
CA VAL C 184 -73.66 19.32 -5.88
C VAL C 184 -74.24 19.00 -7.25
N VAL C 185 -74.17 17.72 -7.63
CA VAL C 185 -74.64 17.30 -8.95
C VAL C 185 -76.16 17.24 -8.92
N ALA C 186 -76.80 18.16 -9.64
CA ALA C 186 -78.24 18.29 -9.70
C ALA C 186 -78.79 17.65 -10.96
N PRO C 187 -80.10 17.45 -11.04
CA PRO C 187 -80.67 16.88 -12.28
C PRO C 187 -80.32 17.68 -13.52
N ASP C 188 -80.23 19.00 -13.40
CA ASP C 188 -79.84 19.84 -14.53
C ASP C 188 -78.34 19.82 -14.79
N THR C 189 -77.55 19.23 -13.90
CA THR C 189 -76.11 19.19 -14.10
C THR C 189 -75.77 18.29 -15.29
N GLU C 190 -74.85 18.77 -16.13
CA GLU C 190 -74.40 18.02 -17.30
C GLU C 190 -73.15 17.23 -16.91
N ILE C 191 -73.32 15.92 -16.72
CA ILE C 191 -72.23 15.03 -16.32
C ILE C 191 -71.64 14.42 -17.58
N PHE C 192 -70.33 14.56 -17.76
CA PHE C 192 -69.63 14.07 -18.94
C PHE C 192 -68.67 12.96 -18.53
N CYS C 193 -68.70 11.85 -19.28
CA CYS C 193 -67.83 10.71 -19.02
C CYS C 193 -67.03 10.34 -20.27
N GLU C 194 -66.63 11.33 -21.05
CA GLU C 194 -65.85 11.11 -22.26
C GLU C 194 -64.36 11.28 -21.91
N GLY C 195 -63.67 10.16 -21.80
CA GLY C 195 -62.26 10.20 -21.47
C GLY C 195 -61.72 8.79 -21.29
N GLU C 196 -60.41 8.74 -21.00
CA GLU C 196 -59.75 7.46 -20.82
C GLU C 196 -60.15 6.84 -19.48
N PRO C 197 -60.25 5.52 -19.41
CA PRO C 197 -60.52 4.88 -18.11
C PRO C 197 -59.38 5.07 -17.13
N VAL C 198 -59.73 5.07 -15.85
CA VAL C 198 -58.75 5.25 -14.78
C VAL C 198 -58.19 3.88 -14.40
N LYS C 199 -56.86 3.81 -14.25
CA LYS C 199 -56.20 2.55 -13.93
C LYS C 199 -56.30 2.25 -12.44
N ARG C 200 -56.70 1.02 -12.11
CA ARG C 200 -56.87 0.63 -10.71
C ARG C 200 -55.53 0.61 -9.98
N GLU C 201 -54.48 0.07 -10.62
CA GLU C 201 -53.19 -0.02 -9.95
C GLU C 201 -52.63 1.35 -9.63
N ASP C 202 -52.74 2.29 -10.58
CA ASP C 202 -52.31 3.66 -10.30
C ASP C 202 -53.20 4.32 -9.25
N GLU C 203 -54.50 4.01 -9.27
CA GLU C 203 -55.40 4.57 -8.27
C GLU C 203 -55.05 4.09 -6.88
N GLU C 204 -54.54 2.86 -6.75
CA GLU C 204 -54.18 2.33 -5.44
C GLU C 204 -53.09 3.16 -4.77
N ARG C 205 -52.33 3.94 -5.53
CA ARG C 205 -51.33 4.81 -4.93
C ARG C 205 -51.96 5.89 -4.07
N LEU C 206 -53.27 6.14 -4.21
CA LEU C 206 -53.93 7.17 -3.41
C LEU C 206 -53.84 6.89 -1.93
N ASP C 207 -53.61 5.63 -1.54
CA ASP C 207 -53.38 5.29 -0.13
C ASP C 207 -51.93 5.67 0.24
N ASP C 208 -51.63 6.94 0.06
CA ASP C 208 -50.28 7.43 0.26
C ASP C 208 -49.89 7.35 1.73
N VAL C 209 -48.59 7.20 1.96
CA VAL C 209 -48.07 6.96 3.31
C VAL C 209 -48.28 8.20 4.17
N GLY C 210 -48.64 7.97 5.43
CA GLY C 210 -48.75 9.04 6.41
C GLY C 210 -47.91 8.76 7.65
N TYR C 211 -48.08 9.57 8.69
CA TYR C 211 -47.35 9.33 9.93
C TYR C 211 -47.71 7.99 10.54
N ASP C 212 -48.93 7.52 10.32
CA ASP C 212 -49.39 6.29 10.97
C ASP C 212 -48.76 5.04 10.38
N ASP C 213 -48.17 5.13 9.19
CA ASP C 213 -47.60 3.97 8.52
C ASP C 213 -46.16 3.73 8.90
N VAL C 214 -45.63 4.46 9.88
CA VAL C 214 -44.28 4.25 10.37
C VAL C 214 -44.34 4.07 11.87
N GLY C 215 -43.32 3.42 12.43
CA GLY C 215 -43.27 3.19 13.86
C GLY C 215 -41.85 3.00 14.34
N GLY C 216 -41.70 3.07 15.67
CA GLY C 216 -40.41 2.91 16.29
C GLY C 216 -39.53 4.14 16.26
N VAL C 217 -40.03 5.26 15.74
CA VAL C 217 -39.21 6.45 15.56
C VAL C 217 -39.95 7.67 16.13
N ARG C 218 -40.77 7.44 17.15
CA ARG C 218 -41.64 8.50 17.66
C ARG C 218 -40.86 9.78 17.95
N LYS C 219 -39.76 9.68 18.69
CA LYS C 219 -38.99 10.87 19.03
C LYS C 219 -38.32 11.47 17.80
N GLN C 220 -37.63 10.64 17.02
CA GLN C 220 -37.05 11.13 15.78
C GLN C 220 -38.13 11.63 14.83
N MET C 221 -39.29 10.99 14.87
CA MET C 221 -40.42 11.45 14.06
C MET C 221 -40.82 12.86 14.46
N ALA C 222 -40.90 13.14 15.76
CA ALA C 222 -41.23 14.48 16.21
C ALA C 222 -40.17 15.48 15.77
N GLN C 223 -38.89 15.12 15.92
CA GLN C 223 -37.83 16.03 15.53
C GLN C 223 -37.91 16.36 14.04
N ILE C 224 -38.15 15.35 13.21
CA ILE C 224 -38.19 15.58 11.77
C ILE C 224 -39.45 16.37 11.40
N ARG C 225 -40.60 15.99 11.97
CA ARG C 225 -41.83 16.71 11.68
C ARG C 225 -41.66 18.18 12.02
N GLU C 226 -41.17 18.47 13.23
CA GLU C 226 -40.91 19.86 13.59
C GLU C 226 -39.99 20.51 12.55
N LEU C 227 -38.73 20.04 12.48
CA LEU C 227 -37.72 20.72 11.68
C LEU C 227 -38.15 20.93 10.24
N VAL C 228 -39.06 20.10 9.72
CA VAL C 228 -39.38 20.17 8.30
C VAL C 228 -40.71 20.87 8.13
N GLU C 229 -41.77 20.26 8.65
CA GLU C 229 -43.11 20.76 8.41
C GLU C 229 -43.28 22.20 8.91
N LEU C 230 -42.59 22.59 10.00
CA LEU C 230 -42.86 23.92 10.56
C LEU C 230 -42.51 25.02 9.55
N PRO C 231 -41.26 25.16 9.10
CA PRO C 231 -40.95 26.23 8.15
C PRO C 231 -41.78 26.16 6.87
N LEU C 232 -42.03 24.96 6.35
CA LEU C 232 -42.73 24.85 5.07
C LEU C 232 -44.19 25.27 5.20
N ARG C 233 -44.85 24.85 6.27
CA ARG C 233 -46.26 25.18 6.45
C ARG C 233 -46.46 26.55 7.10
N HIS C 234 -45.62 26.90 8.07
CA HIS C 234 -45.73 28.16 8.80
C HIS C 234 -44.37 28.85 8.84
N PRO C 235 -43.86 29.28 7.68
CA PRO C 235 -42.62 30.07 7.69
C PRO C 235 -42.76 31.41 8.38
N GLN C 236 -43.98 31.93 8.50
CA GLN C 236 -44.18 33.24 9.10
C GLN C 236 -43.64 33.28 10.52
N LEU C 237 -43.73 32.16 11.24
CA LEU C 237 -43.21 32.12 12.61
C LEU C 237 -41.71 32.41 12.62
N PHE C 238 -40.95 31.69 11.78
CA PHE C 238 -39.52 31.91 11.71
C PHE C 238 -39.20 33.31 11.23
N LYS C 239 -39.95 33.81 10.24
CA LYS C 239 -39.70 35.16 9.75
C LYS C 239 -39.90 36.20 10.85
N SER C 240 -40.98 36.06 11.62
CA SER C 240 -41.23 36.99 12.71
C SER C 240 -40.14 36.90 13.76
N ILE C 241 -39.75 35.68 14.13
CA ILE C 241 -38.65 35.52 15.07
C ILE C 241 -37.32 35.81 14.40
N GLY C 242 -37.30 35.95 13.07
CA GLY C 242 -36.11 36.34 12.35
C GLY C 242 -35.01 35.31 12.42
N VAL C 243 -35.36 34.04 12.24
CA VAL C 243 -34.40 32.94 12.28
C VAL C 243 -34.39 32.26 10.93
N LYS C 244 -33.30 31.52 10.68
CA LYS C 244 -33.12 30.84 9.41
C LYS C 244 -33.43 29.36 9.60
N PRO C 245 -34.52 28.84 9.05
CA PRO C 245 -34.83 27.43 9.24
C PRO C 245 -33.80 26.55 8.55
N PRO C 246 -33.43 25.43 9.15
CA PRO C 246 -32.36 24.60 8.57
C PRO C 246 -32.75 24.03 7.21
N LYS C 247 -31.76 23.93 6.33
CA LYS C 247 -31.93 23.28 5.03
C LYS C 247 -31.49 21.83 5.06
N GLY C 248 -30.39 21.53 5.75
CA GLY C 248 -29.81 20.20 5.71
C GLY C 248 -30.16 19.34 6.89
N ILE C 249 -30.73 18.17 6.62
CA ILE C 249 -31.05 17.18 7.63
C ILE C 249 -30.41 15.86 7.20
N LEU C 250 -29.76 15.19 8.15
CA LEU C 250 -29.03 13.97 7.90
C LEU C 250 -29.60 12.88 8.79
N LEU C 251 -30.18 11.86 8.16
CA LEU C 251 -30.78 10.73 8.88
C LEU C 251 -29.87 9.52 8.71
N TYR C 252 -29.06 9.26 9.73
CA TYR C 252 -28.22 8.07 9.76
C TYR C 252 -28.79 7.03 10.70
N GLY C 253 -28.44 5.77 10.46
CA GLY C 253 -28.97 4.67 11.22
C GLY C 253 -28.63 3.34 10.60
N PRO C 254 -29.35 2.30 10.97
CA PRO C 254 -29.10 0.98 10.41
C PRO C 254 -29.86 0.79 9.12
N PRO C 255 -29.33 -0.01 8.20
CA PRO C 255 -30.04 -0.21 6.92
C PRO C 255 -31.43 -0.79 7.12
N GLY C 256 -32.37 -0.30 6.30
CA GLY C 256 -33.72 -0.82 6.31
C GLY C 256 -34.55 -0.42 7.50
N SER C 257 -34.10 0.54 8.30
CA SER C 257 -34.84 0.95 9.48
C SER C 257 -36.13 1.70 9.14
N GLY C 258 -36.34 2.04 7.88
CA GLY C 258 -37.50 2.78 7.45
C GLY C 258 -37.23 4.24 7.10
N LYS C 259 -35.99 4.58 6.77
CA LYS C 259 -35.64 5.99 6.54
C LYS C 259 -36.46 6.57 5.39
N THR C 260 -36.54 5.84 4.27
CA THR C 260 -37.20 6.37 3.09
C THR C 260 -38.68 6.62 3.32
N LEU C 261 -39.30 5.89 4.25
CA LEU C 261 -40.72 6.06 4.48
C LEU C 261 -41.03 7.32 5.28
N ILE C 262 -40.15 7.69 6.20
CA ILE C 262 -40.40 8.85 7.05
C ILE C 262 -40.48 10.12 6.21
N ALA C 263 -39.54 10.28 5.27
CA ALA C 263 -39.52 11.48 4.45
C ALA C 263 -40.78 11.60 3.61
N ARG C 264 -41.20 10.49 2.98
CA ARG C 264 -42.41 10.52 2.19
C ARG C 264 -43.62 10.83 3.06
N ALA C 265 -43.68 10.25 4.25
CA ALA C 265 -44.79 10.53 5.14
C ALA C 265 -44.85 12.00 5.48
N VAL C 266 -43.71 12.59 5.82
CA VAL C 266 -43.66 14.00 6.18
C VAL C 266 -44.11 14.86 5.01
N ALA C 267 -43.54 14.60 3.83
CA ALA C 267 -43.85 15.41 2.66
C ALA C 267 -45.32 15.31 2.30
N ASN C 268 -45.88 14.11 2.38
CA ASN C 268 -47.28 13.92 2.01
C ASN C 268 -48.20 14.55 3.05
N GLU C 269 -47.79 14.57 4.32
CA GLU C 269 -48.62 15.19 5.34
C GLU C 269 -48.59 16.71 5.25
N THR C 270 -47.44 17.29 4.90
CA THR C 270 -47.38 18.74 4.71
C THR C 270 -47.91 19.17 3.36
N GLY C 271 -48.24 18.23 2.47
CA GLY C 271 -48.72 18.58 1.15
C GLY C 271 -47.65 19.09 0.23
N ALA C 272 -46.37 18.89 0.56
CA ALA C 272 -45.28 19.40 -0.23
C ALA C 272 -44.92 18.44 -1.36
N PHE C 273 -44.25 18.97 -2.36
CA PHE C 273 -43.82 18.18 -3.51
C PHE C 273 -42.54 17.44 -3.14
N PHE C 274 -42.59 16.12 -3.19
CA PHE C 274 -41.46 15.26 -2.83
C PHE C 274 -40.81 14.72 -4.09
N PHE C 275 -39.50 14.91 -4.21
CA PHE C 275 -38.71 14.35 -5.29
C PHE C 275 -37.61 13.51 -4.67
N CYS C 276 -37.56 12.23 -5.02
CA CYS C 276 -36.59 11.31 -4.44
C CYS C 276 -35.42 11.11 -5.38
N ILE C 277 -34.22 11.14 -4.83
CA ILE C 277 -32.99 10.84 -5.56
C ILE C 277 -32.29 9.69 -4.85
N ASN C 278 -31.96 8.64 -5.59
CA ASN C 278 -31.23 7.51 -5.07
C ASN C 278 -29.78 7.61 -5.53
N GLY C 279 -28.86 7.42 -4.59
CA GLY C 279 -27.44 7.54 -4.88
C GLY C 279 -27.01 6.58 -5.97
N PRO C 280 -27.43 5.32 -5.87
CA PRO C 280 -27.12 4.38 -6.96
C PRO C 280 -27.65 4.82 -8.30
N GLU C 281 -28.87 5.35 -8.35
CA GLU C 281 -29.42 5.79 -9.63
C GLU C 281 -28.59 6.90 -10.23
N ILE C 282 -28.18 7.87 -9.41
CA ILE C 282 -27.37 8.98 -9.90
C ILE C 282 -26.01 8.48 -10.38
N MET C 283 -25.36 7.63 -9.57
CA MET C 283 -24.03 7.16 -9.92
C MET C 283 -24.05 6.21 -11.11
N SER C 284 -25.20 5.62 -11.43
CA SER C 284 -25.30 4.71 -12.57
C SER C 284 -25.41 5.45 -13.90
N LYS C 285 -25.69 6.74 -13.87
CA LYS C 285 -25.83 7.50 -15.10
C LYS C 285 -24.47 7.81 -15.70
N LEU C 286 -24.48 8.15 -16.98
CA LEU C 286 -23.23 8.45 -17.68
C LEU C 286 -22.67 9.77 -17.19
N ALA C 287 -21.36 9.93 -17.37
CA ALA C 287 -20.70 11.15 -16.93
C ALA C 287 -21.36 12.37 -17.56
N GLY C 288 -21.64 13.37 -16.73
CA GLY C 288 -22.29 14.57 -17.21
C GLY C 288 -23.80 14.50 -17.07
N GLU C 289 -24.36 13.30 -17.24
CA GLU C 289 -25.80 13.11 -17.07
C GLU C 289 -26.21 13.16 -15.62
N SER C 290 -25.37 12.63 -14.71
CA SER C 290 -25.70 12.68 -13.29
C SER C 290 -25.84 14.11 -12.81
N GLU C 291 -24.90 14.97 -13.20
CA GLU C 291 -24.98 16.38 -12.80
C GLU C 291 -26.23 17.03 -13.37
N SER C 292 -26.58 16.71 -14.61
CA SER C 292 -27.79 17.26 -15.21
C SER C 292 -29.02 16.84 -14.43
N ASN C 293 -29.09 15.55 -14.08
CA ASN C 293 -30.23 15.07 -13.31
C ASN C 293 -30.31 15.75 -11.95
N LEU C 294 -29.16 15.91 -11.28
CA LEU C 294 -29.15 16.53 -9.96
C LEU C 294 -29.60 17.98 -10.03
N ARG C 295 -29.07 18.73 -11.01
CA ARG C 295 -29.46 20.13 -11.15
C ARG C 295 -30.93 20.25 -11.53
N LYS C 296 -31.42 19.36 -12.40
CA LYS C 296 -32.84 19.37 -12.73
C LYS C 296 -33.68 19.09 -11.50
N ALA C 297 -33.22 18.16 -10.66
CA ALA C 297 -33.94 17.85 -9.43
C ALA C 297 -34.05 19.07 -8.55
N PHE C 298 -32.92 19.73 -8.29
CA PHE C 298 -32.94 20.91 -7.43
C PHE C 298 -33.81 22.01 -8.04
N GLU C 299 -33.72 22.20 -9.35
CA GLU C 299 -34.44 23.27 -10.02
C GLU C 299 -35.95 23.04 -9.92
N GLU C 300 -36.39 21.83 -10.26
CA GLU C 300 -37.81 21.50 -10.16
C GLU C 300 -38.29 21.57 -8.72
N ALA C 301 -37.48 21.10 -7.77
CA ALA C 301 -37.88 21.16 -6.37
C ALA C 301 -38.09 22.60 -5.94
N GLU C 302 -37.19 23.49 -6.33
CA GLU C 302 -37.37 24.90 -6.00
C GLU C 302 -38.60 25.48 -6.68
N LYS C 303 -38.93 24.98 -7.88
CA LYS C 303 -40.14 25.46 -8.55
C LYS C 303 -41.39 25.13 -7.75
N ASN C 304 -41.45 23.93 -7.18
CA ASN C 304 -42.65 23.43 -6.51
C ASN C 304 -42.62 23.65 -5.01
N ALA C 305 -42.01 24.75 -4.56
CA ALA C 305 -41.94 25.02 -3.14
C ALA C 305 -43.36 25.13 -2.56
N PRO C 306 -43.59 24.60 -1.34
CA PRO C 306 -42.64 23.91 -0.47
C PRO C 306 -42.26 22.55 -1.03
N SER C 307 -40.99 22.17 -0.89
CA SER C 307 -40.48 20.97 -1.51
C SER C 307 -39.53 20.26 -0.56
N ILE C 308 -39.33 18.97 -0.82
CA ILE C 308 -38.47 18.13 0.00
C ILE C 308 -37.66 17.24 -0.94
N ILE C 309 -36.37 17.10 -0.64
CA ILE C 309 -35.45 16.33 -1.46
C ILE C 309 -34.81 15.28 -0.55
N PHE C 310 -34.89 14.02 -0.96
CA PHE C 310 -34.30 12.92 -0.20
C PHE C 310 -33.17 12.33 -1.03
N ILE C 311 -31.94 12.52 -0.56
CA ILE C 311 -30.77 11.94 -1.22
C ILE C 311 -30.55 10.58 -0.58
N ASP C 312 -31.35 9.61 -1.01
CA ASP C 312 -31.22 8.26 -0.49
C ASP C 312 -29.81 7.72 -0.74
N GLU C 313 -29.25 7.10 0.29
CA GLU C 313 -27.92 6.50 0.21
C GLU C 313 -26.89 7.49 -0.33
N ILE C 314 -26.75 8.61 0.40
CA ILE C 314 -25.78 9.63 0.04
C ILE C 314 -24.35 9.11 0.11
N ASP C 315 -24.15 7.93 0.70
CA ASP C 315 -22.79 7.39 0.82
C ASP C 315 -22.21 7.13 -0.56
N SER C 316 -23.01 6.59 -1.49
CA SER C 316 -22.51 6.36 -2.84
C SER C 316 -22.15 7.68 -3.52
N ILE C 317 -22.99 8.70 -3.36
CA ILE C 317 -22.73 9.99 -3.97
C ILE C 317 -21.50 10.64 -3.36
N ALA C 318 -21.45 10.70 -2.04
CA ALA C 318 -20.39 11.39 -1.31
C ALA C 318 -19.85 10.49 -0.21
N PRO C 319 -19.16 9.41 -0.58
CA PRO C 319 -18.56 8.56 0.44
C PRO C 319 -17.37 9.23 1.09
N LYS C 320 -16.98 8.70 2.25
CA LYS C 320 -15.86 9.27 2.98
C LYS C 320 -14.61 9.26 2.13
N ARG C 321 -13.85 10.35 2.18
CA ARG C 321 -12.61 10.44 1.41
C ARG C 321 -11.54 9.58 2.08
N GLU C 322 -11.58 8.28 1.82
CA GLU C 322 -10.48 7.40 2.16
C GLU C 322 -9.47 7.33 1.03
N LYS C 323 -9.96 7.32 -0.21
CA LYS C 323 -9.12 7.45 -1.39
C LYS C 323 -9.94 8.14 -2.46
N THR C 324 -9.39 9.19 -3.06
CA THR C 324 -10.07 9.94 -4.12
C THR C 324 -9.52 9.46 -5.45
N ASN C 325 -10.17 8.44 -6.00
CA ASN C 325 -9.76 7.83 -7.26
C ASN C 325 -10.67 8.31 -8.38
N GLY C 326 -10.05 8.79 -9.46
CA GLY C 326 -10.81 9.29 -10.60
C GLY C 326 -11.16 10.75 -10.46
N GLU C 327 -11.80 11.25 -11.52
CA GLU C 327 -12.23 12.64 -11.59
C GLU C 327 -13.73 12.82 -11.49
N VAL C 328 -14.50 11.83 -11.93
CA VAL C 328 -15.97 11.95 -11.92
C VAL C 328 -16.47 12.04 -10.49
N GLU C 329 -15.92 11.20 -9.59
CA GLU C 329 -16.39 11.20 -8.21
C GLU C 329 -16.19 12.57 -7.56
N ARG C 330 -15.00 13.14 -7.75
CA ARG C 330 -14.74 14.47 -7.21
C ARG C 330 -15.68 15.50 -7.84
N ARG C 331 -15.92 15.37 -9.14
CA ARG C 331 -16.81 16.32 -9.80
C ARG C 331 -18.21 16.28 -9.19
N ILE C 332 -18.74 15.07 -8.96
CA ILE C 332 -20.09 14.96 -8.44
C ILE C 332 -20.15 15.43 -6.99
N VAL C 333 -19.15 15.08 -6.18
CA VAL C 333 -19.20 15.49 -4.78
C VAL C 333 -19.11 17.01 -4.68
N SER C 334 -18.23 17.62 -5.47
CA SER C 334 -18.11 19.08 -5.44
C SER C 334 -19.35 19.76 -6.01
N GLN C 335 -19.97 19.14 -7.02
CA GLN C 335 -21.22 19.68 -7.54
C GLN C 335 -22.30 19.68 -6.47
N LEU C 336 -22.39 18.58 -5.71
CA LEU C 336 -23.36 18.53 -4.64
C LEU C 336 -23.06 19.58 -3.58
N LEU C 337 -21.77 19.75 -3.25
CA LEU C 337 -21.40 20.76 -2.26
C LEU C 337 -21.84 22.15 -2.71
N THR C 338 -21.51 22.52 -3.94
CA THR C 338 -21.83 23.86 -4.42
C THR C 338 -23.34 24.05 -4.56
N LEU C 339 -24.05 23.00 -4.95
CA LEU C 339 -25.51 23.10 -5.04
C LEU C 339 -26.11 23.32 -3.66
N MET C 340 -25.62 22.59 -2.65
CA MET C 340 -26.15 22.79 -1.31
C MET C 340 -25.85 24.19 -0.81
N ASP C 341 -24.62 24.67 -1.05
CA ASP C 341 -24.26 26.01 -0.59
C ASP C 341 -25.11 27.07 -1.28
N GLY C 342 -25.33 26.92 -2.59
CA GLY C 342 -26.05 27.92 -3.36
C GLY C 342 -27.52 28.03 -3.03
N LEU C 343 -28.10 27.00 -2.41
CA LEU C 343 -29.50 27.05 -2.03
C LEU C 343 -29.71 28.06 -0.91
N LYS C 344 -30.91 28.62 -0.85
CA LYS C 344 -31.22 29.72 0.05
C LYS C 344 -32.41 29.37 0.92
N SER C 345 -32.48 30.02 2.08
CA SER C 345 -33.57 29.78 3.00
C SER C 345 -34.92 30.17 2.40
N ARG C 346 -34.94 31.26 1.64
CA ARG C 346 -36.20 31.70 1.03
C ARG C 346 -36.70 30.72 -0.03
N ALA C 347 -35.84 29.82 -0.49
CA ALA C 347 -36.24 28.88 -1.53
C ALA C 347 -37.23 27.83 -1.03
N HIS C 348 -37.36 27.68 0.28
CA HIS C 348 -38.25 26.69 0.88
C HIS C 348 -37.91 25.29 0.36
N VAL C 349 -36.70 24.86 0.67
CA VAL C 349 -36.18 23.56 0.25
C VAL C 349 -35.46 22.92 1.43
N ILE C 350 -35.70 21.63 1.62
CA ILE C 350 -35.10 20.86 2.69
C ILE C 350 -34.54 19.57 2.10
N VAL C 351 -33.33 19.22 2.49
CA VAL C 351 -32.60 18.10 1.90
C VAL C 351 -32.35 17.08 3.00
N MET C 352 -33.18 16.03 3.03
CA MET C 352 -32.98 14.92 3.95
C MET C 352 -32.01 13.93 3.30
N GLY C 353 -30.77 13.93 3.76
CA GLY C 353 -29.83 12.91 3.36
C GLY C 353 -30.20 11.58 3.97
N ALA C 354 -29.25 10.64 3.87
CA ALA C 354 -29.42 9.32 4.46
C ALA C 354 -28.12 8.56 4.30
N THR C 355 -27.81 7.74 5.30
CA THR C 355 -26.59 6.96 5.30
C THR C 355 -26.69 5.92 6.40
N ASN C 356 -25.58 5.22 6.66
CA ASN C 356 -25.52 4.21 7.70
C ASN C 356 -24.81 4.72 8.96
N ARG C 357 -23.71 5.45 8.80
CA ARG C 357 -22.97 6.01 9.91
C ARG C 357 -22.46 7.38 9.49
N PRO C 358 -22.56 8.39 10.37
CA PRO C 358 -22.16 9.74 9.96
C PRO C 358 -20.71 9.83 9.51
N ASN C 359 -19.82 9.05 10.11
CA ASN C 359 -18.41 9.11 9.74
C ASN C 359 -18.17 8.67 8.31
N SER C 360 -19.05 7.81 7.76
CA SER C 360 -18.88 7.34 6.40
C SER C 360 -19.06 8.45 5.37
N ILE C 361 -19.58 9.59 5.78
CA ILE C 361 -19.80 10.73 4.89
C ILE C 361 -18.57 11.62 4.90
N ASP C 362 -18.34 12.30 3.79
CA ASP C 362 -17.22 13.22 3.72
C ASP C 362 -17.44 14.37 4.69
N PRO C 363 -16.44 14.73 5.51
CA PRO C 363 -16.66 15.80 6.50
C PRO C 363 -17.07 17.12 5.87
N ALA C 364 -16.62 17.39 4.64
CA ALA C 364 -16.93 18.68 4.03
C ALA C 364 -18.43 18.92 3.92
N LEU C 365 -19.21 17.84 3.82
CA LEU C 365 -20.66 17.99 3.73
C LEU C 365 -21.27 18.41 5.06
N ARG C 366 -20.62 18.11 6.18
CA ARG C 366 -21.17 18.39 7.49
C ARG C 366 -20.81 19.78 8.01
N ARG C 367 -20.13 20.59 7.21
CA ARG C 367 -19.87 21.96 7.60
C ARG C 367 -21.18 22.75 7.66
N PHE C 368 -21.11 23.90 8.34
CA PHE C 368 -22.29 24.73 8.51
C PHE C 368 -22.78 25.25 7.16
N GLY C 369 -24.09 25.22 6.97
CA GLY C 369 -24.72 25.66 5.76
C GLY C 369 -25.23 24.54 4.88
N ARG C 370 -24.52 23.42 4.83
CA ARG C 370 -24.90 22.30 3.97
C ARG C 370 -25.74 21.27 4.72
N PHE C 371 -25.14 20.62 5.72
CA PHE C 371 -25.78 19.57 6.51
C PHE C 371 -25.42 19.83 7.97
N ASP C 372 -26.28 20.55 8.67
CA ASP C 372 -26.03 20.96 10.04
C ASP C 372 -26.72 20.05 11.05
N ARG C 373 -28.02 19.83 10.91
CA ARG C 373 -28.72 18.94 11.83
C ARG C 373 -28.46 17.50 11.47
N GLU C 374 -28.38 16.66 12.49
CA GLU C 374 -28.20 15.21 12.33
C GLU C 374 -29.16 14.51 13.26
N ILE C 375 -29.80 13.45 12.75
CA ILE C 375 -30.77 12.70 13.51
C ILE C 375 -30.40 11.23 13.44
N ASP C 376 -30.60 10.52 14.56
CA ASP C 376 -30.22 9.12 14.68
C ASP C 376 -31.49 8.28 14.65
N ILE C 377 -31.74 7.64 13.51
CA ILE C 377 -32.86 6.68 13.40
C ILE C 377 -32.27 5.34 13.83
N GLY C 378 -32.22 5.13 15.14
CA GLY C 378 -31.62 3.94 15.69
C GLY C 378 -32.55 2.76 15.67
N VAL C 379 -32.06 1.65 16.22
CA VAL C 379 -32.86 0.43 16.27
C VAL C 379 -34.11 0.69 17.11
N PRO C 380 -35.30 0.28 16.67
CA PRO C 380 -36.48 0.49 17.49
C PRO C 380 -36.43 -0.31 18.78
N ASP C 381 -37.10 0.21 19.80
CA ASP C 381 -37.16 -0.45 21.09
C ASP C 381 -38.31 -1.47 21.09
N GLU C 382 -38.50 -2.12 22.25
CA GLU C 382 -39.55 -3.12 22.36
C GLU C 382 -40.88 -2.58 21.88
N ILE C 383 -41.26 -1.39 22.33
CA ILE C 383 -42.50 -0.78 21.87
C ILE C 383 -42.41 -0.50 20.38
N GLY C 384 -41.26 -0.02 19.91
CA GLY C 384 -41.09 0.23 18.50
C GLY C 384 -41.26 -1.02 17.67
N ARG C 385 -40.66 -2.12 18.11
CA ARG C 385 -40.85 -3.40 17.43
C ARG C 385 -42.31 -3.80 17.42
N LEU C 386 -43.01 -3.55 18.53
CA LEU C 386 -44.43 -3.87 18.58
C LEU C 386 -45.22 -3.09 17.53
N GLU C 387 -44.98 -1.79 17.43
CA GLU C 387 -45.73 -1.01 16.44
C GLU C 387 -45.37 -1.44 15.03
N VAL C 388 -44.09 -1.73 14.77
CA VAL C 388 -43.69 -2.15 13.44
C VAL C 388 -44.40 -3.45 13.06
N LEU C 389 -44.45 -4.40 14.00
CA LEU C 389 -45.12 -5.66 13.73
C LEU C 389 -46.60 -5.44 13.47
N ARG C 390 -47.24 -4.61 14.30
CA ARG C 390 -48.65 -4.33 14.09
C ARG C 390 -48.91 -3.64 12.75
N ILE C 391 -47.95 -2.83 12.31
CA ILE C 391 -48.11 -2.14 11.02
C ILE C 391 -47.98 -3.12 9.87
N HIS C 392 -46.99 -4.01 9.94
CA HIS C 392 -46.75 -4.93 8.83
C HIS C 392 -47.78 -6.04 8.77
N THR C 393 -48.35 -6.43 9.91
CA THR C 393 -49.27 -7.56 9.98
C THR C 393 -50.73 -7.14 9.94
N LYS C 394 -51.02 -5.84 9.77
CA LYS C 394 -52.42 -5.41 9.78
C LYS C 394 -53.18 -5.95 8.58
N ASN C 395 -52.53 -6.05 7.42
CA ASN C 395 -53.20 -6.49 6.20
C ASN C 395 -53.28 -8.00 6.07
N MET C 396 -52.60 -8.75 6.93
CA MET C 396 -52.60 -10.20 6.84
C MET C 396 -53.70 -10.79 7.72
N LYS C 397 -54.02 -12.07 7.46
CA LYS C 397 -55.07 -12.77 8.18
C LYS C 397 -54.45 -13.46 9.40
N LEU C 398 -54.24 -12.67 10.45
CA LEU C 398 -53.69 -13.21 11.68
C LEU C 398 -54.76 -13.97 12.46
N ALA C 399 -54.31 -14.94 13.25
CA ALA C 399 -55.20 -15.71 14.08
C ALA C 399 -55.55 -14.93 15.35
N GLU C 400 -56.59 -15.40 16.04
CA GLU C 400 -57.02 -14.75 17.27
C GLU C 400 -56.09 -15.05 18.43
N ASP C 401 -55.27 -16.09 18.33
CA ASP C 401 -54.32 -16.46 19.37
C ASP C 401 -52.95 -15.85 19.17
N VAL C 402 -52.78 -15.00 18.15
CA VAL C 402 -51.48 -14.40 17.90
C VAL C 402 -51.10 -13.50 19.07
N ASP C 403 -49.87 -13.66 19.56
CA ASP C 403 -49.34 -12.89 20.67
C ASP C 403 -48.13 -12.12 20.18
N LEU C 404 -48.38 -10.94 19.60
CA LEU C 404 -47.29 -10.14 19.04
C LEU C 404 -46.40 -9.57 20.12
N GLU C 405 -46.92 -9.40 21.34
CA GLU C 405 -46.09 -8.90 22.43
C GLU C 405 -44.96 -9.87 22.72
N ARG C 406 -45.25 -11.17 22.71
CA ARG C 406 -44.19 -12.16 22.93
C ARG C 406 -43.11 -12.05 21.85
N ILE C 407 -43.53 -11.88 20.60
CA ILE C 407 -42.55 -11.78 19.51
C ILE C 407 -41.70 -10.54 19.70
N SER C 408 -42.33 -9.42 20.07
CA SER C 408 -41.58 -8.19 20.30
C SER C 408 -40.57 -8.38 21.42
N LYS C 409 -40.98 -9.03 22.50
CA LYS C 409 -40.07 -9.25 23.62
C LYS C 409 -38.90 -10.13 23.22
N ASP C 410 -39.17 -11.17 22.43
CA ASP C 410 -38.11 -12.09 22.01
C ASP C 410 -37.29 -11.56 20.85
N THR C 411 -37.70 -10.46 20.21
CA THR C 411 -36.97 -9.87 19.10
C THR C 411 -36.08 -8.75 19.64
N HIS C 412 -34.78 -9.02 19.68
CA HIS C 412 -33.79 -8.04 20.11
C HIS C 412 -32.75 -7.89 19.02
N GLY C 413 -32.43 -6.64 18.67
CA GLY C 413 -31.54 -6.38 17.56
C GLY C 413 -32.19 -6.48 16.20
N TYR C 414 -33.51 -6.64 16.14
CA TYR C 414 -34.23 -6.77 14.88
C TYR C 414 -34.69 -5.40 14.42
N VAL C 415 -34.29 -5.03 13.20
CA VAL C 415 -34.77 -3.80 12.57
C VAL C 415 -36.13 -4.05 11.96
N GLY C 416 -36.80 -2.98 11.52
CA GLY C 416 -38.14 -3.13 10.98
C GLY C 416 -38.20 -4.07 9.80
N ALA C 417 -37.23 -3.94 8.88
CA ALA C 417 -37.21 -4.80 7.72
C ALA C 417 -37.09 -6.27 8.12
N ASP C 418 -36.26 -6.55 9.12
CA ASP C 418 -36.16 -7.91 9.61
C ASP C 418 -37.49 -8.39 10.19
N LEU C 419 -38.26 -7.50 10.81
CA LEU C 419 -39.56 -7.89 11.33
C LEU C 419 -40.53 -8.22 10.20
N ALA C 420 -40.50 -7.43 9.12
CA ALA C 420 -41.33 -7.75 7.97
C ALA C 420 -40.93 -9.09 7.37
N ALA C 421 -39.62 -9.35 7.29
CA ALA C 421 -39.15 -10.63 6.79
C ALA C 421 -39.61 -11.76 7.69
N LEU C 422 -39.59 -11.55 9.01
CA LEU C 422 -40.10 -12.54 9.94
C LEU C 422 -41.57 -12.84 9.69
N CYS C 423 -42.38 -11.80 9.49
CA CYS C 423 -43.79 -12.01 9.19
C CYS C 423 -43.97 -12.80 7.91
N THR C 424 -43.21 -12.46 6.87
CA THR C 424 -43.29 -13.19 5.61
C THR C 424 -42.90 -14.64 5.80
N GLU C 425 -41.86 -14.90 6.59
CA GLU C 425 -41.43 -16.26 6.87
C GLU C 425 -42.51 -17.04 7.61
N ALA C 426 -43.19 -16.38 8.54
CA ALA C 426 -44.27 -17.04 9.26
C ALA C 426 -45.41 -17.42 8.32
N ALA C 427 -45.78 -16.51 7.42
CA ALA C 427 -46.81 -16.85 6.44
C ALA C 427 -46.36 -18.00 5.56
N LEU C 428 -45.09 -17.98 5.16
CA LEU C 428 -44.55 -19.06 4.34
C LEU C 428 -44.64 -20.40 5.08
N GLN C 429 -44.37 -20.38 6.38
CA GLN C 429 -44.46 -21.62 7.16
C GLN C 429 -45.90 -22.09 7.27
N CYS C 430 -46.85 -21.17 7.43
CA CYS C 430 -48.25 -21.55 7.39
C CYS C 430 -48.58 -22.23 6.06
N ILE C 431 -48.06 -21.68 4.97
CA ILE C 431 -48.25 -22.31 3.66
C ILE C 431 -47.66 -23.72 3.69
N ARG C 432 -46.47 -23.85 4.28
CA ARG C 432 -45.85 -25.14 4.48
C ARG C 432 -46.88 -26.13 5.02
N GLU C 433 -47.46 -25.78 6.17
CA GLU C 433 -48.46 -26.64 6.79
C GLU C 433 -49.67 -26.85 5.88
N LYS C 434 -49.92 -25.92 4.97
CA LYS C 434 -51.09 -25.99 4.11
C LYS C 434 -50.80 -26.55 2.71
N MET C 435 -49.59 -27.06 2.47
CA MET C 435 -49.27 -27.60 1.16
C MET C 435 -49.89 -28.98 0.93
N ASP C 436 -49.90 -29.82 1.97
CA ASP C 436 -50.28 -31.22 1.78
C ASP C 436 -51.63 -31.37 1.11
N VAL C 437 -52.58 -30.51 1.43
CA VAL C 437 -53.92 -30.61 0.86
C VAL C 437 -53.98 -30.02 -0.54
N ILE C 438 -53.23 -28.95 -0.80
CA ILE C 438 -53.31 -28.24 -2.07
C ILE C 438 -52.37 -28.94 -3.07
N ASP C 439 -52.96 -29.50 -4.12
CA ASP C 439 -52.15 -30.13 -5.17
C ASP C 439 -51.46 -29.07 -6.01
N LEU C 440 -50.17 -29.27 -6.26
CA LEU C 440 -49.39 -28.29 -6.99
C LEU C 440 -49.69 -28.33 -8.49
N GLU C 441 -49.92 -29.52 -9.03
CA GLU C 441 -50.14 -29.66 -10.47
C GLU C 441 -51.46 -29.06 -10.93
N ASP C 442 -52.39 -28.79 -10.01
CA ASP C 442 -53.68 -28.23 -10.39
C ASP C 442 -53.55 -26.71 -10.54
N ASP C 443 -53.89 -26.22 -11.73
CA ASP C 443 -53.81 -24.77 -11.98
C ASP C 443 -54.80 -23.99 -11.14
N SER C 444 -55.86 -24.63 -10.66
CA SER C 444 -56.87 -24.00 -9.82
C SER C 444 -56.84 -24.61 -8.43
N ILE C 445 -57.07 -23.77 -7.43
CA ILE C 445 -57.06 -24.18 -6.03
C ILE C 445 -58.36 -23.76 -5.37
N ASP C 446 -58.89 -24.62 -4.51
CA ASP C 446 -60.18 -24.35 -3.88
C ASP C 446 -60.14 -23.04 -3.10
N ALA C 447 -61.23 -22.27 -3.21
CA ALA C 447 -61.30 -21.00 -2.51
C ALA C 447 -61.49 -21.19 -1.01
N GLU C 448 -62.13 -22.29 -0.60
CA GLU C 448 -62.35 -22.51 0.83
C GLU C 448 -61.03 -22.65 1.57
N ILE C 449 -60.09 -23.41 0.99
CA ILE C 449 -58.79 -23.56 1.64
C ILE C 449 -58.08 -22.21 1.70
N LEU C 450 -58.21 -21.42 0.64
CA LEU C 450 -57.58 -20.10 0.63
C LEU C 450 -58.14 -19.20 1.73
N ASN C 451 -59.45 -19.23 1.92
CA ASN C 451 -60.06 -18.44 2.99
C ASN C 451 -59.77 -19.02 4.37
N SER C 452 -59.40 -20.29 4.44
CA SER C 452 -59.11 -20.93 5.73
C SER C 452 -57.69 -20.68 6.20
N MET C 453 -56.81 -20.16 5.35
CA MET C 453 -55.43 -19.92 5.74
C MET C 453 -55.34 -18.75 6.72
N ALA C 454 -54.46 -18.89 7.69
CA ALA C 454 -54.21 -17.82 8.66
C ALA C 454 -53.01 -18.21 9.51
N VAL C 455 -52.13 -17.25 9.73
CA VAL C 455 -50.91 -17.51 10.51
C VAL C 455 -51.27 -17.77 11.98
N THR C 456 -50.41 -18.53 12.65
CA THR C 456 -50.59 -18.88 14.05
C THR C 456 -49.30 -18.54 14.81
N ASN C 457 -49.46 -18.31 16.12
CA ASN C 457 -48.32 -17.90 16.94
C ASN C 457 -47.14 -18.85 16.78
N GLU C 458 -47.42 -20.15 16.69
CA GLU C 458 -46.33 -21.11 16.52
C GLU C 458 -45.61 -20.89 15.19
N HIS C 459 -46.33 -20.46 14.15
CA HIS C 459 -45.66 -20.12 12.90
C HIS C 459 -44.70 -18.97 13.10
N PHE C 460 -45.10 -17.97 13.88
CA PHE C 460 -44.21 -16.86 14.19
C PHE C 460 -42.99 -17.34 14.95
N HIS C 461 -43.19 -18.26 15.91
CA HIS C 461 -42.06 -18.81 16.64
C HIS C 461 -41.10 -19.52 15.71
N THR C 462 -41.63 -20.32 14.79
CA THR C 462 -40.78 -21.01 13.82
C THR C 462 -40.02 -20.03 12.95
N ALA C 463 -40.71 -19.00 12.46
CA ALA C 463 -40.05 -18.01 11.61
C ALA C 463 -38.93 -17.29 12.37
N LEU C 464 -39.20 -16.93 13.63
CA LEU C 464 -38.16 -16.32 14.45
C LEU C 464 -36.98 -17.26 14.62
N GLY C 465 -37.25 -18.54 14.84
CA GLY C 465 -36.17 -19.51 14.94
C GLY C 465 -35.34 -19.60 13.68
N ASN C 466 -35.99 -19.46 12.53
CA ASN C 466 -35.28 -19.53 11.25
C ASN C 466 -34.66 -18.22 10.83
N SER C 467 -35.19 -17.09 11.28
CA SER C 467 -34.71 -15.79 10.85
C SER C 467 -33.40 -15.45 11.55
N ASN C 468 -32.78 -14.35 11.09
CA ASN C 468 -31.50 -13.91 11.62
C ASN C 468 -31.53 -12.40 11.83
N PRO C 469 -31.12 -11.90 12.99
CA PRO C 469 -31.02 -10.45 13.17
C PRO C 469 -29.93 -9.85 12.30
N SER C 470 -30.14 -8.59 11.92
CA SER C 470 -29.15 -7.84 11.15
C SER C 470 -28.34 -6.88 12.01
N ALA C 471 -28.83 -6.54 13.20
CA ALA C 471 -28.16 -5.59 14.09
C ALA C 471 -27.93 -6.27 15.43
N LEU C 472 -26.68 -6.62 15.70
CA LEU C 472 -26.29 -7.22 16.97
C LEU C 472 -25.10 -6.54 17.63
N ARG C 473 -24.21 -5.94 16.85
CA ARG C 473 -23.02 -5.28 17.37
C ARG C 473 -23.21 -3.78 17.53
N GLU C 474 -24.40 -3.26 17.23
CA GLU C 474 -24.67 -1.85 17.37
C GLU C 474 -25.03 -1.51 18.81
N THR C 475 -24.40 -0.48 19.35
CA THR C 475 -24.63 -0.07 20.73
C THR C 475 -26.09 0.24 20.97
N VAL C 476 -26.73 -0.53 21.84
CA VAL C 476 -28.15 -0.32 22.14
C VAL C 476 -28.26 0.68 23.29
N VAL C 477 -29.08 1.70 23.08
CA VAL C 477 -29.26 2.77 24.05
C VAL C 477 -30.69 2.68 24.55
N GLU C 478 -30.86 2.23 25.79
CA GLU C 478 -32.19 2.09 26.37
C GLU C 478 -32.07 2.15 27.89
N VAL C 479 -33.22 2.15 28.54
CA VAL C 479 -33.32 2.23 30.00
C VAL C 479 -33.54 0.82 30.54
N PRO C 480 -32.50 0.13 31.00
CA PRO C 480 -32.70 -1.21 31.56
C PRO C 480 -33.66 -1.19 32.74
N ASN C 481 -34.39 -2.28 32.89
CA ASN C 481 -35.44 -2.40 33.90
C ASN C 481 -34.91 -2.83 35.26
N VAL C 482 -33.60 -3.09 35.39
CA VAL C 482 -33.07 -3.56 36.65
C VAL C 482 -33.28 -2.49 37.71
N SER C 483 -33.74 -2.92 38.89
CA SER C 483 -34.03 -2.02 39.99
C SER C 483 -33.17 -2.38 41.20
N TRP C 484 -33.19 -1.50 42.20
CA TRP C 484 -32.43 -1.74 43.41
C TRP C 484 -32.88 -3.02 44.11
N ASN C 485 -34.15 -3.38 43.96
CA ASN C 485 -34.64 -4.62 44.57
C ASN C 485 -33.88 -5.81 44.03
N ASP C 486 -33.62 -5.84 42.72
CA ASP C 486 -32.78 -6.88 42.14
C ASP C 486 -31.35 -6.81 42.67
N ILE C 487 -30.92 -5.64 43.15
CA ILE C 487 -29.61 -5.47 43.74
C ILE C 487 -29.70 -5.89 45.20
N GLY C 488 -28.83 -6.82 45.59
CA GLY C 488 -28.91 -7.39 46.92
C GLY C 488 -28.09 -6.63 47.94
N GLY C 489 -28.76 -5.94 48.86
CA GLY C 489 -28.05 -5.24 49.91
C GLY C 489 -27.09 -4.23 49.35
N LEU C 490 -25.82 -4.31 49.79
CA LEU C 490 -24.78 -3.37 49.38
C LEU C 490 -25.24 -1.94 49.68
N GLU C 491 -25.67 -1.72 50.92
CA GLU C 491 -26.19 -0.41 51.30
C GLU C 491 -25.12 0.66 51.19
N ASN C 492 -23.89 0.34 51.58
CA ASN C 492 -22.80 1.31 51.48
C ASN C 492 -22.55 1.70 50.04
N VAL C 493 -22.39 0.71 49.16
CA VAL C 493 -22.14 1.00 47.75
C VAL C 493 -23.37 1.64 47.12
N LYS C 494 -24.56 1.17 47.49
CA LYS C 494 -25.78 1.82 47.01
C LYS C 494 -25.75 3.30 47.31
N ARG C 495 -25.49 3.66 48.57
CA ARG C 495 -25.43 5.05 48.96
C ARG C 495 -24.36 5.80 48.18
N GLU C 496 -23.17 5.23 48.07
CA GLU C 496 -22.06 5.92 47.43
C GLU C 496 -22.39 6.22 45.97
N LEU C 497 -22.93 5.25 45.25
CA LEU C 497 -23.18 5.43 43.82
C LEU C 497 -24.39 6.34 43.60
N GLN C 498 -25.41 6.23 44.45
CA GLN C 498 -26.52 7.15 44.36
C GLN C 498 -26.05 8.58 44.57
N GLU C 499 -25.19 8.78 45.57
CA GLU C 499 -24.56 10.06 45.80
C GLU C 499 -23.84 10.57 44.55
N THR C 500 -22.97 9.74 43.98
CA THR C 500 -22.11 10.19 42.90
C THR C 500 -22.85 10.38 41.58
N VAL C 501 -24.00 9.74 41.39
CA VAL C 501 -24.65 9.74 40.08
C VAL C 501 -26.07 10.28 40.16
N GLN C 502 -26.88 9.72 41.06
CA GLN C 502 -28.30 10.03 41.07
C GLN C 502 -28.56 11.52 41.23
N TYR C 503 -27.84 12.17 42.14
CA TYR C 503 -28.05 13.58 42.45
C TYR C 503 -27.71 14.49 41.27
N PRO C 504 -26.51 14.39 40.70
CA PRO C 504 -26.15 15.31 39.61
C PRO C 504 -27.04 15.21 38.39
N VAL C 505 -27.90 14.19 38.31
CA VAL C 505 -28.86 14.08 37.22
C VAL C 505 -30.28 14.33 37.68
N GLU C 506 -30.58 14.18 38.98
CA GLU C 506 -31.92 14.45 39.49
C GLU C 506 -32.05 15.87 40.02
N HIS C 507 -31.00 16.39 40.66
CA HIS C 507 -30.99 17.74 41.21
C HIS C 507 -29.73 18.47 40.80
N PRO C 508 -29.54 18.71 39.50
CA PRO C 508 -28.34 19.45 39.06
C PRO C 508 -28.47 20.95 39.27
N GLU C 509 -29.68 21.50 39.27
CA GLU C 509 -29.84 22.93 39.43
C GLU C 509 -29.27 23.40 40.76
N LYS C 510 -29.44 22.64 41.82
CA LYS C 510 -28.89 23.04 43.12
C LYS C 510 -27.38 22.76 43.20
N PHE C 511 -26.91 21.73 42.51
CA PHE C 511 -25.47 21.58 42.33
C PHE C 511 -24.87 22.85 41.73
N GLU C 512 -25.54 23.42 40.74
CA GLU C 512 -25.15 24.71 40.20
C GLU C 512 -25.30 25.81 41.24
N LYS C 513 -26.38 25.76 42.02
CA LYS C 513 -26.60 26.75 43.07
C LYS C 513 -25.35 26.89 43.94
N PHE C 514 -24.84 25.76 44.43
CA PHE C 514 -23.55 25.80 45.12
C PHE C 514 -22.39 25.82 44.13
N GLY C 515 -22.54 25.12 43.01
CA GLY C 515 -21.69 25.33 41.85
C GLY C 515 -20.48 24.43 41.74
N MET C 516 -20.14 23.66 42.77
CA MET C 516 -18.93 22.87 42.71
C MET C 516 -19.04 21.78 41.66
N SER C 517 -17.90 21.44 41.07
CA SER C 517 -17.88 20.46 40.00
C SER C 517 -18.28 19.09 40.53
N PRO C 518 -19.18 18.37 39.87
CA PRO C 518 -19.51 17.01 40.30
C PRO C 518 -18.51 16.01 39.74
N SER C 519 -18.49 14.84 40.37
CA SER C 519 -17.64 13.76 39.88
C SER C 519 -18.13 13.27 38.53
N LYS C 520 -17.21 13.17 37.57
CA LYS C 520 -17.53 12.75 36.22
C LYS C 520 -17.16 11.30 35.94
N GLY C 521 -16.89 10.53 36.97
CA GLY C 521 -16.46 9.16 36.75
C GLY C 521 -16.46 8.36 38.03
N VAL C 522 -16.25 7.06 37.87
CA VAL C 522 -16.15 6.15 38.99
C VAL C 522 -15.64 4.81 38.46
N LEU C 523 -14.95 4.06 39.30
CA LEU C 523 -14.35 2.79 38.91
C LEU C 523 -14.81 1.70 39.87
N PHE C 524 -15.27 0.58 39.31
CA PHE C 524 -15.69 -0.57 40.08
C PHE C 524 -14.60 -1.62 40.04
N TYR C 525 -14.03 -1.92 41.20
CA TYR C 525 -13.11 -3.04 41.36
C TYR C 525 -13.70 -4.03 42.35
N GLY C 526 -13.70 -5.30 41.96
CA GLY C 526 -14.26 -6.35 42.78
C GLY C 526 -14.12 -7.70 42.12
N PRO C 527 -14.59 -8.74 42.80
CA PRO C 527 -14.43 -10.09 42.26
C PRO C 527 -15.29 -10.27 41.03
N PRO C 528 -14.89 -11.14 40.11
CA PRO C 528 -15.72 -11.40 38.93
C PRO C 528 -17.03 -12.05 39.31
N GLY C 529 -18.06 -11.74 38.52
CA GLY C 529 -19.38 -12.31 38.74
C GLY C 529 -20.00 -11.88 40.05
N CYS C 530 -19.94 -10.59 40.36
CA CYS C 530 -20.58 -10.04 41.55
C CYS C 530 -21.66 -9.02 41.20
N GLY C 531 -22.01 -8.88 39.92
CA GLY C 531 -23.11 -8.02 39.55
C GLY C 531 -22.76 -6.55 39.43
N LYS C 532 -21.65 -6.23 38.77
CA LYS C 532 -21.30 -4.83 38.56
C LYS C 532 -22.18 -4.19 37.49
N THR C 533 -22.36 -4.88 36.38
CA THR C 533 -23.24 -4.37 35.32
C THR C 533 -24.66 -4.21 35.83
N LEU C 534 -25.12 -5.13 36.67
CA LEU C 534 -26.44 -4.99 37.27
C LEU C 534 -26.52 -3.71 38.10
N LEU C 535 -25.48 -3.42 38.88
CA LEU C 535 -25.48 -2.20 39.67
C LEU C 535 -25.54 -0.98 38.78
N ALA C 536 -24.74 -0.97 37.71
CA ALA C 536 -24.74 0.19 36.81
C ALA C 536 -26.11 0.37 36.17
N LYS C 537 -26.73 -0.72 35.70
CA LYS C 537 -28.04 -0.60 35.07
C LYS C 537 -29.09 -0.16 36.08
N ALA C 538 -29.00 -0.65 37.32
CA ALA C 538 -29.97 -0.24 38.33
C ALA C 538 -29.86 1.25 38.62
N ILE C 539 -28.63 1.76 38.76
CA ILE C 539 -28.48 3.18 39.03
C ILE C 539 -28.94 3.99 37.83
N ALA C 540 -28.72 3.48 36.62
CA ALA C 540 -29.25 4.16 35.44
C ALA C 540 -30.77 4.23 35.46
N ASN C 541 -31.41 3.11 35.79
CA ASN C 541 -32.87 3.07 35.81
C ASN C 541 -33.43 4.00 36.87
N GLU C 542 -32.79 4.05 38.04
CA GLU C 542 -33.28 4.91 39.10
C GLU C 542 -33.32 6.37 38.66
N CYS C 543 -32.41 6.77 37.78
CA CYS C 543 -32.35 8.13 37.27
C CYS C 543 -33.04 8.29 35.92
N GLN C 544 -33.64 7.23 35.40
CA GLN C 544 -34.27 7.26 34.08
C GLN C 544 -33.28 7.70 33.01
N ALA C 545 -32.01 7.34 33.21
CA ALA C 545 -30.93 7.73 32.32
C ALA C 545 -30.53 6.57 31.43
N ASN C 546 -30.16 6.89 30.19
CA ASN C 546 -29.79 5.87 29.23
C ASN C 546 -28.50 5.17 29.67
N PHE C 547 -28.44 3.87 29.42
CA PHE C 547 -27.28 3.05 29.73
C PHE C 547 -26.68 2.51 28.44
N ILE C 548 -25.37 2.64 28.30
CA ILE C 548 -24.64 2.18 27.14
C ILE C 548 -23.59 1.18 27.61
N SER C 549 -23.68 -0.05 27.10
CA SER C 549 -22.75 -1.11 27.47
C SER C 549 -21.69 -1.25 26.39
N VAL C 550 -20.44 -0.98 26.74
CA VAL C 550 -19.31 -1.15 25.85
C VAL C 550 -18.30 -2.06 26.53
N LYS C 551 -17.98 -3.17 25.88
CA LYS C 551 -17.04 -4.14 26.41
C LYS C 551 -15.67 -3.93 25.77
N GLY C 552 -14.62 -4.11 26.58
CA GLY C 552 -13.27 -3.94 26.09
C GLY C 552 -12.94 -4.72 24.84
N PRO C 553 -13.42 -5.95 24.69
CA PRO C 553 -13.16 -6.69 23.46
C PRO C 553 -13.62 -5.98 22.20
N GLU C 554 -14.75 -5.26 22.25
CA GLU C 554 -15.24 -4.59 21.05
C GLU C 554 -14.30 -3.47 20.62
N LEU C 555 -13.92 -2.62 21.57
CA LEU C 555 -12.98 -1.55 21.26
C LEU C 555 -11.65 -2.14 20.80
N LEU C 556 -11.23 -3.23 21.43
CA LEU C 556 -9.98 -3.89 21.05
C LEU C 556 -10.05 -4.38 19.61
N THR C 557 -11.17 -4.99 19.23
CA THR C 557 -11.33 -5.46 17.86
C THR C 557 -11.33 -4.30 16.88
N MET C 558 -12.03 -3.22 17.22
CA MET C 558 -12.10 -2.08 16.30
C MET C 558 -10.74 -1.44 16.11
N TRP C 559 -9.95 -1.30 17.19
CA TRP C 559 -8.58 -0.83 17.03
C TRP C 559 -7.78 -1.79 16.17
N PHE C 560 -7.86 -3.09 16.47
CA PHE C 560 -7.22 -4.06 15.59
C PHE C 560 -7.76 -3.97 14.17
N GLY C 561 -9.00 -3.52 14.01
CA GLY C 561 -9.55 -3.24 12.71
C GLY C 561 -9.23 -1.87 12.17
N GLU C 562 -8.39 -1.11 12.87
CA GLU C 562 -8.00 0.24 12.44
C GLU C 562 -9.23 1.14 12.25
N SER C 563 -10.21 0.98 13.15
CA SER C 563 -11.39 1.83 13.16
C SER C 563 -11.52 2.50 14.51
N GLU C 564 -10.42 3.05 15.03
CA GLU C 564 -10.42 3.60 16.38
C GLU C 564 -11.39 4.77 16.52
N ALA C 565 -11.85 5.35 15.41
CA ALA C 565 -12.86 6.40 15.49
C ALA C 565 -14.14 5.89 16.14
N ASN C 566 -14.31 4.57 16.23
CA ASN C 566 -15.46 4.03 16.95
C ASN C 566 -15.51 4.52 18.38
N VAL C 567 -14.36 4.73 19.01
CA VAL C 567 -14.34 5.20 20.40
C VAL C 567 -14.94 6.60 20.49
N ARG C 568 -14.49 7.51 19.63
CA ARG C 568 -15.09 8.83 19.57
C ARG C 568 -16.57 8.73 19.23
N GLU C 569 -16.95 7.75 18.42
CA GLU C 569 -18.38 7.56 18.12
C GLU C 569 -19.15 7.18 19.36
N ILE C 570 -18.60 6.29 20.19
CA ILE C 570 -19.27 5.91 21.43
C ILE C 570 -19.45 7.13 22.32
N PHE C 571 -18.37 7.90 22.47
CA PHE C 571 -18.46 9.10 23.30
C PHE C 571 -19.50 10.07 22.75
N ASP C 572 -19.51 10.26 21.43
CA ASP C 572 -20.47 11.16 20.81
C ASP C 572 -21.89 10.71 21.12
N LYS C 573 -22.19 9.44 20.84
CA LYS C 573 -23.53 8.92 21.09
C LYS C 573 -23.91 9.11 22.55
N ALA C 574 -23.03 8.72 23.46
CA ALA C 574 -23.31 8.92 24.87
C ALA C 574 -23.63 10.38 25.15
N ARG C 575 -23.00 11.29 24.42
CA ARG C 575 -23.23 12.71 24.64
C ARG C 575 -24.60 13.13 24.14
N GLN C 576 -24.98 12.69 22.93
CA GLN C 576 -26.25 13.14 22.36
C GLN C 576 -27.43 12.67 23.17
N SER C 577 -27.37 11.44 23.70
CA SER C 577 -28.47 10.85 24.43
C SER C 577 -28.43 11.18 25.92
N ALA C 578 -27.77 12.26 26.29
CA ALA C 578 -27.69 12.64 27.70
C ALA C 578 -29.10 12.86 28.25
N PRO C 579 -29.35 12.49 29.51
CA PRO C 579 -28.42 11.91 30.50
C PRO C 579 -28.07 10.47 30.15
N CYS C 580 -26.87 10.02 30.49
CA CYS C 580 -26.40 8.72 30.05
C CYS C 580 -25.42 8.16 31.06
N VAL C 581 -25.22 6.84 31.02
CA VAL C 581 -24.28 6.14 31.87
C VAL C 581 -23.45 5.24 30.97
N LEU C 582 -22.29 5.71 30.55
CA LEU C 582 -21.39 4.95 29.70
C LEU C 582 -20.61 3.97 30.55
N PHE C 583 -20.88 2.68 30.38
CA PHE C 583 -20.28 1.63 31.19
C PHE C 583 -19.20 0.94 30.38
N PHE C 584 -17.94 1.16 30.76
CA PHE C 584 -16.81 0.54 30.08
C PHE C 584 -16.53 -0.79 30.75
N ASP C 585 -17.06 -1.86 30.17
CA ASP C 585 -16.91 -3.19 30.74
C ASP C 585 -15.52 -3.74 30.44
N GLU C 586 -14.94 -4.40 31.43
CA GLU C 586 -13.57 -4.91 31.37
C GLU C 586 -12.62 -3.83 30.87
N LEU C 587 -12.54 -2.74 31.64
CA LEU C 587 -11.54 -1.71 31.34
C LEU C 587 -10.14 -2.27 31.40
N ASP C 588 -9.91 -3.30 32.23
CA ASP C 588 -8.60 -3.89 32.36
C ASP C 588 -8.26 -4.84 31.22
N SER C 589 -9.22 -5.14 30.34
CA SER C 589 -8.93 -6.01 29.20
C SER C 589 -7.89 -5.39 28.29
N ILE C 590 -8.03 -4.09 28.00
CA ILE C 590 -7.07 -3.41 27.12
C ILE C 590 -5.70 -3.37 27.79
N ALA C 591 -5.67 -3.03 29.08
CA ALA C 591 -4.39 -2.97 29.79
C ALA C 591 -3.71 -4.33 29.81
N THR C 592 -4.48 -5.40 30.00
CA THR C 592 -3.91 -6.74 29.95
C THR C 592 -3.40 -7.07 28.56
N GLN C 593 -4.15 -6.68 27.52
CA GLN C 593 -3.66 -6.86 26.16
C GLN C 593 -2.30 -6.21 25.99
N ARG C 594 -2.13 -5.00 26.53
CA ARG C 594 -0.81 -4.41 26.61
C ARG C 594 -0.01 -4.94 27.80
N GLY C 595 -0.68 -5.37 28.85
CA GLY C 595 -0.01 -5.97 29.99
C GLY C 595 -0.48 -5.50 31.35
N GLY C 596 -0.85 -4.23 31.45
CA GLY C 596 -1.29 -3.69 32.73
C GLY C 596 -0.18 -3.68 33.75
N GLY C 597 -0.26 -4.57 34.73
CA GLY C 597 0.74 -4.66 35.78
C GLY C 597 1.45 -5.99 35.81
N SER C 598 0.85 -7.01 35.20
CA SER C 598 1.46 -8.34 35.15
C SER C 598 2.67 -8.38 34.22
N GLY C 599 2.84 -7.41 33.34
CA GLY C 599 3.99 -7.36 32.46
C GLY C 599 3.75 -8.00 31.11
N GLY C 600 2.59 -7.70 30.51
CA GLY C 600 2.30 -8.17 29.16
C GLY C 600 3.43 -7.81 28.21
N ASP C 601 3.60 -6.52 27.94
CA ASP C 601 4.83 -6.05 27.32
C ASP C 601 5.82 -5.70 28.43
N GLY C 602 7.00 -5.20 28.04
CA GLY C 602 7.99 -4.83 29.03
C GLY C 602 7.51 -3.74 29.96
N GLY C 603 6.54 -2.93 29.52
CA GLY C 603 6.14 -1.76 30.27
C GLY C 603 4.67 -1.69 30.62
N GLY C 604 4.08 -0.50 30.45
CA GLY C 604 2.75 -0.22 30.91
C GLY C 604 1.67 -0.74 29.96
N ALA C 605 0.48 -0.17 30.11
CA ALA C 605 -0.71 -0.64 29.41
C ALA C 605 -1.23 0.31 28.34
N ALA C 606 -0.79 1.57 28.33
CA ALA C 606 -1.36 2.55 27.43
C ALA C 606 -1.13 2.15 25.97
N ASP C 607 -2.12 2.44 25.13
CA ASP C 607 -2.04 2.14 23.70
C ASP C 607 -2.99 3.07 22.96
N ARG C 608 -3.25 2.74 21.69
CA ARG C 608 -4.19 3.51 20.88
C ARG C 608 -5.50 3.76 21.62
N VAL C 609 -6.22 2.68 21.96
CA VAL C 609 -7.56 2.82 22.50
C VAL C 609 -7.52 3.52 23.85
N LEU C 610 -6.58 3.13 24.70
CA LEU C 610 -6.50 3.74 26.02
C LEU C 610 -6.22 5.24 25.90
N ASN C 611 -5.21 5.60 25.10
CA ASN C 611 -4.86 7.01 24.98
C ASN C 611 -6.00 7.82 24.42
N GLN C 612 -6.70 7.27 23.42
CA GLN C 612 -7.87 7.96 22.88
C GLN C 612 -8.94 8.12 23.95
N LEU C 613 -9.11 7.11 24.80
CA LEU C 613 -10.11 7.20 25.87
C LEU C 613 -9.74 8.32 26.84
N LEU C 614 -8.47 8.41 27.23
CA LEU C 614 -8.05 9.52 28.09
C LEU C 614 -8.31 10.86 27.41
N THR C 615 -7.96 10.97 26.13
CA THR C 615 -8.12 12.25 25.43
C THR C 615 -9.59 12.66 25.42
N GLU C 616 -10.48 11.73 25.10
CA GLU C 616 -11.90 12.05 25.12
C GLU C 616 -12.38 12.35 26.53
N MET C 617 -11.82 11.68 27.54
CA MET C 617 -12.23 11.93 28.92
C MET C 617 -11.92 13.35 29.34
N ASP C 618 -10.67 13.78 29.11
CA ASP C 618 -10.29 15.14 29.48
C ASP C 618 -11.05 16.19 28.68
N GLY C 619 -11.57 15.82 27.52
CA GLY C 619 -12.30 16.74 26.67
C GLY C 619 -13.79 16.79 26.89
N MET C 620 -14.31 16.08 27.89
CA MET C 620 -15.74 16.07 28.13
C MET C 620 -16.21 17.39 28.72
N ASN C 621 -17.47 17.73 28.45
CA ASN C 621 -18.06 18.97 28.94
C ASN C 621 -18.50 18.81 30.38
N ALA C 622 -18.12 19.76 31.24
CA ALA C 622 -18.50 19.71 32.63
C ALA C 622 -20.01 19.81 32.80
N LYS C 623 -20.66 20.66 32.01
CA LYS C 623 -22.09 20.86 32.12
C LYS C 623 -22.89 19.68 31.60
N LYS C 624 -22.29 18.79 30.82
CA LYS C 624 -23.02 17.67 30.24
C LYS C 624 -23.17 16.55 31.26
N THR C 625 -24.35 15.93 31.27
CA THR C 625 -24.66 14.89 32.24
C THR C 625 -24.30 13.51 31.67
N VAL C 626 -23.03 13.39 31.30
CA VAL C 626 -22.49 12.13 30.80
C VAL C 626 -21.59 11.51 31.85
N PHE C 627 -22.16 10.69 32.72
CA PHE C 627 -21.39 9.99 33.73
C PHE C 627 -20.87 8.68 33.16
N ILE C 628 -19.64 8.34 33.53
CA ILE C 628 -18.94 7.19 32.97
C ILE C 628 -18.53 6.28 34.11
N ILE C 629 -18.76 4.98 33.94
CA ILE C 629 -18.46 3.98 34.95
C ILE C 629 -17.54 2.94 34.32
N GLY C 630 -16.46 2.61 35.04
CA GLY C 630 -15.50 1.62 34.60
C GLY C 630 -15.51 0.44 35.54
N ALA C 631 -15.56 -0.76 34.96
CA ALA C 631 -15.57 -2.00 35.71
C ALA C 631 -14.31 -2.79 35.41
N THR C 632 -13.64 -3.25 36.46
CA THR C 632 -12.41 -4.02 36.31
C THR C 632 -12.38 -5.11 37.37
N ASN C 633 -11.99 -6.30 36.94
CA ASN C 633 -11.79 -7.42 37.85
C ASN C 633 -10.36 -7.49 38.39
N ARG C 634 -9.50 -6.57 37.97
CA ARG C 634 -8.09 -6.57 38.38
C ARG C 634 -7.67 -5.12 38.54
N PRO C 635 -7.65 -4.61 39.77
CA PRO C 635 -7.31 -3.18 39.96
C PRO C 635 -5.82 -2.91 40.02
N ASP C 636 -4.99 -3.91 40.31
CA ASP C 636 -3.56 -3.70 40.43
C ASP C 636 -2.86 -3.57 39.08
N ILE C 637 -3.56 -3.84 37.98
CA ILE C 637 -2.97 -3.78 36.64
C ILE C 637 -3.43 -2.55 35.86
N ILE C 638 -4.38 -1.78 36.39
CA ILE C 638 -4.90 -0.63 35.65
C ILE C 638 -3.86 0.47 35.60
N ASP C 639 -3.69 1.06 34.42
CA ASP C 639 -2.73 2.15 34.27
C ASP C 639 -3.10 3.31 35.19
N SER C 640 -2.09 3.85 35.88
CA SER C 640 -2.35 4.93 36.83
C SER C 640 -2.85 6.18 36.13
N ALA C 641 -2.44 6.41 34.88
CA ALA C 641 -2.87 7.61 34.17
C ALA C 641 -4.38 7.66 34.04
N LEU C 642 -5.03 6.50 33.97
CA LEU C 642 -6.48 6.47 33.87
C LEU C 642 -7.15 6.84 35.18
N LEU C 643 -6.48 6.58 36.30
CA LEU C 643 -7.02 6.87 37.62
C LEU C 643 -6.80 8.30 38.07
N ARG C 644 -6.14 9.12 37.25
CA ARG C 644 -5.88 10.48 37.64
C ARG C 644 -7.19 11.26 37.79
N PRO C 645 -7.26 12.20 38.72
CA PRO C 645 -8.48 12.98 38.88
C PRO C 645 -8.86 13.70 37.59
N GLY C 646 -10.16 13.81 37.37
CA GLY C 646 -10.69 14.44 36.19
C GLY C 646 -11.19 13.48 35.13
N ARG C 647 -10.75 12.21 35.18
CA ARG C 647 -11.19 11.21 34.22
C ARG C 647 -12.01 10.11 34.88
N LEU C 648 -11.42 9.39 35.83
CA LEU C 648 -12.11 8.34 36.58
C LEU C 648 -11.36 8.21 37.91
N ASP C 649 -11.90 8.83 38.95
CA ASP C 649 -11.14 8.87 40.20
C ASP C 649 -11.85 8.15 41.34
N GLN C 650 -13.16 8.35 41.49
CA GLN C 650 -13.89 7.65 42.53
C GLN C 650 -13.72 6.13 42.36
N LEU C 651 -13.19 5.49 43.39
CA LEU C 651 -13.03 4.04 43.42
C LEU C 651 -13.94 3.47 44.50
N ILE C 652 -14.75 2.49 44.12
CA ILE C 652 -15.70 1.86 45.02
C ILE C 652 -15.49 0.36 44.98
N TYR C 653 -15.44 -0.26 46.15
CA TYR C 653 -15.23 -1.70 46.26
C TYR C 653 -16.56 -2.42 46.33
N ILE C 654 -16.68 -3.48 45.52
CA ILE C 654 -17.89 -4.29 45.49
C ILE C 654 -17.59 -5.62 46.17
N PRO C 655 -18.02 -5.83 47.41
CA PRO C 655 -17.70 -7.07 48.11
C PRO C 655 -18.54 -8.24 47.61
N LEU C 656 -18.10 -9.44 47.97
CA LEU C 656 -18.89 -10.61 47.69
C LEU C 656 -20.22 -10.52 48.45
N PRO C 657 -21.30 -11.07 47.88
CA PRO C 657 -22.60 -10.92 48.54
C PRO C 657 -22.58 -11.51 49.94
N ASP C 658 -23.22 -10.80 50.86
CA ASP C 658 -23.34 -11.24 52.25
C ASP C 658 -24.63 -12.05 52.40
N GLU C 659 -25.01 -12.30 53.65
CA GLU C 659 -26.18 -13.17 53.90
C GLU C 659 -27.42 -12.65 53.20
N ASP C 660 -27.77 -11.38 53.42
CA ASP C 660 -28.98 -10.85 52.81
C ASP C 660 -28.78 -10.66 51.31
N SER C 661 -27.59 -10.24 50.88
CA SER C 661 -27.33 -10.12 49.45
C SER C 661 -27.45 -11.48 48.76
N ARG C 662 -26.89 -12.52 49.37
CA ARG C 662 -26.98 -13.85 48.80
C ARG C 662 -28.43 -14.34 48.77
N LEU C 663 -29.19 -14.03 49.82
CA LEU C 663 -30.61 -14.35 49.81
C LEU C 663 -31.31 -13.67 48.63
N ASN C 664 -31.01 -12.39 48.41
CA ASN C 664 -31.64 -11.66 47.31
C ASN C 664 -31.28 -12.28 45.97
N ILE C 665 -30.00 -12.62 45.77
CA ILE C 665 -29.61 -13.22 44.50
C ILE C 665 -30.30 -14.57 44.31
N PHE C 666 -30.36 -15.37 45.37
CA PHE C 666 -31.03 -16.67 45.30
C PHE C 666 -32.48 -16.50 44.88
N LYS C 667 -33.22 -15.64 45.56
CA LYS C 667 -34.63 -15.47 45.24
C LYS C 667 -34.82 -14.92 43.83
N ALA C 668 -33.92 -14.02 43.41
CA ALA C 668 -34.02 -13.49 42.06
C ALA C 668 -33.84 -14.60 41.02
N ALA C 669 -32.87 -15.48 41.26
CA ALA C 669 -32.63 -16.57 40.31
C ALA C 669 -33.78 -17.57 40.31
N LEU C 670 -34.35 -17.86 41.48
CA LEU C 670 -35.51 -18.75 41.58
C LEU C 670 -36.82 -17.99 41.53
N ARG C 671 -36.79 -16.67 41.37
CA ARG C 671 -38.02 -15.90 41.37
C ARG C 671 -38.96 -16.37 40.27
N LYS C 672 -38.42 -16.66 39.10
CA LYS C 672 -39.24 -17.10 37.97
C LYS C 672 -39.68 -18.56 38.12
N SER C 673 -38.91 -19.39 38.83
CA SER C 673 -39.21 -20.82 38.87
C SER C 673 -39.97 -21.19 40.14
N PRO C 674 -40.80 -22.21 40.08
CA PRO C 674 -41.44 -22.72 41.30
C PRO C 674 -40.51 -23.65 42.07
N ILE C 675 -40.60 -23.59 43.39
CA ILE C 675 -39.77 -24.40 44.27
C ILE C 675 -40.66 -25.22 45.18
N ALA C 676 -40.17 -26.38 45.57
CA ALA C 676 -40.92 -27.24 46.49
C ALA C 676 -41.11 -26.54 47.82
N LYS C 677 -42.29 -26.74 48.43
CA LYS C 677 -42.59 -26.07 49.69
C LYS C 677 -41.58 -26.42 50.76
N ASP C 678 -40.97 -27.60 50.68
CA ASP C 678 -39.99 -28.00 51.68
C ASP C 678 -38.75 -27.10 51.63
N VAL C 679 -38.51 -26.45 50.50
CA VAL C 679 -37.28 -25.69 50.29
C VAL C 679 -37.59 -24.21 50.43
N ASP C 680 -36.94 -23.58 51.42
CA ASP C 680 -36.87 -22.13 51.52
C ASP C 680 -35.42 -21.73 51.29
N ILE C 681 -35.20 -20.85 50.30
CA ILE C 681 -33.84 -20.61 49.83
C ILE C 681 -33.06 -19.69 50.76
N GLY C 682 -33.74 -18.92 51.62
CA GLY C 682 -33.02 -18.07 52.55
C GLY C 682 -32.17 -18.85 53.52
N ALA C 683 -32.66 -20.03 53.95
CA ALA C 683 -31.89 -20.86 54.85
C ALA C 683 -30.56 -21.27 54.22
N LEU C 684 -30.60 -21.69 52.95
CA LEU C 684 -29.37 -22.01 52.25
C LEU C 684 -28.49 -20.78 52.06
N ALA C 685 -29.12 -19.66 51.71
CA ALA C 685 -28.36 -18.41 51.50
C ALA C 685 -27.62 -18.01 52.77
N LYS C 686 -28.17 -18.34 53.94
CA LYS C 686 -27.60 -17.86 55.20
C LYS C 686 -26.18 -18.36 55.39
N TYR C 687 -25.93 -19.64 55.12
CA TYR C 687 -24.66 -20.26 55.45
C TYR C 687 -23.67 -20.29 54.30
N THR C 688 -24.05 -19.83 53.11
CA THR C 688 -23.21 -19.98 51.92
C THR C 688 -22.38 -18.71 51.70
N GLN C 689 -21.57 -18.40 52.70
CA GLN C 689 -20.68 -17.25 52.65
C GLN C 689 -19.50 -17.53 51.74
N GLY C 690 -18.97 -16.47 51.13
CA GLY C 690 -17.81 -16.58 50.26
C GLY C 690 -18.11 -17.06 48.86
N PHE C 691 -19.38 -17.14 48.47
CA PHE C 691 -19.77 -17.64 47.17
C PHE C 691 -20.40 -16.51 46.36
N SER C 692 -19.92 -16.34 45.13
CA SER C 692 -20.34 -15.22 44.30
C SER C 692 -21.71 -15.48 43.68
N GLY C 693 -22.30 -14.41 43.12
CA GLY C 693 -23.60 -14.54 42.50
C GLY C 693 -23.61 -15.52 41.35
N ALA C 694 -22.50 -15.60 40.61
CA ALA C 694 -22.41 -16.59 39.53
C ALA C 694 -22.54 -18.00 40.09
N ASP C 695 -21.89 -18.28 41.22
CA ASP C 695 -22.03 -19.58 41.84
C ASP C 695 -23.47 -19.83 42.24
N ILE C 696 -24.16 -18.80 42.73
CA ILE C 696 -25.57 -18.95 43.06
C ILE C 696 -26.36 -19.35 41.82
N THR C 697 -26.14 -18.63 40.73
CA THR C 697 -26.86 -18.94 39.50
C THR C 697 -26.61 -20.38 39.08
N GLU C 698 -25.38 -20.85 39.22
CA GLU C 698 -25.06 -22.21 38.80
C GLU C 698 -25.64 -23.25 39.75
N ILE C 699 -25.69 -22.95 41.04
CA ILE C 699 -26.33 -23.87 41.97
C ILE C 699 -27.79 -24.04 41.60
N CYS C 700 -28.48 -22.93 41.29
CA CYS C 700 -29.86 -23.02 40.84
C CYS C 700 -29.97 -23.78 39.52
N GLN C 701 -29.06 -23.51 38.59
CA GLN C 701 -29.11 -24.20 37.30
C GLN C 701 -28.99 -25.70 37.50
N ARG C 702 -28.05 -26.13 38.35
CA ARG C 702 -27.82 -27.56 38.56
C ARG C 702 -28.97 -28.18 39.35
N ALA C 703 -29.56 -27.43 40.28
CA ALA C 703 -30.70 -27.98 41.04
C ALA C 703 -31.89 -28.19 40.12
N CYS C 704 -32.23 -27.18 39.32
CA CYS C 704 -33.25 -27.35 38.31
C CYS C 704 -32.91 -28.50 37.37
N LYS C 705 -31.64 -28.62 37.00
CA LYS C 705 -31.20 -29.66 36.08
C LYS C 705 -31.42 -31.05 36.66
N TYR C 706 -31.14 -31.24 37.95
CA TYR C 706 -31.35 -32.54 38.55
C TYR C 706 -32.84 -32.84 38.74
N ALA C 707 -33.62 -31.86 39.19
CA ALA C 707 -35.07 -32.03 39.20
C ALA C 707 -35.58 -32.35 37.81
N ILE C 708 -34.90 -31.83 36.79
CA ILE C 708 -35.28 -32.02 35.40
C ILE C 708 -35.02 -33.46 34.97
N ARG C 709 -33.86 -33.99 35.33
CA ARG C 709 -33.60 -35.41 35.11
C ARG C 709 -34.64 -36.26 35.82
N GLU C 710 -35.03 -35.87 37.03
CA GLU C 710 -36.06 -36.62 37.74
C GLU C 710 -37.37 -36.61 36.95
N ASN C 711 -37.76 -35.44 36.43
CA ASN C 711 -38.98 -35.34 35.64
C ASN C 711 -38.93 -36.23 34.42
N ILE C 712 -37.83 -36.18 33.68
CA ILE C 712 -37.75 -36.99 32.46
C ILE C 712 -37.71 -38.47 32.79
N GLU C 713 -37.08 -38.85 33.90
CA GLU C 713 -37.08 -40.26 34.29
C GLU C 713 -38.49 -40.73 34.61
N LYS C 714 -39.26 -39.90 35.32
CA LYS C 714 -40.66 -40.23 35.56
C LYS C 714 -41.43 -40.37 34.26
N ASP C 715 -41.18 -39.46 33.31
CA ASP C 715 -41.86 -39.53 32.02
C ASP C 715 -41.48 -40.82 31.28
N ILE C 716 -40.22 -41.21 31.33
CA ILE C 716 -39.76 -42.41 30.65
C ILE C 716 -40.39 -43.64 31.29
N GLU C 717 -40.48 -43.66 32.61
CA GLU C 717 -41.15 -44.77 33.29
C GLU C 717 -42.62 -44.83 32.91
N LYS C 718 -43.27 -43.68 32.79
CA LYS C 718 -44.66 -43.65 32.35
C LYS C 718 -44.79 -44.21 30.94
N GLU C 719 -43.88 -43.83 30.04
CA GLU C 719 -43.91 -44.36 28.69
C GLU C 719 -43.70 -45.88 28.69
N LYS C 720 -42.78 -46.36 29.53
CA LYS C 720 -42.56 -47.80 29.64
C LYS C 720 -43.82 -48.51 30.11
N ARG C 721 -44.49 -47.95 31.12
CA ARG C 721 -45.72 -48.55 31.61
C ARG C 721 -46.79 -48.57 30.51
N ARG C 722 -46.91 -47.47 29.76
CA ARG C 722 -47.88 -47.44 28.67
C ARG C 722 -47.55 -48.46 27.60
N SER C 723 -46.26 -48.65 27.30
CA SER C 723 -45.86 -49.71 26.38
C SER C 723 -46.25 -51.07 26.93
N GLU C 724 -46.15 -51.25 28.25
CA GLU C 724 -46.58 -52.51 28.86
C GLU C 724 -48.08 -52.72 28.72
N ASN C 725 -48.86 -51.65 28.90
CA ASN C 725 -50.32 -51.71 28.82
C ASN C 725 -50.81 -50.58 27.93
N PRO C 726 -50.58 -50.69 26.61
CA PRO C 726 -51.02 -49.62 25.71
C PRO C 726 -52.52 -49.40 25.72
N GLU C 727 -53.30 -50.47 25.87
CA GLU C 727 -54.76 -50.36 25.84
C GLU C 727 -55.35 -49.90 27.17
N ALA C 728 -54.56 -49.92 28.26
CA ALA C 728 -55.06 -49.46 29.55
C ALA C 728 -55.42 -47.99 29.49
N MET C 729 -56.71 -47.68 29.58
CA MET C 729 -57.15 -46.29 29.53
C MET C 729 -56.51 -45.50 30.65
N GLU C 730 -55.96 -44.34 30.33
CA GLU C 730 -55.25 -43.51 31.29
C GLU C 730 -56.26 -42.90 32.27
N GLU C 731 -56.30 -43.45 33.48
CA GLU C 731 -57.19 -42.92 34.50
C GLU C 731 -56.83 -41.46 34.79
N ASP C 732 -57.75 -40.77 35.48
CA ASP C 732 -57.54 -39.39 35.85
C ASP C 732 -56.67 -39.29 37.11
N GLY C 733 -55.53 -39.96 37.09
CA GLY C 733 -54.61 -39.89 38.22
C GLY C 733 -53.90 -38.56 38.24
N VAL C 734 -54.02 -37.83 39.36
CA VAL C 734 -53.41 -36.52 39.47
C VAL C 734 -51.91 -36.65 39.25
N ASP C 735 -51.40 -36.04 38.18
CA ASP C 735 -49.97 -36.08 37.91
C ASP C 735 -49.20 -35.43 39.05
N GLU C 736 -48.16 -36.11 39.52
CA GLU C 736 -47.34 -35.55 40.58
C GLU C 736 -46.76 -34.21 40.13
N VAL C 737 -46.81 -33.23 41.02
CA VAL C 737 -46.40 -31.88 40.67
C VAL C 737 -44.89 -31.89 40.45
N SER C 738 -44.48 -31.58 39.22
CA SER C 738 -43.05 -31.57 38.86
C SER C 738 -42.44 -30.30 39.42
N GLU C 739 -41.90 -30.40 40.63
CA GLU C 739 -41.29 -29.27 41.31
C GLU C 739 -39.79 -29.51 41.48
N ILE C 740 -39.12 -28.49 41.98
CA ILE C 740 -37.69 -28.53 42.30
C ILE C 740 -37.57 -28.75 43.80
N LYS C 741 -37.18 -29.95 44.20
CA LYS C 741 -37.17 -30.33 45.61
C LYS C 741 -35.76 -30.17 46.20
N ALA C 742 -35.68 -30.39 47.51
CA ALA C 742 -34.43 -30.14 48.22
C ALA C 742 -33.37 -31.18 47.88
N ALA C 743 -33.78 -32.40 47.54
CA ALA C 743 -32.81 -33.44 47.22
C ALA C 743 -31.97 -33.04 46.01
N HIS C 744 -32.60 -32.43 45.01
CA HIS C 744 -31.86 -32.00 43.83
C HIS C 744 -31.04 -30.76 44.11
N PHE C 745 -31.43 -29.94 45.09
CA PHE C 745 -30.55 -28.88 45.54
C PHE C 745 -29.30 -29.46 46.19
N GLU C 746 -29.47 -30.53 46.97
CA GLU C 746 -28.31 -31.23 47.52
C GLU C 746 -27.41 -31.73 46.41
N GLU C 747 -28.00 -32.38 45.40
CA GLU C 747 -27.22 -32.93 44.30
C GLU C 747 -26.50 -31.83 43.53
N SER C 748 -27.13 -30.68 43.40
CA SER C 748 -26.51 -29.55 42.70
C SER C 748 -25.33 -29.00 43.50
N MET C 749 -25.54 -28.76 44.80
CA MET C 749 -24.46 -28.21 45.61
C MET C 749 -23.30 -29.18 45.73
N LYS C 750 -23.58 -30.48 45.57
CA LYS C 750 -22.48 -31.45 45.51
C LYS C 750 -21.51 -31.08 44.40
N TYR C 751 -21.98 -30.33 43.40
CA TYR C 751 -21.14 -29.76 42.35
C TYR C 751 -21.08 -28.24 42.44
N ALA C 752 -21.18 -27.69 43.65
CA ALA C 752 -21.06 -26.26 43.87
C ALA C 752 -19.61 -25.83 43.75
N ARG C 753 -19.39 -24.62 43.26
CA ARG C 753 -18.05 -24.06 43.06
C ARG C 753 -17.93 -22.72 43.78
N ARG C 754 -16.69 -22.36 44.11
CA ARG C 754 -16.35 -21.01 44.56
C ARG C 754 -15.16 -20.54 43.74
N SER C 755 -15.41 -19.73 42.71
CA SER C 755 -14.36 -19.31 41.80
C SER C 755 -13.33 -18.44 42.48
N VAL C 756 -13.74 -17.66 43.47
CA VAL C 756 -12.86 -16.70 44.13
C VAL C 756 -12.35 -17.33 45.42
N SER C 757 -11.04 -17.23 45.64
CA SER C 757 -10.41 -17.70 46.87
C SER C 757 -10.19 -16.53 47.82
N ASP C 758 -9.89 -16.86 49.07
CA ASP C 758 -9.63 -15.82 50.06
C ASP C 758 -8.39 -15.02 49.72
N ALA C 759 -7.49 -15.54 48.88
CA ALA C 759 -6.31 -14.78 48.49
C ALA C 759 -6.68 -13.64 47.55
N ASP C 760 -7.62 -13.88 46.63
CA ASP C 760 -8.06 -12.80 45.75
C ASP C 760 -8.75 -11.70 46.56
N ILE C 761 -9.59 -12.08 47.51
CA ILE C 761 -10.23 -11.08 48.36
C ILE C 761 -9.19 -10.39 49.22
N ARG C 762 -8.14 -11.10 49.62
CA ARG C 762 -7.06 -10.46 50.35
C ARG C 762 -6.37 -9.41 49.50
N LYS C 763 -6.15 -9.70 48.22
CA LYS C 763 -5.60 -8.70 47.32
C LYS C 763 -6.54 -7.51 47.18
N TYR C 764 -7.84 -7.78 47.07
CA TYR C 764 -8.81 -6.70 46.91
C TYR C 764 -8.83 -5.81 48.14
N GLN C 765 -8.78 -6.40 49.33
CA GLN C 765 -8.79 -5.60 50.55
C GLN C 765 -7.45 -4.92 50.76
N ALA C 766 -6.36 -5.48 50.23
CA ALA C 766 -5.09 -4.76 50.24
C ALA C 766 -5.18 -3.49 49.39
N PHE C 767 -5.80 -3.60 48.21
CA PHE C 767 -6.05 -2.41 47.41
C PHE C 767 -6.95 -1.43 48.16
N ALA C 768 -8.00 -1.95 48.79
CA ALA C 768 -8.91 -1.10 49.55
C ALA C 768 -8.20 -0.40 50.70
N GLN C 769 -7.22 -1.05 51.32
CA GLN C 769 -6.46 -0.42 52.38
C GLN C 769 -5.52 0.63 51.83
N THR C 770 -4.82 0.31 50.74
CA THR C 770 -3.98 1.31 50.07
C THR C 770 -4.80 2.52 49.66
N LEU C 771 -6.10 2.34 49.45
CA LEU C 771 -6.97 3.46 49.13
C LEU C 771 -7.43 4.20 50.38
N GLN C 772 -7.79 3.46 51.42
CA GLN C 772 -8.45 4.02 52.60
C GLN C 772 -7.54 5.01 53.32
N GLN C 773 -6.46 4.51 53.93
CA GLN C 773 -5.48 5.36 54.61
C GLN C 773 -6.14 6.50 55.40
N SER C 774 -7.21 6.18 56.12
CA SER C 774 -7.97 7.18 56.86
C SER C 774 -7.83 6.90 58.36
N ARG C 775 -7.29 7.86 59.10
CA ARG C 775 -7.10 7.74 60.53
C ARG C 775 -6.64 9.08 61.08
N GLY C 776 -6.55 9.15 62.41
CA GLY C 776 -6.00 10.32 63.07
C GLY C 776 -7.03 11.36 63.50
N PHE C 777 -7.72 11.97 62.53
CA PHE C 777 -8.62 13.08 62.81
C PHE C 777 -10.08 12.69 62.78
N GLY C 778 -10.40 11.43 63.05
CA GLY C 778 -11.78 11.02 63.08
C GLY C 778 -12.58 11.74 64.15
N SER C 779 -11.99 11.93 65.32
CA SER C 779 -12.66 12.62 66.42
C SER C 779 -11.77 13.59 67.17
N GLU C 780 -10.51 13.75 66.79
CA GLU C 780 -9.58 14.61 67.51
C GLU C 780 -9.72 16.08 67.13
N PHE C 781 -10.57 16.42 66.18
CA PHE C 781 -10.70 17.79 65.68
C PHE C 781 -11.99 18.40 66.23
N ARG C 782 -11.86 19.57 66.84
CA ARG C 782 -13.03 20.35 67.24
C ARG C 782 -12.59 21.81 67.42
N PHE C 783 -13.47 22.71 67.01
CA PHE C 783 -13.17 24.15 67.08
C PHE C 783 -13.37 24.67 68.49
N GLU C 784 -12.68 25.76 68.80
CA GLU C 784 -12.77 26.39 70.11
C GLU C 784 -14.13 27.04 70.30
N PRO D 32 -55.75 -40.92 -7.39
CA PRO D 32 -56.05 -42.18 -8.07
C PRO D 32 -55.68 -42.16 -9.55
N ASN D 33 -55.53 -40.96 -10.10
CA ASN D 33 -55.20 -40.80 -11.51
C ASN D 33 -53.70 -40.69 -11.75
N ARG D 34 -52.88 -40.83 -10.70
CA ARG D 34 -51.43 -40.81 -10.82
C ARG D 34 -50.91 -42.24 -10.84
N LEU D 35 -50.08 -42.56 -11.82
CA LEU D 35 -49.55 -43.91 -11.98
C LEU D 35 -48.08 -43.85 -12.34
N VAL D 36 -47.37 -44.92 -12.01
CA VAL D 36 -45.94 -45.02 -12.28
C VAL D 36 -45.73 -45.53 -13.70
N VAL D 37 -44.74 -44.96 -14.38
CA VAL D 37 -44.46 -45.34 -15.77
C VAL D 37 -43.80 -46.70 -15.81
N ASP D 38 -44.22 -47.53 -16.77
CA ASP D 38 -43.67 -48.87 -16.94
C ASP D 38 -43.60 -49.19 -18.43
N GLU D 39 -42.77 -50.17 -18.76
CA GLU D 39 -42.62 -50.59 -20.15
C GLU D 39 -43.91 -51.23 -20.64
N ALA D 40 -44.29 -50.92 -21.87
CA ALA D 40 -45.52 -51.42 -22.48
C ALA D 40 -45.22 -52.58 -23.42
N ILE D 41 -46.14 -53.55 -23.44
CA ILE D 41 -46.02 -54.68 -24.36
C ILE D 41 -46.12 -54.19 -25.79
N ASN D 42 -47.06 -53.30 -26.08
CA ASN D 42 -47.25 -52.78 -27.43
C ASN D 42 -46.26 -51.66 -27.70
N ASP D 43 -45.61 -51.72 -28.86
CA ASP D 43 -44.65 -50.70 -29.28
C ASP D 43 -45.30 -49.54 -30.03
N ASP D 44 -46.62 -49.58 -30.23
CA ASP D 44 -47.29 -48.51 -30.95
C ASP D 44 -47.06 -47.17 -30.26
N ASN D 45 -46.82 -46.13 -31.06
CA ASN D 45 -46.47 -44.83 -30.52
C ASN D 45 -47.67 -44.12 -29.91
N SER D 46 -48.87 -44.35 -30.46
CA SER D 46 -50.07 -43.62 -30.04
C SER D 46 -50.97 -44.45 -29.13
N VAL D 47 -50.48 -45.57 -28.60
CA VAL D 47 -51.26 -46.45 -27.75
C VAL D 47 -50.55 -46.59 -26.41
N VAL D 48 -51.31 -46.46 -25.32
CA VAL D 48 -50.81 -46.66 -23.97
C VAL D 48 -51.72 -47.66 -23.28
N SER D 49 -51.18 -48.33 -22.26
CA SER D 49 -51.88 -49.38 -21.55
C SER D 49 -52.09 -48.99 -20.09
N LEU D 50 -53.28 -49.29 -19.58
CA LEU D 50 -53.63 -48.99 -18.19
C LEU D 50 -54.33 -50.20 -17.59
N HIS D 51 -54.24 -50.31 -16.28
CA HIS D 51 -54.85 -51.44 -15.58
C HIS D 51 -56.38 -51.29 -15.65
N PRO D 52 -57.11 -52.35 -15.99
CA PRO D 52 -58.56 -52.18 -16.26
C PRO D 52 -59.33 -51.54 -15.12
N ALA D 53 -59.17 -52.03 -13.89
CA ALA D 53 -59.86 -51.43 -12.76
C ALA D 53 -59.48 -49.96 -12.60
N THR D 54 -58.21 -49.63 -12.83
CA THR D 54 -57.79 -48.23 -12.77
C THR D 54 -58.52 -47.39 -13.82
N MET D 55 -58.67 -47.93 -15.02
CA MET D 55 -59.44 -47.23 -16.05
C MET D 55 -60.89 -47.04 -15.62
N GLU D 56 -61.48 -48.08 -15.02
CA GLU D 56 -62.86 -47.98 -14.56
C GLU D 56 -63.01 -46.90 -13.50
N LYS D 57 -62.04 -46.81 -12.58
CA LYS D 57 -62.06 -45.75 -11.58
C LYS D 57 -62.05 -44.38 -12.24
N LEU D 58 -61.29 -44.24 -13.33
CA LEU D 58 -61.24 -43.00 -14.09
C LEU D 58 -62.31 -42.95 -15.18
N GLN D 59 -63.16 -43.97 -15.28
CA GLN D 59 -64.24 -43.99 -16.26
C GLN D 59 -63.69 -43.97 -17.68
N LEU D 60 -62.55 -44.61 -17.88
CA LEU D 60 -61.90 -44.68 -19.19
C LEU D 60 -62.19 -46.02 -19.85
N PHE D 61 -62.54 -45.99 -21.13
CA PHE D 61 -62.83 -47.19 -21.90
C PHE D 61 -61.72 -47.45 -22.90
N ARG D 62 -61.61 -48.71 -23.32
CA ARG D 62 -60.59 -49.09 -24.28
C ARG D 62 -60.79 -48.35 -25.60
N GLY D 63 -59.70 -47.82 -26.15
CA GLY D 63 -59.74 -47.11 -27.41
C GLY D 63 -60.02 -45.63 -27.30
N ASP D 64 -60.35 -45.13 -26.12
CA ASP D 64 -60.64 -43.72 -25.94
C ASP D 64 -59.34 -42.91 -25.95
N THR D 65 -59.48 -41.61 -26.24
CA THR D 65 -58.35 -40.69 -26.22
C THR D 65 -58.23 -40.08 -24.82
N ILE D 66 -57.03 -40.17 -24.25
CA ILE D 66 -56.76 -39.70 -22.90
C ILE D 66 -55.60 -38.70 -22.95
N LEU D 67 -55.67 -37.67 -22.12
CA LEU D 67 -54.62 -36.68 -22.01
C LEU D 67 -53.73 -37.06 -20.82
N ILE D 68 -52.43 -37.23 -21.10
CA ILE D 68 -51.46 -37.63 -20.09
C ILE D 68 -50.52 -36.45 -19.84
N LYS D 69 -50.35 -36.10 -18.57
CA LYS D 69 -49.46 -35.01 -18.17
C LYS D 69 -48.23 -35.60 -17.50
N GLY D 70 -47.06 -35.17 -17.97
CA GLY D 70 -45.80 -35.69 -17.45
C GLY D 70 -44.99 -34.64 -16.72
N LYS D 71 -43.70 -34.56 -17.05
CA LYS D 71 -42.80 -33.61 -16.42
C LYS D 71 -42.68 -32.34 -17.27
N LYS D 72 -42.21 -31.28 -16.62
CA LYS D 72 -42.00 -29.99 -17.27
C LYS D 72 -43.31 -29.44 -17.85
N ARG D 73 -44.43 -29.82 -17.24
CA ARG D 73 -45.75 -29.40 -17.70
C ARG D 73 -45.98 -29.77 -19.16
N LYS D 74 -45.37 -30.86 -19.61
CA LYS D 74 -45.54 -31.37 -20.97
C LYS D 74 -46.51 -32.54 -20.93
N ASP D 75 -47.57 -32.45 -21.72
CA ASP D 75 -48.59 -33.48 -21.80
C ASP D 75 -48.70 -34.01 -23.22
N THR D 76 -49.37 -35.15 -23.35
CA THR D 76 -49.57 -35.78 -24.65
C THR D 76 -50.91 -36.50 -24.64
N VAL D 77 -51.34 -36.92 -25.83
CA VAL D 77 -52.61 -37.62 -26.01
C VAL D 77 -52.31 -39.01 -26.57
N CYS D 78 -52.90 -40.03 -25.94
CA CYS D 78 -52.66 -41.41 -26.35
C CYS D 78 -53.96 -42.19 -26.25
N ILE D 79 -54.00 -43.31 -26.97
CA ILE D 79 -55.16 -44.19 -26.97
C ILE D 79 -55.02 -45.15 -25.78
N ALA D 80 -56.03 -45.15 -24.91
CA ALA D 80 -55.99 -45.95 -23.69
C ALA D 80 -56.55 -47.33 -23.95
N LEU D 81 -55.78 -48.36 -23.61
CA LEU D 81 -56.21 -49.74 -23.74
C LEU D 81 -56.06 -50.43 -22.38
N ALA D 82 -56.97 -51.38 -22.13
CA ALA D 82 -56.96 -52.12 -20.89
C ALA D 82 -55.91 -53.24 -20.95
N ASP D 83 -55.07 -53.31 -19.92
CA ASP D 83 -54.01 -54.32 -19.83
C ASP D 83 -54.04 -54.90 -18.42
N GLU D 84 -54.56 -56.12 -18.30
CA GLU D 84 -54.67 -56.76 -16.99
C GLU D 84 -53.31 -57.06 -16.38
N THR D 85 -52.28 -57.27 -17.20
CA THR D 85 -50.95 -57.56 -16.70
C THR D 85 -50.26 -56.34 -16.11
N CYS D 86 -50.82 -55.15 -16.31
CA CYS D 86 -50.23 -53.93 -15.77
C CYS D 86 -50.72 -53.71 -14.34
N GLU D 87 -49.80 -53.36 -13.45
CA GLU D 87 -50.14 -53.18 -12.05
C GLU D 87 -51.10 -52.01 -11.88
N GLU D 88 -51.94 -52.09 -10.84
CA GLU D 88 -52.93 -51.05 -10.59
C GLU D 88 -52.32 -49.66 -10.46
N PRO D 89 -51.28 -49.44 -9.67
CA PRO D 89 -50.66 -48.11 -9.57
C PRO D 89 -49.64 -47.81 -10.66
N LYS D 90 -49.59 -48.61 -11.72
CA LYS D 90 -48.63 -48.43 -12.80
C LYS D 90 -49.35 -48.15 -14.11
N ILE D 91 -48.67 -47.41 -14.99
CA ILE D 91 -49.15 -47.13 -16.34
C ILE D 91 -48.07 -47.56 -17.31
N ARG D 92 -48.46 -48.33 -18.32
CA ARG D 92 -47.52 -48.89 -19.28
C ARG D 92 -47.57 -48.10 -20.58
N MET D 93 -46.39 -47.70 -21.07
CA MET D 93 -46.28 -46.95 -22.30
C MET D 93 -44.86 -47.07 -22.84
N ASN D 94 -44.72 -46.89 -24.15
CA ASN D 94 -43.49 -47.18 -24.84
C ASN D 94 -42.51 -46.01 -24.77
N LYS D 95 -41.37 -46.17 -25.45
CA LYS D 95 -40.33 -45.15 -25.39
C LYS D 95 -40.80 -43.84 -26.03
N VAL D 96 -41.58 -43.94 -27.11
CA VAL D 96 -42.01 -42.73 -27.81
C VAL D 96 -42.86 -41.86 -26.90
N VAL D 97 -43.83 -42.46 -26.22
CA VAL D 97 -44.69 -41.69 -25.32
C VAL D 97 -43.89 -41.20 -24.12
N ARG D 98 -42.93 -42.01 -23.66
CA ARG D 98 -42.03 -41.55 -22.59
C ARG D 98 -41.33 -40.26 -22.99
N SER D 99 -40.79 -40.22 -24.22
CA SER D 99 -40.15 -39.01 -24.71
C SER D 99 -41.15 -37.87 -24.81
N ASN D 100 -42.36 -38.16 -25.29
CA ASN D 100 -43.38 -37.13 -25.39
C ASN D 100 -43.73 -36.55 -24.03
N LEU D 101 -43.85 -37.42 -23.01
CA LEU D 101 -44.15 -36.96 -21.66
C LEU D 101 -42.92 -36.51 -20.90
N ARG D 102 -41.73 -36.67 -21.46
CA ARG D 102 -40.48 -36.26 -20.80
C ARG D 102 -40.32 -36.97 -19.46
N VAL D 103 -40.68 -38.25 -19.42
CA VAL D 103 -40.58 -39.07 -18.22
C VAL D 103 -39.88 -40.38 -18.56
N ARG D 104 -39.38 -41.04 -17.53
CA ARG D 104 -38.67 -42.31 -17.65
C ARG D 104 -39.30 -43.32 -16.70
N LEU D 105 -38.75 -44.52 -16.69
CA LEU D 105 -39.26 -45.58 -15.83
C LEU D 105 -39.19 -45.16 -14.37
N GLY D 106 -40.27 -45.44 -13.63
CA GLY D 106 -40.36 -45.09 -12.23
C GLY D 106 -40.97 -43.73 -11.95
N ASP D 107 -41.10 -42.88 -12.98
CA ASP D 107 -41.72 -41.58 -12.79
C ASP D 107 -43.23 -41.71 -12.66
N VAL D 108 -43.84 -40.74 -11.99
CA VAL D 108 -45.28 -40.71 -11.77
C VAL D 108 -45.89 -39.69 -12.72
N ILE D 109 -46.92 -40.12 -13.45
CA ILE D 109 -47.61 -39.28 -14.41
C ILE D 109 -49.10 -39.35 -14.14
N SER D 110 -49.82 -38.33 -14.61
CA SER D 110 -51.25 -38.20 -14.39
C SER D 110 -52.01 -38.42 -15.70
N VAL D 111 -53.15 -39.11 -15.60
CA VAL D 111 -53.99 -39.41 -16.75
C VAL D 111 -55.35 -38.79 -16.51
N HIS D 112 -55.85 -38.04 -17.49
CA HIS D 112 -57.14 -37.37 -17.41
C HIS D 112 -57.95 -37.67 -18.65
N GLN D 113 -59.27 -37.72 -18.47
CA GLN D 113 -60.17 -37.95 -19.60
C GLN D 113 -60.04 -36.82 -20.62
N CYS D 114 -59.96 -37.20 -21.89
CA CYS D 114 -59.86 -36.25 -23.00
C CYS D 114 -60.89 -36.62 -24.07
N PRO D 115 -62.17 -36.45 -23.77
CA PRO D 115 -63.21 -36.68 -24.79
C PRO D 115 -63.37 -35.54 -25.78
N ASP D 116 -62.57 -34.48 -25.67
CA ASP D 116 -62.68 -33.32 -26.54
C ASP D 116 -61.67 -33.35 -27.69
N VAL D 117 -60.98 -34.46 -27.88
CA VAL D 117 -60.02 -34.57 -28.99
C VAL D 117 -60.82 -34.67 -30.29
N LYS D 118 -60.71 -33.66 -31.13
CA LYS D 118 -61.44 -33.61 -32.39
C LYS D 118 -60.60 -34.18 -33.52
N TYR D 119 -61.27 -34.78 -34.50
CA TYR D 119 -60.58 -35.32 -35.66
C TYR D 119 -59.87 -34.19 -36.40
N GLY D 120 -58.55 -34.34 -36.58
CA GLY D 120 -57.75 -33.29 -37.18
C GLY D 120 -58.16 -32.93 -38.59
N LYS D 121 -58.44 -31.65 -38.81
CA LYS D 121 -58.67 -31.17 -40.17
C LYS D 121 -57.37 -31.06 -40.94
N ARG D 122 -56.32 -30.57 -40.30
CA ARG D 122 -55.00 -30.48 -40.91
C ARG D 122 -53.96 -30.62 -39.80
N VAL D 123 -52.90 -31.37 -40.09
CA VAL D 123 -51.80 -31.58 -39.15
C VAL D 123 -50.49 -31.33 -39.89
N HIS D 124 -49.61 -30.55 -39.27
CA HIS D 124 -48.29 -30.25 -39.84
C HIS D 124 -47.23 -31.02 -39.05
N ILE D 125 -46.58 -31.96 -39.71
CA ILE D 125 -45.55 -32.80 -39.11
C ILE D 125 -44.33 -32.76 -40.02
N LEU D 126 -43.15 -32.67 -39.42
CA LEU D 126 -41.91 -32.60 -40.17
C LEU D 126 -40.93 -33.67 -39.71
N PRO D 127 -40.03 -34.11 -40.58
CA PRO D 127 -39.13 -35.20 -40.22
C PRO D 127 -37.85 -34.71 -39.54
N VAL D 128 -36.94 -35.64 -39.26
CA VAL D 128 -35.64 -35.32 -38.70
C VAL D 128 -34.62 -35.28 -39.82
N ASP D 129 -33.63 -34.40 -39.68
CA ASP D 129 -32.68 -34.16 -40.77
C ASP D 129 -31.88 -35.42 -41.10
N ASP D 130 -31.40 -36.13 -40.07
CA ASP D 130 -30.56 -37.29 -40.31
C ASP D 130 -31.36 -38.51 -40.74
N THR D 131 -32.61 -38.63 -40.30
CA THR D 131 -33.42 -39.80 -40.61
C THR D 131 -33.94 -39.81 -42.04
N VAL D 132 -33.80 -38.70 -42.78
CA VAL D 132 -34.36 -38.61 -44.13
C VAL D 132 -33.32 -38.82 -45.21
N GLU D 133 -32.03 -38.78 -44.87
CA GLU D 133 -30.99 -39.00 -45.87
C GLU D 133 -31.15 -40.40 -46.48
N GLY D 134 -31.07 -40.46 -47.81
CA GLY D 134 -31.22 -41.71 -48.53
C GLY D 134 -32.64 -42.07 -48.90
N VAL D 135 -33.63 -41.30 -48.45
CA VAL D 135 -35.04 -41.55 -48.77
C VAL D 135 -35.45 -40.58 -49.86
N THR D 136 -36.02 -41.10 -50.94
CA THR D 136 -36.43 -40.32 -52.09
C THR D 136 -37.95 -40.27 -52.18
N GLY D 137 -38.48 -39.12 -52.54
CA GLY D 137 -39.90 -38.92 -52.67
C GLY D 137 -40.47 -38.11 -51.51
N ASN D 138 -41.79 -38.23 -51.35
CA ASN D 138 -42.50 -37.53 -50.27
C ASN D 138 -42.45 -38.41 -49.02
N LEU D 139 -41.78 -37.93 -47.98
CA LEU D 139 -41.69 -38.68 -46.74
C LEU D 139 -43.06 -38.88 -46.10
N PHE D 140 -43.99 -37.97 -46.37
CA PHE D 140 -45.35 -38.14 -45.86
C PHE D 140 -45.99 -39.40 -46.45
N ASP D 141 -45.95 -39.54 -47.77
CA ASP D 141 -46.56 -40.70 -48.40
C ASP D 141 -45.89 -41.99 -47.97
N ALA D 142 -44.56 -41.99 -47.87
CA ALA D 142 -43.83 -43.21 -47.55
C ALA D 142 -44.15 -43.68 -46.13
N TYR D 143 -44.14 -42.76 -45.16
CA TYR D 143 -44.25 -43.12 -43.75
C TYR D 143 -45.52 -42.60 -43.09
N LEU D 144 -45.77 -41.30 -43.15
CA LEU D 144 -46.85 -40.73 -42.35
C LEU D 144 -48.22 -41.05 -42.93
N LYS D 145 -48.34 -41.08 -44.26
CA LYS D 145 -49.65 -41.34 -44.86
C LYS D 145 -50.22 -42.69 -44.45
N PRO D 146 -49.48 -43.80 -44.59
CA PRO D 146 -50.02 -45.07 -44.07
C PRO D 146 -49.99 -45.17 -42.55
N TYR D 147 -49.10 -44.43 -41.89
CA TYR D 147 -49.02 -44.48 -40.44
C TYR D 147 -50.25 -43.87 -39.79
N PHE D 148 -50.83 -42.83 -40.41
CA PHE D 148 -51.99 -42.15 -39.86
C PHE D 148 -53.30 -42.57 -40.52
N LEU D 149 -53.26 -43.09 -41.74
CA LEU D 149 -54.49 -43.44 -42.45
C LEU D 149 -55.20 -44.58 -41.73
N GLU D 150 -56.43 -44.31 -41.30
CA GLU D 150 -57.32 -45.25 -40.63
C GLU D 150 -56.80 -45.68 -39.26
N ALA D 151 -55.66 -45.16 -38.80
CA ALA D 151 -55.15 -45.49 -37.48
C ALA D 151 -55.73 -44.61 -36.38
N TYR D 152 -56.23 -43.42 -36.73
CA TYR D 152 -56.85 -42.52 -35.75
C TYR D 152 -55.93 -42.27 -34.56
N ARG D 153 -54.65 -42.04 -34.86
CA ARG D 153 -53.66 -41.83 -33.81
C ARG D 153 -53.73 -40.39 -33.32
N PRO D 154 -54.00 -40.14 -32.03
CA PRO D 154 -53.97 -38.76 -31.54
C PRO D 154 -52.59 -38.17 -31.65
N VAL D 155 -52.53 -36.87 -31.94
CA VAL D 155 -51.27 -36.15 -32.09
C VAL D 155 -51.39 -34.81 -31.39
N ARG D 156 -50.32 -34.40 -30.71
CA ARG D 156 -50.26 -33.14 -30.00
C ARG D 156 -49.07 -32.33 -30.51
N LYS D 157 -49.20 -31.01 -30.42
CA LYS D 157 -48.13 -30.12 -30.87
C LYS D 157 -46.82 -30.47 -30.18
N GLY D 158 -45.76 -30.62 -30.97
CA GLY D 158 -44.46 -30.94 -30.46
C GLY D 158 -44.21 -32.42 -30.19
N ASP D 159 -45.21 -33.27 -30.39
CA ASP D 159 -45.02 -34.70 -30.17
C ASP D 159 -44.07 -35.28 -31.22
N LEU D 160 -43.36 -36.33 -30.81
CA LEU D 160 -42.43 -37.03 -31.68
C LEU D 160 -42.75 -38.51 -31.70
N PHE D 161 -42.44 -39.17 -32.81
CA PHE D 161 -42.69 -40.60 -32.94
C PHE D 161 -41.80 -41.15 -34.04
N LEU D 162 -41.67 -42.47 -34.05
CA LEU D 162 -40.87 -43.20 -35.02
C LEU D 162 -41.78 -44.06 -35.88
N VAL D 163 -41.65 -43.92 -37.20
CA VAL D 163 -42.48 -44.64 -38.15
C VAL D 163 -41.59 -45.57 -38.96
N ARG D 164 -42.02 -46.83 -39.11
CA ARG D 164 -41.27 -47.84 -39.82
C ARG D 164 -41.81 -48.00 -41.23
N GLY D 165 -40.91 -48.01 -42.22
CA GLY D 165 -41.31 -48.16 -43.60
C GLY D 165 -40.11 -48.19 -44.53
N GLY D 166 -40.21 -48.99 -45.60
CA GLY D 166 -39.13 -49.07 -46.56
C GLY D 166 -37.82 -49.51 -45.94
N MET D 167 -37.86 -50.48 -45.02
CA MET D 167 -36.72 -51.06 -44.34
C MET D 167 -36.08 -50.10 -43.36
N ARG D 168 -36.54 -48.84 -43.29
CA ARG D 168 -35.92 -47.82 -42.47
C ARG D 168 -36.96 -47.21 -41.53
N SER D 169 -36.48 -46.76 -40.38
CA SER D 169 -37.31 -46.06 -39.39
C SER D 169 -36.96 -44.59 -39.42
N VAL D 170 -37.96 -43.73 -39.57
CA VAL D 170 -37.77 -42.30 -39.73
C VAL D 170 -38.51 -41.58 -38.62
N GLU D 171 -37.83 -40.67 -37.94
CA GLU D 171 -38.42 -39.90 -36.87
C GLU D 171 -39.20 -38.72 -37.42
N PHE D 172 -40.32 -38.40 -36.79
CA PHE D 172 -41.17 -37.29 -37.21
C PHE D 172 -41.63 -36.51 -35.98
N LYS D 173 -41.68 -35.19 -36.13
CA LYS D 173 -42.11 -34.29 -35.05
C LYS D 173 -43.34 -33.53 -35.51
N VAL D 174 -44.35 -33.48 -34.65
CA VAL D 174 -45.60 -32.77 -34.96
C VAL D 174 -45.36 -31.29 -34.74
N ILE D 175 -45.65 -30.49 -35.77
CA ILE D 175 -45.44 -29.05 -35.71
C ILE D 175 -46.68 -28.32 -35.21
N GLU D 176 -47.84 -28.64 -35.77
CA GLU D 176 -49.08 -27.98 -35.38
C GLU D 176 -50.25 -28.89 -35.70
N THR D 177 -51.38 -28.62 -35.03
CA THR D 177 -52.62 -29.34 -35.24
C THR D 177 -53.75 -28.34 -35.42
N ASP D 178 -54.78 -28.75 -36.15
CA ASP D 178 -55.89 -27.86 -36.48
C ASP D 178 -56.54 -27.30 -35.21
N PRO D 179 -56.86 -28.12 -34.21
CA PRO D 179 -57.37 -27.57 -32.95
C PRO D 179 -56.37 -26.69 -32.23
N ALA D 180 -55.09 -26.77 -32.58
CA ALA D 180 -53.98 -26.02 -31.96
C ALA D 180 -53.56 -26.61 -30.63
N GLU D 181 -54.23 -27.67 -30.16
CA GLU D 181 -53.82 -28.36 -28.95
C GLU D 181 -53.48 -29.81 -29.26
N TYR D 182 -54.42 -30.54 -29.86
CA TYR D 182 -54.22 -31.93 -30.23
C TYR D 182 -55.42 -32.40 -31.03
N CYS D 183 -55.22 -33.44 -31.83
CA CYS D 183 -56.27 -33.95 -32.69
C CYS D 183 -55.99 -35.41 -33.01
N VAL D 184 -57.03 -36.10 -33.46
CA VAL D 184 -56.91 -37.48 -33.94
C VAL D 184 -56.80 -37.42 -35.45
N VAL D 185 -55.68 -37.92 -35.98
CA VAL D 185 -55.44 -37.86 -37.42
C VAL D 185 -56.27 -38.95 -38.09
N ALA D 186 -57.27 -38.54 -38.84
CA ALA D 186 -58.21 -39.43 -39.51
C ALA D 186 -57.83 -39.58 -40.98
N PRO D 187 -58.41 -40.55 -41.68
CA PRO D 187 -58.11 -40.69 -43.12
C PRO D 187 -58.39 -39.43 -43.91
N ASP D 188 -59.43 -38.67 -43.53
CA ASP D 188 -59.73 -37.41 -44.21
C ASP D 188 -58.82 -36.27 -43.77
N THR D 189 -58.00 -36.48 -42.73
CA THR D 189 -57.11 -35.43 -42.27
C THR D 189 -56.05 -35.15 -43.31
N GLU D 190 -55.78 -33.86 -43.55
CA GLU D 190 -54.76 -33.43 -44.50
C GLU D 190 -53.46 -33.20 -43.74
N ILE D 191 -52.52 -34.14 -43.88
CA ILE D 191 -51.24 -34.08 -43.20
C ILE D 191 -50.23 -33.45 -44.15
N PHE D 192 -49.57 -32.40 -43.69
CA PHE D 192 -48.61 -31.64 -44.49
C PHE D 192 -47.22 -31.80 -43.90
N CYS D 193 -46.25 -32.10 -44.76
CA CYS D 193 -44.86 -32.26 -44.35
C CYS D 193 -43.93 -31.35 -45.15
N GLU D 194 -44.40 -30.16 -45.48
CA GLU D 194 -43.60 -29.18 -46.22
C GLU D 194 -42.93 -28.24 -45.23
N GLY D 195 -41.64 -28.44 -45.01
CA GLY D 195 -40.90 -27.61 -44.08
C GLY D 195 -39.48 -28.11 -43.93
N GLU D 196 -38.73 -27.39 -43.10
CA GLU D 196 -37.35 -27.75 -42.87
C GLU D 196 -37.25 -28.98 -41.98
N PRO D 197 -36.24 -29.84 -42.19
CA PRO D 197 -36.07 -30.98 -41.30
C PRO D 197 -35.70 -30.54 -39.89
N VAL D 198 -36.06 -31.38 -38.92
CA VAL D 198 -35.78 -31.10 -37.52
C VAL D 198 -34.41 -31.66 -37.17
N LYS D 199 -33.61 -30.87 -36.45
CA LYS D 199 -32.26 -31.26 -36.10
C LYS D 199 -32.27 -32.19 -34.89
N ARG D 200 -31.55 -33.31 -35.00
CA ARG D 200 -31.53 -34.28 -33.91
C ARG D 200 -30.84 -33.73 -32.67
N GLU D 201 -29.71 -33.02 -32.86
CA GLU D 201 -28.98 -32.50 -31.71
C GLU D 201 -29.83 -31.49 -30.94
N ASP D 202 -30.51 -30.59 -31.65
CA ASP D 202 -31.40 -29.65 -30.97
C ASP D 202 -32.58 -30.38 -30.34
N GLU D 203 -33.08 -31.43 -30.99
CA GLU D 203 -34.18 -32.20 -30.42
C GLU D 203 -33.78 -32.88 -29.13
N GLU D 204 -32.51 -33.28 -29.00
CA GLU D 204 -32.05 -33.94 -27.78
C GLU D 204 -32.19 -33.04 -26.56
N ARG D 205 -32.27 -31.72 -26.75
CA ARG D 205 -32.49 -30.82 -25.62
C ARG D 205 -33.84 -31.04 -24.97
N LEU D 206 -34.76 -31.73 -25.63
CA LEU D 206 -36.08 -31.97 -25.05
C LEU D 206 -36.00 -32.75 -23.74
N ASP D 207 -34.91 -33.49 -23.53
CA ASP D 207 -34.69 -34.16 -22.25
C ASP D 207 -34.22 -33.15 -21.22
N ASP D 208 -35.05 -32.13 -21.02
CA ASP D 208 -34.70 -31.01 -20.14
C ASP D 208 -34.60 -31.48 -18.70
N VAL D 209 -33.76 -30.78 -17.93
CA VAL D 209 -33.45 -31.19 -16.57
C VAL D 209 -34.68 -31.02 -15.69
N GLY D 210 -34.87 -31.98 -14.77
CA GLY D 210 -35.93 -31.91 -13.79
C GLY D 210 -35.39 -32.06 -12.38
N TYR D 211 -36.28 -32.21 -11.40
CA TYR D 211 -35.84 -32.41 -10.03
C TYR D 211 -35.04 -33.70 -9.88
N ASP D 212 -35.33 -34.70 -10.71
CA ASP D 212 -34.69 -36.01 -10.56
C ASP D 212 -33.24 -36.00 -11.01
N ASP D 213 -32.82 -35.01 -11.77
CA ASP D 213 -31.47 -34.96 -12.32
C ASP D 213 -30.48 -34.29 -11.37
N VAL D 214 -30.90 -33.96 -10.15
CA VAL D 214 -30.03 -33.38 -9.14
C VAL D 214 -30.12 -34.23 -7.89
N GLY D 215 -29.08 -34.14 -7.06
CA GLY D 215 -29.06 -34.90 -5.83
C GLY D 215 -28.16 -34.26 -4.80
N GLY D 216 -28.29 -34.73 -3.56
CA GLY D 216 -27.51 -34.23 -2.45
C GLY D 216 -27.99 -32.92 -1.87
N VAL D 217 -29.11 -32.38 -2.37
CA VAL D 217 -29.58 -31.08 -1.94
C VAL D 217 -31.05 -31.16 -1.56
N ARG D 218 -31.49 -32.31 -1.06
CA ARG D 218 -32.91 -32.55 -0.83
C ARG D 218 -33.54 -31.43 0.00
N LYS D 219 -32.92 -31.07 1.12
CA LYS D 219 -33.48 -30.04 1.97
C LYS D 219 -33.43 -28.67 1.29
N GLN D 220 -32.25 -28.30 0.77
CA GLN D 220 -32.14 -27.06 0.04
C GLN D 220 -33.04 -27.07 -1.19
N MET D 221 -33.20 -28.25 -1.80
CA MET D 221 -34.11 -28.39 -2.92
C MET D 221 -35.53 -28.05 -2.51
N ALA D 222 -35.98 -28.55 -1.35
CA ALA D 222 -37.32 -28.22 -0.87
C ALA D 222 -37.45 -26.73 -0.61
N GLN D 223 -36.44 -26.13 0.03
CA GLN D 223 -36.51 -24.70 0.32
C GLN D 223 -36.62 -23.88 -0.96
N ILE D 224 -35.83 -24.23 -1.97
CA ILE D 224 -35.87 -23.47 -3.21
C ILE D 224 -37.17 -23.71 -3.96
N ARG D 225 -37.60 -24.97 -4.05
CA ARG D 225 -38.85 -25.28 -4.73
C ARG D 225 -39.98 -24.50 -4.09
N GLU D 226 -40.10 -24.56 -2.77
CA GLU D 226 -41.12 -23.76 -2.10
C GLU D 226 -40.97 -22.29 -2.47
N LEU D 227 -39.87 -21.66 -2.06
CA LEU D 227 -39.73 -20.21 -2.18
C LEU D 227 -39.94 -19.71 -3.60
N VAL D 228 -39.72 -20.56 -4.61
CA VAL D 228 -39.78 -20.09 -5.99
C VAL D 228 -41.09 -20.53 -6.62
N GLU D 229 -41.27 -21.84 -6.75
CA GLU D 229 -42.42 -22.37 -7.46
C GLU D 229 -43.73 -21.91 -6.85
N LEU D 230 -43.81 -21.71 -5.52
CA LEU D 230 -45.10 -21.40 -4.92
C LEU D 230 -45.65 -20.08 -5.45
N PRO D 231 -44.99 -18.95 -5.26
CA PRO D 231 -45.56 -17.68 -5.78
C PRO D 231 -45.80 -17.70 -7.27
N LEU D 232 -44.90 -18.29 -8.05
CA LEU D 232 -45.05 -18.26 -9.50
C LEU D 232 -46.24 -19.07 -9.98
N ARG D 233 -46.43 -20.27 -9.40
CA ARG D 233 -47.54 -21.12 -9.82
C ARG D 233 -48.84 -20.78 -9.10
N HIS D 234 -48.76 -20.46 -7.81
CA HIS D 234 -49.95 -20.16 -7.01
C HIS D 234 -49.72 -18.86 -6.24
N PRO D 235 -49.63 -17.73 -6.94
CA PRO D 235 -49.55 -16.45 -6.25
C PRO D 235 -50.80 -16.10 -5.48
N GLN D 236 -51.94 -16.70 -5.83
CA GLN D 236 -53.20 -16.37 -5.15
C GLN D 236 -53.11 -16.65 -3.67
N LEU D 237 -52.35 -17.67 -3.27
CA LEU D 237 -52.20 -17.96 -1.85
C LEU D 237 -51.57 -16.78 -1.12
N PHE D 238 -50.46 -16.28 -1.63
CA PHE D 238 -49.79 -15.14 -1.01
C PHE D 238 -50.67 -13.90 -1.05
N LYS D 239 -51.37 -13.69 -2.16
CA LYS D 239 -52.25 -12.53 -2.25
C LYS D 239 -53.35 -12.59 -1.20
N SER D 240 -53.97 -13.76 -1.02
CA SER D 240 -55.02 -13.91 -0.01
C SER D 240 -54.45 -13.70 1.38
N ILE D 241 -53.28 -14.29 1.66
CA ILE D 241 -52.65 -14.06 2.94
C ILE D 241 -52.04 -12.67 3.01
N GLY D 242 -51.97 -11.98 1.88
CA GLY D 242 -51.49 -10.61 1.85
C GLY D 242 -50.03 -10.46 2.22
N VAL D 243 -49.19 -11.34 1.69
CA VAL D 243 -47.76 -11.32 1.96
C VAL D 243 -47.02 -11.07 0.66
N LYS D 244 -45.77 -10.63 0.80
CA LYS D 244 -44.94 -10.30 -0.35
C LYS D 244 -43.95 -11.43 -0.58
N PRO D 245 -44.08 -12.23 -1.64
CA PRO D 245 -43.15 -13.32 -1.87
C PRO D 245 -41.76 -12.79 -2.16
N PRO D 246 -40.72 -13.45 -1.66
CA PRO D 246 -39.36 -12.91 -1.83
C PRO D 246 -38.94 -12.88 -3.30
N LYS D 247 -38.17 -11.85 -3.65
CA LYS D 247 -37.56 -11.72 -4.97
C LYS D 247 -36.14 -12.25 -5.00
N GLY D 248 -35.36 -12.00 -3.96
CA GLY D 248 -33.95 -12.32 -3.96
C GLY D 248 -33.61 -13.61 -3.23
N ILE D 249 -32.97 -14.52 -3.94
CA ILE D 249 -32.48 -15.76 -3.36
C ILE D 249 -31.00 -15.88 -3.68
N LEU D 250 -30.21 -16.25 -2.67
CA LEU D 250 -28.76 -16.32 -2.79
C LEU D 250 -28.33 -17.74 -2.45
N LEU D 251 -27.76 -18.43 -3.44
CA LEU D 251 -27.29 -19.79 -3.27
C LEU D 251 -25.77 -19.78 -3.22
N TYR D 252 -25.22 -19.85 -2.01
CA TYR D 252 -23.79 -19.95 -1.81
C TYR D 252 -23.41 -21.37 -1.43
N GLY D 253 -22.16 -21.73 -1.70
CA GLY D 253 -21.67 -23.05 -1.46
C GLY D 253 -20.32 -23.29 -2.09
N PRO D 254 -19.94 -24.55 -2.27
CA PRO D 254 -18.66 -24.85 -2.87
C PRO D 254 -18.77 -24.89 -4.39
N PRO D 255 -17.70 -24.56 -5.10
CA PRO D 255 -17.77 -24.56 -6.56
C PRO D 255 -18.15 -25.93 -7.11
N GLY D 256 -18.96 -25.92 -8.16
CA GLY D 256 -19.32 -27.15 -8.85
C GLY D 256 -20.28 -28.03 -8.12
N SER D 257 -20.90 -27.55 -7.04
CA SER D 257 -21.82 -28.37 -6.27
C SER D 257 -23.11 -28.68 -7.02
N GLY D 258 -23.33 -28.04 -8.16
CA GLY D 258 -24.55 -28.22 -8.92
C GLY D 258 -25.52 -27.05 -8.86
N LYS D 259 -25.04 -25.86 -8.52
CA LYS D 259 -25.94 -24.72 -8.33
C LYS D 259 -26.73 -24.42 -9.61
N THR D 260 -26.04 -24.36 -10.75
CA THR D 260 -26.69 -23.98 -11.99
C THR D 260 -27.78 -24.96 -12.40
N LEU D 261 -27.67 -26.22 -12.00
CA LEU D 261 -28.65 -27.21 -12.40
C LEU D 261 -29.95 -27.07 -11.62
N ILE D 262 -29.87 -26.69 -10.35
CA ILE D 262 -31.07 -26.60 -9.52
C ILE D 262 -32.01 -25.55 -10.07
N ALA D 263 -31.48 -24.38 -10.44
CA ALA D 263 -32.32 -23.31 -10.94
C ALA D 263 -33.03 -23.72 -12.23
N ARG D 264 -32.31 -24.33 -13.15
CA ARG D 264 -32.92 -24.79 -14.39
C ARG D 264 -33.98 -25.84 -14.12
N ALA D 265 -33.70 -26.76 -13.19
CA ALA D 265 -34.69 -27.78 -12.86
C ALA D 265 -35.96 -27.14 -12.34
N VAL D 266 -35.82 -26.18 -11.42
CA VAL D 266 -36.99 -25.52 -10.84
C VAL D 266 -37.77 -24.80 -11.91
N ALA D 267 -37.08 -24.02 -12.74
CA ALA D 267 -37.76 -23.23 -13.76
C ALA D 267 -38.47 -24.11 -14.76
N ASN D 268 -37.84 -25.22 -15.15
CA ASN D 268 -38.43 -26.12 -16.13
C ASN D 268 -39.62 -26.88 -15.53
N GLU D 269 -39.56 -27.17 -14.23
CA GLU D 269 -40.69 -27.85 -13.60
C GLU D 269 -41.87 -26.93 -13.40
N THR D 270 -41.63 -25.66 -13.09
CA THR D 270 -42.74 -24.72 -12.97
C THR D 270 -43.22 -24.21 -14.32
N GLY D 271 -42.54 -24.55 -15.41
CA GLY D 271 -42.91 -24.07 -16.72
C GLY D 271 -42.58 -22.62 -16.96
N ALA D 272 -41.74 -22.03 -16.13
CA ALA D 272 -41.41 -20.62 -16.24
C ALA D 272 -40.28 -20.41 -17.24
N PHE D 273 -40.18 -19.18 -17.72
CA PHE D 273 -39.14 -18.79 -18.68
C PHE D 273 -37.87 -18.50 -17.91
N PHE D 274 -36.81 -19.26 -18.21
CA PHE D 274 -35.53 -19.14 -17.53
C PHE D 274 -34.55 -18.41 -18.44
N PHE D 275 -33.93 -17.36 -17.92
CA PHE D 275 -32.88 -16.64 -18.63
C PHE D 275 -31.65 -16.64 -17.73
N CYS D 276 -30.55 -17.17 -18.24
CA CYS D 276 -29.33 -17.30 -17.45
C CYS D 276 -28.36 -16.17 -17.80
N ILE D 277 -27.76 -15.59 -16.76
CA ILE D 277 -26.72 -14.58 -16.91
C ILE D 277 -25.49 -15.08 -16.17
N ASN D 278 -24.36 -15.10 -16.85
CA ASN D 278 -23.09 -15.48 -16.25
C ASN D 278 -22.27 -14.22 -16.00
N GLY D 279 -21.72 -14.12 -14.79
CA GLY D 279 -20.96 -12.96 -14.39
C GLY D 279 -19.79 -12.69 -15.32
N PRO D 280 -19.03 -13.75 -15.64
CA PRO D 280 -17.94 -13.56 -16.62
C PRO D 280 -18.43 -13.05 -17.96
N GLU D 281 -19.55 -13.56 -18.46
CA GLU D 281 -20.05 -13.10 -19.75
C GLU D 281 -20.38 -11.63 -19.71
N ILE D 282 -21.04 -11.18 -18.65
CA ILE D 282 -21.40 -9.77 -18.52
C ILE D 282 -20.16 -8.91 -18.41
N MET D 283 -19.21 -9.32 -17.56
CA MET D 283 -18.01 -8.51 -17.35
C MET D 283 -17.10 -8.50 -18.57
N SER D 284 -17.24 -9.48 -19.47
CA SER D 284 -16.42 -9.53 -20.66
C SER D 284 -16.90 -8.58 -21.74
N LYS D 285 -18.11 -8.05 -21.62
CA LYS D 285 -18.64 -7.16 -22.63
C LYS D 285 -18.01 -5.77 -22.50
N LEU D 286 -18.12 -4.99 -23.57
CA LEU D 286 -17.57 -3.65 -23.57
C LEU D 286 -18.38 -2.74 -22.66
N ALA D 287 -17.73 -1.67 -22.20
CA ALA D 287 -18.38 -0.73 -21.30
C ALA D 287 -19.66 -0.21 -21.94
N GLY D 288 -20.74 -0.22 -21.17
CA GLY D 288 -22.03 0.22 -21.67
C GLY D 288 -22.85 -0.91 -22.23
N GLU D 289 -22.18 -1.89 -22.84
CA GLU D 289 -22.88 -3.04 -23.38
C GLU D 289 -23.34 -3.98 -22.27
N SER D 290 -22.57 -4.12 -21.20
CA SER D 290 -22.98 -4.98 -20.09
C SER D 290 -24.28 -4.49 -19.48
N GLU D 291 -24.38 -3.18 -19.25
CA GLU D 291 -25.61 -2.63 -18.70
C GLU D 291 -26.79 -2.85 -19.63
N SER D 292 -26.56 -2.70 -20.94
CA SER D 292 -27.62 -2.94 -21.92
C SER D 292 -28.09 -4.38 -21.85
N ASN D 293 -27.15 -5.32 -21.79
CA ASN D 293 -27.52 -6.73 -21.71
C ASN D 293 -28.29 -7.02 -20.44
N LEU D 294 -27.84 -6.46 -19.32
CA LEU D 294 -28.51 -6.71 -18.05
C LEU D 294 -29.94 -6.16 -18.06
N ARG D 295 -30.10 -4.93 -18.54
CA ARG D 295 -31.43 -4.34 -18.60
C ARG D 295 -32.33 -5.10 -19.57
N LYS D 296 -31.78 -5.54 -20.71
CA LYS D 296 -32.56 -6.35 -21.63
C LYS D 296 -32.98 -7.65 -20.99
N ALA D 297 -32.09 -8.25 -20.20
CA ALA D 297 -32.42 -9.49 -19.50
C ALA D 297 -33.58 -9.28 -18.55
N PHE D 298 -33.49 -8.25 -17.71
CA PHE D 298 -34.57 -7.99 -16.77
C PHE D 298 -35.87 -7.70 -17.50
N GLU D 299 -35.80 -6.92 -18.58
CA GLU D 299 -37.00 -6.50 -19.29
C GLU D 299 -37.69 -7.70 -19.93
N GLU D 300 -36.92 -8.53 -20.63
CA GLU D 300 -37.48 -9.74 -21.24
C GLU D 300 -38.01 -10.68 -20.18
N ALA D 301 -37.29 -10.83 -19.07
CA ALA D 301 -37.75 -11.72 -18.01
C ALA D 301 -39.09 -11.26 -17.47
N GLU D 302 -39.25 -9.96 -17.25
CA GLU D 302 -40.53 -9.44 -16.79
C GLU D 302 -41.60 -9.64 -17.84
N LYS D 303 -41.25 -9.60 -19.13
CA LYS D 303 -42.23 -9.84 -20.18
C LYS D 303 -42.79 -11.26 -20.10
N ASN D 304 -41.93 -12.23 -19.83
CA ASN D 304 -42.31 -13.64 -19.88
C ASN D 304 -42.67 -14.19 -18.50
N ALA D 305 -43.28 -13.36 -17.65
CA ALA D 305 -43.64 -13.83 -16.32
C ALA D 305 -44.62 -15.00 -16.42
N PRO D 306 -44.49 -16.02 -15.57
CA PRO D 306 -43.50 -16.16 -14.49
C PRO D 306 -42.11 -16.41 -15.04
N SER D 307 -41.09 -15.82 -14.42
CA SER D 307 -39.74 -15.86 -14.95
C SER D 307 -38.75 -16.06 -13.81
N ILE D 308 -37.56 -16.51 -14.17
CA ILE D 308 -36.49 -16.79 -13.22
C ILE D 308 -35.19 -16.30 -13.82
N ILE D 309 -34.38 -15.63 -13.02
CA ILE D 309 -33.11 -15.06 -13.45
C ILE D 309 -32.02 -15.64 -12.56
N PHE D 310 -30.99 -16.21 -13.16
CA PHE D 310 -29.87 -16.78 -12.43
C PHE D 310 -28.63 -15.96 -12.75
N ILE D 311 -28.15 -15.23 -11.76
CA ILE D 311 -26.91 -14.44 -11.91
C ILE D 311 -25.78 -15.36 -11.48
N ASP D 312 -25.39 -16.25 -12.39
CA ASP D 312 -24.29 -17.17 -12.11
C ASP D 312 -23.02 -16.39 -11.80
N GLU D 313 -22.33 -16.82 -10.75
CA GLU D 313 -21.07 -16.22 -10.32
C GLU D 313 -21.21 -14.70 -10.16
N ILE D 314 -22.14 -14.32 -9.28
CA ILE D 314 -22.35 -12.91 -8.97
C ILE D 314 -21.12 -12.27 -8.36
N ASP D 315 -20.13 -13.06 -7.95
CA ASP D 315 -18.93 -12.49 -7.35
C ASP D 315 -18.19 -11.60 -8.34
N SER D 316 -18.09 -12.03 -9.59
CA SER D 316 -17.44 -11.18 -10.60
C SER D 316 -18.21 -9.89 -10.79
N ILE D 317 -19.54 -9.97 -10.86
CA ILE D 317 -20.35 -8.77 -11.07
C ILE D 317 -20.24 -7.85 -9.85
N ALA D 318 -20.44 -8.39 -8.66
CA ALA D 318 -20.48 -7.61 -7.42
C ALA D 318 -19.59 -8.26 -6.38
N PRO D 319 -18.29 -8.23 -6.58
CA PRO D 319 -17.38 -8.77 -5.57
C PRO D 319 -17.33 -7.87 -4.34
N LYS D 320 -16.83 -8.44 -3.25
CA LYS D 320 -16.74 -7.69 -2.00
C LYS D 320 -15.90 -6.44 -2.20
N ARG D 321 -16.35 -5.34 -1.61
CA ARG D 321 -15.61 -4.09 -1.72
C ARG D 321 -14.39 -4.14 -0.81
N GLU D 322 -13.32 -4.79 -1.27
CA GLU D 322 -12.03 -4.68 -0.63
C GLU D 322 -11.24 -3.50 -1.18
N LYS D 323 -11.34 -3.28 -2.50
CA LYS D 323 -10.82 -2.08 -3.13
C LYS D 323 -11.70 -1.76 -4.33
N THR D 324 -12.15 -0.51 -4.42
CA THR D 324 -13.01 -0.07 -5.52
C THR D 324 -12.12 0.65 -6.52
N ASN D 325 -11.60 -0.12 -7.48
CA ASN D 325 -10.70 0.40 -8.50
C ASN D 325 -11.47 0.57 -9.81
N GLY D 326 -11.36 1.76 -10.39
CA GLY D 326 -12.03 2.05 -11.64
C GLY D 326 -13.44 2.58 -11.43
N GLU D 327 -14.07 2.91 -12.55
CA GLU D 327 -15.43 3.43 -12.57
C GLU D 327 -16.44 2.45 -13.12
N VAL D 328 -16.04 1.58 -14.03
CA VAL D 328 -16.98 0.64 -14.64
C VAL D 328 -17.52 -0.33 -13.60
N GLU D 329 -16.67 -0.83 -12.72
CA GLU D 329 -17.11 -1.79 -11.71
C GLU D 329 -18.19 -1.19 -10.82
N ARG D 330 -17.94 0.04 -10.35
CA ARG D 330 -18.93 0.72 -9.53
C ARG D 330 -20.22 0.96 -10.33
N ARG D 331 -20.08 1.32 -11.60
CA ARG D 331 -21.28 1.54 -12.41
C ARG D 331 -22.12 0.29 -12.50
N ILE D 332 -21.49 -0.86 -12.75
CA ILE D 332 -22.25 -2.10 -12.92
C ILE D 332 -22.85 -2.54 -11.59
N VAL D 333 -22.10 -2.44 -10.49
CA VAL D 333 -22.65 -2.87 -9.22
C VAL D 333 -23.84 -2.01 -8.83
N SER D 334 -23.73 -0.69 -9.02
CA SER D 334 -24.83 0.20 -8.68
C SER D 334 -26.01 -0.01 -9.62
N GLN D 335 -25.74 -0.31 -10.89
CA GLN D 335 -26.83 -0.62 -11.82
C GLN D 335 -27.58 -1.85 -11.37
N LEU D 336 -26.85 -2.88 -10.94
CA LEU D 336 -27.51 -4.08 -10.43
C LEU D 336 -28.33 -3.76 -9.19
N LEU D 337 -27.77 -2.95 -8.29
CA LEU D 337 -28.50 -2.57 -7.09
C LEU D 337 -29.82 -1.89 -7.44
N THR D 338 -29.76 -0.88 -8.30
CA THR D 338 -30.96 -0.12 -8.63
C THR D 338 -31.97 -0.98 -9.38
N LEU D 339 -31.47 -1.89 -10.24
CA LEU D 339 -32.39 -2.78 -10.95
C LEU D 339 -33.09 -3.70 -9.97
N MET D 340 -32.37 -4.25 -9.00
CA MET D 340 -32.99 -5.12 -8.02
C MET D 340 -34.02 -4.35 -7.21
N ASP D 341 -33.68 -3.13 -6.78
CA ASP D 341 -34.60 -2.34 -5.99
C ASP D 341 -35.86 -2.00 -6.79
N GLY D 342 -35.69 -1.63 -8.06
CA GLY D 342 -36.81 -1.21 -8.89
C GLY D 342 -37.79 -2.31 -9.23
N LEU D 343 -37.37 -3.57 -9.13
CA LEU D 343 -38.27 -4.68 -9.42
C LEU D 343 -39.35 -4.76 -8.35
N LYS D 344 -40.51 -5.30 -8.74
CA LYS D 344 -41.69 -5.31 -7.90
C LYS D 344 -42.21 -6.73 -7.73
N SER D 345 -42.93 -6.93 -6.63
CA SER D 345 -43.49 -8.26 -6.36
C SER D 345 -44.48 -8.67 -7.43
N ARG D 346 -45.29 -7.72 -7.91
CA ARG D 346 -46.28 -8.05 -8.93
C ARG D 346 -45.64 -8.45 -10.24
N ALA D 347 -44.36 -8.16 -10.43
CA ALA D 347 -43.68 -8.49 -11.68
C ALA D 347 -43.49 -9.98 -11.87
N HIS D 348 -43.60 -10.77 -10.80
CA HIS D 348 -43.40 -12.22 -10.86
C HIS D 348 -42.01 -12.53 -11.40
N VAL D 349 -41.00 -12.08 -10.66
CA VAL D 349 -39.61 -12.27 -11.02
C VAL D 349 -38.83 -12.68 -9.79
N ILE D 350 -37.95 -13.67 -9.95
CA ILE D 350 -37.11 -14.18 -8.87
C ILE D 350 -35.69 -14.26 -9.37
N VAL D 351 -34.75 -13.80 -8.54
CA VAL D 351 -33.36 -13.65 -8.92
C VAL D 351 -32.54 -14.58 -8.03
N MET D 352 -32.16 -15.74 -8.55
CA MET D 352 -31.27 -16.66 -7.85
C MET D 352 -29.84 -16.27 -8.15
N GLY D 353 -29.19 -15.63 -7.20
CA GLY D 353 -27.77 -15.37 -7.31
C GLY D 353 -26.98 -16.66 -7.17
N ALA D 354 -25.68 -16.48 -6.99
CA ALA D 354 -24.79 -17.61 -6.78
C ALA D 354 -23.40 -17.10 -6.47
N THR D 355 -22.69 -17.80 -5.61
CA THR D 355 -21.36 -17.40 -5.19
C THR D 355 -20.72 -18.58 -4.44
N ASN D 356 -19.55 -18.32 -3.85
CA ASN D 356 -18.85 -19.33 -3.07
C ASN D 356 -19.02 -19.15 -1.58
N ARG D 357 -18.96 -17.90 -1.10
CA ARG D 357 -19.13 -17.60 0.30
C ARG D 357 -19.88 -16.28 0.41
N PRO D 358 -20.86 -16.18 1.31
CA PRO D 358 -21.67 -14.96 1.37
C PRO D 358 -20.87 -13.71 1.65
N ASN D 359 -19.79 -13.81 2.44
CA ASN D 359 -18.99 -12.65 2.75
C ASN D 359 -18.29 -12.08 1.51
N SER D 360 -18.04 -12.90 0.50
CA SER D 360 -17.38 -12.41 -0.70
C SER D 360 -18.25 -11.44 -1.48
N ILE D 361 -19.53 -11.35 -1.17
CA ILE D 361 -20.44 -10.44 -1.85
C ILE D 361 -20.45 -9.11 -1.12
N ASP D 362 -20.72 -8.05 -1.87
CA ASP D 362 -20.82 -6.73 -1.28
C ASP D 362 -22.00 -6.67 -0.32
N PRO D 363 -21.82 -6.18 0.90
CA PRO D 363 -22.95 -6.18 1.85
C PRO D 363 -24.16 -5.43 1.35
N ALA D 364 -23.96 -4.40 0.52
CA ALA D 364 -25.09 -3.59 0.07
C ALA D 364 -26.13 -4.44 -0.65
N LEU D 365 -25.71 -5.53 -1.28
CA LEU D 365 -26.65 -6.40 -1.97
C LEU D 365 -27.51 -7.20 -1.01
N ARG D 366 -27.05 -7.43 0.20
CA ARG D 366 -27.76 -8.27 1.16
C ARG D 366 -28.75 -7.48 2.01
N ARG D 367 -28.90 -6.18 1.76
CA ARG D 367 -29.92 -5.41 2.46
C ARG D 367 -31.31 -5.88 2.06
N PHE D 368 -32.29 -5.51 2.89
CA PHE D 368 -33.66 -5.93 2.66
C PHE D 368 -34.17 -5.34 1.35
N GLY D 369 -34.89 -6.17 0.58
CA GLY D 369 -35.44 -5.79 -0.70
C GLY D 369 -34.71 -6.36 -1.89
N ARG D 370 -33.39 -6.49 -1.81
CA ARG D 370 -32.59 -6.98 -2.93
C ARG D 370 -32.34 -8.48 -2.82
N PHE D 371 -31.61 -8.89 -1.78
CA PHE D 371 -31.23 -10.29 -1.56
C PHE D 371 -31.43 -10.57 -0.08
N ASP D 372 -32.61 -11.08 0.27
CA ASP D 372 -32.97 -11.31 1.67
C ASP D 372 -32.77 -12.77 2.08
N ARG D 373 -33.32 -13.71 1.33
CA ARG D 373 -33.13 -15.12 1.67
C ARG D 373 -31.76 -15.60 1.22
N GLU D 374 -31.17 -16.48 2.00
CA GLU D 374 -29.89 -17.09 1.70
C GLU D 374 -29.99 -18.59 1.96
N ILE D 375 -29.45 -19.38 1.05
CA ILE D 375 -29.49 -20.83 1.14
C ILE D 375 -28.08 -21.37 0.99
N ASP D 376 -27.77 -22.42 1.75
CA ASP D 376 -26.44 -23.01 1.78
C ASP D 376 -26.49 -24.34 1.04
N ILE D 377 -25.97 -24.35 -0.18
CA ILE D 377 -25.82 -25.60 -0.94
C ILE D 377 -24.46 -26.16 -0.54
N GLY D 378 -24.44 -26.84 0.60
CA GLY D 378 -23.21 -27.35 1.14
C GLY D 378 -22.78 -28.65 0.50
N VAL D 379 -21.69 -29.19 1.01
CA VAL D 379 -21.16 -30.45 0.48
C VAL D 379 -22.19 -31.55 0.71
N PRO D 380 -22.49 -32.39 -0.29
CA PRO D 380 -23.46 -33.46 -0.06
C PRO D 380 -22.96 -34.47 0.95
N ASP D 381 -23.90 -35.11 1.63
CA ASP D 381 -23.58 -36.12 2.63
C ASP D 381 -23.40 -37.47 1.93
N GLU D 382 -23.15 -38.51 2.74
CA GLU D 382 -22.96 -39.84 2.20
C GLU D 382 -24.10 -40.23 1.26
N ILE D 383 -25.33 -40.03 1.71
CA ILE D 383 -26.47 -40.32 0.85
C ILE D 383 -26.46 -39.41 -0.37
N GLY D 384 -26.11 -38.14 -0.16
CA GLY D 384 -26.03 -37.22 -1.29
C GLY D 384 -25.01 -37.66 -2.32
N ARG D 385 -23.83 -38.08 -1.85
CA ARG D 385 -22.82 -38.61 -2.75
C ARG D 385 -23.34 -39.83 -3.49
N LEU D 386 -24.09 -40.68 -2.79
CA LEU D 386 -24.65 -41.87 -3.43
C LEU D 386 -25.59 -41.48 -4.57
N GLU D 387 -26.50 -40.54 -4.32
CA GLU D 387 -27.42 -40.15 -5.39
C GLU D 387 -26.68 -39.49 -6.54
N VAL D 388 -25.68 -38.65 -6.24
CA VAL D 388 -24.93 -38.00 -7.31
C VAL D 388 -24.24 -39.05 -8.18
N LEU D 389 -23.62 -40.05 -7.55
CA LEU D 389 -22.95 -41.09 -8.30
C LEU D 389 -23.95 -41.87 -9.16
N ARG D 390 -25.10 -42.22 -8.58
CA ARG D 390 -26.12 -42.94 -9.35
C ARG D 390 -26.63 -42.10 -10.51
N ILE D 391 -26.68 -40.79 -10.34
CA ILE D 391 -27.15 -39.91 -11.40
C ILE D 391 -26.14 -39.84 -12.53
N HIS D 392 -24.85 -39.70 -12.19
CA HIS D 392 -23.83 -39.53 -13.20
C HIS D 392 -23.52 -40.85 -13.92
N THR D 393 -23.69 -41.97 -13.24
CA THR D 393 -23.31 -43.27 -13.78
C THR D 393 -24.48 -44.02 -14.40
N LYS D 394 -25.67 -43.42 -14.45
CA LYS D 394 -26.83 -44.12 -15.00
C LYS D 394 -26.67 -44.40 -16.49
N ASN D 395 -26.07 -43.47 -17.24
CA ASN D 395 -25.94 -43.62 -18.68
C ASN D 395 -24.73 -44.46 -19.09
N MET D 396 -23.85 -44.81 -18.17
CA MET D 396 -22.68 -45.60 -18.50
C MET D 396 -22.95 -47.09 -18.33
N LYS D 397 -22.07 -47.90 -18.91
CA LYS D 397 -22.20 -49.36 -18.87
C LYS D 397 -21.45 -49.88 -17.65
N LEU D 398 -22.11 -49.77 -16.50
CA LEU D 398 -21.52 -50.28 -15.26
C LEU D 398 -21.63 -51.80 -15.20
N ALA D 399 -20.69 -52.40 -14.47
CA ALA D 399 -20.69 -53.83 -14.28
C ALA D 399 -21.68 -54.21 -13.18
N GLU D 400 -22.01 -55.51 -13.12
CA GLU D 400 -22.94 -56.01 -12.13
C GLU D 400 -22.31 -56.08 -10.74
N ASP D 401 -20.98 -56.05 -10.65
CA ASP D 401 -20.29 -56.10 -9.37
C ASP D 401 -19.96 -54.72 -8.83
N VAL D 402 -20.42 -53.66 -9.49
CA VAL D 402 -20.13 -52.31 -9.03
C VAL D 402 -20.78 -52.07 -7.67
N ASP D 403 -20.01 -51.56 -6.72
CA ASP D 403 -20.49 -51.28 -5.37
C ASP D 403 -20.34 -49.78 -5.13
N LEU D 404 -21.36 -49.02 -5.55
CA LEU D 404 -21.30 -47.57 -5.41
C LEU D 404 -21.39 -47.14 -3.95
N GLU D 405 -22.00 -47.96 -3.10
CA GLU D 405 -22.06 -47.62 -1.68
C GLU D 405 -20.67 -47.52 -1.07
N ARG D 406 -19.78 -48.44 -1.45
CA ARG D 406 -18.41 -48.38 -0.96
C ARG D 406 -17.73 -47.08 -1.40
N ILE D 407 -17.94 -46.69 -2.65
CA ILE D 407 -17.32 -45.47 -3.15
C ILE D 407 -17.85 -44.27 -2.39
N SER D 408 -19.17 -44.24 -2.15
CA SER D 408 -19.75 -43.14 -1.41
C SER D 408 -19.18 -43.07 0.00
N LYS D 409 -19.03 -44.22 0.66
CA LYS D 409 -18.48 -44.24 2.01
C LYS D 409 -17.05 -43.76 2.02
N ASP D 410 -16.25 -44.15 1.02
CA ASP D 410 -14.85 -43.75 0.97
C ASP D 410 -14.65 -42.35 0.42
N THR D 411 -15.68 -41.73 -0.14
CA THR D 411 -15.59 -40.38 -0.68
C THR D 411 -16.05 -39.40 0.39
N HIS D 412 -15.11 -38.66 0.96
CA HIS D 412 -15.38 -37.64 1.95
C HIS D 412 -14.76 -36.33 1.49
N GLY D 413 -15.53 -35.25 1.55
CA GLY D 413 -15.08 -33.99 1.01
C GLY D 413 -15.19 -33.86 -0.49
N TYR D 414 -15.81 -34.83 -1.15
CA TYR D 414 -15.96 -34.82 -2.60
C TYR D 414 -17.26 -34.14 -2.98
N VAL D 415 -17.17 -33.09 -3.81
CA VAL D 415 -18.35 -32.43 -4.36
C VAL D 415 -18.85 -33.23 -5.55
N GLY D 416 -20.05 -32.87 -6.04
CA GLY D 416 -20.62 -33.62 -7.15
C GLY D 416 -19.74 -33.64 -8.37
N ALA D 417 -19.16 -32.49 -8.72
CA ALA D 417 -18.30 -32.43 -9.89
C ALA D 417 -17.10 -33.35 -9.73
N ASP D 418 -16.53 -33.41 -8.53
CA ASP D 418 -15.44 -34.34 -8.29
C ASP D 418 -15.89 -35.78 -8.47
N LEU D 419 -17.14 -36.09 -8.11
CA LEU D 419 -17.64 -37.44 -8.31
C LEU D 419 -17.79 -37.77 -9.79
N ALA D 420 -18.26 -36.81 -10.58
CA ALA D 420 -18.32 -37.03 -12.02
C ALA D 420 -16.93 -37.22 -12.60
N ALA D 421 -15.96 -36.45 -12.13
CA ALA D 421 -14.59 -36.62 -12.58
C ALA D 421 -14.06 -37.98 -12.19
N LEU D 422 -14.40 -38.45 -11.00
CA LEU D 422 -14.01 -39.79 -10.57
C LEU D 422 -14.58 -40.85 -11.50
N CYS D 423 -15.85 -40.72 -11.87
CA CYS D 423 -16.46 -41.67 -12.79
C CYS D 423 -15.75 -41.65 -14.14
N THR D 424 -15.45 -40.46 -14.65
CA THR D 424 -14.75 -40.34 -15.91
C THR D 424 -13.37 -40.99 -15.82
N GLU D 425 -12.68 -40.78 -14.71
CA GLU D 425 -11.36 -41.38 -14.52
C GLU D 425 -11.46 -42.91 -14.48
N ALA D 426 -12.50 -43.43 -13.85
CA ALA D 426 -12.70 -44.87 -13.82
C ALA D 426 -12.91 -45.43 -15.23
N ALA D 427 -13.74 -44.75 -16.03
CA ALA D 427 -13.92 -45.19 -17.40
C ALA D 427 -12.62 -45.13 -18.18
N LEU D 428 -11.85 -44.07 -17.96
CA LEU D 428 -10.56 -43.94 -18.62
C LEU D 428 -9.63 -45.09 -18.24
N GLN D 429 -9.65 -45.49 -16.98
CA GLN D 429 -8.82 -46.61 -16.54
C GLN D 429 -9.28 -47.92 -17.19
N CYS D 430 -10.59 -48.12 -17.30
CA CYS D 430 -11.07 -49.28 -18.04
C CYS D 430 -10.55 -49.27 -19.47
N ILE D 431 -10.55 -48.10 -20.10
CA ILE D 431 -9.98 -47.99 -21.44
C ILE D 431 -8.51 -48.38 -21.39
N ARG D 432 -7.79 -47.91 -20.36
CA ARG D 432 -6.42 -48.32 -20.13
C ARG D 432 -6.29 -49.82 -20.30
N GLU D 433 -7.06 -50.55 -19.48
CA GLU D 433 -7.01 -52.01 -19.54
C GLU D 433 -7.43 -52.54 -20.92
N LYS D 434 -8.19 -51.76 -21.67
CA LYS D 434 -8.70 -52.21 -22.97
C LYS D 434 -7.89 -51.68 -24.15
N MET D 435 -6.76 -51.03 -23.91
CA MET D 435 -5.96 -50.51 -25.02
C MET D 435 -5.17 -51.61 -25.73
N ASP D 436 -4.64 -52.57 -24.98
CA ASP D 436 -3.69 -53.53 -25.55
C ASP D 436 -4.26 -54.23 -26.77
N VAL D 437 -5.55 -54.53 -26.77
CA VAL D 437 -6.16 -55.25 -27.88
C VAL D 437 -6.49 -54.31 -29.04
N ILE D 438 -6.87 -53.07 -28.74
CA ILE D 438 -7.33 -52.14 -29.76
C ILE D 438 -6.10 -51.43 -30.34
N ASP D 439 -5.84 -51.66 -31.63
CA ASP D 439 -4.73 -50.98 -32.29
C ASP D 439 -5.07 -49.52 -32.54
N LEU D 440 -4.13 -48.63 -32.21
CA LEU D 440 -4.38 -47.21 -32.33
C LEU D 440 -4.32 -46.75 -33.79
N GLU D 441 -3.42 -47.32 -34.58
CA GLU D 441 -3.24 -46.89 -35.96
C GLU D 441 -4.41 -47.24 -36.85
N ASP D 442 -5.29 -48.14 -36.42
CA ASP D 442 -6.44 -48.53 -37.22
C ASP D 442 -7.57 -47.52 -37.04
N ASP D 443 -8.01 -46.92 -38.14
CA ASP D 443 -9.09 -45.95 -38.07
C ASP D 443 -10.41 -46.57 -37.64
N SER D 444 -10.57 -47.88 -37.81
CA SER D 444 -11.77 -48.60 -37.42
C SER D 444 -11.44 -49.57 -36.29
N ILE D 445 -12.39 -49.73 -35.37
CA ILE D 445 -12.23 -50.58 -34.21
C ILE D 445 -13.41 -51.54 -34.15
N ASP D 446 -13.14 -52.78 -33.78
CA ASP D 446 -14.17 -53.81 -33.76
C ASP D 446 -15.31 -53.41 -32.84
N ALA D 447 -16.55 -53.67 -33.28
CA ALA D 447 -17.71 -53.33 -32.48
C ALA D 447 -17.87 -54.25 -31.28
N GLU D 448 -17.42 -55.50 -31.40
CA GLU D 448 -17.55 -56.44 -30.29
C GLU D 448 -16.77 -55.95 -29.06
N ILE D 449 -15.54 -55.47 -29.28
CA ILE D 449 -14.75 -54.96 -28.16
C ILE D 449 -15.44 -53.74 -27.55
N LEU D 450 -16.02 -52.89 -28.39
CA LEU D 450 -16.72 -51.72 -27.89
C LEU D 450 -17.91 -52.11 -27.03
N ASN D 451 -18.68 -53.11 -27.45
CA ASN D 451 -19.80 -53.57 -26.65
C ASN D 451 -19.35 -54.33 -25.42
N SER D 452 -18.12 -54.84 -25.40
CA SER D 452 -17.61 -55.58 -24.26
C SER D 452 -17.05 -54.69 -23.16
N MET D 453 -16.86 -53.41 -23.43
CA MET D 453 -16.31 -52.51 -22.43
C MET D 453 -17.33 -52.24 -21.32
N ALA D 454 -16.85 -52.16 -20.09
CA ALA D 454 -17.69 -51.83 -18.95
C ALA D 454 -16.81 -51.63 -17.74
N VAL D 455 -17.10 -50.58 -16.96
CA VAL D 455 -16.30 -50.26 -15.79
C VAL D 455 -16.48 -51.33 -14.72
N THR D 456 -15.47 -51.48 -13.87
CA THR D 456 -15.48 -52.44 -12.79
C THR D 456 -15.11 -51.72 -11.48
N ASN D 457 -15.55 -52.31 -10.37
CA ASN D 457 -15.35 -51.68 -9.07
C ASN D 457 -13.89 -51.33 -8.84
N GLU D 458 -12.98 -52.21 -9.27
CA GLU D 458 -11.56 -51.93 -9.11
C GLU D 458 -11.15 -50.70 -9.89
N HIS D 459 -11.77 -50.47 -11.05
CA HIS D 459 -11.49 -49.25 -11.80
C HIS D 459 -11.90 -48.02 -11.00
N PHE D 460 -13.03 -48.10 -10.31
CA PHE D 460 -13.45 -47.00 -9.45
C PHE D 460 -12.47 -46.80 -8.31
N HIS D 461 -11.97 -47.89 -7.74
CA HIS D 461 -10.97 -47.78 -6.67
C HIS D 461 -9.72 -47.09 -7.18
N THR D 462 -9.26 -47.46 -8.37
CA THR D 462 -8.08 -46.83 -8.96
C THR D 462 -8.32 -45.35 -9.21
N ALA D 463 -9.49 -45.01 -9.76
CA ALA D 463 -9.79 -43.61 -10.03
C ALA D 463 -9.83 -42.80 -8.75
N LEU D 464 -10.44 -43.35 -7.71
CA LEU D 464 -10.45 -42.68 -6.42
C LEU D 464 -9.03 -42.48 -5.89
N GLY D 465 -8.19 -43.49 -6.05
CA GLY D 465 -6.79 -43.34 -5.64
C GLY D 465 -6.08 -42.25 -6.39
N ASN D 466 -6.40 -42.07 -7.67
CA ASN D 466 -5.77 -41.04 -8.49
C ASN D 466 -6.42 -39.68 -8.35
N SER D 467 -7.70 -39.62 -8.00
CA SER D 467 -8.41 -38.36 -7.93
C SER D 467 -8.03 -37.59 -6.67
N ASN D 468 -8.49 -36.34 -6.60
CA ASN D 468 -8.19 -35.46 -5.49
C ASN D 468 -9.45 -34.72 -5.05
N PRO D 469 -9.77 -34.70 -3.76
CA PRO D 469 -10.91 -33.90 -3.31
C PRO D 469 -10.65 -32.41 -3.48
N SER D 470 -11.74 -31.67 -3.68
CA SER D 470 -11.67 -30.21 -3.78
C SER D 470 -12.10 -29.51 -2.50
N ALA D 471 -12.81 -30.21 -1.62
CA ALA D 471 -13.31 -29.63 -0.38
C ALA D 471 -12.81 -30.47 0.79
N LEU D 472 -11.84 -29.94 1.52
CA LEU D 472 -11.31 -30.60 2.71
C LEU D 472 -11.25 -29.70 3.93
N ARG D 473 -11.12 -28.39 3.75
CA ARG D 473 -11.04 -27.45 4.87
C ARG D 473 -12.38 -26.81 5.18
N GLU D 474 -13.44 -27.19 4.47
CA GLU D 474 -14.76 -26.63 4.72
C GLU D 474 -15.42 -27.37 5.88
N THR D 475 -15.98 -26.59 6.82
CA THR D 475 -16.62 -27.16 8.00
C THR D 475 -17.75 -28.10 7.60
N VAL D 476 -17.61 -29.38 7.94
CA VAL D 476 -18.62 -30.37 7.60
C VAL D 476 -19.65 -30.41 8.74
N VAL D 477 -20.92 -30.29 8.38
CA VAL D 477 -22.02 -30.26 9.33
C VAL D 477 -22.84 -31.52 9.11
N GLU D 478 -22.74 -32.47 10.03
CA GLU D 478 -23.47 -33.71 9.93
C GLU D 478 -23.65 -34.30 11.32
N VAL D 479 -24.41 -35.40 11.37
CA VAL D 479 -24.71 -36.10 12.62
C VAL D 479 -23.77 -37.29 12.75
N PRO D 480 -22.68 -37.17 13.50
CA PRO D 480 -21.79 -38.33 13.67
C PRO D 480 -22.52 -39.51 14.28
N ASN D 481 -22.08 -40.71 13.89
CA ASN D 481 -22.71 -41.95 14.29
C ASN D 481 -22.25 -42.47 15.64
N VAL D 482 -21.30 -41.78 16.29
CA VAL D 482 -20.78 -42.27 17.56
C VAL D 482 -21.91 -42.29 18.58
N SER D 483 -21.99 -43.39 19.33
CA SER D 483 -23.03 -43.60 20.32
C SER D 483 -22.41 -43.78 21.70
N TRP D 484 -23.26 -43.74 22.72
CA TRP D 484 -22.79 -43.92 24.09
C TRP D 484 -22.12 -45.28 24.27
N ASN D 485 -22.54 -46.29 23.51
CA ASN D 485 -21.89 -47.60 23.61
C ASN D 485 -20.41 -47.50 23.27
N ASP D 486 -20.08 -46.73 22.23
CA ASP D 486 -18.67 -46.47 21.93
C ASP D 486 -17.98 -45.71 23.04
N ILE D 487 -18.75 -44.97 23.85
CA ILE D 487 -18.21 -44.25 24.99
C ILE D 487 -18.10 -45.22 26.16
N GLY D 488 -16.90 -45.34 26.72
CA GLY D 488 -16.67 -46.32 27.76
C GLY D 488 -16.96 -45.80 29.15
N GLY D 489 -18.02 -46.29 29.77
CA GLY D 489 -18.31 -45.92 31.15
C GLY D 489 -18.50 -44.41 31.26
N LEU D 490 -17.76 -43.80 32.19
CA LEU D 490 -17.88 -42.37 32.47
C LEU D 490 -19.33 -42.01 32.77
N GLU D 491 -19.93 -42.76 33.70
CA GLU D 491 -21.33 -42.55 34.03
C GLU D 491 -21.56 -41.16 34.60
N ASN D 492 -20.65 -40.68 35.45
CA ASN D 492 -20.80 -39.35 36.02
C ASN D 492 -20.77 -38.28 34.93
N VAL D 493 -19.76 -38.33 34.06
CA VAL D 493 -19.67 -37.34 32.98
C VAL D 493 -20.80 -37.52 31.99
N LYS D 494 -21.16 -38.78 31.70
CA LYS D 494 -22.32 -39.04 30.85
C LYS D 494 -23.54 -38.31 31.38
N ARG D 495 -23.84 -38.51 32.67
CA ARG D 495 -24.99 -37.87 33.28
C ARG D 495 -24.88 -36.35 33.20
N GLU D 496 -23.71 -35.81 33.54
CA GLU D 496 -23.54 -34.36 33.59
C GLU D 496 -23.79 -33.74 32.22
N LEU D 497 -23.22 -34.33 31.18
CA LEU D 497 -23.32 -33.74 29.85
C LEU D 497 -24.71 -33.94 29.27
N GLN D 498 -25.32 -35.10 29.53
CA GLN D 498 -26.70 -35.31 29.12
C GLN D 498 -27.61 -34.27 29.77
N GLU D 499 -27.40 -34.04 31.06
CA GLU D 499 -28.11 -32.97 31.77
C GLU D 499 -27.94 -31.63 31.09
N THR D 500 -26.69 -31.24 30.82
CA THR D 500 -26.41 -29.90 30.34
C THR D 500 -26.82 -29.68 28.89
N VAL D 501 -26.94 -30.75 28.09
CA VAL D 501 -27.15 -30.58 26.65
C VAL D 501 -28.41 -31.29 26.18
N GLN D 502 -28.54 -32.58 26.52
CA GLN D 502 -29.61 -33.37 25.93
C GLN D 502 -30.98 -32.79 26.22
N TYR D 503 -31.21 -32.34 27.46
CA TYR D 503 -32.51 -31.85 27.87
C TYR D 503 -32.89 -30.55 27.17
N PRO D 504 -32.04 -29.52 27.18
CA PRO D 504 -32.43 -28.25 26.54
C PRO D 504 -32.70 -28.36 25.06
N VAL D 505 -32.35 -29.48 24.42
CA VAL D 505 -32.68 -29.69 23.02
C VAL D 505 -33.77 -30.75 22.83
N GLU D 506 -33.98 -31.63 23.81
CA GLU D 506 -35.03 -32.63 23.70
C GLU D 506 -36.32 -32.16 24.36
N HIS D 507 -36.23 -31.44 25.48
CA HIS D 507 -37.40 -30.93 26.20
C HIS D 507 -37.19 -29.46 26.54
N PRO D 508 -37.11 -28.60 25.52
CA PRO D 508 -36.97 -27.17 25.80
C PRO D 508 -38.27 -26.49 26.19
N GLU D 509 -39.41 -27.02 25.74
CA GLU D 509 -40.69 -26.40 26.06
C GLU D 509 -40.91 -26.34 27.56
N LYS D 510 -40.53 -27.39 28.28
CA LYS D 510 -40.71 -27.39 29.73
C LYS D 510 -39.64 -26.55 30.43
N PHE D 511 -38.43 -26.49 29.86
CA PHE D 511 -37.47 -25.51 30.34
C PHE D 511 -38.07 -24.11 30.29
N GLU D 512 -38.78 -23.79 29.21
CA GLU D 512 -39.52 -22.53 29.15
C GLU D 512 -40.64 -22.50 30.19
N LYS D 513 -41.32 -23.63 30.38
CA LYS D 513 -42.38 -23.70 31.38
C LYS D 513 -41.89 -23.18 32.72
N PHE D 514 -40.75 -23.68 33.18
CA PHE D 514 -40.15 -23.10 34.37
C PHE D 514 -39.35 -21.85 34.03
N GLY D 515 -38.73 -21.82 32.85
CA GLY D 515 -38.26 -20.59 32.26
C GLY D 515 -36.82 -20.21 32.55
N MET D 516 -36.15 -20.90 33.47
CA MET D 516 -34.80 -20.48 33.82
C MET D 516 -33.84 -20.68 32.65
N SER D 517 -32.83 -19.83 32.59
CA SER D 517 -31.89 -19.87 31.49
C SER D 517 -31.09 -21.16 31.54
N PRO D 518 -30.93 -21.88 30.42
CA PRO D 518 -30.08 -23.06 30.43
C PRO D 518 -28.62 -22.69 30.20
N SER D 519 -27.74 -23.62 30.56
CA SER D 519 -26.32 -23.43 30.33
C SER D 519 -26.03 -23.41 28.84
N LYS D 520 -25.29 -22.40 28.39
CA LYS D 520 -24.96 -22.24 26.98
C LYS D 520 -23.54 -22.66 26.66
N GLY D 521 -22.89 -23.39 27.55
CA GLY D 521 -21.51 -23.76 27.31
C GLY D 521 -21.05 -24.82 28.29
N VAL D 522 -19.86 -25.33 28.02
CA VAL D 522 -19.21 -26.30 28.89
C VAL D 522 -17.77 -26.45 28.42
N LEU D 523 -16.87 -26.79 29.33
CA LEU D 523 -15.45 -26.92 29.04
C LEU D 523 -14.96 -28.29 29.48
N PHE D 524 -14.25 -28.97 28.59
CA PHE D 524 -13.67 -30.27 28.88
C PHE D 524 -12.19 -30.10 29.16
N TYR D 525 -11.76 -30.41 30.37
CA TYR D 525 -10.36 -30.49 30.72
C TYR D 525 -10.04 -31.90 31.15
N GLY D 526 -8.95 -32.45 30.60
CA GLY D 526 -8.54 -33.80 30.88
C GLY D 526 -7.28 -34.17 30.13
N PRO D 527 -6.79 -35.39 30.33
CA PRO D 527 -5.55 -35.79 29.69
C PRO D 527 -5.73 -35.91 28.20
N PRO D 528 -4.67 -35.69 27.42
CA PRO D 528 -4.79 -35.86 25.97
C PRO D 528 -5.07 -37.31 25.59
N GLY D 529 -5.80 -37.48 24.50
CA GLY D 529 -6.12 -38.80 24.00
C GLY D 529 -7.00 -39.59 24.94
N CYS D 530 -8.06 -38.95 25.47
CA CYS D 530 -9.03 -39.63 26.32
C CYS D 530 -10.43 -39.64 25.70
N GLY D 531 -10.57 -39.21 24.46
CA GLY D 531 -11.85 -39.31 23.78
C GLY D 531 -12.82 -38.18 24.09
N LYS D 532 -12.35 -36.93 24.07
CA LYS D 532 -13.25 -35.82 24.30
C LYS D 532 -14.13 -35.56 23.07
N THR D 533 -13.53 -35.56 21.88
CA THR D 533 -14.31 -35.37 20.66
C THR D 533 -15.32 -36.49 20.50
N LEU D 534 -14.95 -37.72 20.87
CA LEU D 534 -15.90 -38.82 20.83
C LEU D 534 -17.09 -38.55 21.74
N LEU D 535 -16.83 -38.03 22.94
CA LEU D 535 -17.92 -37.69 23.84
C LEU D 535 -18.83 -36.64 23.25
N ALA D 536 -18.23 -35.59 22.68
CA ALA D 536 -19.04 -34.52 22.08
C ALA D 536 -19.89 -35.05 20.94
N LYS D 537 -19.31 -35.88 20.07
CA LYS D 537 -20.06 -36.42 18.95
C LYS D 537 -21.16 -37.36 19.44
N ALA D 538 -20.89 -38.14 20.47
CA ALA D 538 -21.91 -39.05 21.00
C ALA D 538 -23.08 -38.26 21.56
N ILE D 539 -22.81 -37.20 22.32
CA ILE D 539 -23.90 -36.42 22.87
C ILE D 539 -24.67 -35.73 21.76
N ALA D 540 -23.97 -35.30 20.70
CA ALA D 540 -24.66 -34.72 19.55
C ALA D 540 -25.58 -35.74 18.90
N ASN D 541 -25.10 -36.97 18.71
CA ASN D 541 -25.91 -38.00 18.06
C ASN D 541 -27.12 -38.35 18.90
N GLU D 542 -26.95 -38.43 20.22
CA GLU D 542 -28.08 -38.76 21.09
C GLU D 542 -29.21 -37.76 20.93
N CYS D 543 -28.90 -36.51 20.64
CA CYS D 543 -29.89 -35.47 20.46
C CYS D 543 -30.23 -35.21 19.00
N GLN D 544 -29.65 -35.99 18.08
CA GLN D 544 -29.87 -35.79 16.65
C GLN D 544 -29.51 -34.36 16.24
N ALA D 545 -28.52 -33.79 16.92
CA ALA D 545 -28.09 -32.43 16.69
C ALA D 545 -26.80 -32.40 15.89
N ASN D 546 -26.69 -31.40 15.03
CA ASN D 546 -25.52 -31.27 14.17
C ASN D 546 -24.28 -30.98 15.00
N PHE D 547 -23.16 -31.56 14.58
CA PHE D 547 -21.88 -31.38 15.23
C PHE D 547 -20.92 -30.67 14.28
N ILE D 548 -20.25 -29.63 14.77
CA ILE D 548 -19.30 -28.86 14.00
C ILE D 548 -17.95 -28.94 14.71
N SER D 549 -16.94 -29.44 14.01
CA SER D 549 -15.61 -29.58 14.56
C SER D 549 -14.74 -28.43 14.07
N VAL D 550 -14.28 -27.60 14.98
CA VAL D 550 -13.38 -26.49 14.68
C VAL D 550 -12.15 -26.63 15.56
N LYS D 551 -10.98 -26.74 14.94
CA LYS D 551 -9.73 -26.89 15.67
C LYS D 551 -9.03 -25.54 15.75
N GLY D 552 -8.38 -25.29 16.91
CA GLY D 552 -7.68 -24.04 17.11
C GLY D 552 -6.69 -23.67 16.02
N PRO D 553 -5.96 -24.65 15.46
CA PRO D 553 -5.04 -24.30 14.37
C PRO D 553 -5.72 -23.64 13.18
N GLU D 554 -6.95 -24.04 12.85
CA GLU D 554 -7.61 -23.43 11.69
C GLU D 554 -7.93 -21.97 11.93
N LEU D 555 -8.52 -21.66 13.09
CA LEU D 555 -8.79 -20.26 13.43
C LEU D 555 -7.50 -19.48 13.52
N LEU D 556 -6.46 -20.10 14.07
CA LEU D 556 -5.16 -19.45 14.18
C LEU D 556 -4.61 -19.10 12.80
N THR D 557 -4.71 -20.04 11.85
CA THR D 557 -4.24 -19.78 10.50
C THR D 557 -5.04 -18.66 9.85
N MET D 558 -6.36 -18.69 10.02
CA MET D 558 -7.20 -17.68 9.38
C MET D 558 -6.91 -16.29 9.94
N TRP D 559 -6.71 -16.18 11.26
CA TRP D 559 -6.29 -14.90 11.81
C TRP D 559 -4.93 -14.50 11.24
N PHE D 560 -3.97 -15.41 11.26
CA PHE D 560 -2.69 -15.13 10.60
C PHE D 560 -2.89 -14.80 9.12
N GLY D 561 -3.96 -15.30 8.51
CA GLY D 561 -4.32 -14.92 7.17
C GLY D 561 -5.16 -13.67 7.07
N GLU D 562 -5.40 -13.00 8.21
CA GLU D 562 -6.20 -11.79 8.25
C GLU D 562 -7.61 -12.02 7.68
N SER D 563 -8.16 -13.19 8.00
CA SER D 563 -9.53 -13.53 7.62
C SER D 563 -10.33 -13.87 8.87
N GLU D 564 -10.21 -13.05 9.91
CA GLU D 564 -10.84 -13.36 11.19
C GLU D 564 -12.36 -13.42 11.09
N ALA D 565 -12.93 -12.90 10.01
CA ALA D 565 -14.38 -13.04 9.81
C ALA D 565 -14.79 -14.50 9.71
N ASN D 566 -13.83 -15.41 9.49
CA ASN D 566 -14.14 -16.82 9.51
C ASN D 566 -14.77 -17.25 10.82
N VAL D 567 -14.36 -16.62 11.94
CA VAL D 567 -14.91 -16.99 13.24
C VAL D 567 -16.40 -16.67 13.29
N ARG D 568 -16.75 -15.45 12.89
CA ARG D 568 -18.16 -15.08 12.80
C ARG D 568 -18.89 -15.98 11.83
N GLU D 569 -18.21 -16.43 10.78
CA GLU D 569 -18.83 -17.36 9.84
C GLU D 569 -19.15 -18.69 10.51
N ILE D 570 -18.22 -19.20 11.33
CA ILE D 570 -18.46 -20.44 12.05
C ILE D 570 -19.66 -20.29 12.96
N PHE D 571 -19.69 -19.18 13.72
CA PHE D 571 -20.82 -18.95 14.61
C PHE D 571 -22.13 -18.87 13.84
N ASP D 572 -22.11 -18.15 12.71
CA ASP D 572 -23.30 -18.03 11.88
C ASP D 572 -23.80 -19.39 11.44
N LYS D 573 -22.91 -20.18 10.84
CA LYS D 573 -23.29 -21.50 10.37
C LYS D 573 -23.87 -22.33 11.50
N ALA D 574 -23.15 -22.38 12.63
CA ALA D 574 -23.67 -23.10 13.78
C ALA D 574 -25.07 -22.63 14.15
N ARG D 575 -25.35 -21.34 13.95
CA ARG D 575 -26.66 -20.80 14.28
C ARG D 575 -27.72 -21.27 13.29
N GLN D 576 -27.42 -21.22 11.99
CA GLN D 576 -28.43 -21.56 11.00
C GLN D 576 -28.84 -23.02 11.10
N SER D 577 -27.88 -23.91 11.38
CA SER D 577 -28.14 -25.35 11.42
C SER D 577 -28.57 -25.82 12.79
N ALA D 578 -29.13 -24.92 13.61
CA ALA D 578 -29.57 -25.31 14.94
C ALA D 578 -30.63 -26.40 14.84
N PRO D 579 -30.66 -27.37 15.76
CA PRO D 579 -29.78 -27.51 16.94
C PRO D 579 -28.37 -27.92 16.55
N CYS D 580 -27.35 -27.51 17.30
CA CYS D 580 -25.98 -27.73 16.90
C CYS D 580 -25.10 -27.83 18.14
N VAL D 581 -23.92 -28.42 17.95
CA VAL D 581 -22.92 -28.56 18.99
C VAL D 581 -21.60 -28.10 18.42
N LEU D 582 -21.26 -26.84 18.66
CA LEU D 582 -20.01 -26.25 18.18
C LEU D 582 -18.89 -26.68 19.12
N PHE D 583 -17.98 -27.50 18.61
CA PHE D 583 -16.89 -28.06 19.41
C PHE D 583 -15.60 -27.34 19.06
N PHE D 584 -15.11 -26.53 20.00
CA PHE D 584 -13.87 -25.78 19.81
C PHE D 584 -12.71 -26.65 20.29
N ASP D 585 -12.08 -27.36 19.35
CA ASP D 585 -11.00 -28.26 19.69
C ASP D 585 -9.71 -27.48 19.95
N GLU D 586 -8.99 -27.92 20.97
CA GLU D 586 -7.78 -27.24 21.43
C GLU D 586 -8.04 -25.75 21.62
N LEU D 587 -8.97 -25.44 22.52
CA LEU D 587 -9.20 -24.04 22.88
C LEU D 587 -7.93 -23.42 23.46
N ASP D 588 -7.10 -24.22 24.11
CA ASP D 588 -5.87 -23.73 24.71
C ASP D 588 -4.77 -23.50 23.69
N SER D 589 -4.96 -23.92 22.44
CA SER D 589 -3.94 -23.68 21.42
C SER D 589 -3.72 -22.19 21.20
N ILE D 590 -4.80 -21.43 21.11
CA ILE D 590 -4.68 -19.99 20.89
C ILE D 590 -4.02 -19.34 22.10
N ALA D 591 -4.45 -19.71 23.30
CA ALA D 591 -3.86 -19.13 24.50
C ALA D 591 -2.37 -19.45 24.59
N THR D 592 -1.98 -20.67 24.24
CA THR D 592 -0.55 -21.01 24.20
C THR D 592 0.18 -20.20 23.15
N GLN D 593 -0.42 -20.02 21.98
CA GLN D 593 0.19 -19.15 20.96
C GLN D 593 0.47 -17.78 21.54
N ARG D 594 -0.48 -17.23 22.31
CA ARG D 594 -0.20 -16.03 23.07
C ARG D 594 0.52 -16.33 24.38
N GLY D 595 0.35 -17.52 24.93
CA GLY D 595 1.07 -17.92 26.12
C GLY D 595 0.23 -18.61 27.18
N GLY D 596 -1.03 -18.19 27.32
CA GLY D 596 -1.89 -18.77 28.34
C GLY D 596 -1.39 -18.48 29.74
N GLY D 597 -0.84 -19.50 30.41
CA GLY D 597 -0.35 -19.35 31.77
C GLY D 597 1.14 -19.63 31.88
N SER D 598 1.70 -20.33 30.89
CA SER D 598 3.13 -20.63 30.89
C SER D 598 3.99 -19.41 30.62
N GLY D 599 3.41 -18.33 30.08
CA GLY D 599 4.15 -17.12 29.84
C GLY D 599 4.70 -17.01 28.43
N GLY D 600 3.89 -17.35 27.44
CA GLY D 600 4.27 -17.19 26.05
C GLY D 600 4.76 -15.79 25.78
N ASP D 601 3.86 -14.81 25.86
CA ASP D 601 4.27 -13.42 25.94
C ASP D 601 4.40 -13.06 27.41
N GLY D 602 4.74 -11.80 27.68
CA GLY D 602 4.87 -11.37 29.06
C GLY D 602 3.59 -11.51 29.86
N GLY D 603 2.44 -11.51 29.17
CA GLY D 603 1.16 -11.47 29.85
C GLY D 603 0.21 -12.60 29.53
N GLY D 604 -1.06 -12.25 29.31
CA GLY D 604 -2.12 -13.22 29.16
C GLY D 604 -2.19 -13.81 27.76
N ALA D 605 -3.36 -14.38 27.46
CA ALA D 605 -3.56 -15.13 26.23
C ALA D 605 -4.49 -14.45 25.22
N ALA D 606 -5.25 -13.44 25.64
CA ALA D 606 -6.26 -12.86 24.75
C ALA D 606 -5.60 -12.25 23.51
N ASP D 607 -6.29 -12.37 22.38
CA ASP D 607 -5.81 -11.83 21.11
C ASP D 607 -7.01 -11.61 20.20
N ARG D 608 -6.73 -11.40 18.91
CA ARG D 608 -7.77 -11.23 17.91
C ARG D 608 -8.83 -12.33 18.02
N VAL D 609 -8.42 -13.57 17.80
CA VAL D 609 -9.38 -14.67 17.70
C VAL D 609 -10.10 -14.86 19.02
N LEU D 610 -9.36 -14.85 20.13
CA LEU D 610 -9.99 -15.06 21.42
C LEU D 610 -11.01 -13.96 21.71
N ASN D 611 -10.62 -12.69 21.52
CA ASN D 611 -11.52 -11.60 21.82
C ASN D 611 -12.77 -11.67 20.95
N GLN D 612 -12.60 -12.01 19.67
CA GLN D 612 -13.76 -12.17 18.79
C GLN D 612 -14.65 -13.29 19.28
N LEU D 613 -14.03 -14.38 19.77
CA LEU D 613 -14.82 -15.50 20.28
C LEU D 613 -15.65 -15.07 21.48
N LEU D 614 -15.05 -14.32 22.42
CA LEU D 614 -15.82 -13.81 23.54
C LEU D 614 -16.96 -12.91 23.07
N THR D 615 -16.67 -12.02 22.12
CA THR D 615 -17.69 -11.10 21.67
C THR D 615 -18.88 -11.84 21.07
N GLU D 616 -18.59 -12.84 20.23
CA GLU D 616 -19.67 -13.65 19.67
C GLU D 616 -20.39 -14.46 20.74
N MET D 617 -19.65 -14.92 21.76
CA MET D 617 -20.27 -15.70 22.82
C MET D 617 -21.29 -14.87 23.58
N ASP D 618 -20.89 -13.66 24.01
CA ASP D 618 -21.82 -12.82 24.75
C ASP D 618 -22.99 -12.37 23.89
N GLY D 619 -22.85 -12.40 22.57
CA GLY D 619 -23.90 -11.98 21.66
C GLY D 619 -24.82 -13.08 21.19
N MET D 620 -24.68 -14.30 21.71
CA MET D 620 -25.53 -15.39 21.28
C MET D 620 -26.95 -15.23 21.82
N ASN D 621 -27.90 -15.79 21.08
CA ASN D 621 -29.30 -15.72 21.46
C ASN D 621 -29.62 -16.79 22.50
N ALA D 622 -30.29 -16.37 23.58
CA ALA D 622 -30.65 -17.31 24.63
C ALA D 622 -31.62 -18.36 24.12
N LYS D 623 -32.57 -17.96 23.28
CA LYS D 623 -33.57 -18.88 22.77
C LYS D 623 -33.02 -19.86 21.74
N LYS D 624 -31.84 -19.58 21.17
CA LYS D 624 -31.28 -20.45 20.15
C LYS D 624 -30.61 -21.65 20.78
N THR D 625 -30.79 -22.81 20.15
CA THR D 625 -30.26 -24.07 20.67
C THR D 625 -28.86 -24.33 20.10
N VAL D 626 -27.97 -23.36 20.32
CA VAL D 626 -26.59 -23.48 19.90
C VAL D 626 -25.71 -23.69 21.12
N PHE D 627 -25.49 -24.94 21.48
CA PHE D 627 -24.62 -25.28 22.59
C PHE D 627 -23.19 -25.40 22.10
N ILE D 628 -22.26 -24.92 22.91
CA ILE D 628 -20.85 -24.83 22.54
C ILE D 628 -20.02 -25.59 23.57
N ILE D 629 -19.09 -26.39 23.09
CA ILE D 629 -18.24 -27.22 23.93
C ILE D 629 -16.79 -26.90 23.62
N GLY D 630 -16.01 -26.67 24.67
CA GLY D 630 -14.60 -26.38 24.54
C GLY D 630 -13.77 -27.49 25.15
N ALA D 631 -12.75 -27.92 24.42
CA ALA D 631 -11.86 -28.98 24.85
C ALA D 631 -10.45 -28.42 25.01
N THR D 632 -9.83 -28.70 26.15
CA THR D 632 -8.49 -28.22 26.44
C THR D 632 -7.73 -29.31 27.19
N ASN D 633 -6.48 -29.52 26.79
CA ASN D 633 -5.60 -30.44 27.48
C ASN D 633 -4.80 -29.75 28.58
N ARG D 634 -4.97 -28.44 28.76
CA ARG D 634 -4.23 -27.68 29.75
C ARG D 634 -5.18 -26.64 30.33
N PRO D 635 -5.74 -26.90 31.52
CA PRO D 635 -6.71 -25.95 32.08
C PRO D 635 -6.09 -24.80 32.84
N ASP D 636 -4.84 -24.94 33.29
CA ASP D 636 -4.21 -23.89 34.08
C ASP D 636 -3.73 -22.72 33.23
N ILE D 637 -3.77 -22.85 31.90
CA ILE D 637 -3.31 -21.79 31.01
C ILE D 637 -4.45 -21.05 30.34
N ILE D 638 -5.69 -21.50 30.50
CA ILE D 638 -6.81 -20.87 29.81
C ILE D 638 -7.10 -19.51 30.43
N ASP D 639 -7.32 -18.52 29.58
CA ASP D 639 -7.64 -17.18 30.07
C ASP D 639 -8.90 -17.21 30.91
N SER D 640 -8.86 -16.54 32.06
CA SER D 640 -10.00 -16.54 32.97
C SER D 640 -11.20 -15.85 32.35
N ALA D 641 -10.98 -14.85 31.49
CA ALA D 641 -12.10 -14.15 30.87
C ALA D 641 -12.99 -15.10 30.09
N LEU D 642 -12.43 -16.16 29.52
CA LEU D 642 -13.23 -17.13 28.78
C LEU D 642 -14.08 -17.98 29.70
N LEU D 643 -13.63 -18.18 30.94
CA LEU D 643 -14.35 -19.01 31.90
C LEU D 643 -15.44 -18.25 32.65
N ARG D 644 -15.61 -16.97 32.37
CA ARG D 644 -16.62 -16.20 33.07
C ARG D 644 -18.01 -16.72 32.74
N PRO D 645 -18.93 -16.67 33.70
CA PRO D 645 -20.30 -17.14 33.43
C PRO D 645 -20.92 -16.40 32.25
N GLY D 646 -21.73 -17.12 31.48
CA GLY D 646 -22.39 -16.59 30.32
C GLY D 646 -21.74 -16.98 29.01
N ARG D 647 -20.48 -17.42 29.02
CA ARG D 647 -19.81 -17.84 27.81
C ARG D 647 -19.48 -19.33 27.83
N LEU D 648 -18.68 -19.77 28.81
CA LEU D 648 -18.33 -21.18 28.96
C LEU D 648 -17.97 -21.35 30.44
N ASP D 649 -18.92 -21.85 31.23
CA ASP D 649 -18.69 -21.89 32.67
C ASP D 649 -18.67 -23.30 33.23
N GLN D 650 -19.60 -24.15 32.80
CA GLN D 650 -19.58 -25.53 33.26
C GLN D 650 -18.25 -26.19 32.93
N LEU D 651 -17.57 -26.68 33.95
CA LEU D 651 -16.30 -27.39 33.80
C LEU D 651 -16.50 -28.83 34.24
N ILE D 652 -16.14 -29.76 33.37
CA ILE D 652 -16.29 -31.19 33.63
C ILE D 652 -14.96 -31.87 33.42
N TYR D 653 -14.58 -32.73 34.37
CA TYR D 653 -13.31 -33.44 34.31
C TYR D 653 -13.51 -34.79 33.64
N ILE D 654 -12.62 -35.11 32.70
CA ILE D 654 -12.66 -36.37 31.99
C ILE D 654 -11.50 -37.24 32.48
N PRO D 655 -11.75 -38.22 33.34
CA PRO D 655 -10.64 -39.03 33.88
C PRO D 655 -10.13 -40.02 32.85
N LEU D 656 -8.96 -40.57 33.17
CA LEU D 656 -8.42 -41.65 32.37
C LEU D 656 -9.35 -42.85 32.44
N PRO D 657 -9.46 -43.63 31.38
CA PRO D 657 -10.42 -44.74 31.39
C PRO D 657 -10.12 -45.71 32.52
N ASP D 658 -11.18 -46.18 33.17
CA ASP D 658 -11.08 -47.14 34.25
C ASP D 658 -11.19 -48.55 33.67
N GLU D 659 -11.37 -49.55 34.55
CA GLU D 659 -11.37 -50.94 34.10
C GLU D 659 -12.41 -51.17 33.01
N ASP D 660 -13.67 -50.80 33.28
CA ASP D 660 -14.71 -51.04 32.29
C ASP D 660 -14.55 -50.11 31.09
N SER D 661 -14.15 -48.86 31.32
CA SER D 661 -13.90 -47.96 30.21
C SER D 661 -12.79 -48.48 29.31
N ARG D 662 -11.71 -48.96 29.92
CA ARG D 662 -10.60 -49.52 29.14
C ARG D 662 -11.03 -50.76 28.39
N LEU D 663 -11.87 -51.59 29.02
CA LEU D 663 -12.43 -52.75 28.32
C LEU D 663 -13.22 -52.31 27.09
N ASN D 664 -14.03 -51.27 27.25
CA ASN D 664 -14.85 -50.78 26.14
C ASN D 664 -13.96 -50.27 25.01
N ILE D 665 -12.93 -49.50 25.34
CA ILE D 665 -12.05 -48.97 24.30
C ILE D 665 -11.34 -50.13 23.59
N PHE D 666 -10.85 -51.10 24.37
CA PHE D 666 -10.19 -52.26 23.77
C PHE D 666 -11.10 -52.96 22.77
N LYS D 667 -12.32 -53.30 23.19
CA LYS D 667 -13.21 -54.03 22.31
C LYS D 667 -13.58 -53.19 21.10
N ALA D 668 -13.74 -51.88 21.28
CA ALA D 668 -14.04 -51.01 20.14
C ALA D 668 -12.90 -51.04 19.13
N ALA D 669 -11.66 -50.98 19.61
CA ALA D 669 -10.53 -50.99 18.70
C ALA D 669 -10.38 -52.34 18.00
N LEU D 670 -10.63 -53.43 18.72
CA LEU D 670 -10.59 -54.77 18.14
C LEU D 670 -11.95 -55.23 17.64
N ARG D 671 -12.97 -54.38 17.74
CA ARG D 671 -14.30 -54.79 17.33
C ARG D 671 -14.32 -55.19 15.86
N LYS D 672 -13.61 -54.44 15.02
CA LYS D 672 -13.57 -54.73 13.59
C LYS D 672 -12.68 -55.92 13.26
N SER D 673 -11.66 -56.20 14.08
CA SER D 673 -10.69 -57.22 13.74
C SER D 673 -11.00 -58.54 14.45
N PRO D 674 -10.63 -59.67 13.84
CA PRO D 674 -10.75 -60.95 14.55
C PRO D 674 -9.58 -61.19 15.47
N ILE D 675 -9.85 -61.82 16.60
CA ILE D 675 -8.84 -62.12 17.60
C ILE D 675 -8.82 -63.62 17.84
N ALA D 676 -7.64 -64.12 18.21
CA ALA D 676 -7.51 -65.54 18.53
C ALA D 676 -8.36 -65.89 19.74
N LYS D 677 -8.95 -67.08 19.70
CA LYS D 677 -9.84 -67.50 20.79
C LYS D 677 -9.12 -67.50 22.13
N ASP D 678 -7.80 -67.72 22.12
CA ASP D 678 -7.05 -67.72 23.37
C ASP D 678 -7.05 -66.35 24.03
N VAL D 679 -7.28 -65.29 23.27
CA VAL D 679 -7.17 -63.93 23.77
C VAL D 679 -8.56 -63.36 24.01
N ASP D 680 -8.84 -63.03 25.28
CA ASP D 680 -9.97 -62.21 25.66
C ASP D 680 -9.43 -60.89 26.16
N ILE D 681 -9.88 -59.79 25.56
CA ILE D 681 -9.24 -58.50 25.80
C ILE D 681 -9.64 -57.88 27.13
N GLY D 682 -10.77 -58.31 27.70
CA GLY D 682 -11.18 -57.76 28.98
C GLY D 682 -10.18 -58.07 30.08
N ALA D 683 -9.57 -59.26 30.03
CA ALA D 683 -8.57 -59.63 31.03
C ALA D 683 -7.40 -58.65 30.99
N LEU D 684 -6.92 -58.33 29.80
CA LEU D 684 -5.84 -57.35 29.67
C LEU D 684 -6.32 -55.96 30.11
N ALA D 685 -7.53 -55.59 29.73
CA ALA D 685 -8.07 -54.29 30.10
C ALA D 685 -8.15 -54.13 31.62
N LYS D 686 -8.35 -55.24 32.33
CA LYS D 686 -8.58 -55.16 33.77
C LYS D 686 -7.38 -54.55 34.49
N TYR D 687 -6.17 -54.98 34.14
CA TYR D 687 -4.99 -54.62 34.90
C TYR D 687 -4.24 -53.43 34.33
N THR D 688 -4.67 -52.88 33.19
CA THR D 688 -3.90 -51.83 32.50
C THR D 688 -4.42 -50.45 32.90
N GLN D 689 -4.34 -50.18 34.20
CA GLN D 689 -4.76 -48.90 34.75
C GLN D 689 -3.72 -47.83 34.44
N GLY D 690 -4.19 -46.59 34.32
CA GLY D 690 -3.32 -45.46 34.06
C GLY D 690 -2.92 -45.28 32.62
N PHE D 691 -3.53 -46.02 31.69
CA PHE D 691 -3.18 -45.97 30.28
C PHE D 691 -4.34 -45.39 29.49
N SER D 692 -4.04 -44.39 28.66
CA SER D 692 -5.08 -43.66 27.94
C SER D 692 -5.57 -44.47 26.74
N GLY D 693 -6.69 -44.01 26.17
CA GLY D 693 -7.26 -44.68 25.01
C GLY D 693 -6.32 -44.71 23.83
N ALA D 694 -5.52 -43.65 23.66
CA ALA D 694 -4.52 -43.65 22.59
C ALA D 694 -3.53 -44.80 22.77
N ASP D 695 -3.09 -45.03 24.01
CA ASP D 695 -2.20 -46.14 24.27
C ASP D 695 -2.89 -47.46 23.93
N ILE D 696 -4.18 -47.57 24.23
CA ILE D 696 -4.91 -48.78 23.87
C ILE D 696 -4.87 -48.97 22.35
N THR D 697 -5.18 -47.91 21.61
CA THR D 697 -5.19 -48.01 20.15
C THR D 697 -3.82 -48.45 19.65
N GLU D 698 -2.75 -47.94 20.25
CA GLU D 698 -1.41 -48.30 19.78
C GLU D 698 -1.03 -49.72 20.17
N ILE D 699 -1.47 -50.18 21.34
CA ILE D 699 -1.24 -51.57 21.70
C ILE D 699 -1.88 -52.49 20.69
N CYS D 700 -3.13 -52.19 20.31
CA CYS D 700 -3.79 -52.98 19.28
C CYS D 700 -3.07 -52.88 17.94
N GLN D 701 -2.64 -51.67 17.58
CA GLN D 701 -1.93 -51.50 16.31
C GLN D 701 -0.68 -52.35 16.28
N ARG D 702 0.09 -52.34 17.37
CA ARG D 702 1.34 -53.10 17.39
C ARG D 702 1.09 -54.59 17.47
N ALA D 703 0.01 -55.00 18.15
CA ALA D 703 -0.31 -56.43 18.21
C ALA D 703 -0.69 -56.96 16.83
N CYS D 704 -1.59 -56.25 16.16
CA CYS D 704 -1.91 -56.56 14.77
C CYS D 704 -0.67 -56.55 13.92
N LYS D 705 0.21 -55.58 14.14
CA LYS D 705 1.43 -55.44 13.36
C LYS D 705 2.35 -56.64 13.51
N TYR D 706 2.49 -57.16 14.74
CA TYR D 706 3.34 -58.32 14.94
C TYR D 706 2.69 -59.58 14.38
N ALA D 707 1.39 -59.78 14.61
CA ALA D 707 0.70 -60.87 13.93
C ALA D 707 0.86 -60.76 12.42
N ILE D 708 0.95 -59.53 11.93
CA ILE D 708 1.08 -59.26 10.51
C ILE D 708 2.44 -59.69 9.99
N ARG D 709 3.49 -59.36 10.74
CA ARG D 709 4.82 -59.88 10.43
C ARG D 709 4.81 -61.40 10.41
N GLU D 710 4.11 -62.00 11.37
CA GLU D 710 4.02 -63.47 11.41
C GLU D 710 3.38 -63.98 10.12
N ASN D 711 2.28 -63.35 9.70
CA ASN D 711 1.60 -63.78 8.49
C ASN D 711 2.51 -63.68 7.27
N ILE D 712 3.20 -62.55 7.13
CA ILE D 712 4.06 -62.39 5.96
C ILE D 712 5.24 -63.34 6.01
N GLU D 713 5.76 -63.65 7.20
CA GLU D 713 6.84 -64.61 7.30
C GLU D 713 6.36 -66.00 6.86
N LYS D 714 5.15 -66.38 7.28
CA LYS D 714 4.59 -67.64 6.81
C LYS D 714 4.43 -67.64 5.29
N ASP D 715 3.96 -66.53 4.73
CA ASP D 715 3.81 -66.43 3.28
C ASP D 715 5.16 -66.56 2.58
N ILE D 716 6.20 -65.92 3.13
CA ILE D 716 7.52 -65.99 2.53
C ILE D 716 8.07 -67.40 2.58
N GLU D 717 7.85 -68.09 3.71
CA GLU D 717 8.28 -69.48 3.81
C GLU D 717 7.53 -70.35 2.79
N LYS D 718 6.24 -70.09 2.60
CA LYS D 718 5.48 -70.82 1.59
C LYS D 718 6.04 -70.57 0.21
N GLU D 719 6.38 -69.33 -0.10
CA GLU D 719 6.97 -69.02 -1.40
C GLU D 719 8.33 -69.71 -1.57
N LYS D 720 9.12 -69.76 -0.51
CA LYS D 720 10.40 -70.47 -0.56
C LYS D 720 10.18 -71.95 -0.83
N ARG D 721 9.21 -72.55 -0.15
CA ARG D 721 8.92 -73.96 -0.38
C ARG D 721 8.47 -74.20 -1.82
N ARG D 722 7.61 -73.32 -2.35
CA ARG D 722 7.17 -73.46 -3.73
C ARG D 722 8.33 -73.32 -4.70
N SER D 723 9.27 -72.40 -4.41
CA SER D 723 10.47 -72.30 -5.23
C SER D 723 11.28 -73.59 -5.16
N GLU D 724 11.31 -74.23 -3.99
CA GLU D 724 11.99 -75.51 -3.86
C GLU D 724 11.31 -76.59 -4.70
N ASN D 725 9.98 -76.61 -4.70
CA ASN D 725 9.21 -77.61 -5.43
C ASN D 725 8.13 -76.89 -6.25
N PRO D 726 8.53 -76.19 -7.32
CA PRO D 726 7.53 -75.47 -8.12
C PRO D 726 6.49 -76.38 -8.74
N GLU D 727 6.87 -77.59 -9.14
CA GLU D 727 5.96 -78.51 -9.80
C GLU D 727 5.07 -79.27 -8.82
N ALA D 728 5.39 -79.24 -7.53
CA ALA D 728 4.56 -79.93 -6.53
C ALA D 728 3.18 -79.31 -6.49
N MET D 729 2.17 -80.06 -6.93
CA MET D 729 0.81 -79.55 -6.93
C MET D 729 0.39 -79.19 -5.51
N GLU D 730 -0.20 -78.00 -5.36
CA GLU D 730 -0.59 -77.49 -4.05
C GLU D 730 -1.78 -78.29 -3.55
N GLU D 731 -1.53 -79.20 -2.60
CA GLU D 731 -2.60 -79.96 -2.00
C GLU D 731 -3.63 -79.04 -1.34
N ASP D 732 -4.79 -79.60 -1.02
CA ASP D 732 -5.84 -78.84 -0.35
C ASP D 732 -5.58 -78.78 1.15
N GLY D 733 -4.37 -78.37 1.54
CA GLY D 733 -4.05 -78.22 2.94
C GLY D 733 -4.73 -76.99 3.52
N VAL D 734 -5.53 -77.19 4.56
CA VAL D 734 -6.26 -76.07 5.17
C VAL D 734 -5.26 -75.02 5.62
N ASP D 735 -5.32 -73.84 5.02
CA ASP D 735 -4.43 -72.76 5.40
C ASP D 735 -4.67 -72.38 6.87
N GLU D 736 -3.58 -72.29 7.63
CA GLU D 736 -3.69 -71.89 9.02
C GLU D 736 -4.38 -70.54 9.13
N VAL D 737 -5.32 -70.43 10.06
CA VAL D 737 -6.14 -69.22 10.17
C VAL D 737 -5.22 -68.09 10.65
N SER D 738 -5.07 -67.06 9.82
CA SER D 738 -4.22 -65.91 10.13
C SER D 738 -4.97 -65.03 11.12
N GLU D 739 -4.75 -65.28 12.40
CA GLU D 739 -5.38 -64.55 13.48
C GLU D 739 -4.35 -63.74 14.25
N ILE D 740 -4.86 -62.92 15.18
CA ILE D 740 -4.04 -62.12 16.07
C ILE D 740 -4.00 -62.85 17.42
N LYS D 741 -2.86 -63.45 17.74
CA LYS D 741 -2.74 -64.31 18.90
C LYS D 741 -2.13 -63.53 20.08
N ALA D 742 -2.09 -64.21 21.23
CA ALA D 742 -1.66 -63.54 22.46
C ALA D 742 -0.16 -63.25 22.45
N ALA D 743 0.63 -64.05 21.75
CA ALA D 743 2.07 -63.82 21.73
C ALA D 743 2.38 -62.46 21.12
N HIS D 744 1.67 -62.09 20.06
CA HIS D 744 1.91 -60.80 19.44
C HIS D 744 1.34 -59.66 20.27
N PHE D 745 0.32 -59.92 21.08
CA PHE D 745 -0.10 -58.93 22.07
C PHE D 745 1.01 -58.70 23.09
N GLU D 746 1.67 -59.78 23.52
CA GLU D 746 2.83 -59.65 24.40
C GLU D 746 3.90 -58.79 23.74
N GLU D 747 4.22 -59.10 22.48
CA GLU D 747 5.25 -58.37 21.76
C GLU D 747 4.89 -56.90 21.61
N SER D 748 3.61 -56.62 21.41
CA SER D 748 3.16 -55.23 21.28
C SER D 748 3.27 -54.49 22.60
N MET D 749 2.80 -55.09 23.69
CA MET D 749 2.86 -54.42 24.98
C MET D 749 4.30 -54.23 25.43
N LYS D 750 5.21 -55.07 24.94
CA LYS D 750 6.63 -54.84 25.21
C LYS D 750 7.04 -53.45 24.74
N TYR D 751 6.29 -52.89 23.78
CA TYR D 751 6.47 -51.51 23.34
C TYR D 751 5.25 -50.66 23.70
N ALA D 752 4.59 -50.97 24.82
CA ALA D 752 3.47 -50.19 25.31
C ALA D 752 3.98 -48.90 25.94
N ARG D 753 3.19 -47.84 25.82
CA ARG D 753 3.54 -46.51 26.34
C ARG D 753 2.43 -46.01 27.26
N ARG D 754 2.82 -45.10 28.15
CA ARG D 754 1.85 -44.32 28.93
C ARG D 754 2.28 -42.86 28.85
N SER D 755 1.61 -42.12 27.97
CA SER D 755 2.00 -40.73 27.71
C SER D 755 1.80 -39.84 28.92
N VAL D 756 0.79 -40.14 29.75
CA VAL D 756 0.44 -39.30 30.89
C VAL D 756 1.07 -39.90 32.15
N SER D 757 1.72 -39.06 32.93
CA SER D 757 2.29 -39.45 34.21
C SER D 757 1.34 -39.08 35.34
N ASP D 758 1.62 -39.65 36.52
CA ASP D 758 0.80 -39.34 37.69
C ASP D 758 0.91 -37.88 38.09
N ALA D 759 1.96 -37.17 37.66
CA ALA D 759 2.07 -35.76 37.98
C ALA D 759 1.07 -34.93 37.19
N ASP D 760 0.85 -35.28 35.92
CA ASP D 760 -0.16 -34.57 35.14
C ASP D 760 -1.55 -34.79 35.72
N ILE D 761 -1.86 -36.03 36.13
CA ILE D 761 -3.15 -36.30 36.75
C ILE D 761 -3.22 -35.59 38.10
N ARG D 762 -2.10 -35.45 38.79
CA ARG D 762 -2.09 -34.69 40.03
C ARG D 762 -2.43 -33.23 39.78
N LYS D 763 -1.91 -32.66 38.70
CA LYS D 763 -2.27 -31.30 38.32
C LYS D 763 -3.75 -31.21 38.00
N TYR D 764 -4.26 -32.20 37.27
CA TYR D 764 -5.67 -32.17 36.88
C TYR D 764 -6.57 -32.25 38.11
N GLN D 765 -6.22 -33.11 39.07
CA GLN D 765 -7.04 -33.22 40.27
C GLN D 765 -6.85 -32.01 41.18
N ALA D 766 -5.69 -31.35 41.10
CA ALA D 766 -5.55 -30.07 41.81
C ALA D 766 -6.50 -29.04 41.25
N PHE D 767 -6.62 -28.98 39.92
CA PHE D 767 -7.61 -28.09 39.31
C PHE D 767 -9.02 -28.51 39.72
N ALA D 768 -9.28 -29.81 39.73
CA ALA D 768 -10.61 -30.31 40.13
C ALA D 768 -10.92 -29.96 41.58
N GLN D 769 -9.90 -29.94 42.44
CA GLN D 769 -10.11 -29.56 43.83
C GLN D 769 -10.36 -28.06 43.94
N THR D 770 -9.55 -27.26 43.25
CA THR D 770 -9.78 -25.82 43.22
C THR D 770 -11.18 -25.50 42.71
N LEU D 771 -11.75 -26.40 41.90
CA LEU D 771 -13.12 -26.20 41.42
C LEU D 771 -14.14 -26.69 42.44
N GLN D 772 -13.88 -27.84 43.06
CA GLN D 772 -14.87 -28.50 43.90
C GLN D 772 -15.25 -27.67 45.11
N GLN D 773 -14.32 -27.48 46.05
CA GLN D 773 -14.52 -26.65 47.23
C GLN D 773 -15.92 -26.83 47.83
N SER D 774 -16.39 -28.07 47.92
CA SER D 774 -17.73 -28.38 48.40
C SER D 774 -17.61 -29.12 49.73
N ARG D 775 -18.18 -28.55 50.78
CA ARG D 775 -18.16 -29.16 52.11
C ARG D 775 -19.06 -28.33 53.03
N GLY D 776 -19.24 -28.85 54.24
CA GLY D 776 -19.96 -28.12 55.28
C GLY D 776 -21.44 -28.43 55.37
N PHE D 777 -22.20 -28.12 54.32
CA PHE D 777 -23.66 -28.23 54.36
C PHE D 777 -24.18 -29.45 53.61
N GLY D 778 -23.37 -30.50 53.48
CA GLY D 778 -23.84 -31.70 52.81
C GLY D 778 -25.04 -32.32 53.51
N SER D 779 -25.00 -32.35 54.85
CA SER D 779 -26.09 -32.93 55.62
C SER D 779 -26.46 -32.12 56.86
N GLU D 780 -25.81 -30.98 57.11
CA GLU D 780 -26.07 -30.20 58.30
C GLU D 780 -27.29 -29.29 58.17
N PHE D 781 -27.92 -29.24 57.01
CA PHE D 781 -29.03 -28.33 56.75
C PHE D 781 -30.34 -29.13 56.77
N ARG D 782 -31.29 -28.67 57.57
CA ARG D 782 -32.66 -29.19 57.53
C ARG D 782 -33.59 -28.17 58.14
N PHE D 783 -34.77 -28.05 57.54
CA PHE D 783 -35.77 -27.08 57.98
C PHE D 783 -36.50 -27.59 59.22
N GLU D 784 -37.02 -26.63 60.00
CA GLU D 784 -37.75 -26.95 61.21
C GLU D 784 -39.09 -27.59 60.89
N PRO E 32 2.30 -57.78 -38.65
CA PRO E 32 3.22 -58.36 -39.62
C PRO E 32 3.57 -57.41 -40.76
N ASN E 33 2.74 -56.39 -40.95
CA ASN E 33 2.95 -55.41 -42.01
C ASN E 33 3.75 -54.20 -41.54
N ARG E 34 4.21 -54.19 -40.29
CA ARG E 34 5.04 -53.12 -39.76
C ARG E 34 6.50 -53.54 -39.82
N LEU E 35 7.34 -52.68 -40.39
CA LEU E 35 8.75 -52.98 -40.56
C LEU E 35 9.58 -51.75 -40.21
N VAL E 36 10.83 -51.98 -39.82
CA VAL E 36 11.76 -50.93 -39.45
C VAL E 36 12.44 -50.41 -40.70
N VAL E 37 12.61 -49.08 -40.77
CA VAL E 37 13.22 -48.45 -41.93
C VAL E 37 14.72 -48.73 -41.94
N ASP E 38 15.25 -49.02 -43.12
CA ASP E 38 16.67 -49.28 -43.29
C ASP E 38 17.14 -48.73 -44.63
N GLU E 39 18.45 -48.53 -44.75
CA GLU E 39 19.02 -48.01 -45.98
C GLU E 39 18.86 -49.03 -47.11
N ALA E 40 18.53 -48.55 -48.29
CA ALA E 40 18.30 -49.40 -49.45
C ALA E 40 19.51 -49.40 -50.38
N ILE E 41 19.76 -50.56 -50.97
CA ILE E 41 20.86 -50.66 -51.94
C ILE E 41 20.55 -49.80 -53.17
N ASN E 42 19.32 -49.84 -53.65
CA ASN E 42 18.93 -49.06 -54.81
C ASN E 42 18.60 -47.63 -54.41
N ASP E 43 19.14 -46.67 -55.16
CA ASP E 43 18.91 -45.26 -54.91
C ASP E 43 17.69 -44.71 -55.64
N ASP E 44 16.98 -45.56 -56.39
CA ASP E 44 15.80 -45.11 -57.12
C ASP E 44 14.77 -44.54 -56.16
N ASN E 45 14.15 -43.43 -56.57
CA ASN E 45 13.23 -42.72 -55.68
C ASN E 45 11.90 -43.46 -55.53
N SER E 46 11.46 -44.16 -56.58
CA SER E 46 10.15 -44.78 -56.60
C SER E 46 10.20 -46.29 -56.35
N VAL E 47 11.34 -46.80 -55.88
CA VAL E 47 11.52 -48.23 -55.64
C VAL E 47 11.90 -48.43 -54.18
N VAL E 48 11.24 -49.39 -53.53
CA VAL E 48 11.55 -49.79 -52.16
C VAL E 48 11.77 -51.30 -52.14
N SER E 49 12.51 -51.75 -51.15
CA SER E 49 12.89 -53.14 -51.02
C SER E 49 12.29 -53.75 -49.76
N LEU E 50 11.81 -54.99 -49.88
CA LEU E 50 11.23 -55.71 -48.77
C LEU E 50 11.75 -57.14 -48.78
N HIS E 51 11.76 -57.75 -47.60
CA HIS E 51 12.24 -59.12 -47.46
C HIS E 51 11.26 -60.06 -48.16
N PRO E 52 11.75 -61.00 -48.99
CA PRO E 52 10.81 -61.78 -49.82
C PRO E 52 9.72 -62.50 -49.03
N ALA E 53 10.09 -63.22 -47.98
CA ALA E 53 9.08 -63.90 -47.17
C ALA E 53 8.09 -62.91 -46.57
N THR E 54 8.56 -61.72 -46.17
CA THR E 54 7.66 -60.71 -45.67
C THR E 54 6.67 -60.28 -46.74
N MET E 55 7.15 -60.11 -47.98
CA MET E 55 6.25 -59.77 -49.08
C MET E 55 5.23 -60.88 -49.30
N GLU E 56 5.67 -62.14 -49.22
CA GLU E 56 4.75 -63.26 -49.40
C GLU E 56 3.68 -63.26 -48.33
N LYS E 57 4.07 -62.96 -47.08
CA LYS E 57 3.08 -62.87 -46.01
C LYS E 57 2.04 -61.80 -46.31
N LEU E 58 2.47 -60.70 -46.92
CA LEU E 58 1.56 -59.63 -47.34
C LEU E 58 1.03 -59.83 -48.75
N GLN E 59 1.38 -60.94 -49.40
CA GLN E 59 0.89 -61.26 -50.74
C GLN E 59 1.34 -60.18 -51.75
N LEU E 60 2.54 -59.66 -51.56
CA LEU E 60 3.10 -58.64 -52.42
C LEU E 60 4.10 -59.27 -53.39
N PHE E 61 4.02 -58.91 -54.66
CA PHE E 61 4.91 -59.40 -55.69
C PHE E 61 5.85 -58.30 -56.14
N ARG E 62 6.99 -58.72 -56.71
CA ARG E 62 7.98 -57.77 -57.18
C ARG E 62 7.40 -56.90 -58.28
N GLY E 63 7.66 -55.59 -58.19
CA GLY E 63 7.19 -54.64 -59.18
C GLY E 63 5.81 -54.08 -58.92
N ASP E 64 5.09 -54.59 -57.92
CA ASP E 64 3.76 -54.09 -57.62
C ASP E 64 3.84 -52.74 -56.91
N THR E 65 2.74 -51.99 -56.98
CA THR E 65 2.62 -50.72 -56.29
C THR E 65 2.05 -50.94 -54.90
N ILE E 66 2.75 -50.42 -53.89
CA ILE E 66 2.36 -50.60 -52.50
C ILE E 66 2.24 -49.23 -51.83
N LEU E 67 1.25 -49.11 -50.95
CA LEU E 67 1.04 -47.88 -50.19
C LEU E 67 1.73 -48.01 -48.84
N ILE E 68 2.64 -47.08 -48.54
CA ILE E 68 3.42 -47.09 -47.31
C ILE E 68 2.96 -45.91 -46.46
N LYS E 69 2.64 -46.18 -45.20
CA LYS E 69 2.21 -45.16 -44.26
C LYS E 69 3.32 -44.92 -43.25
N GLY E 70 3.70 -43.66 -43.06
CA GLY E 70 4.77 -43.31 -42.15
C GLY E 70 4.31 -42.51 -40.96
N LYS E 71 5.01 -41.42 -40.67
CA LYS E 71 4.69 -40.56 -39.54
C LYS E 71 3.81 -39.40 -39.99
N LYS E 72 3.15 -38.78 -39.01
CA LYS E 72 2.28 -37.63 -39.25
C LYS E 72 1.16 -37.98 -40.21
N ARG E 73 0.76 -39.25 -40.25
CA ARG E 73 -0.29 -39.73 -41.15
C ARG E 73 0.04 -39.40 -42.60
N LYS E 74 1.32 -39.36 -42.94
CA LYS E 74 1.77 -39.13 -44.31
C LYS E 74 2.17 -40.47 -44.91
N ASP E 75 1.58 -40.79 -46.07
CA ASP E 75 1.86 -42.03 -46.77
C ASP E 75 2.37 -41.73 -48.17
N THR E 76 2.93 -42.76 -48.80
CA THR E 76 3.47 -42.65 -50.15
C THR E 76 3.29 -43.98 -50.86
N VAL E 77 3.51 -43.96 -52.17
CA VAL E 77 3.38 -45.14 -53.01
C VAL E 77 4.73 -45.43 -53.64
N CYS E 78 5.17 -46.69 -53.55
CA CYS E 78 6.47 -47.09 -54.06
C CYS E 78 6.35 -48.47 -54.69
N ILE E 79 7.31 -48.78 -55.56
CA ILE E 79 7.38 -50.08 -56.23
C ILE E 79 8.10 -51.05 -55.31
N ALA E 80 7.44 -52.15 -54.99
CA ALA E 80 7.98 -53.13 -54.04
C ALA E 80 8.82 -54.17 -54.78
N LEU E 81 10.06 -54.34 -54.34
CA LEU E 81 10.95 -55.33 -54.90
C LEU E 81 11.46 -56.24 -53.79
N ALA E 82 11.68 -57.51 -54.14
CA ALA E 82 12.17 -58.49 -53.18
C ALA E 82 13.67 -58.34 -52.99
N ASP E 83 14.11 -58.27 -51.74
CA ASP E 83 15.52 -58.13 -51.39
C ASP E 83 15.83 -59.13 -50.27
N GLU E 84 16.51 -60.22 -50.62
CA GLU E 84 16.83 -61.24 -49.64
C GLU E 84 17.79 -60.74 -48.58
N THR E 85 18.64 -59.77 -48.89
CA THR E 85 19.58 -59.24 -47.92
C THR E 85 18.91 -58.36 -46.87
N CYS E 86 17.65 -57.99 -47.05
CA CYS E 86 16.93 -57.17 -46.10
C CYS E 86 16.32 -58.05 -45.01
N GLU E 87 16.47 -57.64 -43.75
CA GLU E 87 15.97 -58.43 -42.64
C GLU E 87 14.46 -58.53 -42.68
N GLU E 88 13.93 -59.64 -42.16
CA GLU E 88 12.49 -59.88 -42.17
C GLU E 88 11.70 -58.75 -41.53
N PRO E 89 12.03 -58.28 -40.32
CA PRO E 89 11.29 -57.16 -39.72
C PRO E 89 11.74 -55.78 -40.17
N LYS E 90 12.53 -55.69 -41.24
CA LYS E 90 13.04 -54.41 -41.73
C LYS E 90 12.55 -54.16 -43.14
N ILE E 91 12.42 -52.88 -43.48
CA ILE E 91 12.06 -52.44 -44.82
C ILE E 91 13.14 -51.47 -45.29
N ARG E 92 13.65 -51.68 -46.50
CA ARG E 92 14.75 -50.89 -47.03
C ARG E 92 14.22 -49.89 -48.04
N MET E 93 14.62 -48.63 -47.88
CA MET E 93 14.19 -47.57 -48.78
C MET E 93 15.15 -46.39 -48.65
N ASN E 94 15.23 -45.59 -49.71
CA ASN E 94 16.25 -44.57 -49.83
C ASN E 94 15.84 -43.28 -49.12
N LYS E 95 16.69 -42.27 -49.25
CA LYS E 95 16.44 -41.00 -48.56
C LYS E 95 15.18 -40.32 -49.07
N VAL E 96 14.92 -40.41 -50.38
CA VAL E 96 13.77 -39.72 -50.96
C VAL E 96 12.48 -40.26 -50.36
N VAL E 97 12.34 -41.59 -50.29
CA VAL E 97 11.13 -42.17 -49.73
C VAL E 97 11.07 -41.91 -48.24
N ARG E 98 12.22 -41.90 -47.56
CA ARG E 98 12.25 -41.52 -46.15
C ARG E 98 11.65 -40.13 -45.94
N SER E 99 12.05 -39.18 -46.79
CA SER E 99 11.47 -37.83 -46.70
C SER E 99 9.98 -37.86 -47.01
N ASN E 100 9.58 -38.64 -48.01
CA ASN E 100 8.17 -38.72 -48.36
C ASN E 100 7.36 -39.30 -47.20
N LEU E 101 7.89 -40.32 -46.52
CA LEU E 101 7.21 -40.91 -45.38
C LEU E 101 7.45 -40.16 -44.08
N ARG E 102 8.33 -39.16 -44.08
CA ARG E 102 8.63 -38.38 -42.89
C ARG E 102 9.17 -39.27 -41.78
N VAL E 103 10.00 -40.24 -42.14
CA VAL E 103 10.59 -41.17 -41.19
C VAL E 103 12.09 -41.25 -41.44
N ARG E 104 12.80 -41.75 -40.44
CA ARG E 104 14.25 -41.89 -40.49
C ARG E 104 14.62 -43.32 -40.11
N LEU E 105 15.91 -43.60 -40.09
CA LEU E 105 16.38 -44.94 -39.76
C LEU E 105 15.93 -45.34 -38.37
N GLY E 106 15.47 -46.58 -38.24
CA GLY E 106 14.98 -47.10 -36.98
C GLY E 106 13.50 -46.91 -36.76
N ASP E 107 12.84 -46.07 -37.55
CA ASP E 107 11.41 -45.86 -37.40
C ASP E 107 10.64 -47.05 -37.97
N VAL E 108 9.43 -47.26 -37.45
CA VAL E 108 8.56 -48.34 -37.89
C VAL E 108 7.49 -47.77 -38.80
N ILE E 109 7.32 -48.38 -39.97
CA ILE E 109 6.34 -47.95 -40.95
C ILE E 109 5.52 -49.16 -41.38
N SER E 110 4.34 -48.88 -41.92
CA SER E 110 3.39 -49.91 -42.32
C SER E 110 3.27 -49.94 -43.84
N VAL E 111 3.18 -51.15 -44.38
CA VAL E 111 3.06 -51.37 -45.82
C VAL E 111 1.75 -52.10 -46.09
N HIS E 112 0.96 -51.58 -47.03
CA HIS E 112 -0.33 -52.15 -47.38
C HIS E 112 -0.42 -52.31 -48.89
N GLN E 113 -1.15 -53.33 -49.32
CA GLN E 113 -1.34 -53.56 -50.74
C GLN E 113 -2.08 -52.38 -51.37
N CYS E 114 -1.60 -51.94 -52.53
CA CYS E 114 -2.19 -50.84 -53.27
C CYS E 114 -2.36 -51.25 -54.73
N PRO E 115 -3.27 -52.19 -55.00
CA PRO E 115 -3.56 -52.57 -56.39
C PRO E 115 -4.48 -51.60 -57.12
N ASP E 116 -4.89 -50.50 -56.47
CA ASP E 116 -5.81 -49.54 -57.05
C ASP E 116 -5.10 -48.33 -57.63
N VAL E 117 -3.77 -48.36 -57.71
CA VAL E 117 -3.02 -47.24 -58.29
C VAL E 117 -3.26 -47.26 -59.80
N LYS E 118 -3.93 -46.23 -60.30
CA LYS E 118 -4.25 -46.13 -61.72
C LYS E 118 -3.19 -45.31 -62.45
N TYR E 119 -2.97 -45.66 -63.72
CA TYR E 119 -2.02 -44.94 -64.54
C TYR E 119 -2.46 -43.48 -64.66
N GLY E 120 -1.57 -42.57 -64.29
CA GLY E 120 -1.89 -41.16 -64.26
C GLY E 120 -2.27 -40.58 -65.60
N LYS E 121 -3.46 -39.98 -65.68
CA LYS E 121 -3.84 -39.25 -66.89
C LYS E 121 -3.09 -37.92 -66.98
N ARG E 122 -2.97 -37.21 -65.86
CA ARG E 122 -2.21 -35.98 -65.79
C ARG E 122 -1.63 -35.83 -64.40
N VAL E 123 -0.38 -35.37 -64.33
CA VAL E 123 0.32 -35.16 -63.06
C VAL E 123 0.93 -33.77 -63.10
N HIS E 124 0.75 -33.02 -62.01
CA HIS E 124 1.30 -31.68 -61.88
C HIS E 124 2.44 -31.73 -60.87
N ILE E 125 3.66 -31.48 -61.35
CA ILE E 125 4.86 -31.50 -60.53
C ILE E 125 5.63 -30.21 -60.79
N LEU E 126 6.16 -29.61 -59.73
CA LEU E 126 6.90 -28.36 -59.84
C LEU E 126 8.26 -28.50 -59.21
N PRO E 127 9.24 -27.70 -59.68
CA PRO E 127 10.61 -27.83 -59.16
C PRO E 127 10.87 -26.99 -57.92
N VAL E 128 12.11 -27.00 -57.45
CA VAL E 128 12.53 -26.17 -56.33
C VAL E 128 13.19 -24.92 -56.87
N ASP E 129 13.03 -23.81 -56.14
CA ASP E 129 13.50 -22.52 -56.63
C ASP E 129 15.01 -22.51 -56.82
N ASP E 130 15.75 -23.03 -55.84
CA ASP E 130 17.21 -22.97 -55.91
C ASP E 130 17.79 -24.00 -56.86
N THR E 131 17.12 -25.14 -57.05
CA THR E 131 17.65 -26.20 -57.90
C THR E 131 17.51 -25.90 -59.39
N VAL E 132 16.75 -24.86 -59.76
CA VAL E 132 16.51 -24.57 -61.17
C VAL E 132 17.38 -23.45 -61.71
N GLU E 133 18.06 -22.69 -60.85
CA GLU E 133 18.94 -21.63 -61.32
C GLU E 133 20.06 -22.21 -62.18
N GLY E 134 20.29 -21.58 -63.33
CA GLY E 134 21.30 -22.03 -64.26
C GLY E 134 20.82 -23.05 -65.28
N VAL E 135 19.58 -23.53 -65.17
CA VAL E 135 19.01 -24.49 -66.11
C VAL E 135 18.10 -23.74 -67.06
N THR E 136 18.32 -23.93 -68.37
CA THR E 136 17.57 -23.24 -69.40
C THR E 136 16.67 -24.23 -70.13
N GLY E 137 15.47 -23.80 -70.47
CA GLY E 137 14.51 -24.63 -71.16
C GLY E 137 13.41 -25.12 -70.23
N ASN E 138 12.73 -26.17 -70.69
CA ASN E 138 11.65 -26.79 -69.92
C ASN E 138 12.26 -27.81 -68.97
N LEU E 139 12.14 -27.56 -67.66
CA LEU E 139 12.67 -28.49 -66.68
C LEU E 139 11.99 -29.84 -66.76
N PHE E 140 10.74 -29.88 -67.22
CA PHE E 140 10.05 -31.15 -67.40
C PHE E 140 10.77 -32.02 -68.44
N ASP E 141 11.05 -31.44 -69.61
CA ASP E 141 11.71 -32.21 -70.66
C ASP E 141 13.11 -32.65 -70.23
N ALA E 142 13.85 -31.77 -69.56
CA ALA E 142 15.22 -32.08 -69.19
C ALA E 142 15.27 -33.23 -68.18
N TYR E 143 14.42 -33.17 -67.14
CA TYR E 143 14.52 -34.09 -66.02
C TYR E 143 13.30 -35.00 -65.90
N LEU E 144 12.09 -34.43 -65.80
CA LEU E 144 10.92 -35.24 -65.47
C LEU E 144 10.47 -36.10 -66.64
N LYS E 145 10.57 -35.59 -67.86
CA LYS E 145 10.09 -36.36 -69.01
C LYS E 145 10.83 -37.68 -69.16
N PRO E 146 12.17 -37.73 -69.16
CA PRO E 146 12.85 -39.03 -69.19
C PRO E 146 12.77 -39.77 -67.86
N TYR E 147 12.62 -39.05 -66.75
CA TYR E 147 12.55 -39.69 -65.44
C TYR E 147 11.27 -40.52 -65.29
N PHE E 148 10.18 -40.07 -65.90
CA PHE E 148 8.89 -40.76 -65.79
C PHE E 148 8.55 -41.59 -67.03
N LEU E 149 9.14 -41.28 -68.18
CA LEU E 149 8.79 -41.99 -69.41
C LEU E 149 9.23 -43.45 -69.31
N GLU E 150 8.27 -44.36 -69.41
CA GLU E 150 8.45 -45.81 -69.39
C GLU E 150 8.95 -46.32 -68.04
N ALA E 151 9.13 -45.45 -67.04
CA ALA E 151 9.56 -45.89 -65.71
C ALA E 151 8.39 -46.32 -64.84
N TYR E 152 7.17 -45.85 -65.12
CA TYR E 152 5.98 -46.25 -64.37
C TYR E 152 6.18 -46.02 -62.87
N ARG E 153 6.75 -44.87 -62.54
CA ARG E 153 7.02 -44.56 -61.14
C ARG E 153 5.76 -44.04 -60.46
N PRO E 154 5.27 -44.69 -59.40
CA PRO E 154 4.11 -44.14 -58.69
C PRO E 154 4.44 -42.80 -58.07
N VAL E 155 3.44 -41.92 -58.05
CA VAL E 155 3.59 -40.58 -57.50
C VAL E 155 2.35 -40.25 -56.68
N ARG E 156 2.56 -39.60 -55.54
CA ARG E 156 1.49 -39.20 -54.64
C ARG E 156 1.56 -37.69 -54.42
N LYS E 157 0.41 -37.09 -54.14
CA LYS E 157 0.34 -35.66 -53.91
C LYS E 157 1.29 -35.26 -52.79
N GLY E 158 2.11 -34.24 -53.06
CA GLY E 158 3.06 -33.74 -52.09
C GLY E 158 4.37 -34.50 -52.03
N ASP E 159 4.52 -35.57 -52.81
CA ASP E 159 5.77 -36.32 -52.81
C ASP E 159 6.90 -35.50 -53.42
N LEU E 160 8.11 -35.76 -52.96
CA LEU E 160 9.31 -35.09 -53.45
C LEU E 160 10.33 -36.13 -53.89
N PHE E 161 11.16 -35.75 -54.85
CA PHE E 161 12.19 -36.65 -55.35
C PHE E 161 13.27 -35.82 -56.04
N LEU E 162 14.43 -36.45 -56.23
CA LEU E 162 15.57 -35.83 -56.89
C LEU E 162 15.84 -36.54 -58.20
N VAL E 163 15.96 -35.77 -59.28
CA VAL E 163 16.17 -36.29 -60.62
C VAL E 163 17.51 -35.81 -61.11
N ARG E 164 18.30 -36.73 -61.68
CA ARG E 164 19.64 -36.43 -62.17
C ARG E 164 19.60 -36.24 -63.68
N GLY E 165 20.23 -35.16 -64.14
CA GLY E 165 20.28 -34.87 -65.56
C GLY E 165 21.08 -33.63 -65.88
N GLY E 166 21.78 -33.64 -67.00
CA GLY E 166 22.58 -32.48 -67.40
C GLY E 166 23.62 -32.10 -66.36
N MET E 167 24.28 -33.10 -65.76
CA MET E 167 25.34 -32.93 -64.77
C MET E 167 24.80 -32.42 -63.44
N ARG E 168 23.52 -32.08 -63.34
CA ARG E 168 22.95 -31.47 -62.15
C ARG E 168 21.76 -32.29 -61.67
N SER E 169 21.53 -32.25 -60.36
CA SER E 169 20.40 -32.91 -59.72
C SER E 169 19.40 -31.84 -59.30
N VAL E 170 18.15 -31.99 -59.71
CA VAL E 170 17.10 -31.00 -59.50
C VAL E 170 15.97 -31.64 -58.71
N GLU E 171 15.56 -30.97 -57.64
CA GLU E 171 14.47 -31.47 -56.80
C GLU E 171 13.13 -31.11 -57.41
N PHE E 172 12.16 -32.01 -57.29
CA PHE E 172 10.82 -31.80 -57.81
C PHE E 172 9.80 -32.25 -56.78
N LYS E 173 8.70 -31.50 -56.67
CA LYS E 173 7.62 -31.81 -55.75
C LYS E 173 6.34 -32.04 -56.54
N VAL E 174 5.63 -33.11 -56.21
CA VAL E 174 4.38 -33.44 -56.89
C VAL E 174 3.28 -32.57 -56.33
N ILE E 175 2.57 -31.85 -57.20
CA ILE E 175 1.52 -30.95 -56.78
C ILE E 175 0.16 -31.65 -56.74
N GLU E 176 -0.19 -32.37 -57.81
CA GLU E 176 -1.48 -33.04 -57.88
C GLU E 176 -1.37 -34.21 -58.84
N THR E 177 -2.29 -35.16 -58.69
CA THR E 177 -2.39 -36.32 -59.56
C THR E 177 -3.84 -36.47 -60.01
N ASP E 178 -4.01 -37.09 -61.19
CA ASP E 178 -5.33 -37.21 -61.79
C ASP E 178 -6.29 -37.94 -60.85
N PRO E 179 -5.91 -39.08 -60.27
CA PRO E 179 -6.79 -39.72 -59.28
C PRO E 179 -7.02 -38.88 -58.04
N ALA E 180 -6.17 -37.87 -57.80
CA ALA E 180 -6.22 -36.97 -56.64
C ALA E 180 -5.65 -37.64 -55.40
N GLU E 181 -5.21 -38.89 -55.48
CA GLU E 181 -4.54 -39.55 -54.37
C GLU E 181 -3.13 -39.96 -54.76
N TYR E 182 -3.02 -40.74 -55.84
CA TYR E 182 -1.73 -41.18 -56.34
C TYR E 182 -1.95 -41.91 -57.66
N CYS E 183 -0.91 -41.97 -58.47
CA CYS E 183 -0.99 -42.58 -59.79
C CYS E 183 0.39 -43.04 -60.23
N VAL E 184 0.41 -43.93 -61.22
CA VAL E 184 1.65 -44.37 -61.83
C VAL E 184 1.83 -43.56 -63.12
N VAL E 185 2.93 -42.81 -63.19
CA VAL E 185 3.18 -41.94 -64.34
C VAL E 185 3.65 -42.81 -65.49
N ALA E 186 2.83 -42.93 -66.51
CA ALA E 186 3.09 -43.75 -67.68
C ALA E 186 3.58 -42.88 -68.83
N PRO E 187 4.12 -43.50 -69.89
CA PRO E 187 4.56 -42.70 -71.04
C PRO E 187 3.45 -41.84 -71.63
N ASP E 188 2.20 -42.32 -71.60
CA ASP E 188 1.08 -41.54 -72.08
C ASP E 188 0.63 -40.48 -71.08
N THR E 189 1.15 -40.50 -69.86
CA THR E 189 0.76 -39.52 -68.86
C THR E 189 1.24 -38.13 -69.26
N GLU E 190 0.37 -37.14 -69.11
CA GLU E 190 0.70 -35.76 -69.41
C GLU E 190 1.18 -35.08 -68.14
N ILE E 191 2.49 -34.88 -68.03
CA ILE E 191 3.10 -34.26 -66.86
C ILE E 191 3.27 -32.78 -67.13
N PHE E 192 2.72 -31.95 -66.24
CA PHE E 192 2.75 -30.50 -66.38
C PHE E 192 3.61 -29.90 -65.28
N CYS E 193 4.50 -28.97 -65.68
CA CYS E 193 5.39 -28.29 -64.74
C CYS E 193 5.25 -26.78 -64.87
N GLU E 194 4.05 -26.29 -65.14
CA GLU E 194 3.79 -24.86 -65.26
C GLU E 194 3.30 -24.34 -63.90
N GLY E 195 4.18 -23.65 -63.18
CA GLY E 195 3.82 -23.12 -61.89
C GLY E 195 5.03 -22.48 -61.23
N GLU E 196 4.78 -21.94 -60.04
CA GLU E 196 5.83 -21.27 -59.29
C GLU E 196 6.80 -22.31 -58.71
N PRO E 197 8.08 -21.97 -58.62
CA PRO E 197 9.03 -22.90 -57.97
C PRO E 197 8.73 -23.04 -56.49
N VAL E 198 9.09 -24.20 -55.95
CA VAL E 198 8.89 -24.52 -54.54
C VAL E 198 10.09 -24.02 -53.75
N LYS E 199 9.81 -23.37 -52.62
CA LYS E 199 10.88 -22.81 -51.79
C LYS E 199 11.49 -23.89 -50.92
N ARG E 200 12.83 -23.95 -50.90
CA ARG E 200 13.53 -24.97 -50.12
C ARG E 200 13.33 -24.76 -48.63
N GLU E 201 13.42 -23.51 -48.17
CA GLU E 201 13.28 -23.24 -46.74
C GLU E 201 11.89 -23.64 -46.24
N ASP E 202 10.85 -23.29 -46.99
CA ASP E 202 9.51 -23.72 -46.60
C ASP E 202 9.35 -25.22 -46.71
N GLU E 203 10.00 -25.85 -47.69
CA GLU E 203 9.94 -27.30 -47.82
C GLU E 203 10.58 -27.99 -46.63
N GLU E 204 11.62 -27.38 -46.04
CA GLU E 204 12.29 -27.99 -44.90
C GLU E 204 11.34 -28.16 -43.71
N ARG E 205 10.24 -27.41 -43.68
CA ARG E 205 9.27 -27.58 -42.60
C ARG E 205 8.61 -28.95 -42.65
N LEU E 206 8.72 -29.67 -43.78
CA LEU E 206 8.10 -30.99 -43.89
C LEU E 206 8.64 -31.96 -42.85
N ASP E 207 9.84 -31.71 -42.32
CA ASP E 207 10.38 -32.52 -41.23
C ASP E 207 9.72 -32.11 -39.92
N ASP E 208 8.39 -32.22 -39.91
CA ASP E 208 7.59 -31.78 -38.79
C ASP E 208 7.87 -32.64 -37.55
N VAL E 209 7.70 -32.03 -36.39
CA VAL E 209 8.06 -32.67 -35.13
C VAL E 209 7.14 -33.85 -34.86
N GLY E 210 7.70 -34.92 -34.32
CA GLY E 210 6.94 -36.08 -33.90
C GLY E 210 7.22 -36.44 -32.46
N TYR E 211 6.73 -37.60 -32.01
CA TYR E 211 7.00 -38.04 -30.65
C TYR E 211 8.49 -38.25 -30.42
N ASP E 212 9.23 -38.62 -31.46
CA ASP E 212 10.64 -38.97 -31.30
C ASP E 212 11.52 -37.75 -31.07
N ASP E 213 11.03 -36.55 -31.37
CA ASP E 213 11.81 -35.33 -31.24
C ASP E 213 11.72 -34.71 -29.85
N VAL E 214 11.09 -35.39 -28.90
CA VAL E 214 11.01 -34.94 -27.53
C VAL E 214 11.52 -36.05 -26.62
N GLY E 215 11.95 -35.66 -25.43
CA GLY E 215 12.46 -36.63 -24.47
C GLY E 215 12.33 -36.13 -23.05
N GLY E 216 12.51 -37.06 -22.11
CA GLY E 216 12.43 -36.75 -20.70
C GLY E 216 11.02 -36.64 -20.15
N VAL E 217 10.01 -36.89 -20.97
CA VAL E 217 8.61 -36.71 -20.56
C VAL E 217 7.80 -37.96 -20.89
N ARG E 218 8.45 -39.11 -20.86
CA ARG E 218 7.81 -40.35 -21.31
C ARG E 218 6.44 -40.56 -20.65
N LYS E 219 6.39 -40.45 -19.33
CA LYS E 219 5.14 -40.67 -18.62
C LYS E 219 4.13 -39.56 -18.93
N GLN E 220 4.56 -38.30 -18.81
CA GLN E 220 3.68 -37.20 -19.16
C GLN E 220 3.32 -37.27 -20.64
N MET E 221 4.25 -37.74 -21.47
CA MET E 221 3.96 -37.93 -22.89
C MET E 221 2.83 -38.93 -23.08
N ALA E 222 2.86 -40.04 -22.35
CA ALA E 222 1.77 -41.01 -22.45
C ALA E 222 0.46 -40.41 -21.99
N GLN E 223 0.47 -39.68 -20.87
CA GLN E 223 -0.76 -39.08 -20.38
C GLN E 223 -1.35 -38.12 -21.39
N ILE E 224 -0.51 -37.29 -22.01
CA ILE E 224 -1.01 -36.32 -22.96
C ILE E 224 -1.48 -37.01 -24.23
N ARG E 225 -0.69 -37.96 -24.74
CA ARG E 225 -1.09 -38.68 -25.94
C ARG E 225 -2.44 -39.35 -25.73
N GLU E 226 -2.59 -40.08 -24.63
CA GLU E 226 -3.90 -40.65 -24.34
C GLU E 226 -4.97 -39.56 -24.32
N LEU E 227 -4.91 -38.65 -23.35
CA LEU E 227 -5.99 -37.69 -23.12
C LEU E 227 -6.36 -36.91 -24.37
N VAL E 228 -5.44 -36.76 -25.32
CA VAL E 228 -5.71 -35.90 -26.46
C VAL E 228 -6.03 -36.76 -27.67
N GLU E 229 -5.05 -37.54 -28.12
CA GLU E 229 -5.21 -38.30 -29.35
C GLU E 229 -6.40 -39.25 -29.30
N LEU E 230 -6.73 -39.82 -28.12
CA LEU E 230 -7.80 -40.82 -28.11
C LEU E 230 -9.13 -40.24 -28.56
N PRO E 231 -9.70 -39.24 -27.88
CA PRO E 231 -10.99 -38.70 -28.34
C PRO E 231 -10.96 -38.19 -29.77
N LEU E 232 -9.87 -37.53 -30.18
CA LEU E 232 -9.83 -36.94 -31.51
C LEU E 232 -9.80 -38.00 -32.60
N ARG E 233 -9.00 -39.04 -32.41
CA ARG E 233 -8.88 -40.08 -33.42
C ARG E 233 -9.98 -41.14 -33.30
N HIS E 234 -10.34 -41.51 -32.07
CA HIS E 234 -11.34 -42.55 -31.81
C HIS E 234 -12.35 -42.04 -30.80
N PRO E 235 -13.14 -41.03 -31.16
CA PRO E 235 -14.22 -40.58 -30.27
C PRO E 235 -15.30 -41.63 -30.07
N GLN E 236 -15.43 -42.59 -30.99
CA GLN E 236 -16.48 -43.58 -30.88
C GLN E 236 -16.37 -44.37 -29.59
N LEU E 237 -15.14 -44.59 -29.10
CA LEU E 237 -14.97 -45.31 -27.84
C LEU E 237 -15.65 -44.56 -26.69
N PHE E 238 -15.36 -43.27 -26.57
CA PHE E 238 -15.97 -42.48 -25.51
C PHE E 238 -17.48 -42.38 -25.70
N LYS E 239 -17.94 -42.24 -26.95
CA LYS E 239 -19.38 -42.18 -27.18
C LYS E 239 -20.07 -43.46 -26.75
N SER E 240 -19.48 -44.62 -27.09
CA SER E 240 -20.07 -45.89 -26.69
C SER E 240 -20.06 -46.03 -25.18
N ILE E 241 -18.95 -45.67 -24.53
CA ILE E 241 -18.91 -45.71 -23.08
C ILE E 241 -19.69 -44.56 -22.49
N GLY E 242 -20.11 -43.60 -23.32
CA GLY E 242 -20.95 -42.50 -22.88
C GLY E 242 -20.27 -41.58 -21.88
N VAL E 243 -19.02 -41.22 -22.16
CA VAL E 243 -18.25 -40.34 -21.29
C VAL E 243 -17.89 -39.09 -22.06
N LYS E 244 -17.56 -38.04 -21.31
CA LYS E 244 -17.22 -36.76 -21.89
C LYS E 244 -15.71 -36.58 -21.88
N PRO E 245 -15.03 -36.61 -23.02
CA PRO E 245 -13.58 -36.46 -23.02
C PRO E 245 -13.19 -35.05 -22.57
N PRO E 246 -12.11 -34.92 -21.81
CA PRO E 246 -11.76 -33.61 -21.26
C PRO E 246 -11.39 -32.61 -22.36
N LYS E 247 -11.75 -31.35 -22.13
CA LYS E 247 -11.36 -30.26 -23.01
C LYS E 247 -10.12 -29.54 -22.52
N GLY E 248 -9.99 -29.34 -21.21
CA GLY E 248 -8.93 -28.53 -20.66
C GLY E 248 -7.77 -29.34 -20.11
N ILE E 249 -6.58 -29.07 -20.63
CA ILE E 249 -5.35 -29.67 -20.15
C ILE E 249 -4.38 -28.56 -19.79
N LEU E 250 -3.74 -28.69 -18.65
CA LEU E 250 -2.84 -27.66 -18.12
C LEU E 250 -1.47 -28.29 -17.91
N LEU E 251 -0.49 -27.81 -18.66
CA LEU E 251 0.89 -28.31 -18.58
C LEU E 251 1.73 -27.27 -17.86
N TYR E 252 1.98 -27.49 -16.58
CA TYR E 252 2.85 -26.64 -15.79
C TYR E 252 4.18 -27.34 -15.55
N GLY E 253 5.21 -26.53 -15.31
CA GLY E 253 6.56 -27.04 -15.15
C GLY E 253 7.58 -25.92 -15.17
N PRO E 254 8.85 -26.28 -15.39
CA PRO E 254 9.89 -25.26 -15.42
C PRO E 254 10.02 -24.66 -16.81
N PRO E 255 10.43 -23.40 -16.90
CA PRO E 255 10.54 -22.77 -18.22
C PRO E 255 11.51 -23.52 -19.13
N GLY E 256 11.15 -23.60 -20.40
CA GLY E 256 12.01 -24.20 -21.40
C GLY E 256 12.11 -25.70 -21.34
N SER E 257 11.25 -26.36 -20.58
CA SER E 257 11.31 -27.82 -20.46
C SER E 257 10.90 -28.53 -21.74
N GLY E 258 10.38 -27.81 -22.72
CA GLY E 258 9.91 -28.40 -23.96
C GLY E 258 8.40 -28.46 -24.10
N LYS E 259 7.65 -27.63 -23.36
CA LYS E 259 6.20 -27.73 -23.38
C LYS E 259 5.65 -27.52 -24.78
N THR E 260 6.11 -26.48 -25.48
CA THR E 260 5.56 -26.14 -26.78
C THR E 260 5.78 -27.24 -27.79
N LEU E 261 6.83 -28.04 -27.63
CA LEU E 261 7.12 -29.09 -28.61
C LEU E 261 6.18 -30.28 -28.46
N ILE E 262 5.78 -30.60 -27.23
CA ILE E 262 4.93 -31.77 -27.00
C ILE E 262 3.60 -31.59 -27.72
N ALA E 263 3.00 -30.41 -27.58
CA ALA E 263 1.69 -30.19 -28.18
C ALA E 263 1.75 -30.30 -29.70
N ARG E 264 2.78 -29.70 -30.31
CA ARG E 264 2.92 -29.80 -31.76
C ARG E 264 3.14 -31.24 -32.18
N ALA E 265 3.96 -31.99 -31.42
CA ALA E 265 4.19 -33.38 -31.76
C ALA E 265 2.88 -34.16 -31.73
N VAL E 266 2.09 -33.96 -30.69
CA VAL E 266 0.83 -34.68 -30.56
C VAL E 266 -0.10 -34.34 -31.71
N ALA E 267 -0.25 -33.03 -31.98
CA ALA E 267 -1.17 -32.61 -33.02
C ALA E 267 -0.75 -33.13 -34.38
N ASN E 268 0.55 -33.11 -34.66
CA ASN E 268 1.04 -33.56 -35.95
C ASN E 268 0.93 -35.08 -36.08
N GLU E 269 1.05 -35.80 -34.97
CA GLU E 269 0.90 -37.26 -35.04
C GLU E 269 -0.54 -37.67 -35.20
N THR E 270 -1.48 -36.95 -34.58
CA THR E 270 -2.89 -37.25 -34.78
C THR E 270 -3.44 -36.68 -36.09
N GLY E 271 -2.64 -35.90 -36.80
CA GLY E 271 -3.11 -35.29 -38.03
C GLY E 271 -4.08 -34.14 -37.82
N ALA E 272 -4.17 -33.62 -36.61
CA ALA E 272 -5.12 -32.56 -36.30
C ALA E 272 -4.54 -31.20 -36.64
N PHE E 273 -5.44 -30.22 -36.79
CA PHE E 273 -5.05 -28.86 -37.10
C PHE E 273 -4.64 -28.16 -35.82
N PHE E 274 -3.41 -27.71 -35.77
CA PHE E 274 -2.83 -27.07 -34.58
C PHE E 274 -2.77 -25.57 -34.82
N PHE E 275 -3.34 -24.80 -33.89
CA PHE E 275 -3.24 -23.34 -33.91
C PHE E 275 -2.64 -22.90 -32.59
N CYS E 276 -1.53 -22.20 -32.65
CA CYS E 276 -0.81 -21.78 -31.45
C CYS E 276 -1.14 -20.33 -31.11
N ILE E 277 -1.38 -20.07 -29.84
CA ILE E 277 -1.59 -18.73 -29.32
C ILE E 277 -0.56 -18.49 -28.23
N ASN E 278 0.17 -17.39 -28.33
CA ASN E 278 1.15 -16.99 -27.33
C ASN E 278 0.56 -15.85 -26.50
N GLY E 279 0.66 -15.98 -25.18
CA GLY E 279 0.11 -14.99 -24.28
C GLY E 279 0.66 -13.61 -24.54
N PRO E 280 1.98 -13.50 -24.68
CA PRO E 280 2.55 -12.20 -25.04
C PRO E 280 2.00 -11.63 -26.33
N GLU E 281 1.83 -12.46 -27.36
CA GLU E 281 1.31 -11.97 -28.62
C GLU E 281 -0.08 -11.40 -28.45
N ILE E 282 -0.93 -12.11 -27.72
CA ILE E 282 -2.30 -11.64 -27.49
C ILE E 282 -2.31 -10.36 -26.69
N MET E 283 -1.53 -10.32 -25.61
CA MET E 283 -1.53 -9.13 -24.75
C MET E 283 -0.88 -7.94 -25.42
N SER E 284 -0.06 -8.15 -26.46
CA SER E 284 0.57 -7.05 -27.17
C SER E 284 -0.36 -6.35 -28.14
N LYS E 285 -1.49 -6.97 -28.47
CA LYS E 285 -2.42 -6.38 -29.41
C LYS E 285 -3.20 -5.25 -28.75
N LEU E 286 -3.79 -4.40 -29.59
CA LEU E 286 -4.56 -3.28 -29.09
C LEU E 286 -5.86 -3.77 -28.47
N ALA E 287 -6.42 -2.95 -27.58
CA ALA E 287 -7.65 -3.30 -26.89
C ALA E 287 -8.74 -3.60 -27.92
N GLY E 288 -9.43 -4.73 -27.71
CA GLY E 288 -10.47 -5.14 -28.62
C GLY E 288 -9.96 -6.07 -29.70
N GLU E 289 -8.71 -5.86 -30.13
CA GLU E 289 -8.11 -6.74 -31.13
C GLU E 289 -7.73 -8.08 -30.54
N SER E 290 -7.29 -8.12 -29.28
CA SER E 290 -6.94 -9.39 -28.65
C SER E 290 -8.14 -10.31 -28.58
N GLU E 291 -9.30 -9.77 -28.18
CA GLU E 291 -10.51 -10.58 -28.12
C GLU E 291 -10.89 -11.09 -29.50
N SER E 292 -10.75 -10.23 -30.52
CA SER E 292 -11.06 -10.64 -31.89
C SER E 292 -10.16 -11.80 -32.31
N ASN E 293 -8.86 -11.68 -32.04
CA ASN E 293 -7.93 -12.74 -32.40
C ASN E 293 -8.27 -14.04 -31.67
N LEU E 294 -8.59 -13.94 -30.38
CA LEU E 294 -8.90 -15.13 -29.60
C LEU E 294 -10.16 -15.82 -30.13
N ARG E 295 -11.20 -15.04 -30.39
CA ARG E 295 -12.44 -15.61 -30.91
C ARG E 295 -12.23 -16.21 -32.29
N LYS E 296 -11.44 -15.53 -33.14
CA LYS E 296 -11.13 -16.08 -34.45
C LYS E 296 -10.38 -17.39 -34.31
N ALA E 297 -9.45 -17.47 -33.35
CA ALA E 297 -8.70 -18.70 -33.11
C ALA E 297 -9.65 -19.83 -32.75
N PHE E 298 -10.52 -19.60 -31.77
CA PHE E 298 -11.45 -20.65 -31.35
C PHE E 298 -12.35 -21.05 -32.52
N GLU E 299 -12.83 -20.07 -33.28
CA GLU E 299 -13.79 -20.35 -34.35
C GLU E 299 -13.13 -21.18 -35.44
N GLU E 300 -11.94 -20.78 -35.88
CA GLU E 300 -11.22 -21.55 -36.90
C GLU E 300 -10.86 -22.93 -36.38
N ALA E 301 -10.44 -23.03 -35.12
CA ALA E 301 -10.09 -24.33 -34.56
C ALA E 301 -11.29 -25.26 -34.58
N GLU E 302 -12.46 -24.75 -34.21
CA GLU E 302 -13.66 -25.57 -34.27
C GLU E 302 -14.01 -25.95 -35.70
N LYS E 303 -13.70 -25.07 -36.65
CA LYS E 303 -13.95 -25.41 -38.05
C LYS E 303 -13.13 -26.61 -38.50
N ASN E 304 -11.87 -26.67 -38.08
CA ASN E 304 -10.93 -27.68 -38.55
C ASN E 304 -10.84 -28.88 -37.61
N ALA E 305 -11.94 -29.24 -36.95
CA ALA E 305 -11.92 -30.36 -36.04
C ALA E 305 -11.50 -31.64 -36.78
N PRO E 306 -10.69 -32.50 -36.16
CA PRO E 306 -10.13 -32.39 -34.81
C PRO E 306 -9.08 -31.31 -34.74
N SER E 307 -9.04 -30.55 -33.64
CA SER E 307 -8.18 -29.40 -33.51
C SER E 307 -7.59 -29.35 -32.13
N ILE E 308 -6.49 -28.60 -32.01
CA ILE E 308 -5.76 -28.45 -30.76
C ILE E 308 -5.35 -26.99 -30.63
N ILE E 309 -5.52 -26.44 -29.44
CA ILE E 309 -5.20 -25.05 -29.16
C ILE E 309 -4.22 -25.01 -28.01
N PHE E 310 -3.10 -24.33 -28.20
CA PHE E 310 -2.07 -24.20 -27.18
C PHE E 310 -2.00 -22.74 -26.76
N ILE E 311 -2.42 -22.46 -25.53
CA ILE E 311 -2.34 -21.10 -24.98
C ILE E 311 -0.99 -21.02 -24.28
N ASP E 312 0.04 -20.81 -25.08
CA ASP E 312 1.39 -20.68 -24.53
C ASP E 312 1.45 -19.52 -23.56
N GLU E 313 2.08 -19.77 -22.42
CA GLU E 313 2.27 -18.76 -21.38
C GLU E 313 0.94 -18.09 -21.01
N ILE E 314 0.00 -18.93 -20.56
CA ILE E 314 -1.29 -18.46 -20.11
C ILE E 314 -1.18 -17.53 -18.91
N ASP E 315 -0.02 -17.47 -18.27
CA ASP E 315 0.14 -16.60 -17.11
C ASP E 315 -0.07 -15.14 -17.48
N SER E 316 0.47 -14.72 -18.63
CA SER E 316 0.26 -13.35 -19.07
C SER E 316 -1.20 -13.07 -19.33
N ILE E 317 -1.90 -14.01 -19.99
CA ILE E 317 -3.30 -13.83 -20.29
C ILE E 317 -4.13 -13.81 -19.00
N ALA E 318 -3.93 -14.80 -18.15
CA ALA E 318 -4.73 -14.98 -16.93
C ALA E 318 -3.79 -15.20 -15.74
N PRO E 319 -3.05 -14.17 -15.34
CA PRO E 319 -2.20 -14.30 -14.16
C PRO E 319 -3.03 -14.35 -12.89
N LYS E 320 -2.40 -14.83 -11.82
CA LYS E 320 -3.09 -14.93 -10.55
C LYS E 320 -3.61 -13.57 -10.11
N ARG E 321 -4.83 -13.55 -9.57
CA ARG E 321 -5.41 -12.30 -9.11
C ARG E 321 -4.78 -11.91 -7.79
N GLU E 322 -3.58 -11.30 -7.86
CA GLU E 322 -3.00 -10.64 -6.71
C GLU E 322 -3.45 -9.19 -6.62
N LYS E 323 -3.55 -8.53 -7.78
CA LYS E 323 -4.17 -7.22 -7.88
C LYS E 323 -4.80 -7.10 -9.26
N THR E 324 -6.07 -6.68 -9.29
CA THR E 324 -6.80 -6.53 -10.55
C THR E 324 -6.77 -5.05 -10.90
N ASN E 325 -5.75 -4.66 -11.66
CA ASN E 325 -5.55 -3.28 -12.07
C ASN E 325 -5.99 -3.11 -13.52
N GLY E 326 -6.83 -2.11 -13.76
CA GLY E 326 -7.31 -1.85 -15.10
C GLY E 326 -8.58 -2.63 -15.43
N GLU E 327 -9.08 -2.37 -16.63
CA GLU E 327 -10.28 -3.01 -17.13
C GLU E 327 -10.02 -4.00 -18.25
N VAL E 328 -8.96 -3.78 -19.04
CA VAL E 328 -8.67 -4.66 -20.16
C VAL E 328 -8.31 -6.06 -19.68
N GLU E 329 -7.50 -6.14 -18.62
CA GLU E 329 -7.07 -7.44 -18.11
C GLU E 329 -8.28 -8.27 -17.68
N ARG E 330 -9.19 -7.66 -16.93
CA ARG E 330 -10.40 -8.35 -16.51
C ARG E 330 -11.23 -8.75 -17.72
N ARG E 331 -11.31 -7.87 -18.72
CA ARG E 331 -12.10 -8.19 -19.90
C ARG E 331 -11.55 -9.43 -20.60
N ILE E 332 -10.22 -9.50 -20.77
CA ILE E 332 -9.63 -10.63 -21.47
C ILE E 332 -9.75 -11.91 -20.66
N VAL E 333 -9.53 -11.83 -19.34
CA VAL E 333 -9.62 -13.05 -18.54
C VAL E 333 -11.05 -13.59 -18.56
N SER E 334 -12.03 -12.69 -18.42
CA SER E 334 -13.42 -13.14 -18.44
C SER E 334 -13.83 -13.64 -19.82
N GLN E 335 -13.30 -13.03 -20.88
CA GLN E 335 -13.56 -13.52 -22.22
C GLN E 335 -13.03 -14.93 -22.39
N LEU E 336 -11.83 -15.19 -21.90
CA LEU E 336 -11.28 -16.54 -21.96
C LEU E 336 -12.14 -17.51 -21.17
N LEU E 337 -12.58 -17.09 -19.98
CA LEU E 337 -13.43 -17.96 -19.17
C LEU E 337 -14.70 -18.33 -19.92
N THR E 338 -15.40 -17.34 -20.46
CA THR E 338 -16.66 -17.61 -21.13
C THR E 338 -16.46 -18.42 -22.39
N LEU E 339 -15.35 -18.17 -23.11
CA LEU E 339 -15.06 -18.98 -24.29
C LEU E 339 -14.82 -20.42 -23.93
N MET E 340 -14.06 -20.67 -22.85
CA MET E 340 -13.81 -22.04 -22.43
C MET E 340 -15.11 -22.71 -22.03
N ASP E 341 -15.95 -22.00 -21.27
CA ASP E 341 -17.22 -22.58 -20.82
C ASP E 341 -18.12 -22.89 -22.01
N GLY E 342 -18.19 -21.99 -22.98
CA GLY E 342 -19.09 -22.15 -24.11
C GLY E 342 -18.71 -23.27 -25.06
N LEU E 343 -17.47 -23.72 -25.03
CA LEU E 343 -17.04 -24.82 -25.88
C LEU E 343 -17.71 -26.12 -25.44
N LYS E 344 -17.88 -27.03 -26.38
CA LYS E 344 -18.64 -28.24 -26.16
C LYS E 344 -17.80 -29.46 -26.51
N SER E 345 -18.15 -30.59 -25.89
CA SER E 345 -17.43 -31.84 -26.15
C SER E 345 -17.55 -32.26 -27.60
N ARG E 346 -18.72 -32.08 -28.20
CA ARG E 346 -18.92 -32.46 -29.59
C ARG E 346 -18.08 -31.63 -30.55
N ALA E 347 -17.57 -30.49 -30.10
CA ALA E 347 -16.78 -29.62 -30.96
C ALA E 347 -15.42 -30.22 -31.32
N HIS E 348 -14.97 -31.23 -30.59
CA HIS E 348 -13.67 -31.85 -30.82
C HIS E 348 -12.56 -30.80 -30.75
N VAL E 349 -12.43 -30.20 -29.57
CA VAL E 349 -11.44 -29.16 -29.32
C VAL E 349 -10.80 -29.42 -27.97
N ILE E 350 -9.48 -29.28 -27.92
CA ILE E 350 -8.70 -29.47 -26.71
C ILE E 350 -7.77 -28.29 -26.54
N VAL E 351 -7.70 -27.78 -25.32
CA VAL E 351 -6.97 -26.55 -25.02
C VAL E 351 -5.85 -26.90 -24.05
N MET E 352 -4.64 -27.04 -24.57
CA MET E 352 -3.46 -27.24 -23.74
C MET E 352 -2.92 -25.88 -23.30
N GLY E 353 -3.18 -25.53 -22.05
CA GLY E 353 -2.56 -24.35 -21.49
C GLY E 353 -1.08 -24.57 -21.27
N ALA E 354 -0.49 -23.65 -20.51
CA ALA E 354 0.91 -23.75 -20.15
C ALA E 354 1.24 -22.64 -19.17
N THR E 355 2.13 -22.94 -18.24
CA THR E 355 2.53 -21.98 -17.22
C THR E 355 3.75 -22.53 -16.50
N ASN E 356 4.15 -21.86 -15.42
CA ASN E 356 5.30 -22.27 -14.62
C ASN E 356 4.89 -22.99 -13.35
N ARG E 357 3.86 -22.49 -12.67
CA ARG E 357 3.36 -23.09 -11.45
C ARG E 357 1.85 -22.95 -11.42
N PRO E 358 1.12 -23.99 -11.06
CA PRO E 358 -0.35 -23.91 -11.12
C PRO E 358 -0.93 -22.79 -10.29
N ASN E 359 -0.32 -22.47 -9.14
CA ASN E 359 -0.84 -21.42 -8.29
C ASN E 359 -0.78 -20.05 -8.97
N SER E 360 0.14 -19.85 -9.90
CA SER E 360 0.26 -18.57 -10.59
C SER E 360 -0.95 -18.27 -11.46
N ILE E 361 -1.79 -19.26 -11.72
CA ILE E 361 -2.97 -19.09 -12.55
C ILE E 361 -4.16 -18.70 -11.66
N ASP E 362 -5.09 -17.96 -12.23
CA ASP E 362 -6.27 -17.57 -11.50
C ASP E 362 -7.10 -18.81 -11.17
N PRO E 363 -7.53 -18.99 -9.91
CA PRO E 363 -8.27 -20.21 -9.57
C PRO E 363 -9.52 -20.41 -10.40
N ALA E 364 -10.17 -19.33 -10.84
CA ALA E 364 -11.42 -19.46 -11.58
C ALA E 364 -11.24 -20.31 -12.83
N LEU E 365 -10.04 -20.33 -13.41
CA LEU E 365 -9.80 -21.13 -14.60
C LEU E 365 -9.75 -22.62 -14.28
N ARG E 366 -9.42 -22.98 -13.04
CA ARG E 366 -9.25 -24.38 -12.67
C ARG E 366 -10.54 -25.04 -12.21
N ARG E 367 -11.66 -24.31 -12.26
CA ARG E 367 -12.94 -24.93 -11.93
C ARG E 367 -13.31 -25.97 -12.97
N PHE E 368 -14.26 -26.82 -12.61
CA PHE E 368 -14.67 -27.90 -13.49
C PHE E 368 -15.30 -27.33 -14.76
N GLY E 369 -14.95 -27.92 -15.89
CA GLY E 369 -15.45 -27.51 -17.18
C GLY E 369 -14.44 -26.76 -18.03
N ARG E 370 -13.59 -25.95 -17.40
CA ARG E 370 -12.62 -25.15 -18.14
C ARG E 370 -11.26 -25.84 -18.21
N PHE E 371 -10.61 -26.04 -17.06
CA PHE E 371 -9.28 -26.65 -16.98
C PHE E 371 -9.33 -27.62 -15.81
N ASP E 372 -9.63 -28.88 -16.11
CA ASP E 372 -9.79 -29.91 -15.09
C ASP E 372 -8.53 -30.76 -14.92
N ARG E 373 -7.99 -31.32 -15.99
CA ARG E 373 -6.78 -32.12 -15.89
C ARG E 373 -5.56 -31.21 -15.77
N GLU E 374 -4.58 -31.65 -14.99
CA GLU E 374 -3.32 -30.95 -14.82
C GLU E 374 -2.20 -31.96 -14.93
N ILE E 375 -1.14 -31.59 -15.64
CA ILE E 375 0.00 -32.46 -15.86
C ILE E 375 1.27 -31.71 -15.47
N ASP E 376 2.21 -32.42 -14.87
CA ASP E 376 3.45 -31.83 -14.37
C ASP E 376 4.58 -32.25 -15.29
N ILE E 377 5.01 -31.33 -16.15
CA ILE E 377 6.20 -31.55 -16.99
C ILE E 377 7.39 -31.09 -16.15
N GLY E 378 7.84 -31.99 -15.27
CA GLY E 378 8.90 -31.66 -14.35
C GLY E 378 10.27 -31.78 -14.98
N VAL E 379 11.28 -31.55 -14.15
CA VAL E 379 12.66 -31.63 -14.64
C VAL E 379 12.94 -33.05 -15.10
N PRO E 380 13.56 -33.25 -16.25
CA PRO E 380 13.86 -34.63 -16.69
C PRO E 380 14.86 -35.29 -15.77
N ASP E 381 14.77 -36.62 -15.70
CA ASP E 381 15.68 -37.40 -14.89
C ASP E 381 16.95 -37.71 -15.68
N GLU E 382 17.85 -38.47 -15.05
CA GLU E 382 19.11 -38.82 -15.70
C GLU E 382 18.87 -39.39 -17.09
N ILE E 383 17.95 -40.35 -17.19
CA ILE E 383 17.63 -40.91 -18.51
C ILE E 383 17.03 -39.82 -19.40
N GLY E 384 16.17 -38.98 -18.83
CA GLY E 384 15.58 -37.90 -19.62
C GLY E 384 16.64 -36.95 -20.15
N ARG E 385 17.60 -36.59 -19.30
CA ARG E 385 18.70 -35.75 -19.75
C ARG E 385 19.47 -36.44 -20.87
N LEU E 386 19.67 -37.75 -20.74
CA LEU E 386 20.38 -38.49 -21.78
C LEU E 386 19.66 -38.41 -23.12
N GLU E 387 18.34 -38.64 -23.11
CA GLU E 387 17.62 -38.57 -24.38
C GLU E 387 17.62 -37.16 -24.94
N VAL E 388 17.48 -36.15 -24.08
CA VAL E 388 17.49 -34.77 -24.57
C VAL E 388 18.83 -34.46 -25.24
N LEU E 389 19.93 -34.87 -24.60
CA LEU E 389 21.24 -34.63 -25.17
C LEU E 389 21.39 -35.35 -26.51
N ARG E 390 20.96 -36.61 -26.57
CA ARG E 390 21.05 -37.35 -27.83
C ARG E 390 20.20 -36.71 -28.90
N ILE E 391 19.08 -36.10 -28.53
CA ILE E 391 18.21 -35.46 -29.50
C ILE E 391 18.86 -34.19 -30.03
N HIS E 392 19.43 -33.38 -29.15
CA HIS E 392 19.99 -32.10 -29.57
C HIS E 392 21.31 -32.27 -30.31
N THR E 393 22.07 -33.32 -29.99
CA THR E 393 23.39 -33.52 -30.57
C THR E 393 23.40 -34.46 -31.76
N LYS E 394 22.24 -34.94 -32.22
CA LYS E 394 22.20 -35.87 -33.33
C LYS E 394 22.69 -35.22 -34.63
N ASN E 395 22.35 -33.96 -34.84
CA ASN E 395 22.70 -33.27 -36.08
C ASN E 395 24.11 -32.70 -36.08
N MET E 396 24.80 -32.71 -34.95
CA MET E 396 26.15 -32.17 -34.87
C MET E 396 27.19 -33.26 -35.13
N LYS E 397 28.41 -32.81 -35.42
CA LYS E 397 29.52 -33.72 -35.71
C LYS E 397 30.24 -34.05 -34.41
N LEU E 398 29.67 -34.98 -33.67
CA LEU E 398 30.27 -35.43 -32.42
C LEU E 398 31.44 -36.36 -32.69
N ALA E 399 32.39 -36.37 -31.77
CA ALA E 399 33.54 -37.26 -31.87
C ALA E 399 33.17 -38.67 -31.42
N GLU E 400 34.03 -39.63 -31.75
CA GLU E 400 33.80 -41.01 -31.38
C GLU E 400 34.06 -41.26 -29.89
N ASP E 401 34.79 -40.36 -29.23
CA ASP E 401 35.10 -40.50 -27.81
C ASP E 401 34.10 -39.76 -26.93
N VAL E 402 33.05 -39.19 -27.51
CA VAL E 402 32.07 -38.46 -26.71
C VAL E 402 31.36 -39.42 -25.78
N ASP E 403 31.27 -39.05 -24.50
CA ASP E 403 30.63 -39.85 -23.46
C ASP E 403 29.46 -39.05 -22.90
N LEU E 404 28.31 -39.14 -23.57
CA LEU E 404 27.15 -38.37 -23.14
C LEU E 404 26.58 -38.87 -21.82
N GLU E 405 26.82 -40.14 -21.49
CA GLU E 405 26.35 -40.65 -20.21
C GLU E 405 27.00 -39.91 -19.05
N ARG E 406 28.31 -39.62 -19.17
CA ARG E 406 28.99 -38.87 -18.13
C ARG E 406 28.37 -37.48 -17.97
N ILE E 407 28.06 -36.83 -19.08
CA ILE E 407 27.47 -35.50 -19.02
C ILE E 407 26.10 -35.56 -18.35
N SER E 408 25.31 -36.57 -18.71
CA SER E 408 23.99 -36.73 -18.10
C SER E 408 24.12 -36.94 -16.60
N LYS E 409 25.08 -37.77 -16.18
CA LYS E 409 25.26 -38.03 -14.76
C LYS E 409 25.68 -36.76 -14.03
N ASP E 410 26.56 -35.97 -14.63
CA ASP E 410 27.05 -34.76 -13.98
C ASP E 410 26.08 -33.58 -14.12
N THR E 411 25.03 -33.70 -14.93
CA THR E 411 24.04 -32.65 -15.11
C THR E 411 22.87 -32.93 -14.20
N HIS E 412 22.75 -32.14 -13.13
CA HIS E 412 21.66 -32.23 -12.19
C HIS E 412 21.00 -30.86 -12.08
N GLY E 413 19.67 -30.83 -12.16
CA GLY E 413 18.95 -29.59 -12.19
C GLY E 413 18.94 -28.89 -13.53
N TYR E 414 19.45 -29.54 -14.57
CA TYR E 414 19.52 -28.96 -15.91
C TYR E 414 18.25 -29.33 -16.68
N VAL E 415 17.54 -28.31 -17.17
CA VAL E 415 16.39 -28.51 -18.03
C VAL E 415 16.88 -28.74 -19.46
N GLY E 416 15.96 -29.15 -20.34
CA GLY E 416 16.37 -29.45 -21.70
C GLY E 416 17.01 -28.28 -22.41
N ALA E 417 16.43 -27.08 -22.24
CA ALA E 417 17.00 -25.90 -22.88
C ALA E 417 18.42 -25.65 -22.40
N ASP E 418 18.66 -25.84 -21.10
CA ASP E 418 20.02 -25.70 -20.58
C ASP E 418 20.95 -26.72 -21.22
N LEU E 419 20.46 -27.92 -21.50
CA LEU E 419 21.29 -28.93 -22.16
C LEU E 419 21.64 -28.52 -23.58
N ALA E 420 20.67 -27.96 -24.31
CA ALA E 420 20.97 -27.45 -25.64
C ALA E 420 21.98 -26.32 -25.59
N ALA E 421 21.84 -25.44 -24.60
CA ALA E 421 22.82 -24.36 -24.42
C ALA E 421 24.20 -24.93 -24.11
N LEU E 422 24.26 -25.98 -23.31
CA LEU E 422 25.53 -26.64 -23.02
C LEU E 422 26.16 -27.18 -24.29
N CYS E 423 25.36 -27.82 -25.14
CA CYS E 423 25.89 -28.34 -26.39
C CYS E 423 26.42 -27.21 -27.27
N THR E 424 25.67 -26.11 -27.36
CA THR E 424 26.12 -24.97 -28.13
C THR E 424 27.42 -24.41 -27.58
N GLU E 425 27.53 -24.33 -26.25
CA GLU E 425 28.74 -23.84 -25.63
C GLU E 425 29.93 -24.75 -25.93
N ALA E 426 29.69 -26.06 -25.93
CA ALA E 426 30.76 -26.99 -26.27
C ALA E 426 31.23 -26.80 -27.71
N ALA E 427 30.30 -26.64 -28.63
CA ALA E 427 30.70 -26.37 -30.02
C ALA E 427 31.47 -25.06 -30.12
N LEU E 428 31.02 -24.05 -29.38
CA LEU E 428 31.72 -22.77 -29.38
C LEU E 428 33.14 -22.93 -28.86
N GLN E 429 33.33 -23.75 -27.83
CA GLN E 429 34.67 -23.99 -27.31
C GLN E 429 35.54 -24.72 -28.32
N CYS E 430 34.96 -25.69 -29.03
CA CYS E 430 35.71 -26.32 -30.11
C CYS E 430 36.16 -25.29 -31.14
N ILE E 431 35.27 -24.35 -31.47
CA ILE E 431 35.65 -23.27 -32.37
C ILE E 431 36.81 -22.49 -31.77
N ARG E 432 36.72 -22.22 -30.47
CA ARG E 432 37.81 -21.57 -29.74
C ARG E 432 39.13 -22.24 -30.12
N GLU E 433 39.20 -23.55 -29.87
CA GLU E 433 40.41 -24.29 -30.18
C GLU E 433 40.76 -24.23 -31.68
N LYS E 434 39.76 -23.99 -32.52
CA LYS E 434 39.97 -23.99 -33.97
C LYS E 434 40.14 -22.58 -34.55
N MET E 435 40.23 -21.55 -33.72
CA MET E 435 40.37 -20.19 -34.25
C MET E 435 41.79 -19.91 -34.74
N ASP E 436 42.81 -20.42 -34.03
CA ASP E 436 44.18 -20.02 -34.31
C ASP E 436 44.56 -20.23 -35.77
N VAL E 437 44.07 -21.30 -36.37
CA VAL E 437 44.42 -21.61 -37.76
C VAL E 437 43.60 -20.77 -38.73
N ILE E 438 42.33 -20.51 -38.41
CA ILE E 438 41.43 -19.84 -39.33
C ILE E 438 41.61 -18.33 -39.16
N ASP E 439 42.08 -17.67 -40.22
CA ASP E 439 42.24 -16.22 -40.21
C ASP E 439 40.88 -15.55 -40.28
N LEU E 440 40.66 -14.56 -39.42
CA LEU E 440 39.36 -13.89 -39.36
C LEU E 440 39.17 -12.92 -40.52
N GLU E 441 40.24 -12.24 -40.93
CA GLU E 441 40.14 -11.24 -41.98
C GLU E 441 39.85 -11.84 -43.36
N ASP E 442 40.04 -13.14 -43.53
CA ASP E 442 39.79 -13.78 -44.81
C ASP E 442 38.30 -14.09 -44.94
N ASP E 443 37.68 -13.56 -46.00
CA ASP E 443 36.26 -13.82 -46.22
C ASP E 443 35.97 -15.27 -46.54
N SER E 444 36.97 -16.02 -47.00
CA SER E 444 36.83 -17.43 -47.32
C SER E 444 37.68 -18.26 -46.38
N ILE E 445 37.17 -19.42 -46.01
CA ILE E 445 37.84 -20.33 -45.08
C ILE E 445 37.93 -21.71 -45.73
N ASP E 446 39.07 -22.37 -45.52
CA ASP E 446 39.30 -23.66 -46.16
C ASP E 446 38.23 -24.67 -45.76
N ALA E 447 37.79 -25.45 -46.73
CA ALA E 447 36.76 -26.45 -46.47
C ALA E 447 37.30 -27.62 -45.67
N GLU E 448 38.59 -27.94 -45.81
CA GLU E 448 39.15 -29.06 -45.06
C GLU E 448 39.08 -28.82 -43.56
N ILE E 449 39.41 -27.61 -43.12
CA ILE E 449 39.32 -27.29 -41.70
C ILE E 449 37.88 -27.39 -41.23
N LEU E 450 36.94 -26.94 -42.06
CA LEU E 450 35.52 -27.00 -41.70
C LEU E 450 35.08 -28.45 -41.53
N ASN E 451 35.50 -29.34 -42.43
CA ASN E 451 35.15 -30.74 -42.31
C ASN E 451 35.89 -31.42 -41.17
N SER E 452 37.01 -30.86 -40.72
CA SER E 452 37.79 -31.44 -39.64
C SER E 452 37.27 -31.07 -38.26
N MET E 453 36.35 -30.11 -38.16
CA MET E 453 35.82 -29.70 -36.86
C MET E 453 34.91 -30.78 -36.30
N ALA E 454 34.99 -30.97 -34.99
CA ALA E 454 34.12 -31.90 -34.29
C ALA E 454 34.34 -31.75 -32.79
N VAL E 455 33.23 -31.72 -32.05
CA VAL E 455 33.30 -31.53 -30.60
C VAL E 455 33.94 -32.75 -29.94
N THR E 456 34.56 -32.52 -28.79
CA THR E 456 35.22 -33.56 -28.02
C THR E 456 34.71 -33.52 -26.58
N ASN E 457 34.81 -34.66 -25.90
CA ASN E 457 34.28 -34.78 -24.55
C ASN E 457 34.82 -33.68 -23.64
N GLU E 458 36.09 -33.33 -23.79
CA GLU E 458 36.65 -32.26 -22.98
C GLU E 458 35.97 -30.94 -23.25
N HIS E 459 35.55 -30.71 -24.50
CA HIS E 459 34.79 -29.49 -24.80
C HIS E 459 33.48 -29.48 -24.03
N PHE E 460 32.81 -30.62 -23.94
CA PHE E 460 31.59 -30.72 -23.16
C PHE E 460 31.87 -30.45 -21.69
N HIS E 461 32.99 -30.98 -21.17
CA HIS E 461 33.34 -30.71 -19.78
C HIS E 461 33.54 -29.22 -19.55
N THR E 462 34.25 -28.55 -20.47
CA THR E 462 34.46 -27.11 -20.35
C THR E 462 33.15 -26.36 -20.39
N ALA E 463 32.27 -26.72 -21.32
CA ALA E 463 30.98 -26.04 -21.43
C ALA E 463 30.16 -26.22 -20.17
N LEU E 464 30.15 -27.44 -19.61
CA LEU E 464 29.46 -27.67 -18.35
C LEU E 464 30.06 -26.82 -17.25
N GLY E 465 31.39 -26.72 -17.20
CA GLY E 465 32.01 -25.85 -16.21
C GLY E 465 31.60 -24.40 -16.35
N ASN E 466 31.41 -23.94 -17.59
CA ASN E 466 31.02 -22.55 -17.83
C ASN E 466 29.53 -22.33 -17.73
N SER E 467 28.71 -23.35 -17.97
CA SER E 467 27.27 -23.18 -17.98
C SER E 467 26.73 -23.08 -16.55
N ASN E 468 25.44 -22.76 -16.46
CA ASN E 468 24.78 -22.58 -15.18
C ASN E 468 23.41 -23.24 -15.21
N PRO E 469 23.07 -24.05 -14.20
CA PRO E 469 21.72 -24.62 -14.15
C PRO E 469 20.67 -23.55 -13.90
N SER E 470 19.47 -23.80 -14.41
CA SER E 470 18.33 -22.91 -14.19
C SER E 470 17.37 -23.42 -13.13
N ALA E 471 17.45 -24.71 -12.78
CA ALA E 471 16.56 -25.32 -11.80
C ALA E 471 17.41 -25.97 -10.73
N LEU E 472 17.45 -25.35 -9.55
CA LEU E 472 18.17 -25.88 -8.41
C LEU E 472 17.34 -25.93 -7.13
N ARG E 473 16.36 -25.03 -6.98
CA ARG E 473 15.52 -24.97 -5.79
C ARG E 473 14.20 -25.71 -5.98
N GLU E 474 13.98 -26.32 -7.14
CA GLU E 474 12.75 -27.05 -7.38
C GLU E 474 12.84 -28.45 -6.79
N THR E 475 11.79 -28.86 -6.07
CA THR E 475 11.77 -30.15 -5.41
C THR E 475 11.94 -31.27 -6.43
N VAL E 476 13.02 -32.03 -6.33
CA VAL E 476 13.27 -33.13 -7.24
C VAL E 476 12.62 -34.39 -6.71
N VAL E 477 11.84 -35.05 -7.56
CA VAL E 477 11.07 -36.23 -7.19
C VAL E 477 11.66 -37.39 -7.99
N GLU E 478 12.39 -38.27 -7.30
CA GLU E 478 13.00 -39.41 -7.96
C GLU E 478 13.23 -40.51 -6.93
N VAL E 479 13.68 -41.66 -7.41
CA VAL E 479 13.94 -42.82 -6.59
C VAL E 479 15.43 -42.90 -6.29
N PRO E 480 15.90 -42.41 -5.14
CA PRO E 480 17.31 -42.50 -4.81
C PRO E 480 17.80 -43.94 -4.83
N ASN E 481 19.07 -44.11 -5.21
CA ASN E 481 19.68 -45.43 -5.37
C ASN E 481 20.22 -46.01 -4.07
N VAL E 482 20.13 -45.27 -2.97
CA VAL E 482 20.69 -45.77 -1.71
C VAL E 482 19.96 -47.04 -1.31
N SER E 483 20.73 -48.04 -0.90
CA SER E 483 20.20 -49.34 -0.51
C SER E 483 20.55 -49.64 0.94
N TRP E 484 19.93 -50.70 1.47
CA TRP E 484 20.20 -51.11 2.83
C TRP E 484 21.66 -51.46 3.04
N ASN E 485 22.34 -51.95 1.98
CA ASN E 485 23.75 -52.27 2.10
C ASN E 485 24.55 -51.03 2.47
N ASP E 486 24.23 -49.89 1.86
CA ASP E 486 24.85 -48.63 2.25
C ASP E 486 24.50 -48.25 3.67
N ILE E 487 23.39 -48.75 4.20
CA ILE E 487 22.99 -48.52 5.57
C ILE E 487 23.72 -49.51 6.46
N GLY E 488 24.43 -49.01 7.45
CA GLY E 488 25.25 -49.87 8.28
C GLY E 488 24.52 -50.43 9.48
N GLY E 489 24.25 -51.73 9.46
CA GLY E 489 23.62 -52.36 10.62
C GLY E 489 22.28 -51.73 10.92
N LEU E 490 22.11 -51.31 12.18
CA LEU E 490 20.85 -50.74 12.64
C LEU E 490 19.69 -51.68 12.36
N GLU E 491 19.86 -52.94 12.76
CA GLU E 491 18.86 -53.95 12.48
C GLU E 491 17.53 -53.61 13.15
N ASN E 492 17.58 -53.11 14.38
CA ASN E 492 16.33 -52.75 15.08
C ASN E 492 15.60 -51.64 14.33
N VAL E 493 16.31 -50.56 14.00
CA VAL E 493 15.68 -49.46 13.28
C VAL E 493 15.28 -49.88 11.88
N LYS E 494 16.12 -50.69 11.22
CA LYS E 494 15.77 -51.24 9.93
C LYS E 494 14.42 -51.94 10.00
N ARG E 495 14.28 -52.86 10.95
CA ARG E 495 13.03 -53.59 11.11
C ARG E 495 11.88 -52.64 11.38
N GLU E 496 12.06 -51.70 12.30
CA GLU E 496 10.97 -50.81 12.69
C GLU E 496 10.47 -50.00 11.50
N LEU E 497 11.39 -49.44 10.72
CA LEU E 497 10.99 -48.57 9.63
C LEU E 497 10.43 -49.38 8.47
N GLN E 498 11.00 -50.56 8.21
CA GLN E 498 10.42 -51.44 7.20
C GLN E 498 8.98 -51.81 7.57
N GLU E 499 8.77 -52.14 8.84
CA GLU E 499 7.43 -52.37 9.36
C GLU E 499 6.51 -51.20 9.09
N THR E 500 6.93 -50.00 9.48
CA THR E 500 6.04 -48.85 9.44
C THR E 500 5.79 -48.34 8.02
N VAL E 501 6.67 -48.64 7.06
CA VAL E 501 6.58 -48.02 5.75
C VAL E 501 6.49 -49.07 4.64
N GLN E 502 7.42 -50.02 4.63
CA GLN E 502 7.53 -50.93 3.50
C GLN E 502 6.23 -51.70 3.27
N TYR E 503 5.61 -52.18 4.33
CA TYR E 503 4.42 -53.01 4.24
C TYR E 503 3.22 -52.24 3.69
N PRO E 504 2.86 -51.09 4.27
CA PRO E 504 1.67 -50.37 3.78
C PRO E 504 1.76 -49.93 2.34
N VAL E 505 2.94 -50.00 1.72
CA VAL E 505 3.08 -49.69 0.30
C VAL E 505 3.35 -50.94 -0.54
N GLU E 506 3.83 -52.03 0.06
CA GLU E 506 4.05 -53.26 -0.69
C GLU E 506 2.87 -54.21 -0.58
N HIS E 507 2.22 -54.27 0.58
CA HIS E 507 1.07 -55.13 0.80
C HIS E 507 -0.05 -54.35 1.47
N PRO E 508 -0.60 -53.34 0.78
CA PRO E 508 -1.71 -52.58 1.36
C PRO E 508 -3.05 -53.31 1.26
N GLU E 509 -3.22 -54.17 0.26
CA GLU E 509 -4.49 -54.87 0.11
C GLU E 509 -4.83 -55.70 1.34
N LYS E 510 -3.83 -56.34 1.95
CA LYS E 510 -4.10 -57.14 3.14
C LYS E 510 -4.24 -56.26 4.38
N PHE E 511 -3.54 -55.12 4.42
CA PHE E 511 -3.84 -54.12 5.44
C PHE E 511 -5.32 -53.76 5.41
N GLU E 512 -5.87 -53.58 4.21
CA GLU E 512 -7.30 -53.38 4.07
C GLU E 512 -8.07 -54.62 4.49
N LYS E 513 -7.56 -55.80 4.16
CA LYS E 513 -8.21 -57.05 4.56
C LYS E 513 -8.51 -57.04 6.04
N PHE E 514 -7.50 -56.74 6.86
CA PHE E 514 -7.75 -56.55 8.28
C PHE E 514 -8.29 -55.16 8.56
N GLY E 515 -7.83 -54.16 7.81
CA GLY E 515 -8.49 -52.87 7.72
C GLY E 515 -8.02 -51.80 8.68
N MET E 516 -7.18 -52.14 9.65
CA MET E 516 -6.77 -51.14 10.64
C MET E 516 -5.94 -50.04 9.99
N SER E 517 -6.06 -48.84 10.53
CA SER E 517 -5.36 -47.69 9.96
C SER E 517 -3.86 -47.86 10.12
N PRO E 518 -3.07 -47.65 9.06
CA PRO E 518 -1.62 -47.69 9.22
C PRO E 518 -1.07 -46.37 9.73
N SER E 519 0.15 -46.44 10.24
CA SER E 519 0.82 -45.24 10.70
C SER E 519 1.14 -44.33 9.52
N LYS E 520 0.79 -43.05 9.64
CA LYS E 520 0.98 -42.08 8.58
C LYS E 520 2.18 -41.17 8.83
N GLY E 521 3.05 -41.53 9.76
CA GLY E 521 4.17 -40.67 10.08
C GLY E 521 5.18 -41.37 10.95
N VAL E 522 6.31 -40.70 11.13
CA VAL E 522 7.37 -41.18 12.00
C VAL E 522 8.37 -40.05 12.18
N LEU E 523 9.07 -40.04 13.31
CA LEU E 523 10.01 -38.99 13.65
C LEU E 523 11.36 -39.60 13.99
N PHE E 524 12.41 -39.07 13.38
CA PHE E 524 13.77 -39.51 13.64
C PHE E 524 14.45 -38.50 14.56
N TYR E 525 14.82 -38.95 15.76
CA TYR E 525 15.64 -38.17 16.66
C TYR E 525 16.94 -38.92 16.92
N GLY E 526 18.05 -38.22 16.79
CA GLY E 526 19.35 -38.79 16.96
C GLY E 526 20.45 -37.77 16.78
N PRO E 527 21.70 -38.20 16.94
CA PRO E 527 22.80 -37.25 16.85
C PRO E 527 22.96 -36.75 15.43
N PRO E 528 23.48 -35.54 15.24
CA PRO E 528 23.71 -35.03 13.89
C PRO E 528 24.76 -35.85 13.16
N GLY E 529 24.59 -35.94 11.85
CA GLY E 529 25.53 -36.66 11.02
C GLY E 529 25.58 -38.14 11.30
N CYS E 530 24.41 -38.77 11.44
CA CYS E 530 24.31 -40.21 11.62
C CYS E 530 23.60 -40.91 10.48
N GLY E 531 23.29 -40.20 9.39
CA GLY E 531 22.71 -40.82 8.23
C GLY E 531 21.22 -41.02 8.28
N LYS E 532 20.47 -40.00 8.71
CA LYS E 532 19.01 -40.12 8.73
C LYS E 532 18.44 -40.02 7.32
N THR E 533 18.91 -39.05 6.54
CA THR E 533 18.44 -38.93 5.17
C THR E 533 18.79 -40.17 4.36
N LEU E 534 19.96 -40.76 4.62
CA LEU E 534 20.32 -42.00 3.95
C LEU E 534 19.32 -43.10 4.29
N LEU E 535 18.92 -43.20 5.55
CA LEU E 535 17.94 -44.20 5.94
C LEU E 535 16.61 -43.96 5.23
N ALA E 536 16.16 -42.71 5.18
CA ALA E 536 14.90 -42.41 4.51
C ALA E 536 14.97 -42.78 3.03
N LYS E 537 16.05 -42.41 2.36
CA LYS E 537 16.19 -42.71 0.95
C LYS E 537 16.27 -44.21 0.71
N ALA E 538 16.96 -44.94 1.60
CA ALA E 538 17.06 -46.39 1.44
C ALA E 538 15.69 -47.03 1.57
N ILE E 539 14.90 -46.62 2.56
CA ILE E 539 13.58 -47.20 2.72
C ILE E 539 12.70 -46.84 1.54
N ALA E 540 12.87 -45.63 0.99
CA ALA E 540 12.12 -45.26 -0.21
C ALA E 540 12.49 -46.15 -1.38
N ASN E 541 13.79 -46.41 -1.56
CA ASN E 541 14.23 -47.23 -2.68
C ASN E 541 13.73 -48.66 -2.54
N GLU E 542 13.76 -49.20 -1.32
CA GLU E 542 13.30 -50.57 -1.12
C GLU E 542 11.85 -50.74 -1.56
N CYS E 543 11.04 -49.69 -1.44
CA CYS E 543 9.64 -49.72 -1.83
C CYS E 543 9.40 -49.15 -3.22
N GLN E 544 10.46 -48.74 -3.93
CA GLN E 544 10.32 -48.12 -5.24
C GLN E 544 9.41 -46.90 -5.17
N ALA E 545 9.44 -46.22 -4.03
CA ALA E 545 8.60 -45.06 -3.78
C ALA E 545 9.40 -43.78 -3.92
N ASN E 546 8.73 -42.75 -4.43
CA ASN E 546 9.39 -41.47 -4.65
C ASN E 546 9.78 -40.83 -3.33
N PHE E 547 10.93 -40.17 -3.32
CA PHE E 547 11.45 -39.48 -2.15
C PHE E 547 11.52 -37.99 -2.44
N ILE E 548 10.99 -37.19 -1.52
CA ILE E 548 11.00 -35.73 -1.63
C ILE E 548 11.74 -35.17 -0.44
N SER E 549 12.80 -34.42 -0.70
CA SER E 549 13.62 -33.82 0.35
C SER E 549 13.24 -32.35 0.50
N VAL E 550 12.72 -32.01 1.66
CA VAL E 550 12.37 -30.63 2.00
C VAL E 550 13.08 -30.27 3.29
N LYS E 551 13.91 -29.23 3.24
CA LYS E 551 14.67 -28.77 4.39
C LYS E 551 13.96 -27.59 5.02
N GLY E 552 14.00 -27.54 6.37
CA GLY E 552 13.36 -26.46 7.09
C GLY E 552 13.74 -25.07 6.64
N PRO E 553 15.01 -24.83 6.28
CA PRO E 553 15.37 -23.50 5.78
C PRO E 553 14.57 -23.05 4.57
N GLU E 554 14.23 -23.96 3.67
CA GLU E 554 13.48 -23.57 2.47
C GLU E 554 12.08 -23.09 2.83
N LEU E 555 11.37 -23.87 3.65
CA LEU E 555 10.04 -23.45 4.09
C LEU E 555 10.13 -22.16 4.88
N LEU E 556 11.17 -22.04 5.70
CA LEU E 556 11.37 -20.82 6.49
C LEU E 556 11.55 -19.61 5.58
N THR E 557 12.35 -19.75 4.54
CA THR E 557 12.55 -18.66 3.60
C THR E 557 11.26 -18.31 2.88
N MET E 558 10.51 -19.32 2.45
CA MET E 558 9.27 -19.05 1.72
C MET E 558 8.25 -18.34 2.60
N TRP E 559 8.13 -18.76 3.87
CA TRP E 559 7.27 -18.02 4.79
C TRP E 559 7.78 -16.59 4.96
N PHE E 560 9.08 -16.42 5.22
CA PHE E 560 9.64 -15.08 5.25
C PHE E 560 9.41 -14.35 3.93
N GLY E 561 9.28 -15.09 2.84
CA GLY E 561 8.91 -14.51 1.57
C GLY E 561 7.42 -14.37 1.35
N GLU E 562 6.62 -14.69 2.37
CA GLU E 562 5.17 -14.60 2.28
C GLU E 562 4.63 -15.45 1.13
N SER E 563 5.22 -16.62 0.95
CA SER E 563 4.75 -17.58 -0.04
C SER E 563 4.45 -18.91 0.63
N GLU E 564 3.73 -18.85 1.76
CA GLU E 564 3.48 -20.05 2.55
C GLU E 564 2.69 -21.09 1.79
N ALA E 565 2.04 -20.72 0.68
CA ALA E 565 1.36 -21.70 -0.15
C ALA E 565 2.32 -22.75 -0.69
N ASN E 566 3.63 -22.47 -0.64
CA ASN E 566 4.61 -23.47 -1.04
C ASN E 566 4.45 -24.76 -0.22
N VAL E 567 4.06 -24.64 1.05
CA VAL E 567 3.91 -25.83 1.88
C VAL E 567 2.79 -26.71 1.34
N ARG E 568 1.63 -26.10 1.07
CA ARG E 568 0.54 -26.84 0.45
C ARG E 568 0.97 -27.39 -0.90
N GLU E 569 1.84 -26.67 -1.62
CA GLU E 569 2.33 -27.18 -2.89
C GLU E 569 3.17 -28.44 -2.68
N ILE E 570 4.02 -28.46 -1.66
CA ILE E 570 4.83 -29.64 -1.38
C ILE E 570 3.91 -30.81 -1.05
N PHE E 571 2.92 -30.58 -0.21
CA PHE E 571 1.99 -31.65 0.13
C PHE E 571 1.25 -32.15 -1.10
N ASP E 572 0.80 -31.22 -1.95
CA ASP E 572 0.10 -31.61 -3.16
C ASP E 572 0.98 -32.49 -4.04
N LYS E 573 2.20 -32.03 -4.33
CA LYS E 573 3.12 -32.80 -5.16
C LYS E 573 3.34 -34.18 -4.57
N ALA E 574 3.65 -34.23 -3.27
CA ALA E 574 3.83 -35.53 -2.63
C ALA E 574 2.61 -36.41 -2.83
N ARG E 575 1.43 -35.80 -2.87
CA ARG E 575 0.21 -36.57 -3.06
C ARG E 575 0.08 -37.12 -4.48
N GLN E 576 0.35 -36.28 -5.48
CA GLN E 576 0.17 -36.70 -6.86
C GLN E 576 1.10 -37.84 -7.23
N SER E 577 2.34 -37.78 -6.74
CA SER E 577 3.36 -38.77 -7.09
C SER E 577 3.35 -39.97 -6.15
N ALA E 578 2.22 -40.24 -5.51
CA ALA E 578 2.14 -41.38 -4.61
C ALA E 578 2.44 -42.67 -5.37
N PRO E 579 3.11 -43.64 -4.75
CA PRO E 579 3.61 -43.66 -3.37
C PRO E 579 4.79 -42.72 -3.18
N CYS E 580 4.94 -42.14 -1.98
CA CYS E 580 5.95 -41.12 -1.78
C CYS E 580 6.40 -41.14 -0.33
N VAL E 581 7.58 -40.55 -0.09
CA VAL E 581 8.15 -40.42 1.24
C VAL E 581 8.59 -38.97 1.40
N LEU E 582 7.73 -38.16 2.00
CA LEU E 582 8.02 -36.75 2.23
C LEU E 582 8.90 -36.64 3.47
N PHE E 583 10.15 -36.22 3.27
CA PHE E 583 11.14 -36.15 4.33
C PHE E 583 11.32 -34.68 4.73
N PHE E 584 10.85 -34.33 5.92
CA PHE E 584 10.96 -32.97 6.43
C PHE E 584 12.29 -32.86 7.19
N ASP E 585 13.31 -32.38 6.51
CA ASP E 585 14.63 -32.28 7.10
C ASP E 585 14.71 -31.08 8.04
N GLU E 586 15.37 -31.28 9.17
CA GLU E 586 15.45 -30.28 10.24
C GLU E 586 14.07 -29.73 10.58
N LEU E 587 13.19 -30.62 11.01
CA LEU E 587 11.89 -30.20 11.51
C LEU E 587 12.04 -29.25 12.68
N ASP E 588 13.10 -29.40 13.47
CA ASP E 588 13.33 -28.56 14.63
C ASP E 588 13.89 -27.18 14.26
N SER E 589 14.25 -26.97 12.99
CA SER E 589 14.75 -25.66 12.59
C SER E 589 13.69 -24.58 12.77
N ILE E 590 12.45 -24.88 12.36
CA ILE E 590 11.37 -23.91 12.50
C ILE E 590 11.09 -23.64 13.98
N ALA E 591 11.03 -24.71 14.77
CA ALA E 591 10.76 -24.55 16.20
C ALA E 591 11.85 -23.72 16.87
N THR E 592 13.11 -23.95 16.49
CA THR E 592 14.20 -23.14 17.02
C THR E 592 14.07 -21.68 16.58
N GLN E 593 13.71 -21.45 15.31
CA GLN E 593 13.46 -20.10 14.86
C GLN E 593 12.44 -19.41 15.75
N ARG E 594 11.38 -20.13 16.11
CA ARG E 594 10.46 -19.64 17.13
C ARG E 594 10.99 -19.90 18.53
N GLY E 595 11.80 -20.94 18.71
CA GLY E 595 12.41 -21.20 20.01
C GLY E 595 12.37 -22.66 20.44
N GLY E 596 11.31 -23.37 20.10
CA GLY E 596 11.19 -24.75 20.51
C GLY E 596 11.08 -24.90 22.02
N GLY E 597 12.15 -25.39 22.64
CA GLY E 597 12.17 -25.59 24.07
C GLY E 597 13.23 -24.76 24.77
N SER E 598 14.23 -24.29 24.02
CA SER E 598 15.29 -23.47 24.58
C SER E 598 14.81 -22.07 24.95
N GLY E 599 13.67 -21.64 24.44
CA GLY E 599 13.12 -20.34 24.77
C GLY E 599 13.50 -19.25 23.79
N GLY E 600 13.42 -19.54 22.51
CA GLY E 600 13.65 -18.54 21.48
C GLY E 600 12.81 -17.30 21.72
N ASP E 601 11.50 -17.43 21.58
CA ASP E 601 10.59 -16.43 22.10
C ASP E 601 10.21 -16.82 23.52
N GLY E 602 9.34 -16.02 24.15
CA GLY E 602 8.93 -16.34 25.50
C GLY E 602 8.23 -17.68 25.62
N GLY E 603 7.64 -18.15 24.52
CA GLY E 603 6.81 -19.34 24.56
C GLY E 603 7.22 -20.46 23.63
N GLY E 604 6.24 -21.05 22.96
CA GLY E 604 6.44 -22.26 22.18
C GLY E 604 7.03 -21.98 20.81
N ALA E 605 6.86 -22.96 19.92
CA ALA E 605 7.49 -22.95 18.61
C ALA E 605 6.51 -22.76 17.45
N ALA E 606 5.21 -22.92 17.68
CA ALA E 606 4.26 -22.89 16.58
C ALA E 606 4.26 -21.53 15.88
N ASP E 607 4.09 -21.54 14.56
CA ASP E 607 4.06 -20.33 13.76
C ASP E 607 3.30 -20.62 12.47
N ARG E 608 3.42 -19.70 11.51
CA ARG E 608 2.79 -19.88 10.20
C ARG E 608 3.07 -21.27 9.63
N VAL E 609 4.34 -21.56 9.39
CA VAL E 609 4.70 -22.78 8.67
C VAL E 609 4.30 -24.00 9.47
N LEU E 610 4.60 -23.99 10.77
CA LEU E 610 4.27 -25.15 11.60
C LEU E 610 2.76 -25.39 11.62
N ASN E 611 1.98 -24.34 11.85
CA ASN E 611 0.54 -24.51 11.94
C ASN E 611 -0.02 -25.01 10.61
N GLN E 612 0.48 -24.47 9.50
CA GLN E 612 0.05 -24.96 8.20
C GLN E 612 0.41 -26.43 8.02
N LEU E 613 1.59 -26.82 8.50
CA LEU E 613 1.99 -28.23 8.40
C LEU E 613 1.04 -29.12 9.18
N LEU E 614 0.68 -28.73 10.40
CA LEU E 614 -0.30 -29.51 11.16
C LEU E 614 -1.63 -29.59 10.42
N THR E 615 -2.08 -28.46 9.88
CA THR E 615 -3.38 -28.45 9.20
C THR E 615 -3.38 -29.41 8.02
N GLU E 616 -2.32 -29.37 7.21
CA GLU E 616 -2.21 -30.30 6.10
C GLU E 616 -2.07 -31.73 6.57
N MET E 617 -1.39 -31.94 7.70
CA MET E 617 -1.22 -33.30 8.22
C MET E 617 -2.56 -33.90 8.60
N ASP E 618 -3.36 -33.19 9.38
CA ASP E 618 -4.66 -33.70 9.78
C ASP E 618 -5.59 -33.88 8.60
N GLY E 619 -5.35 -33.17 7.50
CA GLY E 619 -6.18 -33.25 6.32
C GLY E 619 -5.77 -34.28 5.30
N MET E 620 -4.76 -35.09 5.58
CA MET E 620 -4.30 -36.08 4.63
C MET E 620 -5.30 -37.23 4.51
N ASN E 621 -5.31 -37.85 3.33
CA ASN E 621 -6.21 -38.96 3.07
C ASN E 621 -5.64 -40.26 3.64
N ALA E 622 -6.47 -40.99 4.38
CA ALA E 622 -6.01 -42.25 4.96
C ALA E 622 -5.66 -43.26 3.88
N LYS E 623 -6.45 -43.31 2.81
CA LYS E 623 -6.21 -44.28 1.75
C LYS E 623 -4.98 -43.95 0.91
N LYS E 624 -4.49 -42.72 0.97
CA LYS E 624 -3.35 -42.32 0.15
C LYS E 624 -2.05 -42.81 0.78
N THR E 625 -1.14 -43.28 -0.07
CA THR E 625 0.13 -43.83 0.37
C THR E 625 1.20 -42.75 0.43
N VAL E 626 0.90 -41.70 1.19
CA VAL E 626 1.82 -40.60 1.40
C VAL E 626 2.37 -40.67 2.82
N PHE E 627 3.48 -41.37 2.99
CA PHE E 627 4.12 -41.47 4.29
C PHE E 627 5.10 -40.32 4.46
N ILE E 628 5.15 -39.77 5.67
CA ILE E 628 5.92 -38.58 5.97
C ILE E 628 6.89 -38.90 7.09
N ILE E 629 8.14 -38.47 6.92
CA ILE E 629 9.21 -38.72 7.87
C ILE E 629 9.81 -37.38 8.30
N GLY E 630 9.95 -37.20 9.59
CA GLY E 630 10.53 -36.00 10.16
C GLY E 630 11.85 -36.32 10.85
N ALA E 631 12.85 -35.51 10.57
CA ALA E 631 14.18 -35.67 11.14
C ALA E 631 14.51 -34.45 11.99
N THR E 632 14.97 -34.71 13.21
CA THR E 632 15.31 -33.65 14.15
C THR E 632 16.56 -34.06 14.93
N ASN E 633 17.48 -33.12 15.08
CA ASN E 633 18.66 -33.33 15.90
C ASN E 633 18.44 -32.90 17.35
N ARG E 634 17.25 -32.39 17.67
CA ARG E 634 16.95 -31.91 19.02
C ARG E 634 15.50 -32.28 19.32
N PRO E 635 15.26 -33.36 20.06
CA PRO E 635 13.88 -33.78 20.31
C PRO E 635 13.22 -33.07 21.48
N ASP E 636 13.99 -32.49 22.39
CA ASP E 636 13.42 -31.84 23.56
C ASP E 636 12.83 -30.47 23.24
N ILE E 637 13.06 -29.95 22.03
CA ILE E 637 12.55 -28.64 21.65
C ILE E 637 11.37 -28.71 20.70
N ILE E 638 11.01 -29.91 20.22
CA ILE E 638 9.93 -30.02 19.25
C ILE E 638 8.60 -29.77 19.93
N ASP E 639 7.74 -28.98 19.28
CA ASP E 639 6.43 -28.69 19.82
C ASP E 639 5.64 -29.97 20.01
N SER E 640 4.99 -30.11 21.17
CA SER E 640 4.25 -31.32 21.46
C SER E 640 3.06 -31.50 20.53
N ALA E 641 2.47 -30.40 20.05
CA ALA E 641 1.33 -30.51 19.16
C ALA E 641 1.67 -31.29 17.90
N LEU E 642 2.92 -31.22 17.45
CA LEU E 642 3.33 -31.95 16.26
C LEU E 642 3.44 -33.45 16.54
N LEU E 643 3.73 -33.81 17.78
CA LEU E 643 3.89 -35.21 18.15
C LEU E 643 2.58 -35.90 18.47
N ARG E 644 1.46 -35.19 18.40
CA ARG E 644 0.18 -35.79 18.73
C ARG E 644 -0.15 -36.90 17.74
N PRO E 645 -0.83 -37.96 18.18
CA PRO E 645 -1.19 -39.04 17.25
C PRO E 645 -2.03 -38.51 16.09
N GLY E 646 -1.82 -39.12 14.93
CA GLY E 646 -2.50 -38.75 13.72
C GLY E 646 -1.68 -37.90 12.77
N ARG E 647 -0.60 -37.27 13.24
CA ARG E 647 0.26 -36.47 12.40
C ARG E 647 1.66 -37.06 12.27
N LEU E 648 2.36 -37.20 13.39
CA LEU E 648 3.70 -37.80 13.42
C LEU E 648 3.89 -38.34 14.84
N ASP E 649 3.68 -39.64 15.02
CA ASP E 649 3.68 -40.16 16.38
C ASP E 649 4.78 -41.19 16.60
N GLN E 650 4.99 -42.10 15.67
CA GLN E 650 6.07 -43.06 15.81
C GLN E 650 7.41 -42.34 15.98
N LEU E 651 8.09 -42.60 17.09
CA LEU E 651 9.40 -42.05 17.37
C LEU E 651 10.41 -43.18 17.39
N ILE E 652 11.48 -43.03 16.61
CA ILE E 652 12.52 -44.04 16.49
C ILE E 652 13.86 -43.38 16.77
N TYR E 653 14.68 -44.04 17.60
CA TYR E 653 15.98 -43.51 17.96
C TYR E 653 17.05 -44.08 17.04
N ILE E 654 17.90 -43.20 16.53
CA ILE E 654 19.00 -43.58 15.65
C ILE E 654 20.30 -43.48 16.42
N PRO E 655 20.88 -44.59 16.89
CA PRO E 655 22.10 -44.52 17.68
C PRO E 655 23.32 -44.23 16.82
N LEU E 656 24.39 -43.85 17.50
CA LEU E 656 25.67 -43.70 16.82
C LEU E 656 26.10 -45.05 16.26
N PRO E 657 26.79 -45.05 15.12
CA PRO E 657 27.16 -46.34 14.50
C PRO E 657 27.99 -47.18 15.44
N ASP E 658 27.69 -48.49 15.46
CA ASP E 658 28.43 -49.44 16.27
C ASP E 658 29.57 -50.02 15.45
N GLU E 659 30.18 -51.10 15.94
CA GLU E 659 31.37 -51.65 15.29
C GLU E 659 31.08 -52.00 13.83
N ASP E 660 30.04 -52.79 13.59
CA ASP E 660 29.73 -53.18 12.21
C ASP E 660 29.20 -52.01 11.41
N SER E 661 28.38 -51.16 12.03
CA SER E 661 27.90 -49.96 11.33
C SER E 661 29.06 -49.07 10.92
N ARG E 662 30.01 -48.86 11.84
CA ARG E 662 31.17 -48.03 11.53
C ARG E 662 32.01 -48.67 10.44
N LEU E 663 32.16 -50.00 10.47
CA LEU E 663 32.85 -50.69 9.39
C LEU E 663 32.17 -50.43 8.05
N ASN E 664 30.84 -50.51 8.04
CA ASN E 664 30.10 -50.29 6.80
C ASN E 664 30.31 -48.87 6.29
N ILE E 665 30.23 -47.87 7.18
CA ILE E 665 30.42 -46.50 6.75
C ILE E 665 31.83 -46.30 6.22
N PHE E 666 32.83 -46.86 6.92
CA PHE E 666 34.20 -46.75 6.46
C PHE E 666 34.37 -47.31 5.05
N LYS E 667 33.90 -48.54 4.83
CA LYS E 667 34.08 -49.15 3.52
C LYS E 667 33.31 -48.38 2.46
N ALA E 668 32.14 -47.86 2.80
CA ALA E 668 31.38 -47.06 1.83
C ALA E 668 32.16 -45.82 1.43
N ALA E 669 32.77 -45.14 2.41
CA ALA E 669 33.52 -43.93 2.10
C ALA E 669 34.79 -44.26 1.30
N LEU E 670 35.45 -45.36 1.61
CA LEU E 670 36.63 -45.80 0.86
C LEU E 670 36.27 -46.76 -0.26
N ARG E 671 34.98 -47.05 -0.46
CA ARG E 671 34.61 -48.01 -1.48
C ARG E 671 35.08 -47.56 -2.85
N LYS E 672 34.96 -46.27 -3.14
CA LYS E 672 35.37 -45.74 -4.43
C LYS E 672 36.89 -45.62 -4.55
N SER E 673 37.61 -45.45 -3.45
CA SER E 673 39.03 -45.17 -3.51
C SER E 673 39.85 -46.42 -3.28
N PRO E 674 41.05 -46.52 -3.87
CA PRO E 674 41.94 -47.63 -3.56
C PRO E 674 42.72 -47.36 -2.27
N ILE E 675 42.95 -48.43 -1.51
CA ILE E 675 43.67 -48.36 -0.25
C ILE E 675 44.87 -49.27 -0.31
N ALA E 676 45.91 -48.90 0.43
CA ALA E 676 47.12 -49.73 0.49
C ALA E 676 46.78 -51.07 1.12
N LYS E 677 47.42 -52.12 0.60
CA LYS E 677 47.14 -53.47 1.09
C LYS E 677 47.41 -53.60 2.58
N ASP E 678 48.34 -52.80 3.10
CA ASP E 678 48.64 -52.86 4.54
C ASP E 678 47.46 -52.42 5.37
N VAL E 679 46.54 -51.65 4.81
CA VAL E 679 45.43 -51.05 5.55
C VAL E 679 44.16 -51.82 5.27
N ASP E 680 43.59 -52.40 6.32
CA ASP E 680 42.24 -52.93 6.32
C ASP E 680 41.42 -52.06 7.25
N ILE E 681 40.32 -51.49 6.74
CA ILE E 681 39.62 -50.45 7.48
C ILE E 681 38.74 -51.01 8.58
N GLY E 682 38.38 -52.30 8.51
CA GLY E 682 37.58 -52.88 9.57
C GLY E 682 38.28 -52.87 10.91
N ALA E 683 39.60 -53.07 10.90
CA ALA E 683 40.35 -53.04 12.15
C ALA E 683 40.24 -51.68 12.82
N LEU E 684 40.38 -50.60 12.03
CA LEU E 684 40.21 -49.26 12.58
C LEU E 684 38.77 -49.03 13.03
N ALA E 685 37.81 -49.50 12.22
CA ALA E 685 36.40 -49.33 12.57
C ALA E 685 36.07 -50.01 13.90
N LYS E 686 36.78 -51.09 14.23
CA LYS E 686 36.43 -51.86 15.41
C LYS E 686 36.54 -51.04 16.68
N TYR E 687 37.61 -50.27 16.82
CA TYR E 687 37.91 -49.59 18.08
C TYR E 687 37.43 -48.15 18.13
N THR E 688 36.86 -47.62 17.05
CA THR E 688 36.52 -46.21 16.97
C THR E 688 35.06 -45.99 17.36
N GLN E 689 34.75 -46.39 18.58
CA GLN E 689 33.41 -46.23 19.13
C GLN E 689 33.16 -44.78 19.52
N GLY E 690 31.89 -44.38 19.45
CA GLY E 690 31.49 -43.03 19.82
C GLY E 690 31.74 -41.98 18.75
N PHE E 691 32.08 -42.39 17.53
CA PHE E 691 32.39 -41.46 16.45
C PHE E 691 31.35 -41.58 15.36
N SER E 692 30.80 -40.44 14.95
CA SER E 692 29.68 -40.42 14.01
C SER E 692 30.18 -40.65 12.58
N GLY E 693 29.23 -40.91 11.68
CA GLY E 693 29.57 -41.15 10.29
C GLY E 693 30.26 -39.95 9.65
N ALA E 694 29.87 -38.74 10.05
CA ALA E 694 30.56 -37.56 9.55
C ALA E 694 32.03 -37.57 9.92
N ASP E 695 32.34 -37.96 11.16
CA ASP E 695 33.74 -38.07 11.56
C ASP E 695 34.45 -39.12 10.71
N ILE E 696 33.77 -40.22 10.39
CA ILE E 696 34.37 -41.21 9.51
C ILE E 696 34.72 -40.59 8.17
N THR E 697 33.75 -39.89 7.58
CA THR E 697 33.98 -39.27 6.28
C THR E 697 35.18 -38.32 6.35
N GLU E 698 35.31 -37.58 7.44
CA GLU E 698 36.41 -36.63 7.54
C GLU E 698 37.74 -37.32 7.78
N ILE E 699 37.75 -38.42 8.53
CA ILE E 699 38.97 -39.18 8.69
C ILE E 699 39.46 -39.67 7.33
N CYS E 700 38.55 -40.20 6.52
CA CYS E 700 38.93 -40.61 5.17
C CYS E 700 39.40 -39.43 4.34
N GLN E 701 38.69 -38.30 4.43
CA GLN E 701 39.09 -37.13 3.65
C GLN E 701 40.51 -36.71 4.01
N ARG E 702 40.82 -36.67 5.30
CA ARG E 702 42.15 -36.23 5.73
C ARG E 702 43.21 -37.26 5.39
N ALA E 703 42.87 -38.55 5.45
CA ALA E 703 43.83 -39.58 5.10
C ALA E 703 44.19 -39.50 3.61
N CYS E 704 43.16 -39.43 2.76
CA CYS E 704 43.40 -39.18 1.35
C CYS E 704 44.19 -37.90 1.13
N LYS E 705 43.88 -36.86 1.91
CA LYS E 705 44.53 -35.57 1.77
C LYS E 705 46.02 -35.66 2.08
N TYR E 706 46.38 -36.42 3.12
CA TYR E 706 47.81 -36.56 3.45
C TYR E 706 48.53 -37.45 2.44
N ALA E 707 47.91 -38.55 2.02
CA ALA E 707 48.48 -39.32 0.92
C ALA E 707 48.63 -38.46 -0.32
N ILE E 708 47.74 -37.48 -0.47
CA ILE E 708 47.74 -36.58 -1.61
C ILE E 708 48.93 -35.64 -1.55
N ARG E 709 49.18 -35.08 -0.37
CA ARG E 709 50.39 -34.29 -0.18
C ARG E 709 51.63 -35.13 -0.48
N GLU E 710 51.62 -36.39 -0.05
CA GLU E 710 52.76 -37.26 -0.34
C GLU E 710 52.95 -37.40 -1.85
N ASN E 711 51.85 -37.62 -2.57
CA ASN E 711 51.94 -37.77 -4.03
C ASN E 711 52.50 -36.51 -4.67
N ILE E 712 51.99 -35.34 -4.28
CA ILE E 712 52.48 -34.12 -4.92
C ILE E 712 53.92 -33.85 -4.54
N GLU E 713 54.33 -34.19 -3.32
CA GLU E 713 55.73 -34.02 -2.95
C GLU E 713 56.63 -34.91 -3.80
N LYS E 714 56.21 -36.15 -4.04
CA LYS E 714 56.97 -37.02 -4.93
C LYS E 714 57.04 -36.43 -6.34
N ASP E 715 55.92 -35.88 -6.82
CA ASP E 715 55.92 -35.25 -8.14
C ASP E 715 56.86 -34.06 -8.19
N ILE E 716 56.88 -33.26 -7.13
CA ILE E 716 57.74 -32.08 -7.11
C ILE E 716 59.21 -32.50 -7.09
N GLU E 717 59.53 -33.55 -6.33
CA GLU E 717 60.89 -34.07 -6.32
C GLU E 717 61.28 -34.60 -7.69
N LYS E 718 60.34 -35.26 -8.37
CA LYS E 718 60.61 -35.72 -9.73
C LYS E 718 60.88 -34.55 -10.67
N GLU E 719 60.10 -33.48 -10.56
CA GLU E 719 60.33 -32.30 -11.38
C GLU E 719 61.68 -31.67 -11.07
N LYS E 720 62.05 -31.63 -9.79
CA LYS E 720 63.36 -31.10 -9.41
C LYS E 720 64.47 -31.93 -10.03
N ARG E 721 64.35 -33.26 -9.97
CA ARG E 721 65.35 -34.13 -10.57
C ARG E 721 65.43 -33.91 -12.08
N ARG E 722 64.29 -33.77 -12.75
CA ARG E 722 64.31 -33.51 -14.18
C ARG E 722 64.94 -32.18 -14.50
N SER E 723 64.71 -31.16 -13.67
CA SER E 723 65.40 -29.89 -13.85
C SER E 723 66.90 -30.07 -13.68
N GLU E 724 67.32 -30.94 -12.75
CA GLU E 724 68.73 -31.23 -12.59
C GLU E 724 69.31 -31.89 -13.82
N ASN E 725 68.58 -32.84 -14.42
CA ASN E 725 69.02 -33.59 -15.59
C ASN E 725 67.91 -33.56 -16.63
N PRO E 726 67.68 -32.40 -17.27
CA PRO E 726 66.61 -32.33 -18.27
C PRO E 726 66.82 -33.26 -19.45
N GLU E 727 68.07 -33.47 -19.86
CA GLU E 727 68.37 -34.31 -21.02
C GLU E 727 68.37 -35.80 -20.68
N ALA E 728 68.40 -36.17 -19.40
CA ALA E 728 68.38 -37.57 -19.02
C ALA E 728 67.08 -38.22 -19.47
N MET E 729 67.16 -39.13 -20.44
CA MET E 729 65.97 -39.80 -20.94
C MET E 729 65.29 -40.54 -19.81
N GLU E 730 63.97 -40.37 -19.70
CA GLU E 730 63.19 -40.97 -18.63
C GLU E 730 63.11 -42.48 -18.85
N GLU E 731 63.88 -43.24 -18.09
CA GLU E 731 63.84 -44.69 -18.17
C GLU E 731 62.43 -45.19 -17.86
N ASP E 732 62.20 -46.46 -18.20
CA ASP E 732 60.91 -47.08 -17.93
C ASP E 732 60.85 -47.56 -16.48
N GLY E 733 61.15 -46.69 -15.54
CA GLY E 733 61.06 -47.03 -14.13
C GLY E 733 59.62 -47.10 -13.69
N VAL E 734 59.20 -48.25 -13.15
CA VAL E 734 57.83 -48.42 -12.73
C VAL E 734 57.49 -47.37 -11.69
N ASP E 735 56.55 -46.48 -12.02
CA ASP E 735 56.14 -45.45 -11.08
C ASP E 735 55.55 -46.09 -9.82
N GLU E 736 56.01 -45.63 -8.66
CA GLU E 736 55.47 -46.14 -7.41
C GLU E 736 53.96 -45.92 -7.36
N VAL E 737 53.24 -46.95 -6.93
CA VAL E 737 51.78 -46.91 -6.96
C VAL E 737 51.33 -45.88 -5.93
N SER E 738 50.67 -44.83 -6.40
CA SER E 738 50.18 -43.74 -5.53
C SER E 738 48.93 -44.24 -4.82
N GLU E 739 49.13 -44.82 -3.63
CA GLU E 739 48.05 -45.36 -2.83
C GLU E 739 47.90 -44.56 -1.54
N ILE E 740 46.85 -44.90 -0.80
CA ILE E 740 46.57 -44.30 0.50
C ILE E 740 47.03 -45.30 1.56
N LYS E 741 48.14 -44.98 2.22
CA LYS E 741 48.79 -45.90 3.14
C LYS E 741 48.38 -45.61 4.58
N ALA E 742 48.82 -46.48 5.49
CA ALA E 742 48.40 -46.39 6.88
C ALA E 742 49.02 -45.19 7.59
N ALA E 743 50.20 -44.75 7.17
CA ALA E 743 50.84 -43.61 7.81
C ALA E 743 49.97 -42.36 7.68
N HIS E 744 49.37 -42.16 6.50
CA HIS E 744 48.53 -41.00 6.31
C HIS E 744 47.18 -41.16 7.01
N PHE E 745 46.73 -42.40 7.22
CA PHE E 745 45.59 -42.60 8.10
C PHE E 745 45.92 -42.18 9.52
N GLU E 746 47.12 -42.51 9.98
CA GLU E 746 47.58 -42.03 11.29
C GLU E 746 47.57 -40.51 11.34
N GLU E 747 48.13 -39.88 10.31
CA GLU E 747 48.20 -38.42 10.28
C GLU E 747 46.82 -37.80 10.25
N SER E 748 45.88 -38.44 9.57
CA SER E 748 44.51 -37.93 9.54
C SER E 748 43.82 -38.06 10.88
N MET E 749 43.93 -39.23 11.52
CA MET E 749 43.28 -39.42 12.81
C MET E 749 43.90 -38.52 13.87
N LYS E 750 45.16 -38.12 13.68
CA LYS E 750 45.75 -37.13 14.58
C LYS E 750 44.91 -35.87 14.60
N TYR E 751 44.12 -35.64 13.56
CA TYR E 751 43.14 -34.56 13.50
C TYR E 751 41.71 -35.10 13.46
N ALA E 752 41.48 -36.26 14.08
CA ALA E 752 40.15 -36.83 14.17
C ALA E 752 39.32 -36.05 15.20
N ARG E 753 38.03 -35.97 14.95
CA ARG E 753 37.08 -35.25 15.81
C ARG E 753 35.95 -36.16 16.24
N ARG E 754 35.33 -35.83 17.37
CA ARG E 754 34.07 -36.43 17.78
C ARG E 754 33.13 -35.29 18.16
N SER E 755 32.22 -34.94 17.24
CA SER E 755 31.35 -33.78 17.45
C SER E 755 30.38 -34.00 18.61
N VAL E 756 29.96 -35.24 18.83
CA VAL E 756 28.96 -35.56 19.84
C VAL E 756 29.67 -36.04 21.10
N SER E 757 29.28 -35.49 22.24
CA SER E 757 29.79 -35.90 23.54
C SER E 757 28.82 -36.88 24.19
N ASP E 758 29.32 -37.55 25.24
CA ASP E 758 28.48 -38.50 25.96
C ASP E 758 27.31 -37.81 26.65
N ALA E 759 27.38 -36.49 26.86
CA ALA E 759 26.25 -35.78 27.46
C ALA E 759 25.09 -35.66 26.49
N ASP E 760 25.38 -35.42 25.21
CA ASP E 760 24.31 -35.37 24.22
C ASP E 760 23.64 -36.73 24.09
N ILE E 761 24.43 -37.80 24.06
CA ILE E 761 23.85 -39.13 24.01
C ILE E 761 23.08 -39.43 25.28
N ARG E 762 23.54 -38.88 26.41
CA ARG E 762 22.79 -39.05 27.66
C ARG E 762 21.44 -38.37 27.56
N LYS E 763 21.38 -37.18 26.95
CA LYS E 763 20.11 -36.52 26.72
C LYS E 763 19.22 -37.35 25.80
N TYR E 764 19.81 -37.91 24.76
CA TYR E 764 19.04 -38.70 23.80
C TYR E 764 18.45 -39.93 24.48
N GLN E 765 19.24 -40.61 25.30
CA GLN E 765 18.74 -41.80 25.99
C GLN E 765 17.78 -41.43 27.10
N ALA E 766 17.90 -40.22 27.67
CA ALA E 766 16.87 -39.75 28.59
C ALA E 766 15.54 -39.58 27.88
N PHE E 767 15.56 -39.02 26.67
CA PHE E 767 14.35 -38.94 25.87
C PHE E 767 13.84 -40.34 25.54
N ALA E 768 14.74 -41.25 25.17
CA ALA E 768 14.36 -42.62 24.86
C ALA E 768 13.74 -43.31 26.06
N GLN E 769 14.22 -43.00 27.26
CA GLN E 769 13.63 -43.57 28.47
C GLN E 769 12.26 -42.98 28.76
N THR E 770 12.14 -41.66 28.65
CA THR E 770 10.84 -41.02 28.80
C THR E 770 9.84 -41.58 27.79
N LEU E 771 10.33 -42.09 26.67
CA LEU E 771 9.45 -42.72 25.69
C LEU E 771 9.14 -44.16 26.05
N GLN E 772 10.16 -44.92 26.48
CA GLN E 772 10.05 -46.35 26.66
C GLN E 772 9.02 -46.72 27.72
N GLN E 773 9.31 -46.41 28.98
CA GLN E 773 8.39 -46.64 30.09
C GLN E 773 7.68 -47.98 29.98
N SER E 774 8.41 -49.03 29.62
CA SER E 774 7.84 -50.35 29.40
C SER E 774 8.37 -51.30 30.47
N ARG E 775 7.47 -51.88 31.25
CA ARG E 775 7.84 -52.81 32.32
C ARG E 775 6.56 -53.40 32.89
N GLY E 776 6.74 -54.38 33.79
CA GLY E 776 5.63 -54.96 34.51
C GLY E 776 5.03 -56.21 33.90
N PHE E 777 4.46 -56.08 32.70
CA PHE E 777 3.71 -57.17 32.07
C PHE E 777 4.48 -57.84 30.95
N GLY E 778 5.81 -57.80 30.99
CA GLY E 778 6.59 -58.48 29.97
C GLY E 778 6.34 -59.97 29.94
N SER E 779 6.25 -60.59 31.13
CA SER E 779 6.02 -62.03 31.22
C SER E 779 5.01 -62.41 32.30
N GLU E 780 4.43 -61.45 33.03
CA GLU E 780 3.52 -61.76 34.12
C GLU E 780 2.10 -62.06 33.64
N PHE E 781 1.82 -61.92 32.35
CA PHE E 781 0.48 -62.08 31.81
C PHE E 781 0.37 -63.42 31.10
N ARG E 782 -0.64 -64.21 31.48
CA ARG E 782 -0.98 -65.42 30.75
C ARG E 782 -2.41 -65.81 31.07
N PHE E 783 -3.12 -66.29 30.05
CA PHE E 783 -4.52 -66.66 30.19
C PHE E 783 -4.66 -68.01 30.87
N GLU E 784 -5.81 -68.21 31.50
CA GLU E 784 -6.10 -69.46 32.19
C GLU E 784 -6.30 -70.60 31.20
N PRO F 32 52.38 -12.14 -44.10
CA PRO F 32 53.49 -11.37 -44.68
C PRO F 32 53.03 -10.08 -45.34
N ASN F 33 51.74 -10.01 -45.68
CA ASN F 33 51.16 -8.84 -46.33
C ASN F 33 50.59 -7.83 -45.34
N ARG F 34 50.72 -8.09 -44.04
CA ARG F 34 50.26 -7.16 -43.01
C ARG F 34 51.44 -6.35 -42.50
N LEU F 35 51.29 -5.03 -42.47
CA LEU F 35 52.36 -4.13 -42.07
C LEU F 35 51.80 -3.05 -41.16
N VAL F 36 52.67 -2.49 -40.33
CA VAL F 36 52.30 -1.43 -39.40
C VAL F 36 52.39 -0.08 -40.11
N VAL F 37 51.41 0.79 -39.83
CA VAL F 37 51.38 2.10 -40.47
C VAL F 37 52.45 3.00 -39.88
N ASP F 38 53.12 3.75 -40.75
CA ASP F 38 54.17 4.67 -40.32
C ASP F 38 54.12 5.92 -41.20
N GLU F 39 54.72 6.99 -40.70
CA GLU F 39 54.76 8.24 -41.45
C GLU F 39 55.62 8.10 -42.69
N ALA F 40 55.15 8.68 -43.79
CA ALA F 40 55.84 8.59 -45.07
C ALA F 40 56.61 9.86 -45.36
N ILE F 41 57.78 9.69 -46.00
CA ILE F 41 58.59 10.83 -46.40
C ILE F 41 57.83 11.67 -47.44
N ASN F 42 57.21 11.01 -48.41
CA ASN F 42 56.48 11.71 -49.46
C ASN F 42 55.08 12.08 -48.96
N ASP F 43 54.69 13.33 -49.20
CA ASP F 43 53.38 13.83 -48.82
C ASP F 43 52.32 13.61 -49.89
N ASP F 44 52.68 12.99 -51.01
CA ASP F 44 51.72 12.76 -52.07
C ASP F 44 50.56 11.91 -51.57
N ASN F 45 49.34 12.27 -51.99
CA ASN F 45 48.14 11.61 -51.47
C ASN F 45 47.97 10.22 -52.05
N SER F 46 48.39 10.01 -53.30
CA SER F 46 48.16 8.76 -54.02
C SER F 46 49.39 7.86 -54.06
N VAL F 47 50.41 8.15 -53.25
CA VAL F 47 51.65 7.38 -53.24
C VAL F 47 51.88 6.86 -51.83
N VAL F 48 52.21 5.57 -51.72
CA VAL F 48 52.57 4.94 -50.46
C VAL F 48 53.92 4.25 -50.64
N SER F 49 54.61 4.06 -49.52
CA SER F 49 55.96 3.50 -49.52
C SER F 49 55.98 2.17 -48.78
N LEU F 50 56.71 1.21 -49.34
CA LEU F 50 56.85 -0.11 -48.75
C LEU F 50 58.32 -0.53 -48.80
N HIS F 51 58.69 -1.40 -47.88
CA HIS F 51 60.07 -1.87 -47.82
C HIS F 51 60.35 -2.74 -49.05
N PRO F 52 61.48 -2.54 -49.74
CA PRO F 52 61.66 -3.25 -51.03
C PRO F 52 61.55 -4.76 -50.95
N ALA F 53 62.23 -5.39 -49.99
CA ALA F 53 62.12 -6.84 -49.85
C ALA F 53 60.68 -7.26 -49.57
N THR F 54 59.95 -6.47 -48.77
CA THR F 54 58.55 -6.77 -48.53
C THR F 54 57.75 -6.72 -49.82
N MET F 55 58.01 -5.73 -50.67
CA MET F 55 57.34 -5.66 -51.96
C MET F 55 57.68 -6.89 -52.81
N GLU F 56 58.95 -7.29 -52.80
CA GLU F 56 59.36 -8.47 -53.57
C GLU F 56 58.64 -9.71 -53.08
N LYS F 57 58.48 -9.85 -51.77
CA LYS F 57 57.73 -10.98 -51.24
C LYS F 57 56.30 -10.98 -51.75
N LEU F 58 55.70 -9.80 -51.88
CA LEU F 58 54.36 -9.65 -52.43
C LEU F 58 54.38 -9.47 -53.94
N GLN F 59 55.55 -9.54 -54.58
CA GLN F 59 55.66 -9.43 -56.03
C GLN F 59 55.15 -8.07 -56.52
N LEU F 60 55.39 -7.03 -55.74
CA LEU F 60 54.96 -5.68 -56.05
C LEU F 60 56.15 -4.89 -56.59
N PHE F 61 55.93 -4.15 -57.67
CA PHE F 61 56.95 -3.34 -58.30
C PHE F 61 56.66 -1.86 -58.07
N ARG F 62 57.70 -1.04 -58.15
CA ARG F 62 57.55 0.39 -57.95
C ARG F 62 56.61 0.98 -59.01
N GLY F 63 55.69 1.82 -58.57
CA GLY F 63 54.76 2.48 -59.46
C GLY F 63 53.48 1.71 -59.73
N ASP F 64 53.38 0.47 -59.26
CA ASP F 64 52.18 -0.32 -59.48
C ASP F 64 51.06 0.14 -58.55
N THR F 65 49.82 -0.19 -58.94
CA THR F 65 48.65 0.12 -58.15
C THR F 65 48.36 -1.05 -57.20
N ILE F 66 48.23 -0.74 -55.92
CA ILE F 66 48.01 -1.75 -54.88
C ILE F 66 46.76 -1.39 -54.10
N LEU F 67 46.00 -2.42 -53.71
CA LEU F 67 44.80 -2.25 -52.91
C LEU F 67 45.16 -2.46 -51.45
N ILE F 68 44.89 -1.45 -50.62
CA ILE F 68 45.22 -1.49 -49.20
C ILE F 68 43.91 -1.55 -48.42
N LYS F 69 43.81 -2.51 -47.50
CA LYS F 69 42.64 -2.68 -46.65
C LYS F 69 42.98 -2.25 -45.24
N GLY F 70 42.16 -1.38 -44.67
CA GLY F 70 42.39 -0.87 -43.34
C GLY F 70 41.34 -1.30 -42.33
N LYS F 71 40.82 -0.35 -41.56
CA LYS F 71 39.83 -0.61 -40.54
C LYS F 71 38.42 -0.38 -41.09
N LYS F 72 37.44 -0.96 -40.40
CA LYS F 72 36.04 -0.82 -40.77
C LYS F 72 35.77 -1.35 -42.18
N ARG F 73 36.58 -2.31 -42.62
CA ARG F 73 36.46 -2.88 -43.96
C ARG F 73 36.54 -1.81 -45.04
N LYS F 74 37.28 -0.74 -44.77
CA LYS F 74 37.49 0.34 -45.73
C LYS F 74 38.87 0.18 -46.35
N ASP F 75 38.91 0.11 -47.68
CA ASP F 75 40.15 -0.06 -48.42
C ASP F 75 40.34 1.11 -49.37
N THR F 76 41.57 1.23 -49.88
CA THR F 76 41.93 2.29 -50.81
C THR F 76 42.99 1.77 -51.77
N VAL F 77 43.23 2.54 -52.83
CA VAL F 77 44.21 2.19 -53.86
C VAL F 77 45.29 3.26 -53.87
N CYS F 78 46.54 2.84 -53.85
CA CYS F 78 47.67 3.75 -53.82
C CYS F 78 48.78 3.22 -54.69
N ILE F 79 49.68 4.11 -55.09
CA ILE F 79 50.84 3.75 -55.91
C ILE F 79 51.95 3.30 -54.97
N ALA F 80 52.44 2.09 -55.18
CA ALA F 80 53.44 1.49 -54.30
C ALA F 80 54.84 1.84 -54.80
N LEU F 81 55.65 2.41 -53.90
CA LEU F 81 57.03 2.75 -54.19
C LEU F 81 57.94 2.07 -53.17
N ALA F 82 59.14 1.71 -53.63
CA ALA F 82 60.11 1.06 -52.76
C ALA F 82 60.83 2.10 -51.91
N ASP F 83 60.89 1.86 -50.61
CA ASP F 83 61.55 2.76 -49.66
C ASP F 83 62.42 1.91 -48.74
N GLU F 84 63.73 1.96 -48.96
CA GLU F 84 64.65 1.16 -48.15
C GLU F 84 64.68 1.60 -46.70
N THR F 85 64.40 2.88 -46.43
CA THR F 85 64.41 3.38 -45.06
C THR F 85 63.21 2.90 -44.25
N CYS F 86 62.21 2.31 -44.90
CA CYS F 86 61.02 1.82 -44.20
C CYS F 86 61.28 0.41 -43.68
N GLU F 87 60.89 0.16 -42.43
CA GLU F 87 61.14 -1.14 -41.82
C GLU F 87 60.36 -2.23 -42.54
N GLU F 88 60.91 -3.44 -42.51
CA GLU F 88 60.28 -4.57 -43.19
C GLU F 88 58.84 -4.81 -42.76
N PRO F 89 58.52 -4.87 -41.46
CA PRO F 89 57.14 -5.06 -41.04
C PRO F 89 56.31 -3.77 -40.97
N LYS F 90 56.79 -2.68 -41.55
CA LYS F 90 56.11 -1.39 -41.52
C LYS F 90 55.77 -0.95 -42.93
N ILE F 91 54.68 -0.18 -43.03
CA ILE F 91 54.26 0.45 -44.29
C ILE F 91 54.13 1.94 -44.04
N ARG F 92 54.72 2.73 -44.92
CA ARG F 92 54.77 4.18 -44.77
C ARG F 92 53.75 4.83 -45.70
N MET F 93 52.94 5.72 -45.14
CA MET F 93 51.92 6.43 -45.91
C MET F 93 51.51 7.68 -45.15
N ASN F 94 51.01 8.67 -45.90
CA ASN F 94 50.78 10.00 -45.38
C ASN F 94 49.42 10.08 -44.66
N LYS F 95 49.08 11.29 -44.21
CA LYS F 95 47.85 11.50 -43.47
C LYS F 95 46.62 11.23 -44.34
N VAL F 96 46.69 11.61 -45.62
CA VAL F 96 45.53 11.45 -46.50
C VAL F 96 45.17 9.98 -46.63
N VAL F 97 46.16 9.13 -46.89
CA VAL F 97 45.89 7.71 -47.03
C VAL F 97 45.48 7.10 -45.69
N ARG F 98 46.05 7.61 -44.60
CA ARG F 98 45.62 7.18 -43.27
C ARG F 98 44.13 7.42 -43.08
N SER F 99 43.66 8.62 -43.46
CA SER F 99 42.24 8.91 -43.38
C SER F 99 41.43 8.01 -44.31
N ASN F 100 41.95 7.77 -45.51
CA ASN F 100 41.25 6.89 -46.44
C ASN F 100 41.12 5.48 -45.88
N LEU F 101 42.19 4.98 -45.26
CA LEU F 101 42.16 3.64 -44.66
C LEU F 101 41.54 3.63 -43.27
N ARG F 102 41.24 4.80 -42.70
CA ARG F 102 40.65 4.88 -41.36
C ARG F 102 41.57 4.24 -40.32
N VAL F 103 42.87 4.46 -40.47
CA VAL F 103 43.87 3.92 -39.57
C VAL F 103 44.82 5.03 -39.14
N ARG F 104 45.53 4.80 -38.05
CA ARG F 104 46.48 5.74 -37.49
C ARG F 104 47.82 5.04 -37.28
N LEU F 105 48.78 5.78 -36.74
CA LEU F 105 50.11 5.23 -36.52
C LEU F 105 50.03 4.05 -35.55
N GLY F 106 50.76 2.98 -35.89
CA GLY F 106 50.77 1.78 -35.10
C GLY F 106 49.74 0.74 -35.50
N ASP F 107 48.76 1.11 -36.31
CA ASP F 107 47.76 0.16 -36.76
C ASP F 107 48.35 -0.76 -37.83
N VAL F 108 47.77 -1.95 -37.94
CA VAL F 108 48.20 -2.97 -38.90
C VAL F 108 47.22 -2.97 -40.06
N ILE F 109 47.74 -2.87 -41.29
CA ILE F 109 46.93 -2.87 -42.49
C ILE F 109 47.49 -3.91 -43.46
N SER F 110 46.64 -4.33 -44.39
CA SER F 110 46.97 -5.37 -45.35
C SER F 110 47.10 -4.77 -46.75
N VAL F 111 48.08 -5.24 -47.51
CA VAL F 111 48.35 -4.78 -48.86
C VAL F 111 48.21 -5.97 -49.80
N HIS F 112 47.44 -5.79 -50.87
CA HIS F 112 47.20 -6.84 -51.85
C HIS F 112 47.43 -6.29 -53.25
N GLN F 113 47.90 -7.16 -54.14
CA GLN F 113 48.11 -6.76 -55.53
C GLN F 113 46.80 -6.34 -56.17
N CYS F 114 46.84 -5.23 -56.89
CA CYS F 114 45.68 -4.69 -57.59
C CYS F 114 46.07 -4.36 -59.04
N PRO F 115 46.34 -5.39 -59.84
CA PRO F 115 46.63 -5.15 -61.26
C PRO F 115 45.38 -4.93 -62.12
N ASP F 116 44.19 -4.91 -61.52
CA ASP F 116 42.94 -4.76 -62.24
C ASP F 116 42.43 -3.33 -62.21
N VAL F 117 43.22 -2.37 -61.72
CA VAL F 117 42.80 -0.98 -61.68
C VAL F 117 42.84 -0.45 -63.11
N LYS F 118 41.67 -0.11 -63.64
CA LYS F 118 41.54 0.37 -65.01
C LYS F 118 41.57 1.89 -65.04
N TYR F 119 42.11 2.43 -66.14
CA TYR F 119 42.15 3.88 -66.30
C TYR F 119 40.73 4.43 -66.33
N GLY F 120 40.46 5.38 -65.43
CA GLY F 120 39.11 5.91 -65.28
C GLY F 120 38.58 6.58 -66.51
N LYS F 121 37.41 6.13 -66.98
CA LYS F 121 36.72 6.82 -68.06
C LYS F 121 36.08 8.11 -67.57
N ARG F 122 35.46 8.07 -66.39
CA ARG F 122 34.87 9.24 -65.77
C ARG F 122 34.95 9.08 -64.26
N VAL F 123 35.28 10.17 -63.57
CA VAL F 123 35.38 10.19 -62.12
C VAL F 123 34.60 11.39 -61.60
N HIS F 124 33.77 11.17 -60.59
CA HIS F 124 32.98 12.23 -59.97
C HIS F 124 33.57 12.54 -58.59
N ILE F 125 34.12 13.75 -58.44
CA ILE F 125 34.73 14.19 -57.21
C ILE F 125 34.15 15.55 -56.86
N LEU F 126 33.87 15.76 -55.57
CA LEU F 126 33.27 17.01 -55.12
C LEU F 126 34.10 17.60 -53.99
N PRO F 127 34.06 18.92 -53.82
CA PRO F 127 34.89 19.57 -52.81
C PRO F 127 34.24 19.63 -51.44
N VAL F 128 34.90 20.27 -50.49
CA VAL F 128 34.36 20.50 -49.16
C VAL F 128 33.77 21.91 -49.10
N ASP F 129 32.70 22.06 -48.32
CA ASP F 129 31.97 23.33 -48.30
C ASP F 129 32.84 24.47 -47.80
N ASP F 130 33.60 24.25 -46.73
CA ASP F 130 34.38 25.32 -46.15
C ASP F 130 35.66 25.60 -46.93
N THR F 131 36.22 24.60 -47.61
CA THR F 131 37.46 24.77 -48.33
C THR F 131 37.30 25.53 -49.64
N VAL F 132 36.06 25.76 -50.10
CA VAL F 132 35.83 26.39 -51.39
C VAL F 132 35.48 27.87 -51.27
N GLU F 133 35.16 28.36 -50.07
CA GLU F 133 34.84 29.77 -49.90
C GLU F 133 36.04 30.63 -50.28
N GLY F 134 35.79 31.66 -51.08
CA GLY F 134 36.84 32.56 -51.54
C GLY F 134 37.49 32.14 -52.84
N VAL F 135 37.16 30.96 -53.37
CA VAL F 135 37.71 30.48 -54.63
C VAL F 135 36.68 30.69 -55.73
N THR F 136 37.09 31.35 -56.81
CA THR F 136 36.21 31.66 -57.92
C THR F 136 36.59 30.84 -59.15
N GLY F 137 35.58 30.40 -59.88
CA GLY F 137 35.77 29.60 -61.06
C GLY F 137 35.44 28.13 -60.82
N ASN F 138 35.96 27.29 -61.71
CA ASN F 138 35.77 25.85 -61.62
C ASN F 138 36.85 25.26 -60.72
N LEU F 139 36.44 24.72 -59.58
CA LEU F 139 37.40 24.13 -58.65
C LEU F 139 38.12 22.95 -59.29
N PHE F 140 37.48 22.27 -60.24
CA PHE F 140 38.13 21.18 -60.94
C PHE F 140 39.35 21.67 -61.71
N ASP F 141 39.18 22.73 -62.50
CA ASP F 141 40.28 23.25 -63.29
C ASP F 141 41.40 23.78 -62.39
N ALA F 142 41.04 24.47 -61.31
CA ALA F 142 42.04 25.08 -60.45
C ALA F 142 42.89 24.02 -59.75
N TYR F 143 42.25 22.99 -59.21
CA TYR F 143 42.94 22.03 -58.35
C TYR F 143 42.97 20.62 -58.95
N LEU F 144 41.80 20.05 -59.28
CA LEU F 144 41.77 18.64 -59.64
C LEU F 144 42.32 18.39 -61.04
N LYS F 145 42.09 19.31 -61.98
CA LYS F 145 42.56 19.09 -63.34
C LYS F 145 44.07 18.94 -63.41
N PRO F 146 44.88 19.85 -62.85
CA PRO F 146 46.33 19.61 -62.82
C PRO F 146 46.75 18.55 -61.82
N TYR F 147 45.96 18.32 -60.78
CA TYR F 147 46.31 17.31 -59.78
C TYR F 147 46.24 15.90 -60.35
N PHE F 148 45.31 15.67 -61.28
CA PHE F 148 45.12 14.35 -61.88
C PHE F 148 45.73 14.22 -63.27
N LEU F 149 45.94 15.34 -63.97
CA LEU F 149 46.45 15.28 -65.34
C LEU F 149 47.87 14.74 -65.34
N GLU F 150 48.07 13.61 -66.01
CA GLU F 150 49.35 12.94 -66.19
C GLU F 150 49.92 12.38 -64.89
N ALA F 151 49.21 12.52 -63.78
CA ALA F 151 49.66 11.96 -62.51
C ALA F 151 49.26 10.50 -62.32
N TYR F 152 48.22 10.05 -63.01
CA TYR F 152 47.78 8.65 -62.94
C TYR F 152 47.55 8.22 -61.49
N ARG F 153 46.91 9.09 -60.73
CA ARG F 153 46.66 8.82 -59.32
C ARG F 153 45.45 7.90 -59.18
N PRO F 154 45.59 6.71 -58.58
CA PRO F 154 44.40 5.88 -58.35
C PRO F 154 43.43 6.55 -57.40
N VAL F 155 42.14 6.34 -57.64
CA VAL F 155 41.07 6.92 -56.84
C VAL F 155 40.02 5.86 -56.59
N ARG F 156 39.50 5.83 -55.37
CA ARG F 156 38.45 4.89 -54.96
C ARG F 156 37.25 5.66 -54.45
N LYS F 157 36.07 5.06 -54.59
CA LYS F 157 34.84 5.69 -54.14
C LYS F 157 34.95 6.06 -52.66
N GLY F 158 34.61 7.31 -52.36
CA GLY F 158 34.65 7.80 -50.99
C GLY F 158 36.01 8.27 -50.51
N ASP F 159 37.05 8.15 -51.34
CA ASP F 159 38.37 8.60 -50.94
C ASP F 159 38.42 10.12 -50.84
N LEU F 160 39.27 10.61 -49.95
CA LEU F 160 39.47 12.03 -49.73
C LEU F 160 40.95 12.38 -49.88
N PHE F 161 41.21 13.62 -50.29
CA PHE F 161 42.58 14.08 -50.46
C PHE F 161 42.60 15.60 -50.44
N LEU F 162 43.79 16.15 -50.23
CA LEU F 162 44.01 17.58 -50.18
C LEU F 162 44.88 17.98 -51.37
N VAL F 163 44.43 18.99 -52.12
CA VAL F 163 45.12 19.47 -53.32
C VAL F 163 45.55 20.90 -53.07
N ARG F 164 46.80 21.21 -53.39
CA ARG F 164 47.37 22.53 -53.19
C ARG F 164 47.35 23.31 -54.50
N GLY F 165 46.89 24.55 -54.43
CA GLY F 165 46.82 25.39 -55.61
C GLY F 165 46.31 26.79 -55.29
N GLY F 166 46.83 27.79 -55.98
CA GLY F 166 46.39 29.16 -55.75
C GLY F 166 46.56 29.61 -54.32
N MET F 167 47.69 29.25 -53.70
CA MET F 167 48.06 29.63 -52.34
C MET F 167 47.19 28.91 -51.30
N ARG F 168 46.18 28.16 -51.71
CA ARG F 168 45.23 27.55 -50.79
C ARG F 168 45.16 26.04 -51.04
N SER F 169 44.87 25.30 -49.97
CA SER F 169 44.68 23.86 -50.03
C SER F 169 43.20 23.56 -49.88
N VAL F 170 42.66 22.80 -50.82
CA VAL F 170 41.23 22.51 -50.89
C VAL F 170 41.02 21.01 -50.81
N GLU F 171 40.12 20.58 -49.92
CA GLU F 171 39.83 19.17 -49.76
C GLU F 171 38.82 18.72 -50.81
N PHE F 172 38.99 17.49 -51.28
CA PHE F 172 38.11 16.91 -52.29
C PHE F 172 37.78 15.47 -51.91
N LYS F 173 36.54 15.07 -52.15
CA LYS F 173 36.07 13.73 -51.86
C LYS F 173 35.61 13.07 -53.16
N VAL F 174 36.04 11.84 -53.39
CA VAL F 174 35.67 11.10 -54.59
C VAL F 174 34.26 10.55 -54.40
N ILE F 175 33.37 10.86 -55.34
CA ILE F 175 31.98 10.42 -55.25
C ILE F 175 31.78 9.09 -55.94
N GLU F 176 32.28 8.95 -57.17
CA GLU F 176 32.10 7.71 -57.91
C GLU F 176 33.20 7.58 -58.95
N THR F 177 33.43 6.35 -59.39
CA THR F 177 34.40 6.04 -60.42
C THR F 177 33.76 5.17 -61.48
N ASP F 178 34.27 5.25 -62.70
CA ASP F 178 33.68 4.54 -63.84
C ASP F 178 33.62 3.04 -63.56
N PRO F 179 34.72 2.42 -63.10
CA PRO F 179 34.63 0.98 -62.74
C PRO F 179 33.69 0.72 -61.58
N ALA F 180 33.31 1.74 -60.81
CA ALA F 180 32.45 1.66 -59.64
C ALA F 180 33.18 1.13 -58.43
N GLU F 181 34.46 0.78 -58.54
CA GLU F 181 35.27 0.37 -57.40
C GLU F 181 36.45 1.31 -57.23
N TYR F 182 37.25 1.47 -58.26
CA TYR F 182 38.42 2.35 -58.24
C TYR F 182 39.01 2.40 -59.63
N CYS F 183 39.73 3.48 -59.91
CA CYS F 183 40.32 3.69 -61.23
C CYS F 183 41.53 4.61 -61.10
N VAL F 184 42.37 4.58 -62.13
CA VAL F 184 43.51 5.49 -62.23
C VAL F 184 43.08 6.66 -63.12
N VAL F 185 43.11 7.86 -62.56
CA VAL F 185 42.65 9.05 -63.29
C VAL F 185 43.75 9.43 -64.28
N ALA F 186 43.49 9.26 -65.55
CA ALA F 186 44.43 9.54 -66.62
C ALA F 186 44.13 10.89 -67.26
N PRO F 187 45.05 11.42 -68.08
CA PRO F 187 44.77 12.70 -68.75
C PRO F 187 43.49 12.67 -69.58
N ASP F 188 43.17 11.52 -70.18
CA ASP F 188 41.94 11.39 -70.95
C ASP F 188 40.71 11.20 -70.06
N THR F 189 40.90 10.98 -68.76
CA THR F 189 39.78 10.78 -67.86
C THR F 189 38.97 12.06 -67.74
N GLU F 190 37.64 11.93 -67.79
CA GLU F 190 36.74 13.07 -67.65
C GLU F 190 36.34 13.19 -66.19
N ILE F 191 36.91 14.15 -65.48
CA ILE F 191 36.64 14.38 -64.07
C ILE F 191 35.54 15.43 -63.96
N PHE F 192 34.47 15.09 -63.25
CA PHE F 192 33.33 15.97 -63.08
C PHE F 192 33.21 16.40 -61.62
N CYS F 193 33.01 17.70 -61.40
CA CYS F 193 32.86 18.26 -60.07
C CYS F 193 31.57 19.06 -59.94
N GLU F 194 30.51 18.60 -60.61
CA GLU F 194 29.21 19.27 -60.55
C GLU F 194 28.37 18.59 -59.48
N GLY F 195 28.24 19.24 -58.33
CA GLY F 195 27.46 18.69 -57.24
C GLY F 195 27.56 19.57 -56.02
N GLU F 196 26.86 19.15 -54.97
CA GLU F 196 26.84 19.90 -53.73
C GLU F 196 28.17 19.74 -53.00
N PRO F 197 28.63 20.78 -52.29
CA PRO F 197 29.85 20.62 -51.50
C PRO F 197 29.65 19.65 -50.35
N VAL F 198 30.75 19.02 -49.94
CA VAL F 198 30.73 18.05 -48.85
C VAL F 198 30.94 18.79 -47.54
N LYS F 199 30.14 18.44 -46.52
CA LYS F 199 30.20 19.11 -45.23
C LYS F 199 31.34 18.53 -44.40
N ARG F 200 32.15 19.43 -43.82
CA ARG F 200 33.30 18.98 -43.04
C ARG F 200 32.86 18.27 -41.76
N GLU F 201 31.85 18.81 -41.08
CA GLU F 201 31.41 18.20 -39.83
C GLU F 201 30.87 16.79 -40.05
N ASP F 202 30.07 16.60 -41.11
CA ASP F 202 29.61 15.25 -41.44
C ASP F 202 30.77 14.36 -41.88
N GLU F 203 31.75 14.93 -42.59
CA GLU F 203 32.90 14.15 -43.01
C GLU F 203 33.71 13.66 -41.81
N GLU F 204 33.75 14.44 -40.73
CA GLU F 204 34.50 14.05 -39.55
C GLU F 204 33.98 12.75 -38.95
N ARG F 205 32.74 12.38 -39.24
CA ARG F 205 32.21 11.11 -38.76
C ARG F 205 32.95 9.92 -39.35
N LEU F 206 33.71 10.13 -40.43
CA LEU F 206 34.44 9.02 -41.05
C LEU F 206 35.44 8.39 -40.09
N ASP F 207 35.87 9.11 -39.06
CA ASP F 207 36.72 8.54 -38.02
C ASP F 207 35.87 7.69 -37.08
N ASP F 208 35.20 6.71 -37.67
CA ASP F 208 34.27 5.88 -36.92
C ASP F 208 35.00 5.03 -35.89
N VAL F 209 34.28 4.70 -34.81
CA VAL F 209 34.88 4.02 -33.68
C VAL F 209 35.28 2.60 -34.07
N GLY F 210 36.43 2.16 -33.56
CA GLY F 210 36.89 0.80 -33.74
C GLY F 210 37.18 0.13 -32.42
N TYR F 211 37.80 -1.06 -32.46
CA TYR F 211 38.17 -1.74 -31.23
C TYR F 211 39.18 -0.93 -30.42
N ASP F 212 40.01 -0.13 -31.10
CA ASP F 212 41.07 0.59 -30.41
C ASP F 212 40.56 1.76 -29.59
N ASP F 213 39.33 2.21 -29.84
CA ASP F 213 38.78 3.37 -29.15
C ASP F 213 38.08 3.01 -27.84
N VAL F 214 38.19 1.75 -27.41
CA VAL F 214 37.61 1.31 -26.15
C VAL F 214 38.71 0.64 -25.34
N GLY F 215 38.52 0.59 -24.03
CA GLY F 215 39.51 -0.03 -23.16
C GLY F 215 38.89 -0.50 -21.86
N GLY F 216 39.64 -1.31 -21.14
CA GLY F 216 39.20 -1.86 -19.87
C GLY F 216 38.24 -3.03 -19.98
N VAL F 217 37.95 -3.50 -21.19
CA VAL F 217 36.97 -4.55 -21.39
C VAL F 217 37.55 -5.66 -22.27
N ARG F 218 38.86 -5.85 -22.19
CA ARG F 218 39.54 -6.76 -23.11
C ARG F 218 38.86 -8.13 -23.15
N LYS F 219 38.61 -8.72 -21.99
CA LYS F 219 38.00 -10.05 -21.96
C LYS F 219 36.55 -10.00 -22.45
N GLN F 220 35.76 -9.06 -21.92
CA GLN F 220 34.40 -8.90 -22.40
C GLN F 220 34.40 -8.51 -23.87
N MET F 221 35.40 -7.74 -24.29
CA MET F 221 35.53 -7.39 -25.70
C MET F 221 35.72 -8.63 -26.55
N ALA F 222 36.57 -9.57 -26.10
CA ALA F 222 36.75 -10.81 -26.85
C ALA F 222 35.46 -11.61 -26.90
N GLN F 223 34.76 -11.70 -25.77
CA GLN F 223 33.52 -12.48 -25.75
C GLN F 223 32.50 -11.89 -26.72
N ILE F 224 32.37 -10.56 -26.73
CA ILE F 224 31.39 -9.93 -27.61
C ILE F 224 31.81 -10.05 -29.06
N ARG F 225 33.10 -9.78 -29.35
CA ARG F 225 33.58 -9.90 -30.71
C ARG F 225 33.33 -11.30 -31.25
N GLU F 226 33.71 -12.32 -30.48
CA GLU F 226 33.41 -13.69 -30.90
C GLU F 226 31.91 -13.84 -31.14
N LEU F 227 31.10 -13.74 -30.07
CA LEU F 227 29.69 -14.08 -30.18
C LEU F 227 28.97 -13.33 -31.28
N VAL F 228 29.46 -12.17 -31.69
CA VAL F 228 28.73 -11.35 -32.65
C VAL F 228 29.37 -11.49 -34.01
N GLU F 229 30.61 -11.03 -34.14
CA GLU F 229 31.27 -10.98 -35.43
C GLU F 229 31.36 -12.35 -36.08
N LEU F 230 31.50 -13.44 -35.30
CA LEU F 230 31.70 -14.75 -35.93
C LEU F 230 30.52 -15.14 -36.80
N PRO F 231 29.31 -15.31 -36.26
CA PRO F 231 28.18 -15.69 -37.12
C PRO F 231 27.92 -14.74 -38.27
N LEU F 232 28.06 -13.43 -38.03
CA LEU F 232 27.73 -12.45 -39.07
C LEU F 232 28.73 -12.51 -40.22
N ARG F 233 30.02 -12.62 -39.91
CA ARG F 233 31.04 -12.65 -40.95
C ARG F 233 31.25 -14.04 -41.52
N HIS F 234 31.22 -15.06 -40.67
CA HIS F 234 31.46 -16.45 -41.08
C HIS F 234 30.37 -17.35 -40.52
N PRO F 235 29.13 -17.16 -40.99
CA PRO F 235 28.06 -18.09 -40.58
C PRO F 235 28.28 -19.51 -41.07
N GLN F 236 29.07 -19.69 -42.13
CA GLN F 236 29.27 -21.02 -42.68
C GLN F 236 29.84 -21.97 -41.64
N LEU F 237 30.67 -21.47 -40.73
CA LEU F 237 31.22 -22.33 -39.68
C LEU F 237 30.12 -22.91 -38.82
N PHE F 238 29.21 -22.06 -38.34
CA PHE F 238 28.10 -22.55 -37.52
C PHE F 238 27.19 -23.46 -38.33
N LYS F 239 26.94 -23.13 -39.60
CA LYS F 239 26.09 -23.98 -40.41
C LYS F 239 26.69 -25.37 -40.58
N SER F 240 28.00 -25.44 -40.85
CA SER F 240 28.67 -26.72 -40.98
C SER F 240 28.62 -27.51 -39.68
N ILE F 241 28.90 -26.83 -38.56
CA ILE F 241 28.80 -27.49 -37.27
C ILE F 241 27.35 -27.68 -36.87
N GLY F 242 26.43 -27.05 -37.60
CA GLY F 242 25.01 -27.24 -37.37
C GLY F 242 24.54 -26.73 -36.02
N VAL F 243 25.00 -25.53 -35.65
CA VAL F 243 24.64 -24.91 -34.38
C VAL F 243 23.89 -23.62 -34.67
N LYS F 244 23.15 -23.16 -33.65
CA LYS F 244 22.36 -21.95 -33.77
C LYS F 244 23.08 -20.80 -33.08
N PRO F 245 23.62 -19.82 -33.79
CA PRO F 245 24.32 -18.73 -33.13
C PRO F 245 23.35 -17.89 -32.30
N PRO F 246 23.78 -17.43 -31.13
CA PRO F 246 22.86 -16.72 -30.24
C PRO F 246 22.38 -15.41 -30.86
N LYS F 247 21.13 -15.06 -30.57
CA LYS F 247 20.54 -13.79 -30.97
C LYS F 247 20.62 -12.75 -29.87
N GLY F 248 20.40 -13.17 -28.62
CA GLY F 248 20.29 -12.23 -27.51
C GLY F 248 21.55 -12.13 -26.68
N ILE F 249 22.06 -10.91 -26.56
CA ILE F 249 23.22 -10.61 -25.73
C ILE F 249 22.83 -9.48 -24.79
N LEU F 250 23.18 -9.63 -23.51
CA LEU F 250 22.80 -8.69 -22.47
C LEU F 250 24.07 -8.18 -21.81
N LEU F 251 24.32 -6.89 -21.95
CA LEU F 251 25.50 -6.24 -21.38
C LEU F 251 25.07 -5.41 -20.19
N TYR F 252 25.25 -5.96 -18.99
CA TYR F 252 24.98 -5.25 -17.76
C TYR F 252 26.28 -4.80 -17.11
N GLY F 253 26.20 -3.76 -16.29
CA GLY F 253 27.36 -3.18 -15.66
C GLY F 253 27.04 -1.85 -15.01
N PRO F 254 28.07 -1.06 -14.73
CA PRO F 254 27.85 0.23 -14.11
C PRO F 254 27.57 1.29 -15.16
N PRO F 255 26.80 2.32 -14.83
CA PRO F 255 26.49 3.36 -15.81
C PRO F 255 27.75 4.03 -16.35
N GLY F 256 27.73 4.33 -17.63
CA GLY F 256 28.82 5.07 -18.26
C GLY F 256 30.09 4.29 -18.45
N SER F 257 30.06 2.97 -18.28
CA SER F 257 31.26 2.16 -18.42
C SER F 257 31.74 2.06 -19.87
N GLY F 258 30.96 2.55 -20.82
CA GLY F 258 31.29 2.48 -22.22
C GLY F 258 30.50 1.46 -23.01
N LYS F 259 29.33 1.05 -22.53
CA LYS F 259 28.57 0.00 -23.19
C LYS F 259 28.23 0.38 -24.63
N THR F 260 27.72 1.59 -24.83
CA THR F 260 27.27 2.00 -26.15
C THR F 260 28.39 2.02 -27.17
N LEU F 261 29.63 2.23 -26.73
CA LEU F 261 30.74 2.31 -27.67
C LEU F 261 31.16 0.94 -28.17
N ILE F 262 31.07 -0.09 -27.32
CA ILE F 262 31.51 -1.42 -27.71
C ILE F 262 30.68 -1.93 -28.87
N ALA F 263 29.36 -1.76 -28.80
CA ALA F 263 28.49 -2.27 -29.86
C ALA F 263 28.78 -1.58 -31.18
N ARG F 264 28.94 -0.26 -31.16
CA ARG F 264 29.25 0.45 -32.39
C ARG F 264 30.59 0.01 -32.94
N ALA F 265 31.58 -0.17 -32.07
CA ALA F 265 32.89 -0.63 -32.53
C ALA F 265 32.77 -1.98 -33.22
N VAL F 266 32.04 -2.91 -32.61
CA VAL F 266 31.91 -4.25 -33.18
C VAL F 266 31.21 -4.16 -34.53
N ALA F 267 30.09 -3.43 -34.59
CA ALA F 267 29.32 -3.36 -35.82
C ALA F 267 30.13 -2.71 -36.93
N ASN F 268 30.89 -1.67 -36.61
CA ASN F 268 31.67 -0.98 -37.62
C ASN F 268 32.86 -1.83 -38.07
N GLU F 269 33.40 -2.65 -37.18
CA GLU F 269 34.50 -3.52 -37.58
C GLU F 269 34.03 -4.68 -38.44
N THR F 270 32.84 -5.22 -38.16
CA THR F 270 32.30 -6.29 -39.00
C THR F 270 31.66 -5.74 -40.28
N GLY F 271 31.55 -4.42 -40.42
CA GLY F 271 30.91 -3.85 -41.59
C GLY F 271 29.41 -4.00 -41.61
N ALA F 272 28.80 -4.33 -40.48
CA ALA F 272 27.37 -4.56 -40.40
C ALA F 272 26.63 -3.25 -40.20
N PHE F 273 25.33 -3.27 -40.53
CA PHE F 273 24.48 -2.11 -40.38
C PHE F 273 24.01 -2.04 -38.92
N PHE F 274 24.35 -0.95 -38.26
CA PHE F 274 24.03 -0.74 -36.85
C PHE F 274 22.88 0.23 -36.73
N PHE F 275 21.82 -0.17 -36.02
CA PHE F 275 20.70 0.70 -35.71
C PHE F 275 20.54 0.75 -34.20
N CYS F 276 20.61 1.95 -33.63
CA CYS F 276 20.56 2.12 -32.19
C CYS F 276 19.16 2.53 -31.76
N ILE F 277 18.68 1.91 -30.69
CA ILE F 277 17.41 2.26 -30.07
C ILE F 277 17.69 2.60 -28.61
N ASN F 278 17.23 3.76 -28.18
CA ASN F 278 17.36 4.20 -26.80
C ASN F 278 16.01 4.03 -26.11
N GLY F 279 16.04 3.43 -24.92
CA GLY F 279 14.83 3.16 -24.18
C GLY F 279 14.03 4.43 -23.91
N PRO F 280 14.72 5.47 -23.44
CA PRO F 280 14.02 6.75 -23.24
C PRO F 280 13.38 7.28 -24.51
N GLU F 281 14.07 7.18 -25.65
CA GLU F 281 13.50 7.68 -26.89
C GLU F 281 12.22 6.93 -27.24
N ILE F 282 12.23 5.61 -27.10
CA ILE F 282 11.05 4.81 -27.41
C ILE F 282 9.91 5.14 -26.45
N MET F 283 10.21 5.20 -25.16
CA MET F 283 9.18 5.46 -24.17
C MET F 283 8.64 6.88 -24.25
N SER F 284 9.38 7.80 -24.85
CA SER F 284 8.92 9.18 -24.98
C SER F 284 7.93 9.36 -26.12
N LYS F 285 7.81 8.39 -27.01
CA LYS F 285 6.89 8.50 -28.13
C LYS F 285 5.47 8.28 -27.67
N LEU F 286 4.52 8.72 -28.51
CA LEU F 286 3.12 8.57 -28.18
C LEU F 286 2.70 7.10 -28.29
N ALA F 287 1.63 6.77 -27.59
CA ALA F 287 1.14 5.39 -27.59
C ALA F 287 0.87 4.94 -29.02
N GLY F 288 1.37 3.75 -29.36
CA GLY F 288 1.21 3.22 -30.70
C GLY F 288 2.37 3.56 -31.60
N GLU F 289 2.95 4.74 -31.39
CA GLU F 289 4.12 5.14 -32.18
C GLU F 289 5.37 4.39 -31.76
N SER F 290 5.52 4.10 -30.47
CA SER F 290 6.68 3.35 -30.00
C SER F 290 6.74 1.98 -30.64
N GLU F 291 5.60 1.28 -30.69
CA GLU F 291 5.55 -0.03 -31.32
C GLU F 291 5.88 0.07 -32.79
N SER F 292 5.39 1.10 -33.47
CA SER F 292 5.69 1.29 -34.88
C SER F 292 7.18 1.49 -35.09
N ASN F 293 7.80 2.32 -34.25
CA ASN F 293 9.23 2.55 -34.37
C ASN F 293 10.02 1.28 -34.13
N LEU F 294 9.62 0.50 -33.11
CA LEU F 294 10.33 -0.73 -32.79
C LEU F 294 10.23 -1.74 -33.93
N ARG F 295 9.02 -1.91 -34.48
CA ARG F 295 8.84 -2.85 -35.57
C ARG F 295 9.57 -2.39 -36.82
N LYS F 296 9.58 -1.07 -37.08
CA LYS F 296 10.34 -0.56 -38.22
C LYS F 296 11.82 -0.81 -38.01
N ALA F 297 12.30 -0.66 -36.78
CA ALA F 297 13.70 -0.92 -36.48
C ALA F 297 14.05 -2.37 -36.79
N PHE F 298 13.26 -3.30 -36.26
CA PHE F 298 13.54 -4.72 -36.51
C PHE F 298 13.48 -5.03 -37.99
N GLU F 299 12.49 -4.47 -38.69
CA GLU F 299 12.27 -4.79 -40.09
C GLU F 299 13.45 -4.28 -40.94
N GLU F 300 13.84 -3.03 -40.73
CA GLU F 300 14.98 -2.48 -41.45
C GLU F 300 16.26 -3.23 -41.11
N ALA F 301 16.45 -3.57 -39.83
CA ALA F 301 17.64 -4.30 -39.44
C ALA F 301 17.72 -5.64 -40.16
N GLU F 302 16.60 -6.36 -40.24
CA GLU F 302 16.58 -7.61 -40.97
C GLU F 302 16.84 -7.39 -42.45
N LYS F 303 16.41 -6.25 -43.00
CA LYS F 303 16.68 -5.96 -44.41
C LYS F 303 18.17 -5.85 -44.67
N ASN F 304 18.91 -5.20 -43.77
CA ASN F 304 20.31 -4.89 -43.97
C ASN F 304 21.23 -5.91 -43.33
N ALA F 305 20.83 -7.18 -43.30
CA ALA F 305 21.67 -8.20 -42.70
C ALA F 305 23.01 -8.27 -43.42
N PRO F 306 24.12 -8.46 -42.69
CA PRO F 306 24.21 -8.65 -41.24
C PRO F 306 23.92 -7.34 -40.51
N SER F 307 23.21 -7.42 -39.38
CA SER F 307 22.76 -6.24 -38.68
C SER F 307 22.92 -6.44 -37.18
N ILE F 308 22.92 -5.33 -36.46
CA ILE F 308 23.08 -5.31 -35.02
C ILE F 308 22.12 -4.29 -34.44
N ILE F 309 21.45 -4.64 -33.36
CA ILE F 309 20.47 -3.80 -32.71
C ILE F 309 20.88 -3.63 -31.26
N PHE F 310 20.99 -2.38 -30.82
CA PHE F 310 21.37 -2.06 -29.45
C PHE F 310 20.18 -1.41 -28.77
N ILE F 311 19.59 -2.12 -27.81
CA ILE F 311 18.46 -1.58 -27.04
C ILE F 311 19.09 -0.91 -25.82
N ASP F 312 19.60 0.29 -26.03
CA ASP F 312 20.21 1.05 -24.94
C ASP F 312 19.20 1.28 -23.83
N GLU F 313 19.64 1.05 -22.60
CA GLU F 313 18.81 1.25 -21.41
C GLU F 313 17.48 0.52 -21.54
N ILE F 314 17.58 -0.80 -21.70
CA ILE F 314 16.40 -1.65 -21.78
C ILE F 314 15.58 -1.62 -20.50
N ASP F 315 16.14 -1.06 -19.41
CA ASP F 315 15.40 -1.02 -18.16
C ASP F 315 14.13 -0.18 -18.30
N SER F 316 14.22 0.96 -19.00
CA SER F 316 13.02 1.77 -19.21
C SER F 316 11.99 1.01 -20.02
N ILE F 317 12.43 0.32 -21.08
CA ILE F 317 11.50 -0.42 -21.91
C ILE F 317 10.88 -1.58 -21.14
N ALA F 318 11.72 -2.38 -20.48
CA ALA F 318 11.28 -3.59 -19.80
C ALA F 318 11.86 -3.61 -18.39
N PRO F 319 11.42 -2.73 -17.53
CA PRO F 319 11.89 -2.76 -16.13
C PRO F 319 11.32 -3.94 -15.39
N LYS F 320 11.95 -4.26 -14.27
CA LYS F 320 11.51 -5.39 -13.46
C LYS F 320 10.06 -5.20 -13.04
N ARG F 321 9.30 -6.29 -13.09
CA ARG F 321 7.90 -6.22 -12.70
C ARG F 321 7.80 -6.17 -11.18
N GLU F 322 8.00 -4.99 -10.62
CA GLU F 322 7.67 -4.74 -9.22
C GLU F 322 6.23 -4.31 -9.06
N LYS F 323 5.75 -3.48 -9.99
CA LYS F 323 4.34 -3.14 -10.09
C LYS F 323 4.03 -2.88 -11.55
N THR F 324 2.97 -3.51 -12.05
CA THR F 324 2.55 -3.36 -13.45
C THR F 324 1.41 -2.36 -13.47
N ASN F 325 1.75 -1.09 -13.63
CA ASN F 325 0.78 0.01 -13.63
C ASN F 325 0.54 0.47 -15.06
N GLY F 326 -0.73 0.53 -15.45
CA GLY F 326 -1.08 0.96 -16.78
C GLY F 326 -1.12 -0.19 -17.76
N GLU F 327 -1.49 0.15 -18.99
CA GLU F 327 -1.62 -0.81 -20.08
C GLU F 327 -0.54 -0.64 -21.14
N VAL F 328 -0.03 0.58 -21.34
CA VAL F 328 0.96 0.81 -22.37
C VAL F 328 2.26 0.08 -22.05
N GLU F 329 2.68 0.11 -20.79
CA GLU F 329 3.93 -0.56 -20.41
C GLU F 329 3.86 -2.05 -20.71
N ARG F 330 2.76 -2.69 -20.32
CA ARG F 330 2.60 -4.10 -20.62
C ARG F 330 2.57 -4.34 -22.12
N ARG F 331 1.91 -3.46 -22.87
CA ARG F 331 1.85 -3.62 -24.31
C ARG F 331 3.25 -3.60 -24.91
N ILE F 332 4.08 -2.64 -24.50
CA ILE F 332 5.41 -2.52 -25.09
C ILE F 332 6.29 -3.69 -24.67
N VAL F 333 6.23 -4.09 -23.40
CA VAL F 333 7.08 -5.20 -22.97
C VAL F 333 6.70 -6.48 -23.70
N SER F 334 5.39 -6.74 -23.84
CA SER F 334 4.97 -7.94 -24.54
C SER F 334 5.28 -7.86 -26.03
N GLN F 335 5.19 -6.66 -26.62
CA GLN F 335 5.58 -6.49 -28.01
C GLN F 335 7.05 -6.83 -28.20
N LEU F 336 7.90 -6.36 -27.29
CA LEU F 336 9.32 -6.69 -27.37
C LEU F 336 9.53 -8.18 -27.23
N LEU F 337 8.82 -8.82 -26.29
CA LEU F 337 8.96 -10.25 -26.12
C LEU F 337 8.61 -11.00 -27.40
N THR F 338 7.46 -10.68 -27.99
CA THR F 338 7.02 -11.41 -29.17
C THR F 338 7.94 -11.12 -30.36
N LEU F 339 8.44 -9.90 -30.47
CA LEU F 339 9.38 -9.58 -31.53
C LEU F 339 10.66 -10.38 -31.38
N MET F 340 11.18 -10.48 -30.17
CA MET F 340 12.39 -11.25 -29.95
C MET F 340 12.15 -12.71 -30.28
N ASP F 341 11.02 -13.26 -29.83
CA ASP F 341 10.72 -14.66 -30.11
C ASP F 341 10.58 -14.92 -31.60
N GLY F 342 9.91 -14.02 -32.32
CA GLY F 342 9.64 -14.21 -33.73
C GLY F 342 10.86 -14.13 -34.61
N LEU F 343 11.95 -13.51 -34.13
CA LEU F 343 13.17 -13.43 -34.91
C LEU F 343 13.80 -14.81 -35.05
N LYS F 344 14.54 -14.99 -36.14
CA LYS F 344 15.07 -16.29 -36.50
C LYS F 344 16.58 -16.22 -36.68
N SER F 345 17.23 -17.36 -36.52
CA SER F 345 18.67 -17.42 -36.66
C SER F 345 19.11 -17.06 -38.08
N ARG F 346 18.35 -17.51 -39.08
CA ARG F 346 18.71 -17.21 -40.46
C ARG F 346 18.61 -15.73 -40.78
N ALA F 347 17.92 -14.95 -39.94
CA ALA F 347 17.75 -13.53 -40.20
C ALA F 347 19.05 -12.75 -40.04
N HIS F 348 20.06 -13.34 -39.39
CA HIS F 348 21.33 -12.66 -39.15
C HIS F 348 21.10 -11.34 -38.41
N VAL F 349 20.57 -11.46 -37.20
CA VAL F 349 20.25 -10.32 -36.35
C VAL F 349 20.69 -10.64 -34.94
N ILE F 350 21.33 -9.67 -34.29
CA ILE F 350 21.82 -9.79 -32.92
C ILE F 350 21.36 -8.58 -32.14
N VAL F 351 20.86 -8.80 -30.93
CA VAL F 351 20.24 -7.77 -30.12
C VAL F 351 21.07 -7.63 -28.85
N MET F 352 21.93 -6.62 -28.80
CA MET F 352 22.69 -6.29 -27.60
C MET F 352 21.84 -5.37 -26.73
N GLY F 353 21.28 -5.93 -25.66
CA GLY F 353 20.61 -5.13 -24.67
C GLY F 353 21.62 -4.32 -23.88
N ALA F 354 21.12 -3.76 -22.78
CA ALA F 354 21.97 -2.99 -21.88
C ALA F 354 21.16 -2.61 -20.66
N THR F 355 21.81 -2.59 -19.51
CA THR F 355 21.16 -2.27 -18.25
C THR F 355 22.23 -2.03 -17.20
N ASN F 356 21.81 -1.88 -15.95
CA ASN F 356 22.71 -1.69 -14.83
C ASN F 356 22.93 -2.95 -14.02
N ARG F 357 21.86 -3.71 -13.76
CA ARG F 357 21.94 -4.95 -13.03
C ARG F 357 20.95 -5.93 -13.64
N PRO F 358 21.35 -7.19 -13.83
CA PRO F 358 20.45 -8.14 -14.50
C PRO F 358 19.12 -8.32 -13.80
N ASN F 359 19.08 -8.24 -12.47
CA ASN F 359 17.84 -8.43 -11.76
C ASN F 359 16.83 -7.33 -12.05
N SER F 360 17.30 -6.14 -12.44
CA SER F 360 16.39 -5.04 -12.74
C SER F 360 15.54 -5.31 -13.98
N ILE F 361 15.89 -6.32 -14.76
CA ILE F 361 15.16 -6.66 -15.97
C ILE F 361 14.08 -7.68 -15.63
N ASP F 362 13.01 -7.65 -16.39
CA ASP F 362 11.94 -8.61 -16.19
C ASP F 362 12.44 -10.02 -16.49
N PRO F 363 12.21 -11.00 -15.61
CA PRO F 363 12.74 -12.34 -15.87
C PRO F 363 12.27 -12.94 -17.17
N ALA F 364 11.07 -12.58 -17.64
CA ALA F 364 10.54 -13.19 -18.85
C ALA F 364 11.46 -12.95 -20.04
N LEU F 365 12.22 -11.86 -20.03
CA LEU F 365 13.14 -11.59 -21.13
C LEU F 365 14.34 -12.51 -21.11
N ARG F 366 14.70 -13.05 -19.96
CA ARG F 366 15.90 -13.88 -19.82
C ARG F 366 15.64 -15.35 -20.10
N ARG F 367 14.42 -15.72 -20.48
CA ARG F 367 14.16 -17.08 -20.87
C ARG F 367 14.89 -17.43 -22.15
N PHE F 368 15.01 -18.73 -22.41
CA PHE F 368 15.73 -19.20 -23.57
C PHE F 368 15.04 -18.74 -24.84
N GLY F 369 15.84 -18.30 -25.81
CA GLY F 369 15.36 -17.82 -27.09
C GLY F 369 15.43 -16.31 -27.24
N ARG F 370 15.18 -15.57 -26.16
CA ARG F 370 15.16 -14.11 -26.24
C ARG F 370 16.51 -13.50 -25.85
N PHE F 371 16.92 -13.70 -24.60
CA PHE F 371 18.17 -13.15 -24.06
C PHE F 371 18.81 -14.27 -23.24
N ASP F 372 19.71 -15.02 -23.88
CA ASP F 372 20.35 -16.16 -23.25
C ASP F 372 21.73 -15.83 -22.71
N ARG F 373 22.61 -15.28 -23.53
CA ARG F 373 23.94 -14.91 -23.07
C ARG F 373 23.88 -13.63 -22.27
N GLU F 374 24.73 -13.55 -21.24
CA GLU F 374 24.86 -12.36 -20.41
C GLU F 374 26.34 -12.09 -20.20
N ILE F 375 26.71 -10.81 -20.30
CA ILE F 375 28.10 -10.39 -20.16
C ILE F 375 28.16 -9.29 -19.14
N ASP F 376 29.22 -9.29 -18.33
CA ASP F 376 29.40 -8.34 -17.25
C ASP F 376 30.48 -7.35 -17.65
N ILE F 377 30.07 -6.15 -18.03
CA ILE F 377 31.02 -5.06 -18.31
C ILE F 377 31.24 -4.37 -16.96
N GLY F 378 32.13 -4.95 -16.17
CA GLY F 378 32.38 -4.47 -14.83
C GLY F 378 33.33 -3.28 -14.82
N VAL F 379 33.62 -2.83 -13.60
CA VAL F 379 34.53 -1.69 -13.45
C VAL F 379 35.89 -2.07 -14.01
N PRO F 380 36.54 -1.21 -14.80
CA PRO F 380 37.87 -1.55 -15.31
C PRO F 380 38.89 -1.64 -14.20
N ASP F 381 39.91 -2.47 -14.43
CA ASP F 381 40.98 -2.65 -13.47
C ASP F 381 42.04 -1.57 -13.67
N GLU F 382 43.12 -1.65 -12.88
CA GLU F 382 44.18 -0.66 -12.97
C GLU F 382 44.66 -0.49 -14.41
N ILE F 383 44.92 -1.61 -15.09
CA ILE F 383 45.33 -1.53 -16.49
C ILE F 383 44.20 -0.95 -17.32
N GLY F 384 42.96 -1.34 -17.04
CA GLY F 384 41.83 -0.80 -17.77
C GLY F 384 41.72 0.71 -17.60
N ARG F 385 41.88 1.19 -16.36
CA ARG F 385 41.87 2.62 -16.12
C ARG F 385 43.00 3.30 -16.90
N LEU F 386 44.16 2.65 -16.96
CA LEU F 386 45.28 3.23 -17.71
C LEU F 386 44.94 3.38 -19.19
N GLU F 387 44.36 2.34 -19.80
CA GLU F 387 44.02 2.46 -21.22
C GLU F 387 42.94 3.49 -21.44
N VAL F 388 41.95 3.55 -20.54
CA VAL F 388 40.89 4.55 -20.71
C VAL F 388 41.46 5.96 -20.65
N LEU F 389 42.37 6.20 -19.69
CA LEU F 389 42.98 7.51 -19.58
C LEU F 389 43.79 7.84 -20.83
N ARG F 390 44.58 6.87 -21.31
CA ARG F 390 45.36 7.11 -22.52
C ARG F 390 44.46 7.38 -23.72
N ILE F 391 43.29 6.75 -23.75
CA ILE F 391 42.37 6.95 -24.86
C ILE F 391 41.76 8.35 -24.81
N HIS F 392 41.34 8.78 -23.63
CA HIS F 392 40.67 10.06 -23.50
C HIS F 392 41.64 11.23 -23.61
N THR F 393 42.89 11.03 -23.22
CA THR F 393 43.87 12.11 -23.19
C THR F 393 44.77 12.15 -24.41
N LYS F 394 44.53 11.29 -25.40
CA LYS F 394 45.39 11.28 -26.58
C LYS F 394 45.27 12.56 -27.39
N ASN F 395 44.07 13.12 -27.48
CA ASN F 395 43.83 14.31 -28.28
C ASN F 395 44.19 15.62 -27.57
N MET F 396 44.48 15.57 -26.28
CA MET F 396 44.79 16.76 -25.52
C MET F 396 46.30 17.02 -25.50
N LYS F 397 46.67 18.25 -25.14
CA LYS F 397 48.07 18.65 -25.09
C LYS F 397 48.62 18.37 -23.70
N LEU F 398 48.98 17.11 -23.47
CA LEU F 398 49.55 16.71 -22.20
C LEU F 398 51.00 17.14 -22.11
N ALA F 399 51.46 17.36 -20.88
CA ALA F 399 52.84 17.72 -20.65
C ALA F 399 53.74 16.48 -20.68
N GLU F 400 55.05 16.73 -20.79
CA GLU F 400 56.00 15.63 -20.82
C GLU F 400 56.20 14.99 -19.45
N ASP F 401 55.82 15.68 -18.39
CA ASP F 401 55.95 15.17 -17.03
C ASP F 401 54.70 14.46 -16.54
N VAL F 402 53.69 14.30 -17.40
CA VAL F 402 52.45 13.65 -16.98
C VAL F 402 52.73 12.20 -16.65
N ASP F 403 52.24 11.76 -15.49
CA ASP F 403 52.42 10.39 -15.01
C ASP F 403 51.04 9.77 -14.86
N LEU F 404 50.53 9.21 -15.97
CA LEU F 404 49.19 8.63 -15.95
C LEU F 404 49.14 7.36 -15.13
N GLU F 405 50.27 6.67 -14.98
CA GLU F 405 50.29 5.47 -14.15
C GLU F 405 49.95 5.79 -12.71
N ARG F 406 50.46 6.91 -12.19
CA ARG F 406 50.12 7.32 -10.83
C ARG F 406 48.63 7.57 -10.70
N ILE F 407 48.04 8.23 -11.69
CA ILE F 407 46.61 8.52 -11.63
C ILE F 407 45.82 7.23 -11.64
N SER F 408 46.22 6.29 -12.50
CA SER F 408 45.53 5.01 -12.57
C SER F 408 45.62 4.28 -11.23
N LYS F 409 46.80 4.30 -10.61
CA LYS F 409 46.96 3.63 -9.32
C LYS F 409 46.09 4.27 -8.25
N ASP F 410 46.02 5.61 -8.25
CA ASP F 410 45.24 6.31 -7.24
C ASP F 410 43.75 6.34 -7.55
N THR F 411 43.33 5.92 -8.74
CA THR F 411 41.93 5.90 -9.13
C THR F 411 41.39 4.49 -8.88
N HIS F 412 40.56 4.37 -7.84
CA HIS F 412 39.92 3.11 -7.51
C HIS F 412 38.41 3.35 -7.43
N GLY F 413 37.64 2.48 -8.08
CA GLY F 413 36.21 2.67 -8.17
C GLY F 413 35.79 3.67 -9.22
N TYR F 414 36.72 4.15 -10.05
CA TYR F 414 36.42 5.13 -11.08
C TYR F 414 36.07 4.41 -12.38
N VAL F 415 34.88 4.70 -12.92
CA VAL F 415 34.48 4.19 -14.23
C VAL F 415 35.10 5.06 -15.31
N GLY F 416 35.00 4.61 -16.56
CA GLY F 416 35.62 5.35 -17.64
C GLY F 416 35.10 6.77 -17.76
N ALA F 417 33.79 6.95 -17.63
CA ALA F 417 33.22 8.28 -17.72
C ALA F 417 33.77 9.19 -16.62
N ASP F 418 33.94 8.65 -15.42
CA ASP F 418 34.54 9.44 -14.35
C ASP F 418 35.97 9.82 -14.69
N LEU F 419 36.70 8.96 -15.40
CA LEU F 419 38.06 9.28 -15.81
C LEU F 419 38.07 10.41 -16.83
N ALA F 420 37.14 10.37 -17.78
CA ALA F 420 37.03 11.47 -18.73
C ALA F 420 36.69 12.77 -18.02
N ALA F 421 35.78 12.71 -17.04
CA ALA F 421 35.45 13.89 -16.27
C ALA F 421 36.66 14.40 -15.50
N LEU F 422 37.47 13.49 -14.96
CA LEU F 422 38.71 13.88 -14.29
C LEU F 422 39.64 14.61 -15.24
N CYS F 423 39.80 14.10 -16.46
CA CYS F 423 40.66 14.77 -17.43
C CYS F 423 40.13 16.16 -17.76
N THR F 424 38.82 16.28 -17.95
CA THR F 424 38.22 17.58 -18.22
C THR F 424 38.45 18.54 -17.06
N GLU F 425 38.30 18.04 -15.83
CA GLU F 425 38.54 18.88 -14.65
C GLU F 425 39.99 19.33 -14.58
N ALA F 426 40.92 18.45 -14.94
CA ALA F 426 42.32 18.84 -14.95
C ALA F 426 42.58 19.94 -15.97
N ALA F 427 42.02 19.81 -17.17
CA ALA F 427 42.17 20.87 -18.15
C ALA F 427 41.56 22.17 -17.66
N LEU F 428 40.41 22.08 -17.01
CA LEU F 428 39.76 23.26 -16.45
C LEU F 428 40.66 23.93 -15.42
N GLN F 429 41.33 23.13 -14.59
CA GLN F 429 42.23 23.69 -13.59
C GLN F 429 43.43 24.36 -14.24
N CYS F 430 43.97 23.75 -15.31
CA CYS F 430 45.02 24.42 -16.06
C CYS F 430 44.53 25.78 -16.56
N ILE F 431 43.30 25.83 -17.06
CA ILE F 431 42.73 27.11 -17.48
C ILE F 431 42.69 28.07 -16.30
N ARG F 432 42.28 27.55 -15.14
CA ARG F 432 42.32 28.32 -13.90
C ARG F 432 43.65 29.05 -13.79
N GLU F 433 44.73 28.27 -13.80
CA GLU F 433 46.07 28.85 -13.69
C GLU F 433 46.36 29.80 -14.84
N LYS F 434 45.69 29.64 -15.97
CA LYS F 434 45.95 30.46 -17.15
C LYS F 434 44.97 31.62 -17.33
N MET F 435 44.09 31.87 -16.35
CA MET F 435 43.13 32.95 -16.50
C MET F 435 43.77 34.32 -16.26
N ASP F 436 44.68 34.42 -15.29
CA ASP F 436 45.17 35.72 -14.87
C ASP F 436 45.71 36.55 -16.02
N VAL F 437 46.36 35.91 -16.99
CA VAL F 437 46.96 36.62 -18.11
C VAL F 437 45.91 36.96 -19.17
N ILE F 438 44.94 36.08 -19.37
CA ILE F 438 43.96 36.24 -20.45
C ILE F 438 42.82 37.11 -19.93
N ASP F 439 42.67 38.29 -20.54
CA ASP F 439 41.58 39.19 -20.17
C ASP F 439 40.26 38.64 -20.70
N LEU F 440 39.24 38.64 -19.84
CA LEU F 440 37.95 38.08 -20.23
C LEU F 440 37.18 39.01 -21.14
N GLU F 441 37.27 40.32 -20.91
CA GLU F 441 36.51 41.28 -21.69
C GLU F 441 36.97 41.39 -23.14
N ASP F 442 38.16 40.89 -23.46
CA ASP F 442 38.68 40.95 -24.82
C ASP F 442 38.09 39.81 -25.64
N ASP F 443 37.41 40.15 -26.73
CA ASP F 443 36.83 39.14 -27.60
C ASP F 443 37.88 38.28 -28.29
N SER F 444 39.11 38.77 -28.40
CA SER F 444 40.21 38.05 -29.01
C SER F 444 41.27 37.75 -27.98
N ILE F 445 41.89 36.59 -28.10
CA ILE F 445 42.92 36.12 -27.16
C ILE F 445 44.15 35.74 -27.95
N ASP F 446 45.32 36.07 -27.40
CA ASP F 446 46.57 35.81 -28.11
C ASP F 446 46.73 34.33 -28.42
N ALA F 447 47.23 34.04 -29.63
CA ALA F 447 47.42 32.66 -30.03
C ALA F 447 48.60 32.02 -29.32
N GLU F 448 49.61 32.81 -28.94
CA GLU F 448 50.77 32.25 -28.25
C GLU F 448 50.37 31.62 -26.92
N ILE F 449 49.52 32.32 -26.16
CA ILE F 449 49.07 31.77 -24.88
C ILE F 449 48.27 30.50 -25.12
N LEU F 450 47.45 30.48 -26.17
CA LEU F 450 46.67 29.29 -26.47
C LEU F 450 47.57 28.10 -26.79
N ASN F 451 48.63 28.33 -27.57
CA ASN F 451 49.56 27.25 -27.90
C ASN F 451 50.41 26.87 -26.69
N SER F 452 50.54 27.76 -25.71
CA SER F 452 51.35 27.48 -24.53
C SER F 452 50.61 26.67 -23.47
N MET F 453 49.30 26.52 -23.59
CA MET F 453 48.53 25.78 -22.60
C MET F 453 48.81 24.29 -22.71
N ALA F 454 48.89 23.63 -21.55
CA ALA F 454 49.08 22.20 -21.50
C ALA F 454 48.91 21.74 -20.06
N VAL F 455 48.19 20.64 -19.88
CA VAL F 455 47.93 20.12 -18.54
C VAL F 455 49.22 19.59 -17.91
N THR F 456 49.26 19.62 -16.58
CA THR F 456 50.40 19.14 -15.82
C THR F 456 49.93 18.14 -14.77
N ASN F 457 50.84 17.28 -14.34
CA ASN F 457 50.49 16.22 -13.41
C ASN F 457 49.82 16.77 -12.17
N GLU F 458 50.28 17.92 -11.68
CA GLU F 458 49.64 18.52 -10.51
C GLU F 458 48.20 18.91 -10.79
N HIS F 459 47.90 19.32 -12.03
CA HIS F 459 46.52 19.59 -12.38
C HIS F 459 45.67 18.33 -12.28
N PHE F 460 46.22 17.20 -12.71
CA PHE F 460 45.51 15.93 -12.57
C PHE F 460 45.30 15.59 -11.11
N HIS F 461 46.31 15.84 -10.26
CA HIS F 461 46.16 15.59 -8.84
C HIS F 461 45.04 16.45 -8.25
N THR F 462 44.99 17.72 -8.64
CA THR F 462 43.93 18.61 -8.15
C THR F 462 42.57 18.13 -8.62
N ALA F 463 42.46 17.74 -9.89
CA ALA F 463 41.18 17.27 -10.41
C ALA F 463 40.72 16.01 -9.69
N LEU F 464 41.66 15.09 -9.44
CA LEU F 464 41.31 13.90 -8.68
C LEU F 464 40.84 14.27 -7.28
N GLY F 465 41.52 15.23 -6.64
CA GLY F 465 41.07 15.67 -5.33
C GLY F 465 39.67 16.25 -5.36
N ASN F 466 39.32 16.95 -6.43
CA ASN F 466 37.99 17.54 -6.55
C ASN F 466 36.94 16.58 -7.07
N SER F 467 37.33 15.56 -7.83
CA SER F 467 36.37 14.66 -8.42
C SER F 467 35.83 13.68 -7.39
N ASN F 468 34.82 12.92 -7.80
CA ASN F 468 34.16 11.96 -6.93
C ASN F 468 33.92 10.66 -7.67
N PRO F 469 34.28 9.51 -7.10
CA PRO F 469 33.96 8.23 -7.74
C PRO F 469 32.47 7.98 -7.77
N SER F 470 32.04 7.24 -8.79
CA SER F 470 30.64 6.84 -8.92
C SER F 470 30.40 5.40 -8.49
N ALA F 471 31.45 4.59 -8.41
CA ALA F 471 31.34 3.18 -8.05
C ALA F 471 32.24 2.92 -6.85
N LEU F 472 31.64 2.73 -5.68
CA LEU F 472 32.37 2.41 -4.47
C LEU F 472 31.79 1.22 -3.72
N ARG F 473 30.49 0.96 -3.83
CA ARG F 473 29.84 -0.14 -3.14
C ARG F 473 29.69 -1.37 -4.01
N GLU F 474 30.20 -1.34 -5.25
CA GLU F 474 30.11 -2.48 -6.14
C GLU F 474 31.24 -3.45 -5.84
N THR F 475 30.89 -4.74 -5.74
CA THR F 475 31.86 -5.76 -5.43
C THR F 475 32.98 -5.79 -6.47
N VAL F 476 34.20 -5.51 -6.04
CA VAL F 476 35.33 -5.51 -6.96
C VAL F 476 35.92 -6.91 -7.02
N VAL F 477 36.10 -7.42 -8.23
CA VAL F 477 36.60 -8.76 -8.47
C VAL F 477 37.96 -8.63 -9.13
N GLU F 478 39.02 -8.92 -8.39
CA GLU F 478 40.36 -8.81 -8.92
C GLU F 478 41.28 -9.73 -8.12
N VAL F 479 42.52 -9.83 -8.58
CA VAL F 479 43.54 -10.67 -7.96
C VAL F 479 44.42 -9.80 -7.07
N PRO F 480 44.17 -9.76 -5.76
CA PRO F 480 45.03 -8.96 -4.88
C PRO F 480 46.48 -9.41 -4.95
N ASN F 481 47.37 -8.44 -4.77
CA ASN F 481 48.81 -8.66 -4.90
C ASN F 481 49.46 -9.20 -3.64
N VAL F 482 48.69 -9.39 -2.56
CA VAL F 482 49.28 -9.84 -1.30
C VAL F 482 49.86 -11.24 -1.51
N SER F 483 51.07 -11.44 -1.01
CA SER F 483 51.79 -12.70 -1.16
C SER F 483 52.09 -13.29 0.21
N TRP F 484 52.54 -14.55 0.21
CA TRP F 484 52.88 -15.21 1.46
C TRP F 484 53.99 -14.49 2.20
N ASN F 485 54.87 -13.80 1.47
CA ASN F 485 55.93 -13.05 2.13
C ASN F 485 55.34 -11.98 3.04
N ASP F 486 54.29 -11.30 2.57
CA ASP F 486 53.59 -10.35 3.44
C ASP F 486 52.93 -11.05 4.61
N ILE F 487 52.64 -12.34 4.48
CA ILE F 487 52.08 -13.12 5.57
C ILE F 487 53.22 -13.57 6.47
N GLY F 488 53.12 -13.26 7.75
CA GLY F 488 54.20 -13.54 8.68
C GLY F 488 54.11 -14.92 9.31
N GLY F 489 55.01 -15.81 8.93
CA GLY F 489 55.05 -17.12 9.55
C GLY F 489 53.73 -17.85 9.37
N LEU F 490 53.16 -18.32 10.47
CA LEU F 490 51.92 -19.10 10.44
C LEU F 490 52.07 -20.29 9.50
N GLU F 491 53.15 -21.05 9.70
CA GLU F 491 53.43 -22.18 8.82
C GLU F 491 52.32 -23.22 8.89
N ASN F 492 51.81 -23.49 10.10
CA ASN F 492 50.74 -24.47 10.24
C ASN F 492 49.48 -24.03 9.48
N VAL F 493 49.05 -22.79 9.70
CA VAL F 493 47.87 -22.30 9.01
C VAL F 493 48.13 -22.15 7.52
N LYS F 494 49.33 -21.70 7.16
CA LYS F 494 49.71 -21.65 5.75
C LYS F 494 49.50 -23.01 5.10
N ARG F 495 50.07 -24.05 5.71
CA ARG F 495 49.93 -25.40 5.16
C ARG F 495 48.48 -25.81 5.08
N GLU F 496 47.71 -25.58 6.15
CA GLU F 496 46.33 -26.03 6.19
C GLU F 496 45.51 -25.39 5.08
N LEU F 497 45.66 -24.08 4.91
CA LEU F 497 44.84 -23.37 3.92
C LEU F 497 45.30 -23.68 2.50
N GLN F 498 46.60 -23.81 2.30
CA GLN F 498 47.10 -24.23 0.99
C GLN F 498 46.54 -25.60 0.63
N GLU F 499 46.55 -26.52 1.59
CA GLU F 499 45.93 -27.83 1.41
C GLU F 499 44.47 -27.70 1.02
N THR F 500 43.69 -26.93 1.77
CA THR F 500 42.26 -26.88 1.56
C THR F 500 41.85 -26.13 0.31
N VAL F 501 42.68 -25.24 -0.20
CA VAL F 501 42.27 -24.35 -1.29
C VAL F 501 43.18 -24.48 -2.50
N GLN F 502 44.49 -24.35 -2.29
CA GLN F 502 45.41 -24.25 -3.42
C GLN F 502 45.32 -25.47 -4.33
N TYR F 503 45.25 -26.65 -3.76
CA TYR F 503 45.24 -27.90 -4.52
C TYR F 503 44.00 -28.05 -5.38
N PRO F 504 42.79 -27.94 -4.80
CA PRO F 504 41.57 -28.16 -5.60
C PRO F 504 41.42 -27.17 -6.75
N VAL F 505 42.22 -26.11 -6.80
CA VAL F 505 42.20 -25.19 -7.93
C VAL F 505 43.45 -25.29 -8.79
N GLU F 506 44.55 -25.83 -8.27
CA GLU F 506 45.76 -26.01 -9.06
C GLU F 506 45.84 -27.40 -9.67
N HIS F 507 45.40 -28.42 -8.93
CA HIS F 507 45.42 -29.81 -9.41
C HIS F 507 44.06 -30.47 -9.15
N PRO F 508 43.01 -29.97 -9.80
CA PRO F 508 41.69 -30.60 -9.63
C PRO F 508 41.53 -31.89 -10.43
N GLU F 509 42.24 -32.01 -11.56
CA GLU F 509 42.09 -33.21 -12.38
C GLU F 509 42.45 -34.47 -11.60
N LYS F 510 43.48 -34.41 -10.75
CA LYS F 510 43.85 -35.58 -9.97
C LYS F 510 42.94 -35.78 -8.76
N PHE F 511 42.40 -34.68 -8.22
CA PHE F 511 41.31 -34.82 -7.25
C PHE F 511 40.17 -35.63 -7.85
N GLU F 512 39.83 -35.35 -9.11
CA GLU F 512 38.86 -36.18 -9.81
C GLU F 512 39.39 -37.60 -10.02
N LYS F 513 40.67 -37.74 -10.32
CA LYS F 513 41.27 -39.05 -10.49
C LYS F 513 40.95 -39.95 -9.31
N PHE F 514 41.20 -39.45 -8.10
CA PHE F 514 40.75 -40.19 -6.91
C PHE F 514 39.28 -39.92 -6.64
N GLY F 515 38.81 -38.70 -6.90
CA GLY F 515 37.39 -38.42 -7.02
C GLY F 515 36.69 -37.94 -5.77
N MET F 516 37.34 -37.99 -4.61
CA MET F 516 36.66 -37.62 -3.38
C MET F 516 36.31 -36.14 -3.37
N SER F 517 35.21 -35.82 -2.72
CA SER F 517 34.73 -34.44 -2.69
C SER F 517 35.72 -33.56 -1.95
N PRO F 518 36.10 -32.40 -2.49
CA PRO F 518 36.96 -31.49 -1.73
C PRO F 518 36.14 -30.62 -0.79
N SER F 519 36.83 -30.04 0.19
CA SER F 519 36.20 -29.12 1.11
C SER F 519 35.76 -27.85 0.38
N LYS F 520 34.51 -27.46 0.58
CA LYS F 520 33.95 -26.30 -0.08
C LYS F 520 33.86 -25.08 0.83
N GLY F 521 34.56 -25.11 1.95
CA GLY F 521 34.46 -24.00 2.89
C GLY F 521 35.52 -24.09 3.96
N VAL F 522 35.61 -23.02 4.74
CA VAL F 522 36.51 -22.93 5.87
C VAL F 522 36.14 -21.71 6.67
N LEU F 523 36.42 -21.74 7.98
CA LEU F 523 36.06 -20.66 8.89
C LEU F 523 37.29 -20.22 9.66
N PHE F 524 37.53 -18.91 9.68
CA PHE F 524 38.64 -18.33 10.41
C PHE F 524 38.12 -17.73 11.71
N TYR F 525 38.56 -18.27 12.83
CA TYR F 525 38.31 -17.69 14.14
C TYR F 525 39.64 -17.32 14.78
N GLY F 526 39.71 -16.10 15.29
CA GLY F 526 40.91 -15.58 15.90
C GLY F 526 40.72 -14.17 16.41
N PRO F 527 41.77 -13.61 17.01
CA PRO F 527 41.64 -12.28 17.59
C PRO F 527 41.47 -11.24 16.51
N PRO F 528 40.80 -10.13 16.80
CA PRO F 528 40.66 -9.07 15.80
C PRO F 528 42.00 -8.45 15.45
N GLY F 529 42.11 -8.01 14.21
CA GLY F 529 43.32 -7.37 13.75
C GLY F 529 44.53 -8.28 13.74
N CYS F 530 44.36 -9.50 13.23
CA CYS F 530 45.45 -10.45 13.07
C CYS F 530 45.73 -10.79 11.61
N GLY F 531 45.09 -10.11 10.67
CA GLY F 531 45.39 -10.32 9.27
C GLY F 531 44.68 -11.50 8.64
N LYS F 532 43.38 -11.66 8.88
CA LYS F 532 42.65 -12.74 8.25
C LYS F 532 42.39 -12.44 6.77
N THR F 533 41.94 -11.21 6.48
CA THR F 533 41.73 -10.84 5.08
C THR F 533 43.02 -10.91 4.29
N LEU F 534 44.13 -10.53 4.91
CA LEU F 534 45.42 -10.65 4.24
C LEU F 534 45.71 -12.11 3.90
N LEU F 535 45.43 -13.03 4.81
CA LEU F 535 45.63 -14.45 4.54
C LEU F 535 44.76 -14.91 3.37
N ALA F 536 43.49 -14.50 3.38
CA ALA F 536 42.60 -14.91 2.30
C ALA F 536 43.07 -14.37 0.96
N LYS F 537 43.48 -13.10 0.93
CA LYS F 537 43.95 -12.53 -0.33
C LYS F 537 45.24 -13.19 -0.79
N ALA F 538 46.13 -13.52 0.14
CA ALA F 538 47.38 -14.17 -0.22
C ALA F 538 47.11 -15.54 -0.84
N ILE F 539 46.21 -16.31 -0.22
CA ILE F 539 45.93 -17.63 -0.76
C ILE F 539 45.25 -17.50 -2.12
N ALA F 540 44.41 -16.46 -2.29
CA ALA F 540 43.82 -16.22 -3.60
C ALA F 540 44.88 -15.91 -4.65
N ASN F 541 45.85 -15.07 -4.30
CA ASN F 541 46.89 -14.69 -5.25
C ASN F 541 47.74 -15.89 -5.61
N GLU F 542 48.07 -16.73 -4.63
CA GLU F 542 48.90 -17.89 -4.91
C GLU F 542 48.26 -18.79 -5.97
N CYS F 543 46.93 -18.84 -6.01
CA CYS F 543 46.20 -19.64 -6.96
C CYS F 543 45.74 -18.85 -8.18
N GLN F 544 46.09 -17.57 -8.26
CA GLN F 544 45.64 -16.71 -9.37
C GLN F 544 44.11 -16.71 -9.46
N ALA F 545 43.46 -16.84 -8.31
CA ALA F 545 42.01 -16.91 -8.23
C ALA F 545 41.43 -15.58 -7.77
N ASN F 546 40.27 -15.24 -8.31
CA ASN F 546 39.63 -13.99 -7.97
C ASN F 546 39.20 -13.98 -6.51
N PHE F 547 39.32 -12.83 -5.88
CA PHE F 547 38.92 -12.63 -4.49
C PHE F 547 37.79 -11.63 -4.43
N ILE F 548 36.74 -11.97 -3.69
CA ILE F 548 35.57 -11.13 -3.51
C ILE F 548 35.42 -10.85 -2.02
N SER F 549 35.44 -9.57 -1.65
CA SER F 549 35.31 -9.16 -0.27
C SER F 549 33.89 -8.69 -0.01
N VAL F 550 33.18 -9.40 0.86
CA VAL F 550 31.83 -9.04 1.27
C VAL F 550 31.81 -8.94 2.78
N LYS F 551 31.44 -7.78 3.29
CA LYS F 551 31.38 -7.54 4.72
C LYS F 551 29.94 -7.68 5.20
N GLY F 552 29.78 -8.23 6.42
CA GLY F 552 28.47 -8.43 6.98
C GLY F 552 27.61 -7.18 7.02
N PRO F 553 28.17 -6.01 7.30
CA PRO F 553 27.34 -4.79 7.28
C PRO F 553 26.65 -4.54 5.95
N GLU F 554 27.29 -4.87 4.82
CA GLU F 554 26.66 -4.61 3.53
C GLU F 554 25.43 -5.50 3.32
N LEU F 555 25.58 -6.80 3.58
CA LEU F 555 24.44 -7.69 3.48
C LEU F 555 23.36 -7.29 4.47
N LEU F 556 23.76 -6.88 5.66
CA LEU F 556 22.81 -6.44 6.66
C LEU F 556 22.02 -5.23 6.19
N THR F 557 22.71 -4.26 5.58
CA THR F 557 22.03 -3.09 5.06
C THR F 557 21.08 -3.46 3.94
N MET F 558 21.52 -4.35 3.04
CA MET F 558 20.66 -4.72 1.91
C MET F 558 19.41 -5.44 2.38
N TRP F 559 19.55 -6.35 3.36
CA TRP F 559 18.36 -6.97 3.94
C TRP F 559 17.47 -5.91 4.59
N PHE F 560 18.05 -5.03 5.40
CA PHE F 560 17.28 -3.92 5.93
C PHE F 560 16.68 -3.06 4.82
N GLY F 561 17.33 -3.05 3.65
CA GLY F 561 16.78 -2.41 2.48
C GLY F 561 15.83 -3.26 1.68
N GLU F 562 15.53 -4.47 2.17
CA GLU F 562 14.63 -5.39 1.48
C GLU F 562 15.13 -5.70 0.06
N SER F 563 16.45 -5.84 -0.07
CA SER F 563 17.07 -6.24 -1.33
C SER F 563 17.90 -7.50 -1.12
N GLU F 564 17.33 -8.48 -0.42
CA GLU F 564 18.08 -9.68 -0.06
C GLU F 564 18.55 -10.45 -1.28
N ALA F 565 17.98 -10.18 -2.46
CA ALA F 565 18.49 -10.81 -3.68
C ALA F 565 19.95 -10.47 -3.94
N ASN F 566 20.46 -9.44 -3.27
CA ASN F 566 21.87 -9.12 -3.39
C ASN F 566 22.74 -10.30 -2.99
N VAL F 567 22.29 -11.10 -2.03
CA VAL F 567 23.09 -12.25 -1.58
C VAL F 567 23.22 -13.25 -2.72
N ARG F 568 22.10 -13.61 -3.33
CA ARG F 568 22.14 -14.48 -4.50
C ARG F 568 22.97 -13.86 -5.61
N GLU F 569 22.96 -12.54 -5.72
CA GLU F 569 23.79 -11.88 -6.72
C GLU F 569 25.28 -12.08 -6.43
N ILE F 570 25.66 -11.96 -5.15
CA ILE F 570 27.05 -12.19 -4.79
C ILE F 570 27.45 -13.62 -5.13
N PHE F 571 26.60 -14.58 -4.77
CA PHE F 571 26.91 -15.97 -5.07
C PHE F 571 27.03 -16.18 -6.57
N ASP F 572 26.10 -15.59 -7.34
CA ASP F 572 26.14 -15.73 -8.79
C ASP F 572 27.45 -15.20 -9.34
N LYS F 573 27.80 -13.96 -8.99
CA LYS F 573 29.03 -13.36 -9.48
C LYS F 573 30.23 -14.24 -9.12
N ALA F 574 30.32 -14.65 -7.85
CA ALA F 574 31.40 -15.54 -7.45
C ALA F 574 31.44 -16.78 -8.33
N ARG F 575 30.28 -17.24 -8.77
CA ARG F 575 30.22 -18.44 -9.60
C ARG F 575 30.74 -18.16 -11.01
N GLN F 576 30.32 -17.05 -11.61
CA GLN F 576 30.70 -16.77 -13.00
C GLN F 576 32.21 -16.57 -13.12
N SER F 577 32.82 -15.91 -12.15
CA SER F 577 34.23 -15.58 -12.20
C SER F 577 35.11 -16.67 -11.62
N ALA F 578 34.61 -17.91 -11.60
CA ALA F 578 35.40 -19.01 -11.06
C ALA F 578 36.70 -19.15 -11.85
N PRO F 579 37.81 -19.51 -11.20
CA PRO F 579 37.97 -19.82 -9.77
C PRO F 579 37.86 -18.57 -8.91
N CYS F 580 37.36 -18.69 -7.67
CA CYS F 580 37.07 -17.52 -6.86
C CYS F 580 37.20 -17.88 -5.39
N VAL F 581 37.37 -16.86 -4.56
CA VAL F 581 37.46 -17.00 -3.12
C VAL F 581 36.51 -15.98 -2.50
N LEU F 582 35.30 -16.41 -2.20
CA LEU F 582 34.29 -15.54 -1.59
C LEU F 582 34.57 -15.43 -0.10
N PHE F 583 34.97 -14.25 0.34
CA PHE F 583 35.37 -14.01 1.72
C PHE F 583 34.24 -13.26 2.44
N PHE F 584 33.55 -13.95 3.34
CA PHE F 584 32.47 -13.36 4.11
C PHE F 584 33.06 -12.73 5.37
N ASP F 585 33.32 -11.43 5.31
CA ASP F 585 33.94 -10.73 6.42
C ASP F 585 32.90 -10.46 7.51
N GLU F 586 33.32 -10.63 8.76
CA GLU F 586 32.45 -10.52 9.92
C GLU F 586 31.18 -11.33 9.73
N LEU F 587 31.36 -12.64 9.56
CA LEU F 587 30.21 -13.54 9.51
C LEU F 587 29.40 -13.46 10.80
N ASP F 588 30.05 -13.16 11.92
CA ASP F 588 29.38 -13.07 13.20
C ASP F 588 28.61 -11.77 13.37
N SER F 589 28.78 -10.81 12.46
CA SER F 589 28.05 -9.56 12.58
C SER F 589 26.54 -9.80 12.48
N ILE F 590 26.12 -10.63 11.53
CA ILE F 590 24.70 -10.92 11.37
C ILE F 590 24.17 -11.64 12.60
N ALA F 591 24.91 -12.64 13.06
CA ALA F 591 24.48 -13.40 14.23
C ALA F 591 24.36 -12.49 15.46
N THR F 592 25.31 -11.57 15.63
CA THR F 592 25.22 -10.61 16.73
C THR F 592 24.02 -9.69 16.56
N GLN F 593 23.74 -9.23 15.33
CA GLN F 593 22.54 -8.45 15.09
C GLN F 593 21.31 -9.21 15.55
N ARG F 594 21.25 -10.51 15.28
CA ARG F 594 20.22 -11.34 15.89
C ARG F 594 20.58 -11.78 17.29
N GLY F 595 21.87 -11.86 17.61
CA GLY F 595 22.30 -12.18 18.95
C GLY F 595 23.42 -13.19 19.04
N GLY F 596 23.44 -14.18 18.14
CA GLY F 596 24.45 -15.20 18.18
C GLY F 596 24.35 -16.06 19.43
N GLY F 597 25.29 -15.87 20.35
CA GLY F 597 25.32 -16.63 21.58
C GLY F 597 25.18 -15.76 22.82
N SER F 598 25.45 -14.46 22.67
CA SER F 598 25.32 -13.53 23.78
C SER F 598 23.88 -13.27 24.17
N GLY F 599 22.92 -13.59 23.31
CA GLY F 599 21.52 -13.42 23.62
C GLY F 599 20.95 -12.10 23.13
N GLY F 600 21.28 -11.72 21.90
CA GLY F 600 20.70 -10.53 21.31
C GLY F 600 19.19 -10.56 21.39
N ASP F 601 18.56 -11.48 20.67
CA ASP F 601 17.17 -11.79 20.92
C ASP F 601 17.12 -12.92 21.95
N GLY F 602 15.91 -13.38 22.26
CA GLY F 602 15.79 -14.47 23.21
C GLY F 602 16.46 -15.75 22.75
N GLY F 603 16.64 -15.91 21.44
CA GLY F 603 17.11 -17.16 20.89
C GLY F 603 18.36 -17.06 20.04
N GLY F 604 18.35 -17.76 18.91
CA GLY F 604 19.52 -17.91 18.08
C GLY F 604 19.77 -16.72 17.17
N ALA F 605 20.57 -16.96 16.13
CA ALA F 605 21.06 -15.91 15.25
C ALA F 605 20.47 -15.95 13.85
N ALA F 606 19.83 -17.05 13.45
CA ALA F 606 19.37 -17.19 12.07
C ALA F 606 18.34 -16.12 11.73
N ASP F 607 18.40 -15.64 10.49
CA ASP F 607 17.47 -14.62 10.00
C ASP F 607 17.39 -14.72 8.48
N ARG F 608 16.82 -13.68 7.86
CA ARG F 608 16.74 -13.61 6.40
C ARG F 608 18.08 -13.91 5.75
N VAL F 609 19.09 -13.07 6.03
CA VAL F 609 20.36 -13.16 5.32
C VAL F 609 21.05 -14.48 5.62
N LEU F 610 21.06 -14.87 6.89
CA LEU F 610 21.73 -16.11 7.26
C LEU F 610 21.06 -17.30 6.57
N ASN F 611 19.74 -17.39 6.65
CA ASN F 611 19.04 -18.52 6.06
C ASN F 611 19.27 -18.57 4.56
N GLN F 612 19.24 -17.41 3.90
CA GLN F 612 19.52 -17.38 2.47
C GLN F 612 20.94 -17.85 2.19
N LEU F 613 21.89 -17.48 3.05
CA LEU F 613 23.27 -17.90 2.86
C LEU F 613 23.38 -19.43 2.97
N LEU F 614 22.72 -20.02 3.96
CA LEU F 614 22.71 -21.48 4.06
C LEU F 614 22.10 -22.11 2.82
N THR F 615 20.97 -21.56 2.35
CA THR F 615 20.30 -22.15 1.20
C THR F 615 21.19 -22.11 -0.03
N GLU F 616 21.86 -20.99 -0.27
CA GLU F 616 22.79 -20.91 -1.38
C GLU F 616 23.98 -21.82 -1.19
N MET F 617 24.43 -21.99 0.07
CA MET F 617 25.57 -22.85 0.34
C MET F 617 25.27 -24.29 -0.03
N ASP F 618 24.14 -24.81 0.46
CA ASP F 618 23.77 -26.18 0.14
C ASP F 618 23.50 -26.39 -1.34
N GLY F 619 23.18 -25.33 -2.07
CA GLY F 619 22.89 -25.40 -3.47
C GLY F 619 24.07 -25.20 -4.40
N MET F 620 25.28 -25.08 -3.86
CA MET F 620 26.45 -24.85 -4.70
C MET F 620 26.83 -26.13 -5.46
N ASN F 621 27.44 -25.94 -6.62
CA ASN F 621 27.87 -27.05 -7.45
C ASN F 621 29.18 -27.62 -6.94
N ALA F 622 29.23 -28.94 -6.80
CA ALA F 622 30.45 -29.60 -6.33
C ALA F 622 31.59 -29.40 -7.32
N LYS F 623 31.30 -29.48 -8.62
CA LYS F 623 32.34 -29.35 -9.63
C LYS F 623 32.85 -27.93 -9.78
N LYS F 624 32.13 -26.93 -9.27
CA LYS F 624 32.54 -25.55 -9.43
C LYS F 624 33.61 -25.19 -8.41
N THR F 625 34.61 -24.43 -8.85
CA THR F 625 35.74 -24.06 -8.02
C THR F 625 35.45 -22.74 -7.29
N VAL F 626 34.35 -22.74 -6.55
CA VAL F 626 33.96 -21.57 -5.75
C VAL F 626 34.19 -21.90 -4.28
N PHE F 627 35.38 -21.59 -3.78
CA PHE F 627 35.69 -21.80 -2.38
C PHE F 627 35.29 -20.56 -1.59
N ILE F 628 34.75 -20.79 -0.39
CA ILE F 628 34.19 -19.74 0.43
C ILE F 628 34.89 -19.75 1.79
N ILE F 629 35.27 -18.57 2.26
CA ILE F 629 35.99 -18.40 3.51
C ILE F 629 35.19 -17.45 4.39
N GLY F 630 34.99 -17.85 5.64
CA GLY F 630 34.29 -17.04 6.62
C GLY F 630 35.23 -16.63 7.74
N ALA F 631 35.18 -15.35 8.08
CA ALA F 631 36.01 -14.77 9.12
C ALA F 631 35.12 -14.27 10.25
N THR F 632 35.47 -14.66 11.48
CA THR F 632 34.71 -14.27 12.66
C THR F 632 35.66 -14.00 13.80
N ASN F 633 35.42 -12.90 14.52
CA ASN F 633 36.17 -12.58 15.72
C ASN F 633 35.56 -13.17 16.97
N ARG F 634 34.43 -13.86 16.84
CA ARG F 634 33.73 -14.43 17.99
C ARG F 634 33.16 -15.78 17.56
N PRO F 635 33.82 -16.88 17.90
CA PRO F 635 33.35 -18.20 17.43
C PRO F 635 32.28 -18.80 18.30
N ASP F 636 32.15 -18.37 19.56
CA ASP F 636 31.17 -18.95 20.47
C ASP F 636 29.75 -18.46 20.19
N ILE F 637 29.58 -17.47 19.34
CA ILE F 637 28.26 -16.92 19.03
C ILE F 637 27.75 -17.35 17.66
N ILE F 638 28.56 -18.02 16.86
CA ILE F 638 28.14 -18.38 15.51
C ILE F 638 27.10 -19.49 15.58
N ASP F 639 26.04 -19.35 14.78
CA ASP F 639 24.99 -20.36 14.75
C ASP F 639 25.57 -21.71 14.32
N SER F 640 25.19 -22.76 15.03
CA SER F 640 25.72 -24.09 14.74
C SER F 640 25.28 -24.57 13.37
N ALA F 641 24.10 -24.16 12.91
CA ALA F 641 23.62 -24.61 11.60
C ALA F 641 24.59 -24.21 10.49
N LEU F 642 25.29 -23.09 10.66
CA LEU F 642 26.25 -22.65 9.64
C LEU F 642 27.49 -23.53 9.65
N LEU F 643 27.83 -24.11 10.79
CA LEU F 643 29.02 -24.94 10.93
C LEU F 643 28.80 -26.38 10.51
N ARG F 644 27.59 -26.73 10.09
CA ARG F 644 27.32 -28.11 9.71
C ARG F 644 28.13 -28.48 8.48
N PRO F 645 28.56 -29.74 8.38
CA PRO F 645 29.32 -30.16 7.20
C PRO F 645 28.54 -29.92 5.92
N GLY F 646 29.27 -29.57 4.86
CA GLY F 646 28.70 -29.27 3.57
C GLY F 646 28.60 -27.79 3.25
N ARG F 647 28.64 -26.92 4.26
CA ARG F 647 28.56 -25.49 4.05
C ARG F 647 29.86 -24.79 4.43
N LEU F 648 30.26 -24.89 5.70
CA LEU F 648 31.51 -24.30 6.19
C LEU F 648 31.90 -25.12 7.41
N ASP F 649 32.82 -26.06 7.22
CA ASP F 649 33.11 -26.98 8.32
C ASP F 649 34.56 -26.88 8.81
N GLN F 650 35.52 -26.80 7.90
CA GLN F 650 36.91 -26.64 8.31
C GLN F 650 37.06 -25.39 9.17
N LEU F 651 37.55 -25.58 10.39
CA LEU F 651 37.82 -24.48 11.31
C LEU F 651 39.31 -24.41 11.56
N ILE F 652 39.88 -23.23 11.35
CA ILE F 652 41.32 -23.01 11.51
C ILE F 652 41.52 -21.84 12.46
N TYR F 653 42.42 -22.02 13.42
CA TYR F 653 42.72 -20.98 14.40
C TYR F 653 43.88 -20.13 13.94
N ILE F 654 43.71 -18.81 14.04
CA ILE F 654 44.73 -17.86 13.66
C ILE F 654 45.32 -17.25 14.93
N PRO F 655 46.50 -17.67 15.37
CA PRO F 655 47.06 -17.16 16.62
C PRO F 655 47.60 -15.75 16.45
N LEU F 656 47.85 -15.10 17.58
CA LEU F 656 48.52 -13.82 17.57
C LEU F 656 49.93 -14.00 16.99
N PRO F 657 50.45 -12.99 16.30
CA PRO F 657 51.76 -13.16 15.66
C PRO F 657 52.83 -13.47 16.69
N ASP F 658 53.72 -14.40 16.33
CA ASP F 658 54.83 -14.79 17.17
C ASP F 658 56.04 -13.93 16.82
N GLU F 659 57.22 -14.33 17.33
CA GLU F 659 58.41 -13.51 17.15
C GLU F 659 58.68 -13.22 15.68
N ASP F 660 58.76 -14.27 14.85
CA ASP F 660 59.05 -14.07 13.44
C ASP F 660 57.87 -13.42 12.73
N SER F 661 56.64 -13.80 13.09
CA SER F 661 55.47 -13.16 12.49
C SER F 661 55.45 -11.67 12.82
N ARG F 662 55.72 -11.33 14.06
CA ARG F 662 55.75 -9.92 14.45
C ARG F 662 56.86 -9.17 13.74
N LEU F 663 58.02 -9.82 13.58
CA LEU F 663 59.10 -9.22 12.79
C LEU F 663 58.63 -8.93 11.37
N ASN F 664 57.93 -9.88 10.76
CA ASN F 664 57.46 -9.71 9.40
C ASN F 664 56.48 -8.56 9.31
N ILE F 665 55.54 -8.48 10.25
CA ILE F 665 54.57 -7.38 10.22
C ILE F 665 55.28 -6.04 10.40
N PHE F 666 56.23 -5.98 11.34
CA PHE F 666 56.97 -4.76 11.56
C PHE F 666 57.66 -4.29 10.29
N LYS F 667 58.42 -5.20 9.65
CA LYS F 667 59.15 -4.80 8.46
C LYS F 667 58.20 -4.41 7.33
N ALA F 668 57.07 -5.11 7.22
CA ALA F 668 56.09 -4.75 6.20
C ALA F 668 55.56 -3.34 6.42
N ALA F 669 55.26 -3.00 7.67
CA ALA F 669 54.74 -1.66 7.96
C ALA F 669 55.81 -0.59 7.74
N LEU F 670 57.06 -0.87 8.09
CA LEU F 670 58.16 0.05 7.86
C LEU F 670 58.86 -0.21 6.53
N ARG F 671 58.38 -1.17 5.74
CA ARG F 671 59.06 -1.49 4.50
C ARG F 671 59.10 -0.28 3.58
N LYS F 672 58.01 0.48 3.52
CA LYS F 672 57.95 1.66 2.67
C LYS F 672 58.73 2.83 3.24
N SER F 673 58.88 2.91 4.57
CA SER F 673 59.48 4.09 5.18
C SER F 673 60.96 3.86 5.50
N PRO F 674 61.76 4.92 5.47
CA PRO F 674 63.15 4.79 5.93
C PRO F 674 63.24 4.87 7.45
N ILE F 675 64.17 4.11 8.01
CA ILE F 675 64.39 4.06 9.45
C ILE F 675 65.83 4.42 9.74
N ALA F 676 66.05 5.01 10.91
CA ALA F 676 67.40 5.36 11.32
C ALA F 676 68.24 4.10 11.47
N LYS F 677 69.52 4.21 11.09
CA LYS F 677 70.39 3.04 11.14
C LYS F 677 70.49 2.48 12.55
N ASP F 678 70.32 3.32 13.57
CA ASP F 678 70.40 2.83 14.94
C ASP F 678 69.27 1.86 15.26
N VAL F 679 68.18 1.91 14.50
CA VAL F 679 66.98 1.13 14.80
C VAL F 679 66.91 -0.06 13.85
N ASP F 680 66.96 -1.25 14.41
CA ASP F 680 66.61 -2.49 13.72
C ASP F 680 65.34 -3.01 14.36
N ILE F 681 64.30 -3.23 13.54
CA ILE F 681 62.98 -3.48 14.08
C ILE F 681 62.81 -4.92 14.56
N GLY F 682 63.66 -5.84 14.10
CA GLY F 682 63.56 -7.21 14.57
C GLY F 682 63.82 -7.34 16.07
N ALA F 683 64.74 -6.53 16.59
CA ALA F 683 65.02 -6.55 18.02
C ALA F 683 63.76 -6.19 18.82
N LEU F 684 63.05 -5.15 18.40
CA LEU F 684 61.80 -4.79 19.06
C LEU F 684 60.75 -5.87 18.87
N ALA F 685 60.67 -6.43 17.66
CA ALA F 685 59.69 -7.47 17.39
C ALA F 685 59.91 -8.69 18.28
N LYS F 686 61.16 -8.94 18.67
CA LYS F 686 61.48 -10.15 19.41
C LYS F 686 60.73 -10.22 20.74
N TYR F 687 60.70 -9.11 21.47
CA TYR F 687 60.20 -9.11 22.84
C TYR F 687 58.75 -8.67 22.95
N THR F 688 58.11 -8.28 21.86
CA THR F 688 56.76 -7.70 21.92
C THR F 688 55.70 -8.78 21.66
N GLN F 689 55.73 -9.78 22.53
CA GLN F 689 54.77 -10.88 22.46
C GLN F 689 53.41 -10.44 22.98
N GLY F 690 52.36 -11.08 22.45
CA GLY F 690 51.00 -10.78 22.85
C GLY F 690 50.41 -9.54 22.22
N PHE F 691 51.05 -8.96 21.21
CA PHE F 691 50.59 -7.73 20.58
C PHE F 691 50.20 -8.02 19.14
N SER F 692 49.00 -7.60 18.76
CA SER F 692 48.45 -7.91 17.45
C SER F 692 49.07 -7.04 16.37
N GLY F 693 48.83 -7.43 15.12
CA GLY F 693 49.36 -6.67 14.00
C GLY F 693 48.85 -5.25 13.96
N ALA F 694 47.60 -5.03 14.38
CA ALA F 694 47.08 -3.68 14.47
C ALA F 694 47.90 -2.83 15.43
N ASP F 695 48.26 -3.40 16.58
CA ASP F 695 49.11 -2.68 17.51
C ASP F 695 50.46 -2.36 16.87
N ILE F 696 50.99 -3.29 16.08
CA ILE F 696 52.25 -3.01 15.39
C ILE F 696 52.08 -1.81 14.47
N THR F 697 51.01 -1.82 13.67
CA THR F 697 50.77 -0.72 12.74
C THR F 697 50.68 0.60 13.49
N GLU F 698 50.04 0.59 14.67
CA GLU F 698 49.88 1.83 15.41
C GLU F 698 51.18 2.28 16.07
N ILE F 699 52.00 1.33 16.51
CA ILE F 699 53.31 1.68 17.04
C ILE F 699 54.13 2.39 15.96
N CYS F 700 54.12 1.84 14.75
CA CYS F 700 54.81 2.50 13.65
C CYS F 700 54.20 3.86 13.34
N GLN F 701 52.87 3.94 13.34
CA GLN F 701 52.23 5.22 13.05
C GLN F 701 52.66 6.28 14.06
N ARG F 702 52.68 5.92 15.35
CA ARG F 702 53.03 6.89 16.38
C ARG F 702 54.52 7.22 16.35
N ALA F 703 55.36 6.25 16.01
CA ALA F 703 56.78 6.52 15.91
C ALA F 703 57.08 7.50 14.78
N CYS F 704 56.53 7.22 13.60
CA CYS F 704 56.60 8.17 12.49
C CYS F 704 56.03 9.51 12.90
N LYS F 705 54.94 9.51 13.64
CA LYS F 705 54.27 10.74 14.05
C LYS F 705 55.17 11.59 14.96
N TYR F 706 55.88 10.94 15.88
CA TYR F 706 56.77 11.69 16.76
C TYR F 706 58.01 12.19 16.02
N ALA F 707 58.61 11.34 15.17
CA ALA F 707 59.67 11.82 14.30
C ALA F 707 59.18 12.98 13.44
N ILE F 708 57.89 12.97 13.11
CA ILE F 708 57.29 13.99 12.27
C ILE F 708 57.18 15.30 13.03
N ARG F 709 56.75 15.25 14.28
CA ARG F 709 56.79 16.43 15.13
C ARG F 709 58.20 16.96 15.24
N GLU F 710 59.18 16.07 15.37
CA GLU F 710 60.57 16.52 15.43
C GLU F 710 60.95 17.28 14.16
N ASN F 711 60.58 16.73 13.00
CA ASN F 711 60.89 17.38 11.74
C ASN F 711 60.26 18.75 11.65
N ILE F 712 58.98 18.86 12.01
CA ILE F 712 58.33 20.16 11.89
C ILE F 712 58.90 21.14 12.91
N GLU F 713 59.30 20.67 14.09
CA GLU F 713 59.91 21.57 15.05
C GLU F 713 61.23 22.11 14.53
N LYS F 714 62.03 21.24 13.89
CA LYS F 714 63.26 21.71 13.26
C LYS F 714 62.97 22.73 12.17
N ASP F 715 61.93 22.47 11.37
CA ASP F 715 61.56 23.42 10.33
C ASP F 715 61.13 24.77 10.92
N ILE F 716 60.38 24.73 12.01
CA ILE F 716 59.92 25.97 12.64
C ILE F 716 61.10 26.74 13.21
N GLU F 717 62.05 26.03 13.82
CA GLU F 717 63.25 26.71 14.31
C GLU F 717 64.04 27.32 13.17
N LYS F 718 64.12 26.61 12.04
CA LYS F 718 64.79 27.18 10.86
C LYS F 718 64.09 28.45 10.39
N GLU F 719 62.75 28.43 10.36
CA GLU F 719 62.01 29.62 9.96
C GLU F 719 62.25 30.76 10.93
N LYS F 720 62.30 30.45 12.23
CA LYS F 720 62.58 31.48 13.23
C LYS F 720 63.96 32.08 13.01
N ARG F 721 64.95 31.23 12.75
CA ARG F 721 66.30 31.74 12.48
C ARG F 721 66.32 32.62 11.25
N ARG F 722 65.63 32.20 10.19
CA ARG F 722 65.57 33.01 8.98
C ARG F 722 64.89 34.35 9.23
N SER F 723 63.84 34.35 10.06
CA SER F 723 63.21 35.61 10.45
C SER F 723 64.20 36.48 11.21
N GLU F 724 65.05 35.87 12.04
CA GLU F 724 66.08 36.62 12.75
C GLU F 724 67.09 37.23 11.78
N ASN F 725 67.49 36.47 10.76
CA ASN F 725 68.47 36.91 9.76
C ASN F 725 67.93 36.64 8.38
N PRO F 726 66.92 37.40 7.94
CA PRO F 726 66.35 37.17 6.60
C PRO F 726 67.35 37.34 5.48
N GLU F 727 68.28 38.29 5.62
CA GLU F 727 69.25 38.57 4.56
C GLU F 727 70.43 37.61 4.58
N ALA F 728 70.61 36.83 5.64
CA ALA F 728 71.70 35.87 5.70
C ALA F 728 71.53 34.82 4.62
N MET F 729 72.42 34.82 3.62
CA MET F 729 72.33 33.87 2.54
C MET F 729 72.44 32.44 3.10
N GLU F 730 71.53 31.57 2.65
CA GLU F 730 71.47 30.20 3.15
C GLU F 730 72.66 29.42 2.63
N GLU F 731 73.65 29.19 3.49
CA GLU F 731 74.81 28.41 3.11
C GLU F 731 74.39 27.00 2.69
N ASP F 732 75.31 26.30 2.04
CA ASP F 732 75.05 24.94 1.60
C ASP F 732 75.26 23.96 2.75
N GLY F 733 74.62 24.22 3.88
CA GLY F 733 74.71 23.33 5.02
C GLY F 733 73.89 22.07 4.76
N VAL F 734 74.53 20.91 4.85
CA VAL F 734 73.84 19.65 4.58
C VAL F 734 72.68 19.52 5.56
N ASP F 735 71.46 19.50 5.03
CA ASP F 735 70.29 19.35 5.88
C ASP F 735 70.33 18.01 6.60
N GLU F 736 70.10 18.04 7.91
CA GLU F 736 70.08 16.80 8.69
C GLU F 736 69.04 15.85 8.11
N VAL F 737 69.42 14.59 7.98
CA VAL F 737 68.55 13.60 7.33
C VAL F 737 67.34 13.37 8.24
N SER F 738 66.16 13.72 7.74
CA SER F 738 64.92 13.57 8.50
C SER F 738 64.54 12.10 8.50
N GLU F 739 64.99 11.37 9.51
CA GLU F 739 64.73 9.95 9.64
C GLU F 739 63.85 9.69 10.86
N ILE F 740 63.46 8.42 11.00
CA ILE F 740 62.67 7.95 12.14
C ILE F 740 63.64 7.24 13.08
N LYS F 741 63.95 7.89 14.20
CA LYS F 741 64.97 7.40 15.12
C LYS F 741 64.35 6.60 16.26
N ALA F 742 65.22 6.03 17.09
CA ALA F 742 64.75 5.13 18.15
C ALA F 742 64.06 5.89 19.27
N ALA F 743 64.42 7.16 19.49
CA ALA F 743 63.78 7.92 20.56
C ALA F 743 62.29 8.07 20.30
N HIS F 744 61.91 8.31 19.05
CA HIS F 744 60.50 8.45 18.74
C HIS F 744 59.80 7.10 18.74
N PHE F 745 60.51 6.00 18.50
CA PHE F 745 59.93 4.69 18.73
C PHE F 745 59.64 4.49 20.21
N GLU F 746 60.54 4.94 21.08
CA GLU F 746 60.28 4.91 22.51
C GLU F 746 59.03 5.71 22.85
N GLU F 747 58.95 6.93 22.30
CA GLU F 747 57.81 7.80 22.59
C GLU F 747 56.51 7.19 22.09
N SER F 748 56.57 6.49 20.95
CA SER F 748 55.37 5.83 20.42
C SER F 748 54.95 4.66 21.29
N MET F 749 55.89 3.80 21.67
CA MET F 749 55.54 2.65 22.49
C MET F 749 55.05 3.09 23.87
N LYS F 750 55.47 4.27 24.32
CA LYS F 750 54.91 4.80 25.56
C LYS F 750 53.39 4.89 25.46
N TYR F 751 52.86 4.97 24.24
CA TYR F 751 51.44 4.90 23.97
C TYR F 751 51.06 3.63 23.21
N ALA F 752 51.80 2.55 23.44
CA ALA F 752 51.50 1.26 22.84
C ALA F 752 50.29 0.63 23.53
N ARG F 753 49.49 -0.11 22.77
CA ARG F 753 48.29 -0.76 23.24
C ARG F 753 48.34 -2.25 22.95
N ARG F 754 47.59 -3.02 23.75
CA ARG F 754 47.32 -4.43 23.44
C ARG F 754 45.81 -4.63 23.60
N SER F 755 45.11 -4.64 22.47
CA SER F 755 43.65 -4.71 22.49
C SER F 755 43.16 -6.03 23.04
N VAL F 756 43.90 -7.11 22.82
CA VAL F 756 43.48 -8.45 23.23
C VAL F 756 44.14 -8.81 24.54
N SER F 757 43.35 -9.31 25.48
CA SER F 757 43.84 -9.78 26.76
C SER F 757 44.02 -11.29 26.73
N ASP F 758 44.74 -11.80 27.73
CA ASP F 758 44.95 -13.24 27.84
C ASP F 758 43.65 -13.99 28.06
N ALA F 759 42.60 -13.32 28.53
CA ALA F 759 41.31 -13.98 28.72
C ALA F 759 40.66 -14.28 27.37
N ASP F 760 40.75 -13.35 26.42
CA ASP F 760 40.21 -13.60 25.09
C ASP F 760 40.94 -14.76 24.42
N ILE F 761 42.26 -14.79 24.53
CA ILE F 761 43.03 -15.91 23.98
C ILE F 761 42.69 -17.20 24.72
N ARG F 762 42.39 -17.10 26.01
CA ARG F 762 41.97 -18.28 26.75
C ARG F 762 40.65 -18.81 26.21
N LYS F 763 39.72 -17.91 25.88
CA LYS F 763 38.48 -18.33 25.26
C LYS F 763 38.74 -18.98 23.90
N TYR F 764 39.64 -18.39 23.12
CA TYR F 764 39.94 -18.92 21.80
C TYR F 764 40.54 -20.31 21.89
N GLN F 765 41.46 -20.51 22.85
CA GLN F 765 42.06 -21.83 23.00
C GLN F 765 41.10 -22.82 23.63
N ALA F 766 40.12 -22.34 24.42
CA ALA F 766 39.05 -23.21 24.88
C ALA F 766 38.23 -23.73 23.70
N PHE F 767 37.91 -22.83 22.76
CA PHE F 767 37.24 -23.27 21.53
C PHE F 767 38.12 -24.24 20.76
N ALA F 768 39.41 -23.94 20.66
CA ALA F 768 40.33 -24.82 19.94
C ALA F 768 40.43 -26.19 20.61
N GLN F 769 40.32 -26.24 21.93
CA GLN F 769 40.33 -27.52 22.62
C GLN F 769 39.03 -28.28 22.40
N THR F 770 37.90 -27.59 22.50
CA THR F 770 36.62 -28.21 22.19
C THR F 770 36.60 -28.74 20.77
N LEU F 771 37.42 -28.17 19.89
CA LEU F 771 37.52 -28.67 18.53
C LEU F 771 38.49 -29.85 18.44
N GLN F 772 39.64 -29.75 19.11
CA GLN F 772 40.73 -30.70 18.95
C GLN F 772 40.33 -32.10 19.36
N GLN F 773 40.11 -32.32 20.66
CA GLN F 773 39.65 -33.59 21.20
C GLN F 773 40.34 -34.78 20.53
N SER F 774 41.66 -34.68 20.31
CA SER F 774 42.43 -35.71 19.63
C SER F 774 43.40 -36.35 20.62
N ARG F 775 43.26 -37.66 20.81
CA ARG F 775 44.13 -38.40 21.73
C ARG F 775 43.82 -39.88 21.56
N GLY F 776 44.62 -40.70 22.24
CA GLY F 776 44.38 -42.13 22.28
C GLY F 776 45.12 -42.94 21.24
N PHE F 777 44.82 -42.73 19.96
CA PHE F 777 45.33 -43.55 18.88
C PHE F 777 46.44 -42.87 18.09
N GLY F 778 47.16 -41.94 18.72
CA GLY F 778 48.27 -41.30 18.02
C GLY F 778 49.35 -42.28 17.61
N SER F 779 49.67 -43.23 18.49
CA SER F 779 50.70 -44.22 18.20
C SER F 779 50.32 -45.63 18.64
N GLU F 780 49.13 -45.85 19.21
CA GLU F 780 48.75 -47.15 19.71
C GLU F 780 48.22 -48.08 18.62
N PHE F 781 48.09 -47.60 17.39
CA PHE F 781 47.50 -48.37 16.30
C PHE F 781 48.61 -48.86 15.38
N ARG F 782 48.64 -50.17 15.12
CA ARG F 782 49.52 -50.74 14.10
C ARG F 782 48.96 -52.10 13.68
N PHE F 783 49.06 -52.37 12.38
CA PHE F 783 48.54 -53.62 11.83
C PHE F 783 49.49 -54.77 12.10
N GLU F 784 48.93 -55.98 12.13
CA GLU F 784 49.70 -57.19 12.37
C GLU F 784 50.61 -57.49 11.18
#